data_6P3S
#
_entry.id   6P3S
#
_cell.length_a   135.480
_cell.length_b   187.225
_cell.length_c   342.366
_cell.angle_alpha   90.00
_cell.angle_beta   90.00
_cell.angle_gamma   90.00
#
_symmetry.space_group_name_H-M   'P 2 21 21'
#
loop_
_entity.id
_entity.type
_entity.pdbx_description
1 polymer 'Human Fab H5.28 heavy chain'
2 polymer 'Human Fab H5.28 light chain'
3 polymer Hemagglutinin
4 branched 'N-acetyl-alpha-neuraminic acid-(2-6)-beta-D-galactopyranose-(1-4)-2-acetamido-2-deoxy-alpha-D-glucopyranose-(1-2)-alpha-D-mannopyranose-(1-6)-alpha-D-mannopyranose-(1-4)-2-acetamido-2-deoxy-beta-D-glucopyranose-(1-4)-2-acetamido-2-deoxy-beta-D-glucopyranose'
5 branched 'N-acetyl-alpha-neuraminic acid-(2-6)-beta-D-galactopyranose-(1-4)-2-acetamido-2-deoxy-beta-D-glucopyranose-(1-2)-beta-D-mannopyranose-(1-6)-beta-D-mannopyranose-(1-4)-2-acetamido-2-deoxy-beta-D-glucopyranose-(1-4)-2-acetamido-2-deoxy-beta-D-glucopyranose'
6 branched 'N-acetyl-alpha-neuraminic acid-(2-6)-alpha-D-galactopyranose-(1-4)-2-acetamido-2-deoxy-alpha-D-glucopyranose-(1-2)-alpha-D-mannopyranose-(1-6)-alpha-D-mannopyranose-(1-4)-2-acetamido-2-deoxy-beta-D-glucopyranose'
7 branched 'N-acetyl-alpha-neuraminic acid-(2-6)-alpha-D-galactopyranose-(1-4)-2-acetamido-2-deoxy-beta-D-glucopyranose-(1-2)-alpha-D-mannopyranose-(1-6)-alpha-D-mannopyranose-(1-4)-2-acetamido-2-deoxy-beta-D-glucopyranose-(1-4)-2-acetamido-2-deoxy-beta-D-glucopyranose'
8 branched 'N-acetyl-alpha-neuraminic acid-(2-6)-beta-D-galactopyranose-(1-4)-2-acetamido-2-deoxy-alpha-D-glucopyranose-(1-2)-beta-D-mannopyranose-(1-6)-beta-D-mannopyranose'
9 branched 'N-acetyl-alpha-neuraminic acid-(2-6)-beta-D-galactopyranose-(1-4)-2-acetamido-2-deoxy-alpha-D-glucopyranose-(1-2)-beta-D-mannopyranose-(1-6)-alpha-D-mannopyranose-(1-4)-2-acetamido-2-deoxy-beta-D-glucopyranose-(1-4)-2-acetamido-2-deoxy-beta-D-glucopyranose'
10 branched 'N-acetyl-alpha-neuraminic acid-(2-6)-beta-D-galactopyranose-(1-4)-2-acetamido-2-deoxy-alpha-D-glucopyranose-(1-2)-beta-D-mannopyranose-(1-6)-alpha-D-mannopyranose'
11 branched 'N-acetyl-alpha-neuraminic acid-(2-6)-beta-D-galactopyranose-(1-4)-2-acetamido-2-deoxy-alpha-D-glucopyranose-(1-2)-alpha-D-mannopyranose-(1-6)-beta-D-mannopyranose-(1-4)-2-acetamido-2-deoxy-beta-D-glucopyranose-(1-4)-2-acetamido-2-deoxy-beta-D-glucopyranose'
12 non-polymer 2-acetamido-2-deoxy-beta-D-glucopyranose
#
loop_
_entity_poly.entity_id
_entity_poly.type
_entity_poly.pdbx_seq_one_letter_code
_entity_poly.pdbx_strand_id
1 'polypeptide(L)'
;EVQLVESGGGLVQPGGSLRLSCAASGFTFSTYWMTWVRQAPGKGLEWVANINQDGGEKYFVDSVKGRFTISRDNAKNSLF
LQMNTLRAEDTAVYYCARGFLERLLLGRQGAYYYGMDVWGQGTTVTVSSASTKGPSVFPLAPSSKSTSGGTAALGCLVKD
YFPEPVTVSWNSGALTSGVHTFPAVLQSSGLYSLSSVVTVPSSSLGTQTYICNVNHKPSNTKVDKKVEPK
;
A,C,F,I,M,P,S,V
2 'polypeptide(L)'
;DIQMTQSPSSLSASVGDRVSMTCRASQIISSSLNWYQQKPGKAPKLLIYAASNLQSGVPSRFSGSGSGTDFTLTISSLQP
EDFATYYCQQSYSTPPELTFGGGTKVEIKRTVAAPSVFIFPPSDEQLKSGTASVVCLLNNFYPREAKVQWKVDNALQSGN
SQESVTEQDSKDSTYSLSSTLTLSKADYEKHKVYACEVTHQGLSSPVTKSFNRGE
;
B,D,G,J,N,Q,T,W
3 'polypeptide(L)'
;PLILRDCSVAGWLLGNPMCDEFINVPEWSYIVEKANPVNDLCYPGDFNDYEELKHLLSRINHFEKIQIIPKSSWSSHEAS
LGVSSACPYQGKSSFFRNVVWLIKKNSTYPTIKRSYNNTNQEDLLVLWGIHHPNDAAEQTKLYQNPTTYISVGTSTLNQR
LVPRIATRSKVNGQSGRMEFFWTILKPNDAINFESNGNFIAPEYAYKIVKKAAHHHHHH
;
E,H,K,L,O,R,U,X
#
# COMPACT_ATOMS: atom_id res chain seq x y z
N VAL A 2 58.88 47.89 18.00
CA VAL A 2 58.04 47.14 17.07
C VAL A 2 57.52 45.89 17.75
N GLN A 3 56.34 46.00 18.38
CA GLN A 3 55.76 44.90 19.12
C GLN A 3 54.26 44.82 18.83
N LEU A 4 53.76 43.59 18.73
CA LEU A 4 52.33 43.34 18.55
C LEU A 4 51.81 42.54 19.74
N VAL A 5 50.64 42.92 20.23
CA VAL A 5 50.03 42.30 21.40
C VAL A 5 48.59 41.93 21.05
N GLU A 6 48.28 40.64 21.04
CA GLU A 6 46.93 40.16 20.80
C GLU A 6 46.25 39.88 22.12
N SER A 7 44.97 40.26 22.22
CA SER A 7 44.21 40.08 23.44
C SER A 7 42.74 39.92 23.10
N GLY A 8 42.02 39.19 23.94
CA GLY A 8 40.59 38.98 23.74
C GLY A 8 40.20 37.52 23.68
N GLY A 9 41.13 36.63 24.00
CA GLY A 9 40.86 35.22 23.97
C GLY A 9 40.16 34.72 25.22
N GLY A 10 39.62 33.52 25.12
CA GLY A 10 38.92 32.91 26.24
C GLY A 10 38.04 31.77 25.76
N LEU A 11 37.18 31.33 26.68
CA LEU A 11 36.26 30.23 26.40
C LEU A 11 34.95 30.80 25.87
N VAL A 12 34.59 30.41 24.64
CA VAL A 12 33.37 30.85 23.99
C VAL A 12 32.51 29.63 23.71
N GLN A 13 31.28 29.65 24.20
CA GLN A 13 30.38 28.53 23.95
C GLN A 13 30.06 28.44 22.47
N PRO A 14 29.84 27.22 21.94
CA PRO A 14 29.56 27.07 20.51
C PRO A 14 28.27 27.79 20.14
N GLY A 15 28.39 28.73 19.20
CA GLY A 15 27.27 29.57 18.81
C GLY A 15 27.31 30.96 19.38
N GLY A 16 28.33 31.30 20.16
CA GLY A 16 28.47 32.61 20.75
C GLY A 16 29.26 33.56 19.87
N SER A 17 29.83 34.58 20.51
CA SER A 17 30.57 35.61 19.80
C SER A 17 31.74 36.08 20.66
N LEU A 18 32.75 36.65 20.00
CA LEU A 18 33.92 37.19 20.67
C LEU A 18 34.52 38.28 19.81
N ARG A 19 35.49 39.00 20.38
CA ARG A 19 36.20 40.05 19.68
C ARG A 19 37.65 40.04 20.08
N LEU A 20 38.55 40.00 19.10
CA LEU A 20 39.98 40.03 19.35
C LEU A 20 40.48 41.47 19.29
N SER A 21 41.55 41.73 20.03
CA SER A 21 42.14 43.06 20.11
C SER A 21 43.65 42.95 19.89
N CYS A 22 44.11 43.52 18.78
CA CYS A 22 45.54 43.55 18.46
C CYS A 22 46.01 45.01 18.52
N ALA A 23 46.89 45.30 19.46
CA ALA A 23 47.44 46.63 19.64
C ALA A 23 48.84 46.71 19.04
N ALA A 24 49.10 47.76 18.26
CA ALA A 24 50.39 47.96 17.64
C ALA A 24 51.21 48.96 18.45
N SER A 25 52.53 48.82 18.38
CA SER A 25 53.44 49.68 19.13
C SER A 25 54.81 49.64 18.49
N GLY A 26 55.35 50.81 18.17
CA GLY A 26 56.70 50.90 17.64
C GLY A 26 56.80 51.50 16.25
N PHE A 27 56.01 50.99 15.32
CA PHE A 27 56.08 51.39 13.92
C PHE A 27 54.86 52.21 13.52
N THR A 28 55.01 52.94 12.43
CA THR A 28 53.89 53.70 11.87
C THR A 28 52.80 52.75 11.42
N PHE A 29 51.63 52.86 12.06
CA PHE A 29 50.59 51.85 11.89
C PHE A 29 49.76 52.07 10.62
N SER A 30 49.62 53.30 10.17
CA SER A 30 48.72 53.61 9.06
C SER A 30 49.31 53.33 7.69
N THR A 31 50.54 52.83 7.61
CA THR A 31 51.21 52.62 6.34
C THR A 31 51.43 51.15 5.99
N TYR A 32 50.97 50.23 6.83
CA TYR A 32 51.18 48.80 6.58
C TYR A 32 49.86 48.06 6.65
N TRP A 33 49.78 46.97 5.89
CA TRP A 33 48.62 46.10 5.93
C TRP A 33 48.60 45.32 7.25
N MET A 34 47.45 44.71 7.54
CA MET A 34 47.28 43.88 8.72
C MET A 34 46.71 42.53 8.32
N THR A 35 47.07 41.50 9.08
CA THR A 35 46.69 40.14 8.74
C THR A 35 46.49 39.33 10.02
N TRP A 36 45.38 38.60 10.09
CA TRP A 36 45.14 37.64 11.16
C TRP A 36 45.45 36.23 10.65
N VAL A 37 46.14 35.44 11.47
CA VAL A 37 46.48 34.08 11.13
C VAL A 37 46.21 33.20 12.35
N ARG A 38 45.44 32.13 12.14
CA ARG A 38 45.09 31.22 13.22
C ARG A 38 45.81 29.89 13.05
N GLN A 39 46.04 29.20 14.17
CA GLN A 39 46.72 27.92 14.18
C GLN A 39 45.94 26.96 15.06
N ALA A 40 45.35 25.93 14.44
CA ALA A 40 44.64 24.91 15.19
C ALA A 40 45.60 24.18 16.13
N PRO A 41 45.11 23.65 17.26
CA PRO A 41 45.99 22.97 18.20
C PRO A 41 46.70 21.76 17.59
N GLY A 42 48.01 21.88 17.38
CA GLY A 42 48.79 20.82 16.79
C GLY A 42 48.81 20.77 15.28
N LYS A 43 48.08 21.65 14.61
CA LYS A 43 47.99 21.68 13.16
C LYS A 43 48.74 22.88 12.60
N GLY A 44 48.73 22.99 11.28
CA GLY A 44 49.45 24.05 10.60
C GLY A 44 48.75 25.40 10.69
N LEU A 45 49.37 26.39 10.06
CA LEU A 45 48.85 27.74 10.06
C LEU A 45 47.77 27.91 9.00
N GLU A 46 46.73 28.67 9.34
CA GLU A 46 45.64 28.97 8.42
C GLU A 46 45.38 30.48 8.46
N TRP A 47 45.28 31.09 7.28
CA TRP A 47 45.05 32.51 7.18
C TRP A 47 43.59 32.85 7.46
N VAL A 48 43.38 34.06 7.99
CA VAL A 48 42.05 34.47 8.46
C VAL A 48 41.51 35.65 7.68
N ALA A 49 42.26 36.76 7.64
CA ALA A 49 41.75 37.97 7.02
C ALA A 49 42.90 38.91 6.70
N ASN A 50 42.57 39.94 5.92
CA ASN A 50 43.49 41.02 5.58
C ASN A 50 42.73 42.34 5.61
N ILE A 51 43.46 43.43 5.84
CA ILE A 51 42.88 44.77 5.88
C ILE A 51 43.89 45.74 5.29
N ASN A 52 43.40 46.64 4.43
CA ASN A 52 44.27 47.62 3.80
C ASN A 52 44.67 48.70 4.81
N GLN A 53 45.59 49.56 4.39
CA GLN A 53 45.99 50.70 5.22
C GLN A 53 44.79 51.59 5.54
N ASP A 54 44.04 51.98 4.51
CA ASP A 54 42.75 52.63 4.72
C ASP A 54 41.70 51.56 4.96
N GLY A 55 40.97 51.68 6.06
CA GLY A 55 40.00 50.68 6.45
C GLY A 55 38.79 50.58 5.54
N GLY A 56 39.03 50.31 4.25
CA GLY A 56 37.95 50.20 3.29
C GLY A 56 38.07 48.99 2.39
N GLU A 57 39.25 48.36 2.37
CA GLU A 57 39.51 47.17 1.57
C GLU A 57 39.92 46.05 2.50
N LYS A 58 39.14 44.97 2.52
CA LYS A 58 39.38 43.86 3.43
C LYS A 58 38.91 42.56 2.79
N TYR A 59 39.85 41.66 2.51
CA TYR A 59 39.53 40.34 1.99
C TYR A 59 39.30 39.37 3.14
N PHE A 60 38.84 38.16 2.80
CA PHE A 60 38.49 37.17 3.81
C PHE A 60 38.97 35.79 3.35
N VAL A 61 38.88 34.83 4.27
CA VAL A 61 39.47 33.51 4.08
C VAL A 61 38.44 32.49 3.60
N ASP A 62 37.40 32.97 2.93
CA ASP A 62 36.42 32.12 2.25
C ASP A 62 35.74 31.14 3.20
N SER A 63 36.52 30.28 3.85
CA SER A 63 35.94 29.28 4.75
C SER A 63 35.17 29.94 5.90
N VAL A 64 35.62 31.11 6.34
CA VAL A 64 34.94 31.86 7.38
C VAL A 64 34.36 33.17 6.84
N LYS A 65 34.09 33.21 5.52
CA LYS A 65 33.55 34.41 4.91
C LYS A 65 32.13 34.66 5.40
N GLY A 66 31.85 35.92 5.77
CA GLY A 66 30.57 36.29 6.32
C GLY A 66 30.35 35.88 7.76
N ARG A 67 31.20 35.03 8.32
CA ARG A 67 31.04 34.61 9.71
C ARG A 67 31.40 35.75 10.66
N PHE A 68 32.46 36.48 10.35
CA PHE A 68 32.87 37.59 11.21
C PHE A 68 33.61 38.64 10.39
N THR A 69 33.51 39.88 10.84
CA THR A 69 34.10 41.02 10.16
C THR A 69 35.41 41.44 10.82
N ILE A 70 36.22 42.18 10.07
CA ILE A 70 37.51 42.68 10.53
C ILE A 70 37.52 44.18 10.34
N SER A 71 37.80 44.91 11.41
CA SER A 71 37.85 46.37 11.38
C SER A 71 39.11 46.86 12.09
N ARG A 72 39.48 48.10 11.79
CA ARG A 72 40.67 48.72 12.38
C ARG A 72 40.39 50.18 12.66
N ASP A 73 41.24 50.76 13.51
CA ASP A 73 41.17 52.18 13.85
C ASP A 73 42.60 52.71 13.91
N ASN A 74 42.99 53.46 12.89
CA ASN A 74 44.36 53.96 12.81
C ASN A 74 44.65 55.00 13.89
N ALA A 75 43.62 55.64 14.45
CA ALA A 75 43.84 56.63 15.50
C ALA A 75 44.31 55.97 16.79
N LYS A 76 43.54 55.02 17.30
CA LYS A 76 43.89 54.32 18.53
C LYS A 76 45.06 53.37 18.37
N ASN A 77 45.59 53.21 17.16
CA ASN A 77 46.74 52.35 16.88
C ASN A 77 46.47 50.91 17.31
N SER A 78 45.41 50.34 16.74
CA SER A 78 45.00 48.99 17.10
C SER A 78 44.19 48.38 15.95
N LEU A 79 44.14 47.05 15.95
CA LEU A 79 43.38 46.30 14.96
C LEU A 79 42.41 45.38 15.68
N PHE A 80 41.16 45.36 15.21
CA PHE A 80 40.10 44.58 15.81
C PHE A 80 39.79 43.36 14.95
N LEU A 81 39.05 42.42 15.56
CA LEU A 81 38.56 41.25 14.83
C LEU A 81 37.36 40.70 15.61
N GLN A 82 36.18 41.22 15.31
CA GLN A 82 34.95 40.69 15.87
C GLN A 82 34.73 39.26 15.36
N MET A 83 34.03 38.46 16.16
CA MET A 83 33.73 37.09 15.79
C MET A 83 32.29 36.77 16.15
N ASN A 84 31.61 36.06 15.26
CA ASN A 84 30.20 35.71 15.45
C ASN A 84 29.97 34.27 15.03
N THR A 85 29.08 33.60 15.75
CA THR A 85 28.65 32.23 15.46
C THR A 85 29.85 31.29 15.31
N LEU A 86 30.59 31.16 16.40
CA LEU A 86 31.81 30.36 16.39
C LEU A 86 31.46 28.87 16.37
N ARG A 87 32.00 28.16 15.38
CA ARG A 87 31.87 26.71 15.31
C ARG A 87 32.95 26.06 16.15
N ALA A 88 32.92 24.72 16.22
CA ALA A 88 33.94 24.00 16.97
C ALA A 88 35.29 24.02 16.25
N GLU A 89 35.28 24.17 14.93
CA GLU A 89 36.51 24.18 14.15
C GLU A 89 37.28 25.49 14.29
N ASP A 90 36.70 26.50 14.95
CA ASP A 90 37.37 27.79 15.12
C ASP A 90 38.20 27.85 16.39
N THR A 91 38.23 26.78 17.19
CA THR A 91 39.06 26.74 18.39
C THR A 91 40.53 26.65 17.99
N ALA A 92 41.24 27.76 18.13
CA ALA A 92 42.63 27.83 17.70
C ALA A 92 43.28 29.05 18.34
N VAL A 93 44.61 29.12 18.21
CA VAL A 93 45.37 30.28 18.66
C VAL A 93 45.44 31.28 17.50
N TYR A 94 45.08 32.52 17.78
CA TYR A 94 44.96 33.54 16.75
C TYR A 94 46.16 34.47 16.82
N TYR A 95 46.91 34.55 15.72
CA TYR A 95 48.09 35.40 15.63
C TYR A 95 47.77 36.67 14.85
N CYS A 96 48.35 37.77 15.29
CA CYS A 96 48.19 39.06 14.63
C CYS A 96 49.54 39.50 14.07
N ALA A 97 49.60 39.70 12.76
CA ALA A 97 50.84 40.04 12.08
C ALA A 97 50.61 41.19 11.12
N ARG A 98 51.66 42.00 10.93
CA ARG A 98 51.65 43.12 10.00
C ARG A 98 52.66 42.88 8.90
N GLY A 99 52.28 43.19 7.68
CA GLY A 99 53.15 42.98 6.53
C GLY A 99 52.91 44.01 5.46
N PHE A 100 53.96 44.35 4.74
CA PHE A 100 53.88 45.29 3.63
C PHE A 100 53.56 44.57 2.34
N LEU A 101 52.79 45.22 1.48
CA LEU A 101 52.35 44.65 0.21
C LEU A 101 53.06 45.35 -0.92
N GLU A 102 54.08 44.70 -1.48
CA GLU A 102 54.80 45.22 -2.62
C GLU A 102 54.11 44.79 -3.92
N ARG A 103 54.65 45.28 -5.04
CA ARG A 103 54.24 44.87 -6.38
C ARG A 103 55.47 44.61 -7.23
N LEU A 104 56.50 44.03 -6.61
CA LEU A 104 57.78 43.83 -7.28
C LEU A 104 57.64 42.88 -8.47
N LEU A 105 58.48 43.11 -9.48
CA LEU A 105 58.47 42.33 -10.72
C LEU A 105 59.80 41.59 -10.83
N LEU A 106 59.89 40.45 -10.15
CA LEU A 106 61.05 39.57 -10.25
C LEU A 106 60.74 38.44 -11.22
N GLY A 107 61.60 38.26 -12.21
CA GLY A 107 61.37 37.30 -13.27
C GLY A 107 60.90 37.95 -14.54
N ARG A 108 60.25 37.13 -15.39
CA ARG A 108 59.70 37.64 -16.63
C ARG A 108 58.57 38.62 -16.37
N GLN A 109 57.50 38.14 -15.73
CA GLN A 109 56.38 38.97 -15.33
C GLN A 109 56.17 38.87 -13.83
N GLY A 110 55.71 39.97 -13.23
CA GLY A 110 55.58 40.06 -11.79
C GLY A 110 54.13 40.22 -11.36
N ALA A 111 53.84 39.73 -10.16
CA ALA A 111 52.54 39.91 -9.53
C ALA A 111 52.71 40.57 -8.17
N TYR A 112 51.72 40.45 -7.30
CA TYR A 112 51.81 41.03 -5.97
C TYR A 112 52.61 40.12 -5.03
N TYR A 113 53.39 40.75 -4.14
CA TYR A 113 54.22 40.04 -3.18
C TYR A 113 53.85 40.50 -1.77
N TYR A 114 53.56 39.54 -0.90
CA TYR A 114 53.18 39.83 0.47
C TYR A 114 54.14 39.15 1.43
N GLY A 115 54.46 39.84 2.53
CA GLY A 115 55.37 39.29 3.52
C GLY A 115 55.17 39.87 4.91
N MET A 116 54.75 39.03 5.85
CA MET A 116 54.54 39.44 7.23
C MET A 116 55.83 39.27 8.01
N ASP A 117 56.31 40.35 8.62
CA ASP A 117 57.59 40.36 9.32
C ASP A 117 57.50 40.58 10.82
N VAL A 118 56.38 41.11 11.32
CA VAL A 118 56.19 41.37 12.74
C VAL A 118 54.98 40.57 13.20
N TRP A 119 55.18 39.68 14.17
CA TRP A 119 54.14 38.79 14.66
C TRP A 119 53.92 39.00 16.15
N GLY A 120 52.67 38.90 16.58
CA GLY A 120 52.32 39.04 17.98
C GLY A 120 52.38 37.71 18.72
N GLN A 121 52.16 37.80 20.04
CA GLN A 121 52.18 36.60 20.86
C GLN A 121 50.99 35.70 20.57
N GLY A 122 49.80 36.29 20.41
CA GLY A 122 48.60 35.51 20.11
C GLY A 122 47.84 35.09 21.35
N THR A 123 46.52 35.08 21.26
CA THR A 123 45.65 34.70 22.37
C THR A 123 44.86 33.46 21.98
N THR A 124 44.90 32.43 22.84
CA THR A 124 44.18 31.20 22.57
C THR A 124 42.68 31.43 22.71
N VAL A 125 41.91 31.00 21.70
CA VAL A 125 40.47 31.18 21.70
C VAL A 125 39.78 29.83 21.64
N THR A 126 39.83 29.09 22.75
CA THR A 126 39.18 27.79 22.81
C THR A 126 37.66 27.97 22.79
N VAL A 127 37.01 27.38 21.79
CA VAL A 127 35.56 27.51 21.60
C VAL A 127 34.98 26.10 21.69
N SER A 128 34.48 25.73 22.86
CA SER A 128 33.89 24.41 23.08
C SER A 128 32.65 24.58 23.96
N SER A 129 32.11 23.46 24.42
CA SER A 129 30.91 23.47 25.25
C SER A 129 31.21 24.12 26.60
N ALA A 130 30.13 24.31 27.38
CA ALA A 130 30.22 25.05 28.62
C ALA A 130 31.18 24.39 29.61
N SER A 131 32.22 25.12 30.02
CA SER A 131 33.18 24.68 31.02
C SER A 131 34.12 25.82 31.38
N THR A 132 34.45 25.95 32.66
CA THR A 132 35.35 27.01 33.11
C THR A 132 35.89 26.71 34.51
N LYS A 133 36.61 25.61 34.65
CA LYS A 133 37.12 25.17 35.94
C LYS A 133 38.54 25.68 36.14
N GLY A 134 38.76 26.34 37.28
CA GLY A 134 40.07 26.85 37.62
C GLY A 134 41.04 25.75 37.98
N PRO A 135 42.32 26.09 38.10
CA PRO A 135 43.33 25.08 38.43
C PRO A 135 43.49 24.90 39.93
N SER A 136 44.01 23.73 40.29
CA SER A 136 44.29 23.36 41.68
C SER A 136 45.76 22.95 41.76
N VAL A 137 46.63 23.93 41.99
CA VAL A 137 48.07 23.67 41.99
C VAL A 137 48.44 22.90 43.25
N PHE A 138 49.06 21.74 43.07
CA PHE A 138 49.57 20.92 44.15
C PHE A 138 51.09 20.93 44.15
N PRO A 139 51.72 20.64 45.29
CA PRO A 139 53.19 20.67 45.34
C PRO A 139 53.80 19.28 45.18
N LEU A 140 55.12 19.23 44.99
CA LEU A 140 55.84 17.97 44.88
C LEU A 140 57.13 18.07 45.68
N ALA A 141 57.33 17.11 46.58
CA ALA A 141 58.51 17.13 47.45
C ALA A 141 59.72 16.54 46.74
N PRO A 142 60.91 17.04 47.02
CA PRO A 142 62.12 16.51 46.38
C PRO A 142 62.60 15.24 47.05
N SER A 143 63.43 14.50 46.32
CA SER A 143 63.98 13.25 46.82
C SER A 143 65.04 13.50 47.89
N SER A 148 69.83 13.63 43.06
CA SER A 148 70.75 12.55 42.72
C SER A 148 72.08 13.09 42.20
N GLY A 149 73.14 12.84 42.96
CA GLY A 149 74.46 13.30 42.56
C GLY A 149 74.60 14.80 42.49
N GLY A 150 73.98 15.51 43.42
CA GLY A 150 74.01 16.95 43.45
C GLY A 150 72.87 17.63 42.72
N THR A 151 72.15 16.90 41.87
CA THR A 151 71.02 17.44 41.12
C THR A 151 69.72 16.93 41.72
N ALA A 152 68.81 17.85 42.01
CA ALA A 152 67.51 17.52 42.58
C ALA A 152 66.41 18.19 41.75
N ALA A 153 65.23 17.56 41.74
CA ALA A 153 64.10 18.03 40.97
C ALA A 153 62.86 18.13 41.85
N LEU A 154 62.07 19.18 41.62
CA LEU A 154 60.84 19.41 42.37
C LEU A 154 60.04 20.46 41.61
N GLY A 155 58.79 20.13 41.31
CA GLY A 155 57.97 20.98 40.47
C GLY A 155 56.50 20.84 40.81
N CYS A 156 55.78 21.95 40.65
CA CYS A 156 54.36 21.99 40.93
C CYS A 156 53.58 21.24 39.86
N LEU A 157 52.37 20.83 40.21
CA LEU A 157 51.47 20.13 39.30
C LEU A 157 50.09 20.78 39.38
N VAL A 158 49.58 21.21 38.21
CA VAL A 158 48.25 21.80 38.10
C VAL A 158 47.35 20.76 37.44
N LYS A 159 46.31 20.33 38.16
CA LYS A 159 45.42 19.28 37.69
C LYS A 159 43.98 19.77 37.74
N ASP A 160 43.15 19.18 36.88
CA ASP A 160 41.71 19.45 36.82
C ASP A 160 41.44 20.94 36.60
N TYR A 161 41.80 21.39 35.39
CA TYR A 161 41.58 22.76 34.99
C TYR A 161 41.12 22.79 33.54
N PHE A 162 40.36 23.83 33.19
CA PHE A 162 39.80 23.98 31.86
C PHE A 162 39.35 25.41 31.68
N PRO A 163 39.59 26.03 30.51
CA PRO A 163 40.34 25.45 29.40
C PRO A 163 41.82 25.82 29.37
N GLU A 164 42.51 25.43 28.32
CA GLU A 164 43.89 25.84 28.12
C GLU A 164 43.94 27.32 27.73
N PRO A 165 45.10 27.97 27.94
CA PRO A 165 46.34 27.45 28.51
C PRO A 165 46.57 27.85 29.96
N VAL A 166 47.75 27.51 30.47
CA VAL A 166 48.18 27.89 31.82
C VAL A 166 49.66 28.21 31.76
N THR A 167 50.04 29.37 32.30
CA THR A 167 51.43 29.83 32.31
C THR A 167 52.06 29.51 33.66
N VAL A 168 53.20 28.83 33.63
CA VAL A 168 53.91 28.43 34.83
C VAL A 168 55.24 29.16 34.85
N SER A 169 55.41 30.05 35.83
CA SER A 169 56.67 30.74 36.05
C SER A 169 57.26 30.30 37.38
N TRP A 170 58.59 30.29 37.46
CA TRP A 170 59.31 29.85 38.65
C TRP A 170 60.07 31.02 39.25
N ASN A 171 59.84 31.26 40.55
CA ASN A 171 60.45 32.37 41.27
C ASN A 171 60.17 33.71 40.58
N SER A 172 58.92 33.90 40.15
CA SER A 172 58.50 35.09 39.44
C SER A 172 59.34 35.32 38.18
N GLY A 173 59.65 34.23 37.48
CA GLY A 173 60.45 34.30 36.28
C GLY A 173 61.93 34.48 36.50
N ALA A 174 62.42 34.30 37.72
CA ALA A 174 63.85 34.45 37.99
C ALA A 174 64.64 33.33 37.33
N LEU A 175 64.49 32.11 37.81
CA LEU A 175 65.21 30.98 37.25
C LEU A 175 64.52 30.52 35.97
N THR A 176 65.31 30.27 34.93
CA THR A 176 64.80 29.83 33.64
C THR A 176 65.51 28.62 33.07
N SER A 177 66.73 28.33 33.48
CA SER A 177 67.46 27.17 32.99
C SER A 177 67.02 25.91 33.71
N GLY A 178 66.86 24.83 32.96
CA GLY A 178 66.43 23.56 33.53
C GLY A 178 64.95 23.43 33.79
N VAL A 179 64.15 24.43 33.43
CA VAL A 179 62.71 24.38 33.64
C VAL A 179 62.09 23.50 32.55
N HIS A 180 61.22 22.58 32.96
CA HIS A 180 60.54 21.67 32.04
C HIS A 180 59.05 21.74 32.31
N THR A 181 58.34 22.52 31.48
CA THR A 181 56.88 22.63 31.57
C THR A 181 56.26 21.62 30.61
N PHE A 182 55.65 20.58 31.15
CA PHE A 182 55.09 19.52 30.31
C PHE A 182 53.80 20.00 29.64
N PRO A 183 53.47 19.44 28.48
CA PRO A 183 52.19 19.77 27.85
C PRO A 183 51.02 19.19 28.63
N ALA A 184 49.85 19.79 28.42
CA ALA A 184 48.66 19.39 29.16
C ALA A 184 48.20 18.01 28.74
N VAL A 185 47.56 17.31 29.68
CA VAL A 185 47.02 15.98 29.45
C VAL A 185 45.51 16.05 29.68
N LEU A 186 44.73 15.60 28.71
CA LEU A 186 43.28 15.62 28.81
C LEU A 186 42.82 14.43 29.64
N GLN A 187 42.16 14.70 30.76
CA GLN A 187 41.72 13.65 31.67
C GLN A 187 40.43 13.01 31.15
N SER A 188 39.92 12.05 31.92
CA SER A 188 38.70 11.35 31.52
C SER A 188 37.47 12.23 31.69
N SER A 189 37.39 12.98 32.79
CA SER A 189 36.25 13.83 33.06
C SER A 189 36.15 15.04 32.13
N GLY A 190 37.21 15.36 31.40
CA GLY A 190 37.23 16.48 30.50
C GLY A 190 38.01 17.70 30.95
N LEU A 191 38.92 17.55 31.90
CA LEU A 191 39.72 18.64 32.43
C LEU A 191 41.19 18.37 32.12
N TYR A 192 41.89 19.39 31.64
CA TYR A 192 43.32 19.25 31.36
C TYR A 192 44.10 19.11 32.66
N SER A 193 45.36 18.70 32.52
CA SER A 193 46.24 18.51 33.67
C SER A 193 47.67 18.40 33.17
N LEU A 194 48.59 19.11 33.82
CA LEU A 194 50.00 19.04 33.49
C LEU A 194 50.83 19.30 34.72
N SER A 195 52.11 18.96 34.64
CA SER A 195 53.08 19.18 35.70
C SER A 195 54.28 19.92 35.13
N SER A 196 54.86 20.81 35.94
CA SER A 196 56.02 21.60 35.54
C SER A 196 57.10 21.44 36.59
N VAL A 197 58.19 20.76 36.24
CA VAL A 197 59.29 20.52 37.16
C VAL A 197 60.52 21.28 36.68
N VAL A 198 61.55 21.30 37.53
CA VAL A 198 62.79 21.99 37.24
C VAL A 198 63.88 21.41 38.12
N THR A 199 65.08 21.27 37.56
CA THR A 199 66.22 20.71 38.27
C THR A 199 67.16 21.81 38.74
N VAL A 200 67.60 21.70 39.99
CA VAL A 200 68.51 22.67 40.60
C VAL A 200 69.56 21.92 41.40
N PRO A 201 70.71 22.56 41.64
CA PRO A 201 71.74 21.92 42.47
C PRO A 201 71.22 21.65 43.88
N SER A 202 71.50 20.45 44.37
CA SER A 202 71.02 20.04 45.69
C SER A 202 71.69 20.81 46.82
N SER A 203 72.86 21.41 46.57
CA SER A 203 73.50 22.22 47.60
C SER A 203 72.68 23.47 47.92
N SER A 204 72.12 24.11 46.89
CA SER A 204 71.27 25.27 47.07
C SER A 204 69.81 24.91 47.25
N LEU A 205 69.51 23.66 47.60
CA LEU A 205 68.12 23.24 47.77
C LEU A 205 67.53 23.82 49.06
N GLY A 206 68.29 23.78 50.16
CA GLY A 206 67.83 24.30 51.42
C GLY A 206 68.11 25.76 51.67
N THR A 207 68.90 26.40 50.81
CA THR A 207 69.25 27.81 50.98
C THR A 207 68.26 28.73 50.26
N GLN A 208 68.15 28.60 48.95
CA GLN A 208 67.26 29.44 48.15
C GLN A 208 65.85 28.86 48.13
N THR A 209 64.86 29.74 48.32
CA THR A 209 63.48 29.33 48.29
C THR A 209 62.96 29.31 46.85
N TYR A 210 62.00 28.43 46.60
CA TYR A 210 61.42 28.24 45.27
C TYR A 210 59.90 28.31 45.37
N ILE A 211 59.30 29.08 44.46
CA ILE A 211 57.85 29.25 44.43
C ILE A 211 57.41 29.33 42.97
N CYS A 212 56.54 28.42 42.55
CA CYS A 212 56.03 28.43 41.19
C CYS A 212 54.88 29.42 41.06
N ASN A 213 54.84 30.12 39.94
CA ASN A 213 53.80 31.10 39.63
C ASN A 213 52.87 30.49 38.59
N VAL A 214 51.71 30.01 39.05
CA VAL A 214 50.71 29.41 38.17
C VAL A 214 49.66 30.46 37.85
N ASN A 215 49.40 30.68 36.56
CA ASN A 215 48.44 31.68 36.11
C ASN A 215 47.50 31.03 35.12
N HIS A 216 46.20 31.11 35.39
CA HIS A 216 45.16 30.60 34.50
C HIS A 216 44.36 31.81 34.01
N LYS A 217 44.60 32.22 32.75
CA LYS A 217 43.92 33.40 32.23
C LYS A 217 42.41 33.21 32.11
N PRO A 218 41.88 32.06 31.68
CA PRO A 218 40.42 31.97 31.54
C PRO A 218 39.68 31.88 32.86
N SER A 219 40.35 31.44 33.93
CA SER A 219 39.71 31.28 35.23
C SER A 219 39.92 32.48 36.16
N ASN A 220 40.75 33.44 35.75
CA ASN A 220 41.06 34.61 36.57
C ASN A 220 41.59 34.19 37.94
N THR A 221 42.36 33.10 37.96
CA THR A 221 42.92 32.54 39.19
C THR A 221 44.43 32.55 39.09
N LYS A 222 45.09 33.29 39.97
CA LYS A 222 46.55 33.37 40.03
C LYS A 222 47.01 32.77 41.35
N VAL A 223 47.57 31.56 41.28
CA VAL A 223 48.04 30.84 42.46
C VAL A 223 49.55 30.76 42.39
N ASP A 224 50.21 31.17 43.48
CA ASP A 224 51.67 31.14 43.59
C ASP A 224 52.02 30.38 44.87
N LYS A 225 52.29 29.09 44.74
CA LYS A 225 52.64 28.24 45.86
C LYS A 225 54.12 27.90 45.82
N LYS A 226 54.72 27.76 47.00
CA LYS A 226 56.14 27.45 47.14
C LYS A 226 56.33 25.95 47.34
N VAL A 227 57.42 25.44 46.79
CA VAL A 227 57.78 24.03 46.91
C VAL A 227 58.61 23.87 48.18
N GLU A 228 58.04 23.23 49.19
CA GLU A 228 58.73 23.05 50.47
C GLU A 228 59.20 21.62 50.60
N PRO A 229 60.52 21.37 50.68
CA PRO A 229 61.01 20.00 50.84
C PRO A 229 60.72 19.49 52.24
N LYS A 230 59.97 18.38 52.32
CA LYS A 230 59.61 17.79 53.60
C LYS A 230 60.79 17.06 54.22
N ASP B 1 40.98 28.84 -5.40
CA ASP B 1 41.89 28.91 -4.27
C ASP B 1 43.21 28.21 -4.58
N ILE B 2 44.33 28.88 -4.27
CA ILE B 2 45.64 28.30 -4.52
C ILE B 2 45.91 27.20 -3.50
N GLN B 3 46.52 26.11 -3.96
CA GLN B 3 46.81 24.96 -3.12
C GLN B 3 48.31 24.75 -3.03
N MET B 4 48.83 24.71 -1.82
CA MET B 4 50.25 24.47 -1.56
C MET B 4 50.45 23.08 -0.97
N THR B 5 51.54 22.43 -1.34
CA THR B 5 51.84 21.08 -0.87
C THR B 5 53.33 21.02 -0.53
N GLN B 6 53.64 20.96 0.77
CA GLN B 6 55.01 20.86 1.24
C GLN B 6 55.30 19.43 1.68
N SER B 7 56.53 18.98 1.43
CA SER B 7 56.94 17.62 1.74
C SER B 7 58.42 17.63 2.09
N PRO B 8 58.86 16.73 2.99
CA PRO B 8 58.03 15.76 3.73
C PRO B 8 57.46 16.34 5.02
N SER B 9 56.42 15.71 5.57
CA SER B 9 55.82 16.19 6.80
C SER B 9 56.81 16.14 7.95
N SER B 10 57.32 14.96 8.25
CA SER B 10 58.32 14.78 9.29
C SER B 10 59.72 14.73 8.68
N LEU B 11 60.72 14.92 9.54
CA LEU B 11 62.11 14.90 9.10
C LEU B 11 63.00 14.65 10.31
N SER B 12 64.10 13.93 10.09
CA SER B 12 65.05 13.63 11.15
C SER B 12 66.45 13.58 10.55
N ALA B 13 67.38 14.32 11.14
CA ALA B 13 68.76 14.35 10.68
C ALA B 13 69.66 14.70 11.85
N SER B 14 70.90 14.25 11.77
CA SER B 14 71.88 14.51 12.83
C SER B 14 72.40 15.94 12.72
N VAL B 15 72.94 16.44 13.83
CA VAL B 15 73.46 17.80 13.91
C VAL B 15 74.67 17.90 13.00
N GLY B 16 74.54 18.69 11.93
CA GLY B 16 75.61 18.87 10.97
C GLY B 16 75.30 18.37 9.57
N ASP B 17 74.17 17.70 9.36
CA ASP B 17 73.81 17.20 8.04
C ASP B 17 73.18 18.31 7.20
N ARG B 18 72.83 17.95 5.97
CA ARG B 18 72.22 18.89 5.02
C ARG B 18 70.75 18.50 4.84
N VAL B 19 69.86 19.28 5.42
CA VAL B 19 68.42 19.03 5.34
C VAL B 19 67.82 19.99 4.32
N SER B 20 66.89 19.48 3.51
CA SER B 20 66.23 20.30 2.49
C SER B 20 64.79 19.82 2.35
N MET B 21 63.89 20.78 2.11
CA MET B 21 62.47 20.50 1.98
C MET B 21 61.92 21.23 0.76
N THR B 22 60.80 20.72 0.24
CA THR B 22 60.17 21.27 -0.94
C THR B 22 58.74 21.71 -0.62
N CYS B 23 58.27 22.72 -1.36
CA CYS B 23 56.92 23.25 -1.19
C CYS B 23 56.39 23.57 -2.59
N ARG B 24 55.55 22.69 -3.11
CA ARG B 24 54.99 22.83 -4.46
C ARG B 24 53.64 23.54 -4.42
N ALA B 25 53.25 24.06 -5.57
CA ALA B 25 52.00 24.80 -5.71
C ALA B 25 51.19 24.23 -6.86
N SER B 26 49.86 24.28 -6.71
CA SER B 26 48.94 23.83 -7.75
C SER B 26 48.72 24.86 -8.85
N GLN B 27 49.48 25.94 -8.84
CA GLN B 27 49.35 27.00 -9.84
C GLN B 27 50.65 27.79 -9.87
N ILE B 28 51.01 28.25 -11.07
CA ILE B 28 52.22 29.04 -11.26
C ILE B 28 52.12 30.32 -10.43
N ILE B 29 52.90 30.39 -9.35
CA ILE B 29 52.87 31.54 -8.46
C ILE B 29 54.13 32.39 -8.61
N SER B 30 54.83 32.26 -9.75
CA SER B 30 56.03 33.04 -10.07
C SER B 30 57.04 32.82 -8.94
N SER B 31 57.64 33.88 -8.39
CA SER B 31 58.53 33.77 -7.25
C SER B 31 57.92 34.38 -5.99
N SER B 32 56.59 34.40 -5.92
CA SER B 32 55.88 35.03 -4.80
C SER B 32 55.54 33.96 -3.77
N LEU B 33 56.51 33.69 -2.90
CA LEU B 33 56.32 32.77 -1.79
C LEU B 33 57.22 33.21 -0.64
N ASN B 34 56.87 32.74 0.56
CA ASN B 34 57.60 33.09 1.77
C ASN B 34 57.79 31.84 2.62
N TRP B 35 58.85 31.84 3.42
CA TRP B 35 59.16 30.77 4.35
C TRP B 35 59.09 31.30 5.77
N TYR B 36 58.61 30.45 6.69
CA TYR B 36 58.43 30.83 8.07
C TYR B 36 58.97 29.74 8.99
N GLN B 37 59.48 30.15 10.14
CA GLN B 37 59.96 29.23 11.17
C GLN B 37 59.20 29.51 12.45
N GLN B 38 58.56 28.46 12.98
CA GLN B 38 57.79 28.57 14.22
C GLN B 38 58.37 27.61 15.25
N LYS B 39 59.01 28.16 16.28
CA LYS B 39 59.45 27.34 17.39
C LYS B 39 58.24 26.80 18.14
N PRO B 40 58.37 25.64 18.80
CA PRO B 40 57.24 25.07 19.54
C PRO B 40 56.77 26.00 20.65
N GLY B 41 55.53 26.46 20.51
CA GLY B 41 54.94 27.35 21.49
C GLY B 41 55.24 28.82 21.30
N LYS B 42 55.91 29.20 20.21
CA LYS B 42 56.24 30.59 19.93
C LYS B 42 55.53 31.05 18.66
N ALA B 43 55.86 32.28 18.23
CA ALA B 43 55.29 32.89 17.03
C ALA B 43 56.18 32.63 15.82
N PRO B 44 55.59 32.54 14.64
CA PRO B 44 56.38 32.33 13.42
C PRO B 44 57.32 33.51 13.16
N LYS B 45 58.40 33.22 12.44
CA LYS B 45 59.43 34.21 12.15
C LYS B 45 59.75 34.17 10.66
N LEU B 46 59.80 35.35 10.05
CA LEU B 46 60.07 35.45 8.61
C LEU B 46 61.52 35.06 8.33
N LEU B 47 61.69 34.12 7.39
CA LEU B 47 63.01 33.65 7.00
C LEU B 47 63.36 34.07 5.58
N ILE B 48 62.62 33.59 4.58
CA ILE B 48 62.90 33.88 3.17
C ILE B 48 61.71 34.62 2.58
N TYR B 49 61.99 35.77 1.97
CA TYR B 49 60.98 36.56 1.28
C TYR B 49 61.24 36.48 -0.21
N ALA B 50 60.25 36.00 -0.96
CA ALA B 50 60.33 35.82 -2.41
C ALA B 50 61.53 34.94 -2.77
N ALA B 51 61.41 33.66 -2.39
CA ALA B 51 62.38 32.63 -2.71
C ALA B 51 63.78 32.94 -2.19
N SER B 52 64.64 33.47 -3.06
CA SER B 52 66.06 33.57 -2.74
C SER B 52 66.37 34.71 -1.77
N ASN B 53 65.59 35.79 -1.79
CA ASN B 53 65.91 36.93 -0.95
C ASN B 53 65.72 36.59 0.53
N LEU B 54 66.61 37.12 1.35
CA LEU B 54 66.68 36.83 2.78
C LEU B 54 66.21 38.03 3.59
N GLN B 55 65.85 37.76 4.84
CA GLN B 55 65.43 38.80 5.79
C GLN B 55 66.47 38.93 6.89
N SER B 56 66.64 40.15 7.38
CA SER B 56 67.64 40.42 8.40
C SER B 56 67.35 39.63 9.67
N GLY B 57 68.41 39.09 10.26
CA GLY B 57 68.30 38.27 11.46
C GLY B 57 68.39 36.78 11.21
N VAL B 58 68.31 36.34 9.97
CA VAL B 58 68.36 34.93 9.62
C VAL B 58 69.82 34.53 9.43
N PRO B 59 70.27 33.43 10.04
CA PRO B 59 71.67 33.01 9.85
C PRO B 59 71.94 32.63 8.40
N SER B 60 73.23 32.61 8.05
CA SER B 60 73.66 32.34 6.69
C SER B 60 73.45 30.89 6.26
N ARG B 61 72.98 30.02 7.17
CA ARG B 61 72.75 28.63 6.79
C ARG B 61 71.52 28.48 5.92
N PHE B 62 70.45 29.21 6.21
CA PHE B 62 69.22 29.11 5.46
C PHE B 62 69.38 29.70 4.06
N SER B 63 68.72 29.07 3.09
CA SER B 63 68.72 29.52 1.71
C SER B 63 67.58 28.88 0.91
N GLY B 64 66.85 29.68 0.16
CA GLY B 64 65.74 29.19 -0.64
C GLY B 64 65.97 29.40 -2.13
N SER B 65 65.33 28.55 -2.94
CA SER B 65 65.47 28.62 -4.38
C SER B 65 64.22 28.06 -5.03
N GLY B 66 64.02 28.41 -6.29
CA GLY B 66 62.88 27.95 -7.07
C GLY B 66 62.27 29.09 -7.85
N SER B 67 61.47 28.73 -8.86
CA SER B 67 60.81 29.72 -9.69
C SER B 67 59.67 29.04 -10.44
N GLY B 68 58.46 29.54 -10.29
CA GLY B 68 57.32 29.03 -11.03
C GLY B 68 56.42 28.10 -10.24
N THR B 69 56.54 26.80 -10.48
CA THR B 69 55.62 25.84 -9.86
C THR B 69 56.08 25.47 -8.46
N ASP B 70 57.13 24.66 -8.35
CA ASP B 70 57.60 24.16 -7.08
C ASP B 70 58.92 24.82 -6.71
N PHE B 71 59.19 24.89 -5.41
CA PHE B 71 60.38 25.54 -4.86
C PHE B 71 61.01 24.64 -3.81
N THR B 72 62.19 25.03 -3.35
CA THR B 72 62.98 24.23 -2.42
C THR B 72 63.65 25.12 -1.40
N LEU B 73 63.66 24.67 -0.14
CA LEU B 73 64.37 25.32 0.94
C LEU B 73 65.44 24.37 1.46
N THR B 74 66.68 24.85 1.51
CA THR B 74 67.83 24.03 1.90
C THR B 74 68.56 24.67 3.06
N ILE B 75 68.95 23.84 4.02
CA ILE B 75 69.75 24.26 5.17
C ILE B 75 71.19 23.81 4.95
N SER B 76 72.14 24.71 5.15
CA SER B 76 73.55 24.40 4.96
C SER B 76 74.00 23.30 5.91
N SER B 77 74.20 23.65 7.18
CA SER B 77 74.60 22.70 8.21
C SER B 77 73.57 22.77 9.34
N LEU B 78 72.82 21.69 9.52
CA LEU B 78 71.75 21.68 10.52
C LEU B 78 72.33 21.76 11.92
N GLN B 79 71.86 22.74 12.69
CA GLN B 79 72.29 22.96 14.06
C GLN B 79 71.16 22.59 15.02
N PRO B 80 71.49 22.18 16.26
CA PRO B 80 70.45 21.82 17.23
C PRO B 80 69.48 22.96 17.53
N GLU B 81 69.87 24.21 17.28
CA GLU B 81 69.00 25.35 17.50
C GLU B 81 67.91 25.48 16.45
N ASP B 82 68.00 24.74 15.35
CA ASP B 82 67.07 24.86 14.23
C ASP B 82 65.86 23.94 14.37
N PHE B 83 65.65 23.33 15.53
CA PHE B 83 64.50 22.47 15.73
C PHE B 83 63.22 23.30 15.75
N ALA B 84 62.43 23.20 14.69
CA ALA B 84 61.18 23.95 14.58
C ALA B 84 60.39 23.40 13.40
N THR B 85 59.18 23.90 13.22
CA THR B 85 58.34 23.59 12.08
C THR B 85 58.40 24.73 11.07
N TYR B 86 58.52 24.39 9.79
CA TYR B 86 58.77 25.37 8.74
C TYR B 86 57.64 25.33 7.72
N TYR B 87 56.91 26.43 7.61
CA TYR B 87 55.79 26.56 6.70
C TYR B 87 56.19 27.37 5.47
N CYS B 88 55.33 27.33 4.46
CA CYS B 88 55.49 28.14 3.25
C CYS B 88 54.16 28.82 2.95
N GLN B 89 54.22 30.11 2.64
CA GLN B 89 53.02 30.92 2.44
C GLN B 89 52.97 31.41 1.01
N GLN B 90 51.78 31.34 0.41
CA GLN B 90 51.59 31.85 -0.93
C GLN B 90 51.56 33.39 -0.91
N SER B 91 51.77 33.98 -2.08
CA SER B 91 51.71 35.43 -2.21
C SER B 91 51.16 35.88 -3.55
N TYR B 92 50.95 34.98 -4.51
CA TYR B 92 50.51 35.39 -5.84
C TYR B 92 49.15 36.07 -5.82
N SER B 93 48.26 35.67 -4.90
CA SER B 93 46.99 36.35 -4.76
C SER B 93 46.97 37.13 -3.44
N THR B 94 48.02 37.94 -3.23
CA THR B 94 48.15 38.69 -1.99
C THR B 94 46.95 39.60 -1.71
N PRO B 95 46.40 40.31 -2.69
CA PRO B 95 45.25 41.16 -2.42
C PRO B 95 44.04 40.33 -2.02
N PRO B 96 43.84 39.17 -2.67
CA PRO B 96 42.61 38.41 -2.43
C PRO B 96 42.79 37.31 -1.39
N GLU B 97 43.79 36.44 -1.58
CA GLU B 97 43.94 35.30 -0.69
C GLU B 97 45.31 34.64 -0.80
N LEU B 98 45.96 34.38 0.34
CA LEU B 98 47.17 33.58 0.40
C LEU B 98 46.89 32.30 1.18
N THR B 99 47.56 31.22 0.78
CA THR B 99 47.32 29.90 1.37
C THR B 99 48.63 29.38 1.96
N PHE B 100 48.64 29.15 3.26
CA PHE B 100 49.76 28.49 3.91
C PHE B 100 49.75 27.00 3.60
N GLY B 101 50.93 26.45 3.35
CA GLY B 101 51.08 25.03 3.14
C GLY B 101 51.40 24.30 4.43
N GLY B 102 50.99 23.03 4.51
CA GLY B 102 51.32 22.19 5.64
C GLY B 102 52.82 22.08 5.85
N GLY B 103 53.29 22.59 6.98
CA GLY B 103 54.72 22.72 7.19
C GLY B 103 55.44 21.39 7.29
N THR B 104 56.76 21.48 7.21
CA THR B 104 57.66 20.34 7.28
C THR B 104 58.39 20.39 8.62
N LYS B 105 58.00 19.52 9.55
CA LYS B 105 58.63 19.50 10.86
C LYS B 105 60.03 18.92 10.79
N VAL B 106 60.95 19.53 11.52
CA VAL B 106 62.36 19.11 11.54
C VAL B 106 62.69 18.66 12.95
N GLU B 107 63.25 17.45 13.07
CA GLU B 107 63.68 16.91 14.34
C GLU B 107 65.15 16.51 14.25
N ILE B 108 65.82 16.50 15.41
CA ILE B 108 67.26 16.28 15.48
C ILE B 108 67.53 14.88 16.04
N LYS B 109 68.49 14.20 15.44
CA LYS B 109 68.95 12.90 15.90
C LYS B 109 70.29 13.07 16.61
N ARG B 110 70.42 12.47 17.80
CA ARG B 110 71.60 12.61 18.63
C ARG B 110 72.06 11.24 19.10
N THR B 111 73.10 11.23 19.92
CA THR B 111 73.57 10.01 20.55
C THR B 111 72.67 9.66 21.72
N VAL B 112 72.51 8.35 21.94
CA VAL B 112 71.62 7.87 23.00
C VAL B 112 72.20 8.26 24.35
N ALA B 113 71.43 9.00 25.13
CA ALA B 113 71.83 9.44 26.46
C ALA B 113 70.91 8.83 27.50
N ALA B 114 71.48 8.46 28.65
CA ALA B 114 70.70 7.81 29.69
C ALA B 114 69.81 8.84 30.40
N PRO B 115 68.58 8.48 30.74
CA PRO B 115 67.71 9.42 31.44
C PRO B 115 68.03 9.53 32.92
N SER B 116 67.71 10.70 33.48
CA SER B 116 67.80 10.93 34.91
C SER B 116 66.41 10.72 35.51
N VAL B 117 66.28 9.69 36.35
CA VAL B 117 64.98 9.25 36.86
C VAL B 117 64.74 9.86 38.23
N PHE B 118 63.51 10.33 38.46
CA PHE B 118 63.09 10.85 39.75
C PHE B 118 61.63 10.49 39.97
N ILE B 119 61.29 10.21 41.23
CA ILE B 119 59.93 9.83 41.60
C ILE B 119 59.42 10.82 42.65
N PHE B 120 58.12 11.08 42.60
CA PHE B 120 57.49 12.06 43.49
C PHE B 120 56.29 11.43 44.17
N PRO B 121 56.16 11.56 45.49
CA PRO B 121 54.95 11.09 46.17
C PRO B 121 53.84 12.12 46.07
N PRO B 122 52.59 11.72 46.32
CA PRO B 122 51.50 12.69 46.27
C PRO B 122 51.61 13.72 47.38
N SER B 123 51.12 14.93 47.08
CA SER B 123 51.20 16.03 48.04
C SER B 123 50.26 15.78 49.22
N ASP B 124 50.68 16.28 50.40
CA ASP B 124 49.84 16.16 51.58
C ASP B 124 48.57 16.99 51.45
N GLU B 125 48.64 18.11 50.74
CA GLU B 125 47.43 18.90 50.47
C GLU B 125 46.48 18.18 49.52
N GLN B 126 46.99 17.24 48.72
CA GLN B 126 46.12 16.47 47.84
C GLN B 126 45.34 15.41 48.59
N LEU B 127 45.92 14.84 49.65
CA LEU B 127 45.21 13.86 50.46
C LEU B 127 44.02 14.49 51.18
N LYS B 128 44.13 15.77 51.54
CA LYS B 128 42.99 16.46 52.12
C LYS B 128 41.92 16.79 51.10
N SER B 129 42.27 16.77 49.80
CA SER B 129 41.29 17.03 48.76
C SER B 129 40.38 15.82 48.53
N GLY B 130 40.95 14.62 48.52
CA GLY B 130 40.17 13.41 48.35
C GLY B 130 40.80 12.38 47.45
N THR B 131 41.71 12.81 46.59
CA THR B 131 42.38 11.92 45.64
C THR B 131 43.88 11.92 45.91
N ALA B 132 44.56 11.00 45.22
CA ALA B 132 46.01 10.87 45.32
C ALA B 132 46.59 10.63 43.94
N SER B 133 47.80 11.13 43.73
CA SER B 133 48.46 11.01 42.43
C SER B 133 49.97 11.05 42.63
N VAL B 134 50.65 9.97 42.24
CA VAL B 134 52.10 9.88 42.29
C VAL B 134 52.61 9.86 40.86
N VAL B 135 53.57 10.75 40.56
CA VAL B 135 54.08 10.94 39.21
C VAL B 135 55.56 10.57 39.18
N CYS B 136 55.96 9.86 38.13
CA CYS B 136 57.36 9.55 37.87
C CYS B 136 57.90 10.50 36.81
N LEU B 137 59.13 10.97 37.02
CA LEU B 137 59.71 12.01 36.18
C LEU B 137 61.05 11.57 35.63
N LEU B 138 61.21 11.69 34.31
CA LEU B 138 62.48 11.50 33.65
C LEU B 138 62.88 12.82 32.99
N ASN B 139 64.18 13.04 32.87
CA ASN B 139 64.70 14.31 32.35
C ASN B 139 65.92 14.06 31.49
N ASN B 140 65.94 14.69 30.31
CA ASN B 140 67.09 14.67 29.40
C ASN B 140 67.45 13.25 28.97
N PHE B 141 66.86 12.78 27.87
CA PHE B 141 67.17 11.47 27.34
C PHE B 141 66.84 11.45 25.85
N TYR B 142 67.17 10.33 25.21
CA TYR B 142 66.93 10.11 23.78
C TYR B 142 67.14 8.64 23.46
N PRO B 143 66.27 8.03 22.63
CA PRO B 143 65.09 8.65 22.03
C PRO B 143 63.85 8.57 22.91
N ARG B 144 62.67 8.64 22.30
CA ARG B 144 61.40 8.55 23.00
C ARG B 144 60.93 7.11 23.18
N GLU B 145 61.80 6.13 22.92
CA GLU B 145 61.48 4.72 23.10
C GLU B 145 61.52 4.26 24.55
N ALA B 146 61.16 5.11 25.50
CA ALA B 146 61.17 4.73 26.91
C ALA B 146 59.86 4.08 27.29
N LYS B 147 59.95 3.06 28.15
CA LYS B 147 58.78 2.32 28.64
C LYS B 147 58.77 2.42 30.16
N VAL B 148 57.75 3.07 30.71
CA VAL B 148 57.60 3.25 32.14
C VAL B 148 56.55 2.28 32.65
N GLN B 149 56.90 1.47 33.63
CA GLN B 149 56.01 0.48 34.22
C GLN B 149 55.83 0.79 35.69
N TRP B 150 54.59 1.02 36.11
CA TRP B 150 54.27 1.30 37.50
C TRP B 150 54.09 0.00 38.26
N LYS B 151 54.75 -0.12 39.40
CA LYS B 151 54.69 -1.31 40.24
C LYS B 151 54.41 -0.89 41.68
N VAL B 152 53.32 -1.38 42.25
CA VAL B 152 52.92 -1.07 43.62
C VAL B 152 52.94 -2.37 44.42
N ASP B 153 53.76 -2.41 45.46
CA ASP B 153 53.93 -3.61 46.29
C ASP B 153 54.31 -4.81 45.44
N ASN B 154 55.24 -4.60 44.50
CA ASN B 154 55.69 -5.63 43.56
C ASN B 154 54.53 -6.20 42.75
N ALA B 155 53.58 -5.32 42.39
CA ALA B 155 52.44 -5.68 41.55
C ALA B 155 52.28 -4.61 40.49
N LEU B 156 52.43 -4.99 39.23
CA LEU B 156 52.38 -4.04 38.14
C LEU B 156 50.95 -3.52 37.95
N GLN B 157 50.76 -2.22 38.17
CA GLN B 157 49.48 -1.58 37.94
C GLN B 157 49.41 -1.09 36.50
N SER B 158 48.27 -1.35 35.85
CA SER B 158 48.08 -1.00 34.46
C SER B 158 46.77 -0.26 34.27
N GLY B 159 46.72 0.58 33.23
CA GLY B 159 45.51 1.32 32.93
C GLY B 159 45.12 2.35 33.94
N ASN B 160 46.05 2.77 34.81
CA ASN B 160 45.77 3.75 35.84
C ASN B 160 46.74 4.93 35.79
N SER B 161 47.44 5.12 34.68
CA SER B 161 48.42 6.18 34.55
C SER B 161 48.41 6.72 33.13
N GLN B 162 48.89 7.95 32.99
CA GLN B 162 49.02 8.61 31.70
C GLN B 162 50.42 9.21 31.58
N GLU B 163 50.89 9.33 30.35
CA GLU B 163 52.24 9.83 30.08
C GLU B 163 52.18 11.12 29.28
N SER B 164 53.19 11.96 29.47
CA SER B 164 53.29 13.23 28.75
C SER B 164 54.77 13.52 28.52
N VAL B 165 55.15 13.72 27.27
CA VAL B 165 56.55 13.94 26.89
C VAL B 165 56.70 15.35 26.36
N THR B 166 57.82 16.00 26.69
CA THR B 166 58.11 17.34 26.24
C THR B 166 58.70 17.32 24.83
N GLU B 167 58.60 18.45 24.14
CA GLU B 167 59.19 18.59 22.83
C GLU B 167 60.71 18.50 22.92
N GLN B 168 61.34 18.32 21.76
CA GLN B 168 62.80 18.21 21.71
C GLN B 168 63.44 19.53 22.14
N ASP B 169 64.39 19.43 23.06
CA ASP B 169 65.03 20.62 23.59
C ASP B 169 65.85 21.33 22.52
N SER B 170 66.01 22.64 22.68
CA SER B 170 66.70 23.45 21.67
C SER B 170 68.22 23.38 21.81
N LYS B 171 68.73 23.09 23.00
CA LYS B 171 70.17 23.09 23.24
C LYS B 171 70.78 21.70 23.07
N ASP B 172 70.34 20.74 23.88
CA ASP B 172 70.90 19.39 23.85
C ASP B 172 70.02 18.40 23.09
N SER B 173 68.83 18.81 22.65
CA SER B 173 67.94 17.97 21.83
C SER B 173 67.58 16.67 22.55
N THR B 174 67.18 16.81 23.82
CA THR B 174 66.80 15.68 24.64
C THR B 174 65.35 15.79 25.08
N TYR B 175 64.72 14.65 25.31
CA TYR B 175 63.33 14.60 25.71
C TYR B 175 63.21 14.51 27.23
N SER B 176 61.97 14.69 27.71
CA SER B 176 61.65 14.55 29.12
C SER B 176 60.18 14.20 29.23
N LEU B 177 59.88 13.02 29.77
CA LEU B 177 58.50 12.56 29.91
C LEU B 177 58.17 12.34 31.38
N SER B 178 56.88 12.39 31.68
CA SER B 178 56.37 12.21 33.03
C SER B 178 55.16 11.29 32.99
N SER B 179 55.15 10.28 33.87
CA SER B 179 54.06 9.32 33.97
C SER B 179 53.32 9.58 35.26
N THR B 180 52.09 10.11 35.15
CA THR B 180 51.27 10.45 36.30
C THR B 180 50.28 9.32 36.57
N LEU B 181 50.39 8.70 37.73
CA LEU B 181 49.51 7.60 38.14
C LEU B 181 48.55 8.15 39.19
N THR B 182 47.29 8.33 38.80
CA THR B 182 46.26 8.87 39.69
C THR B 182 45.43 7.73 40.26
N LEU B 183 45.17 7.81 41.57
CA LEU B 183 44.37 6.80 42.27
C LEU B 183 43.48 7.52 43.28
N SER B 184 42.89 6.75 44.19
CA SER B 184 42.03 7.28 45.23
C SER B 184 42.73 7.24 46.58
N LYS B 185 42.24 8.07 47.49
CA LYS B 185 42.84 8.15 48.82
C LYS B 185 42.66 6.85 49.60
N ALA B 186 41.51 6.19 49.41
CA ALA B 186 41.27 4.91 50.06
C ALA B 186 42.22 3.84 49.55
N ASP B 187 42.46 3.81 48.23
CA ASP B 187 43.40 2.84 47.67
C ASP B 187 44.85 3.24 47.94
N TYR B 188 45.12 4.52 48.16
CA TYR B 188 46.49 4.96 48.41
C TYR B 188 46.94 4.56 49.82
N GLU B 189 46.11 4.82 50.82
CA GLU B 189 46.45 4.47 52.20
C GLU B 189 46.43 2.97 52.45
N LYS B 190 45.91 2.17 51.52
CA LYS B 190 45.86 0.73 51.72
C LYS B 190 47.23 0.10 51.58
N HIS B 191 48.11 0.69 50.77
CA HIS B 191 49.45 0.17 50.54
C HIS B 191 50.48 1.17 51.05
N LYS B 192 51.72 0.68 51.19
CA LYS B 192 52.78 1.46 51.81
C LYS B 192 54.00 1.70 50.93
N VAL B 193 54.16 0.96 49.85
CA VAL B 193 55.33 1.09 48.97
C VAL B 193 54.85 1.30 47.54
N TYR B 194 55.48 2.25 46.85
CA TYR B 194 55.18 2.55 45.45
C TYR B 194 56.49 2.71 44.70
N ALA B 195 56.57 2.10 43.52
CA ALA B 195 57.79 2.09 42.73
C ALA B 195 57.49 2.49 41.29
N CYS B 196 58.54 2.94 40.61
CA CYS B 196 58.47 3.33 39.20
C CYS B 196 59.65 2.70 38.48
N GLU B 197 59.39 1.69 37.65
CA GLU B 197 60.43 0.99 36.90
C GLU B 197 60.52 1.58 35.50
N VAL B 198 61.74 1.93 35.09
CA VAL B 198 62.01 2.53 33.80
C VAL B 198 62.87 1.59 32.99
N THR B 199 62.44 1.31 31.76
CA THR B 199 63.20 0.48 30.82
C THR B 199 63.48 1.32 29.57
N HIS B 200 64.74 1.71 29.40
CA HIS B 200 65.14 2.56 28.30
C HIS B 200 66.32 1.94 27.56
N GLN B 201 66.49 2.37 26.30
CA GLN B 201 67.59 1.86 25.49
C GLN B 201 68.95 2.29 26.04
N GLY B 202 69.04 3.52 26.53
CA GLY B 202 70.30 4.04 27.03
C GLY B 202 70.78 3.42 28.33
N LEU B 203 69.96 2.60 28.97
CA LEU B 203 70.31 1.96 30.23
C LEU B 203 70.60 0.48 29.98
N SER B 204 71.75 0.02 30.45
CA SER B 204 72.08 -1.40 30.35
C SER B 204 71.13 -2.24 31.18
N SER B 205 70.81 -1.77 32.39
CA SER B 205 69.85 -2.42 33.27
C SER B 205 68.71 -1.46 33.58
N PRO B 206 67.47 -1.93 33.60
CA PRO B 206 66.34 -1.04 33.88
C PRO B 206 66.44 -0.41 35.26
N VAL B 207 66.29 0.91 35.32
CA VAL B 207 66.37 1.64 36.57
C VAL B 207 65.03 1.57 37.30
N THR B 208 65.09 1.62 38.62
CA THR B 208 63.90 1.52 39.46
C THR B 208 64.02 2.50 40.62
N LYS B 209 62.97 3.30 40.84
CA LYS B 209 62.91 4.26 41.93
C LYS B 209 61.69 3.96 42.77
N SER B 210 61.90 3.68 44.06
CA SER B 210 60.83 3.36 44.99
C SER B 210 60.97 4.23 46.24
N PHE B 211 59.99 4.13 47.13
CA PHE B 211 59.98 4.88 48.38
C PHE B 211 58.96 4.24 49.31
N ASN B 212 58.90 4.76 50.54
CA ASN B 212 57.94 4.32 51.54
C ASN B 212 56.92 5.42 51.79
N ARG B 213 55.66 5.02 51.97
CA ARG B 213 54.59 6.00 52.16
C ARG B 213 54.75 6.74 53.49
N GLY B 214 55.15 6.02 54.54
CA GLY B 214 55.31 6.62 55.85
C GLY B 214 56.47 7.59 55.93
N GLU B 215 57.69 7.09 55.86
CA GLU B 215 58.88 7.93 55.94
C GLU B 215 59.02 8.82 54.72
N GLU C 1 -12.10 71.52 -31.06
CA GLU C 1 -11.30 70.80 -32.04
C GLU C 1 -9.93 70.41 -31.47
N VAL C 2 -9.94 69.86 -30.26
CA VAL C 2 -8.71 69.43 -29.61
C VAL C 2 -8.22 68.16 -30.26
N GLN C 3 -6.95 68.14 -30.67
CA GLN C 3 -6.39 67.00 -31.38
C GLN C 3 -4.88 66.99 -31.20
N LEU C 4 -4.32 65.80 -31.06
CA LEU C 4 -2.87 65.60 -30.99
C LEU C 4 -2.42 64.74 -32.16
N VAL C 5 -1.25 65.04 -32.69
CA VAL C 5 -0.70 64.34 -33.85
C VAL C 5 0.71 63.89 -33.49
N GLU C 6 0.90 62.59 -33.35
CA GLU C 6 2.21 62.00 -33.06
C GLU C 6 2.85 61.53 -34.36
N SER C 7 4.11 61.88 -34.55
CA SER C 7 4.84 61.55 -35.76
C SER C 7 6.28 61.22 -35.41
N GLY C 8 7.01 60.67 -36.39
CA GLY C 8 8.39 60.33 -36.20
C GLY C 8 8.68 58.85 -36.00
N GLY C 9 7.73 57.97 -36.28
CA GLY C 9 7.96 56.54 -36.09
C GLY C 9 8.77 55.94 -37.23
N GLY C 10 9.69 55.06 -36.86
CA GLY C 10 10.53 54.42 -37.85
C GLY C 10 11.32 53.28 -37.25
N LEU C 11 12.32 52.84 -38.01
CA LEU C 11 13.19 51.75 -37.60
C LEU C 11 14.57 52.27 -37.23
N VAL C 12 15.26 51.52 -36.37
CA VAL C 12 16.59 51.89 -35.91
C VAL C 12 17.29 50.64 -35.41
N GLN C 13 18.60 50.59 -35.58
CA GLN C 13 19.39 49.47 -35.11
C GLN C 13 19.56 49.53 -33.60
N PRO C 14 19.60 48.38 -32.92
CA PRO C 14 19.75 48.32 -31.46
C PRO C 14 21.05 48.94 -30.96
N SER C 17 18.90 54.72 -33.16
CA SER C 17 18.39 55.92 -32.49
C SER C 17 17.32 56.61 -33.32
N LEU C 18 16.29 57.10 -32.66
CA LEU C 18 15.20 57.80 -33.33
C LEU C 18 14.65 58.88 -32.39
N ARG C 19 14.09 59.93 -32.99
CA ARG C 19 13.54 61.05 -32.25
C ARG C 19 12.07 61.20 -32.59
N LEU C 20 11.20 61.02 -31.60
CA LEU C 20 9.77 61.19 -31.80
C LEU C 20 9.39 62.67 -31.65
N SER C 21 8.28 63.04 -32.27
CA SER C 21 7.82 64.42 -32.24
C SER C 21 6.30 64.46 -32.26
N CYS C 22 5.72 65.25 -31.36
CA CYS C 22 4.28 65.44 -31.31
C CYS C 22 3.93 66.89 -31.61
N ALA C 23 2.73 67.09 -32.15
CA ALA C 23 2.25 68.41 -32.53
C ALA C 23 0.93 68.68 -31.82
N ALA C 24 0.89 69.73 -31.00
CA ALA C 24 -0.32 70.11 -30.28
C ALA C 24 -1.09 71.15 -31.08
N SER C 25 -2.42 71.02 -31.08
CA SER C 25 -3.28 71.95 -31.82
C SER C 25 -4.66 71.91 -31.19
N GLY C 26 -5.11 73.06 -30.68
CA GLY C 26 -6.45 73.15 -30.10
C GLY C 26 -6.47 73.79 -28.74
N PHE C 27 -5.96 73.08 -27.73
CA PHE C 27 -5.99 73.56 -26.36
C PHE C 27 -4.76 74.43 -26.07
N THR C 28 -4.85 75.18 -24.98
CA THR C 28 -3.73 76.01 -24.54
C THR C 28 -2.61 75.12 -24.02
N PHE C 29 -1.42 75.24 -24.63
CA PHE C 29 -0.33 74.32 -24.32
C PHE C 29 0.38 74.71 -23.02
N SER C 30 0.60 76.01 -22.80
CA SER C 30 1.38 76.46 -21.66
C SER C 30 0.68 76.21 -20.32
N THR C 31 -0.48 75.55 -20.32
CA THR C 31 -1.21 75.28 -19.09
C THR C 31 -1.30 73.80 -18.73
N TYR C 32 -1.02 72.91 -19.67
CA TYR C 32 -1.15 71.46 -19.44
C TYR C 32 0.22 70.81 -19.35
N TRP C 33 0.20 69.54 -18.96
CA TRP C 33 1.40 68.72 -18.90
C TRP C 33 1.56 67.96 -20.22
N MET C 34 2.43 66.95 -20.23
CA MET C 34 2.66 66.11 -21.40
C MET C 34 3.16 64.76 -20.94
N THR C 35 2.54 63.69 -21.44
CA THR C 35 2.88 62.34 -21.02
C THR C 35 2.95 61.43 -22.23
N TRP C 36 4.03 60.66 -22.34
CA TRP C 36 4.19 59.67 -23.39
C TRP C 36 3.79 58.30 -22.86
N VAL C 37 3.10 57.53 -23.71
CA VAL C 37 2.62 56.20 -23.36
C VAL C 37 2.97 55.24 -24.48
N ARG C 38 3.52 54.09 -24.12
CA ARG C 38 3.91 53.06 -25.08
C ARG C 38 3.08 51.81 -24.84
N GLN C 39 2.70 51.13 -25.94
CA GLN C 39 1.90 49.92 -25.87
C GLN C 39 2.53 48.86 -26.77
N ALA C 40 2.95 47.75 -26.18
CA ALA C 40 3.50 46.64 -26.94
C ALA C 40 2.38 45.85 -27.61
N PRO C 41 2.66 45.18 -28.73
CA PRO C 41 1.62 44.39 -29.39
C PRO C 41 1.14 43.25 -28.52
N GLY C 42 -0.12 43.31 -28.12
CA GLY C 42 -0.72 42.30 -27.26
C GLY C 42 -0.52 42.55 -25.77
N LYS C 43 0.21 43.59 -25.39
CA LYS C 43 0.47 43.92 -24.00
C LYS C 43 -0.27 45.19 -23.61
N GLY C 44 -0.04 45.64 -22.38
CA GLY C 44 -0.69 46.84 -21.86
C GLY C 44 0.14 48.08 -22.08
N LEU C 45 -0.45 49.22 -21.70
CA LEU C 45 0.21 50.50 -21.84
C LEU C 45 1.25 50.71 -20.75
N GLU C 46 2.25 51.52 -21.04
CA GLU C 46 3.34 51.80 -20.12
C GLU C 46 3.64 53.29 -20.12
N TRP C 47 3.79 53.86 -18.93
CA TRP C 47 4.11 55.27 -18.79
C TRP C 47 5.57 55.51 -19.15
N VAL C 48 5.80 56.24 -20.24
CA VAL C 48 7.16 56.48 -20.74
C VAL C 48 7.81 57.59 -19.92
N ALA C 49 7.32 58.81 -20.08
CA ALA C 49 7.91 59.95 -19.39
C ALA C 49 6.86 61.03 -19.23
N ASN C 50 7.17 62.01 -18.37
CA ASN C 50 6.30 63.14 -18.10
C ASN C 50 7.08 64.43 -18.29
N ILE C 51 6.35 65.54 -18.36
CA ILE C 51 6.94 66.87 -18.51
C ILE C 51 5.96 67.88 -17.91
N ASN C 52 6.51 68.88 -17.23
CA ASN C 52 5.70 69.87 -16.53
C ASN C 52 5.12 70.88 -17.52
N GLN C 53 4.32 71.80 -16.99
CA GLN C 53 3.77 72.88 -17.81
C GLN C 53 4.89 73.75 -18.38
N ASP C 54 5.80 74.19 -17.52
CA ASP C 54 7.01 74.88 -17.95
C ASP C 54 8.14 73.86 -18.13
N GLY C 55 9.14 74.27 -18.91
CA GLY C 55 10.27 73.39 -19.18
C GLY C 55 11.24 73.31 -18.03
N GLY C 56 10.81 72.74 -16.91
CA GLY C 56 11.66 72.67 -15.73
C GLY C 56 11.63 71.32 -15.03
N GLU C 57 10.45 70.74 -14.90
CA GLU C 57 10.27 69.47 -14.19
C GLU C 57 10.01 68.37 -15.21
N LYS C 58 10.85 67.33 -15.18
CA LYS C 58 10.74 66.23 -16.13
C LYS C 58 11.13 64.92 -15.42
N TYR C 59 10.30 63.90 -15.61
CA TYR C 59 10.51 62.60 -15.00
C TYR C 59 10.62 61.53 -16.09
N PHE C 60 11.02 60.33 -15.69
CA PHE C 60 11.14 59.20 -16.60
C PHE C 60 10.74 57.93 -15.87
N VAL C 61 10.86 56.79 -16.56
CA VAL C 61 10.54 55.49 -16.01
C VAL C 61 11.82 54.84 -15.49
N ASP C 62 11.68 54.04 -14.42
CA ASP C 62 12.83 53.39 -13.83
C ASP C 62 13.47 52.37 -14.77
N SER C 63 12.71 51.83 -15.72
CA SER C 63 13.26 50.83 -16.65
C SER C 63 14.18 51.47 -17.68
N VAL C 64 13.68 52.49 -18.40
CA VAL C 64 14.47 53.16 -19.42
C VAL C 64 14.83 54.56 -18.95
N LYS C 65 15.60 54.64 -17.86
CA LYS C 65 16.04 55.91 -17.30
C LYS C 65 17.43 56.23 -17.83
N GLY C 66 17.56 57.36 -18.51
CA GLY C 66 18.82 57.78 -19.07
C GLY C 66 19.05 57.38 -20.52
N ARG C 67 18.24 56.46 -21.05
CA ARG C 67 18.38 56.04 -22.44
C ARG C 67 17.39 56.73 -23.38
N PHE C 68 16.31 57.29 -22.85
CA PHE C 68 15.32 57.97 -23.68
C PHE C 68 15.04 59.38 -23.15
N ILE C 70 13.39 63.96 -22.72
CA ILE C 70 12.13 64.60 -23.08
C ILE C 70 12.23 66.11 -22.92
N SER C 71 12.05 66.83 -24.03
CA SER C 71 12.09 68.29 -24.04
C SER C 71 10.89 68.82 -24.81
N ARG C 72 10.31 69.91 -24.32
CA ARG C 72 9.14 70.51 -24.93
C ARG C 72 9.45 71.91 -25.41
N ASP C 73 8.59 72.42 -26.30
CA ASP C 73 8.70 73.77 -26.84
C ASP C 73 7.33 74.43 -26.65
N ASN C 74 7.21 75.27 -25.62
CA ASN C 74 5.93 75.90 -25.33
C ASN C 74 5.52 76.91 -26.39
N ALA C 75 6.50 77.50 -27.08
CA ALA C 75 6.20 78.51 -28.10
C ALA C 75 5.73 77.86 -29.40
N LYS C 76 6.52 76.92 -29.92
CA LYS C 76 6.20 76.27 -31.19
C LYS C 76 5.01 75.31 -31.09
N ASN C 77 4.46 75.12 -29.88
CA ASN C 77 3.32 74.23 -29.67
C ASN C 77 3.63 72.81 -30.16
N SER C 78 4.78 72.30 -29.74
CA SER C 78 5.23 70.98 -30.15
C SER C 78 5.92 70.28 -28.98
N LEU C 79 6.10 68.97 -29.12
CA LEU C 79 6.75 68.16 -28.10
C LEU C 79 7.62 67.12 -28.79
N PHE C 80 8.85 66.98 -28.33
CA PHE C 80 9.81 66.05 -28.92
C PHE C 80 10.35 65.13 -27.84
N LEU C 81 10.41 63.83 -28.13
CA LEU C 81 10.95 62.83 -27.23
C LEU C 81 12.00 62.01 -27.99
N GLN C 82 13.23 62.02 -27.50
CA GLN C 82 14.34 61.35 -28.15
C GLN C 82 14.72 60.09 -27.38
N MET C 83 14.96 59.00 -28.10
CA MET C 83 15.38 57.74 -27.51
C MET C 83 16.49 57.15 -28.37
N ASN C 84 17.70 57.12 -27.83
CA ASN C 84 18.87 56.63 -28.55
C ASN C 84 19.28 55.26 -28.03
N THR C 85 19.83 54.45 -28.94
CA THR C 85 20.27 53.09 -28.63
C THR C 85 19.16 52.29 -27.98
N LEU C 86 18.00 52.26 -28.65
CA LEU C 86 16.83 51.59 -28.09
C LEU C 86 17.03 50.08 -28.12
N ARG C 87 16.68 49.43 -27.01
CA ARG C 87 16.76 47.98 -26.92
C ARG C 87 15.55 47.35 -27.61
N ALA C 88 15.55 46.01 -27.67
CA ALA C 88 14.45 45.29 -28.32
C ALA C 88 13.21 45.19 -27.44
N GLU C 89 13.33 45.50 -26.14
CA GLU C 89 12.18 45.38 -25.24
C GLU C 89 11.21 46.54 -25.38
N ASP C 90 11.74 47.76 -25.57
CA ASP C 90 10.90 48.94 -25.66
C ASP C 90 10.34 49.17 -27.07
N THR C 91 10.47 48.20 -27.97
CA THR C 91 9.91 48.31 -29.31
C THR C 91 8.39 48.20 -29.22
N ALA C 92 7.71 49.33 -29.36
CA ALA C 92 6.26 49.37 -29.22
C ALA C 92 5.71 50.62 -29.91
N VAL C 93 4.40 50.67 -30.02
CA VAL C 93 3.72 51.84 -30.58
C VAL C 93 3.64 52.91 -29.50
N TYR C 94 4.09 54.12 -29.83
CA TYR C 94 4.15 55.22 -28.89
C TYR C 94 2.91 56.08 -29.01
N TYR C 95 2.24 56.32 -27.88
CA TYR C 95 1.10 57.22 -27.79
C TYR C 95 1.52 58.49 -27.05
N CYS C 96 0.84 59.59 -27.36
CA CYS C 96 1.11 60.86 -26.70
C CYS C 96 -0.20 61.43 -26.16
N ALA C 97 -0.15 61.93 -24.92
CA ALA C 97 -1.34 62.47 -24.27
C ALA C 97 -0.93 63.56 -23.31
N ARG C 98 -1.88 64.44 -23.01
CA ARG C 98 -1.68 65.54 -22.08
C ARG C 98 -2.71 65.44 -20.95
N GLY C 99 -2.26 65.74 -19.72
CA GLY C 99 -3.13 65.68 -18.57
C GLY C 99 -2.89 66.86 -17.66
N PHE C 100 -3.88 67.11 -16.80
CA PHE C 100 -3.84 68.20 -15.84
C PHE C 100 -3.58 67.61 -14.46
N LEU C 101 -2.37 67.84 -13.94
CA LEU C 101 -1.97 67.31 -12.64
C LEU C 101 -2.39 68.29 -11.56
N GLU C 102 -3.33 67.88 -10.71
CA GLU C 102 -3.80 68.69 -9.59
C GLU C 102 -3.62 67.92 -8.29
N ARG C 103 -4.07 68.52 -7.19
CA ARG C 103 -3.96 67.92 -5.87
C ARG C 103 -5.24 68.25 -5.11
N LEU C 104 -6.14 67.27 -5.02
CA LEU C 104 -7.44 67.44 -4.37
C LEU C 104 -7.48 66.64 -3.07
N LEU C 105 -8.39 67.04 -2.20
CA LEU C 105 -8.59 66.37 -0.91
C LEU C 105 -9.85 65.51 -1.00
N LEU C 106 -9.68 64.31 -1.55
CA LEU C 106 -10.80 63.38 -1.71
C LEU C 106 -10.97 62.59 -0.41
N GLY C 107 -11.90 63.04 0.43
CA GLY C 107 -12.16 62.37 1.69
C GLY C 107 -11.28 62.86 2.82
N ARG C 108 -10.17 62.16 3.06
CA ARG C 108 -9.21 62.53 4.09
C ARG C 108 -7.80 62.22 3.60
N GLN C 109 -6.88 63.14 3.89
CA GLN C 109 -5.48 63.05 3.45
C GLN C 109 -5.40 62.90 1.93
N GLY C 110 -5.65 64.01 1.25
CA GLY C 110 -5.63 64.02 -0.19
C GLY C 110 -4.24 63.83 -0.76
N ALA C 111 -4.19 63.48 -2.05
CA ALA C 111 -2.94 63.23 -2.74
C ALA C 111 -3.03 63.85 -4.13
N TYR C 112 -2.03 63.54 -4.96
CA TYR C 112 -1.94 64.10 -6.31
C TYR C 112 -2.69 63.20 -7.28
N TYR C 113 -3.84 63.67 -7.76
CA TYR C 113 -4.64 62.96 -8.75
C TYR C 113 -4.35 63.54 -10.12
N TYR C 114 -3.81 62.70 -11.01
CA TYR C 114 -3.38 63.14 -12.33
C TYR C 114 -3.86 62.14 -13.38
N GLY C 115 -4.40 62.66 -14.48
CA GLY C 115 -4.90 61.81 -15.54
C GLY C 115 -4.97 62.50 -16.89
N MET C 116 -4.57 61.79 -17.94
CA MET C 116 -4.60 62.33 -19.29
C MET C 116 -5.90 61.95 -19.99
N ASP C 117 -6.46 62.91 -20.72
CA ASP C 117 -7.73 62.71 -21.42
C ASP C 117 -7.65 62.90 -22.92
N VAL C 118 -6.72 63.72 -23.42
CA VAL C 118 -6.58 64.00 -24.84
C VAL C 118 -5.43 63.15 -25.37
N TRP C 119 -5.74 62.13 -26.16
CA TRP C 119 -4.76 61.23 -26.72
C TRP C 119 -4.63 61.48 -28.22
N GLY C 120 -3.51 61.00 -28.78
CA GLY C 120 -3.22 61.12 -30.19
C GLY C 120 -3.38 59.79 -30.93
N GLN C 121 -3.16 59.87 -32.24
CA GLN C 121 -3.26 58.68 -33.08
C GLN C 121 -2.13 57.70 -32.77
N GLY C 122 -0.93 58.19 -32.52
CA GLY C 122 0.18 57.33 -32.17
C GLY C 122 0.93 56.79 -33.37
N THR C 123 2.26 56.77 -33.30
CA THR C 123 3.10 56.25 -34.36
C THR C 123 3.65 54.89 -33.96
N THR C 124 3.74 53.99 -34.94
CA THR C 124 4.23 52.63 -34.71
C THR C 124 5.72 52.60 -34.98
N VAL C 125 6.51 52.35 -33.94
CA VAL C 125 7.96 52.28 -34.05
C VAL C 125 8.38 50.82 -34.01
N THR C 126 9.46 50.51 -34.73
CA THR C 126 10.01 49.16 -34.81
C THR C 126 11.49 49.21 -34.49
N VAL C 127 11.90 48.51 -33.44
CA VAL C 127 13.30 48.46 -33.03
C VAL C 127 13.91 47.09 -33.30
N SER C 128 13.21 46.22 -34.03
CA SER C 128 13.76 44.91 -34.34
C SER C 128 14.90 44.99 -35.34
N SER C 129 14.89 46.01 -36.20
CA SER C 129 15.96 46.31 -37.17
C SER C 129 16.06 45.13 -38.16
N ALA C 130 17.28 44.74 -38.53
CA ALA C 130 17.58 43.62 -39.42
C ALA C 130 17.24 43.91 -40.88
N SER C 131 15.96 44.14 -41.19
CA SER C 131 15.57 44.24 -42.59
C SER C 131 14.40 45.19 -42.76
N THR C 132 14.38 45.85 -43.93
CA THR C 132 13.27 46.69 -44.37
C THR C 132 12.97 46.36 -45.82
N LYS C 133 11.69 46.35 -46.18
CA LYS C 133 11.28 45.92 -47.50
C LYS C 133 10.15 46.81 -48.01
N GLY C 134 9.85 46.66 -49.31
CA GLY C 134 8.78 47.40 -49.94
C GLY C 134 7.58 46.52 -50.22
N PRO C 135 6.39 47.00 -49.89
CA PRO C 135 5.19 46.17 -50.03
C PRO C 135 4.71 46.10 -51.47
N SER C 136 3.89 45.08 -51.73
CA SER C 136 3.26 44.86 -53.02
C SER C 136 1.80 44.52 -52.81
N VAL C 137 0.93 45.08 -53.66
CA VAL C 137 -0.51 44.92 -53.54
C VAL C 137 -1.02 44.11 -54.71
N PHE C 138 -1.80 43.06 -54.42
CA PHE C 138 -2.42 42.22 -55.43
C PHE C 138 -3.93 42.19 -55.23
N PRO C 139 -4.70 42.22 -56.31
CA PRO C 139 -6.16 42.23 -56.19
C PRO C 139 -6.71 40.85 -55.90
N LEU C 140 -7.90 40.84 -55.29
CA LEU C 140 -8.63 39.61 -54.97
C LEU C 140 -10.05 39.72 -55.54
N ALA C 141 -10.15 39.58 -56.86
CA ALA C 141 -11.44 39.69 -57.53
C ALA C 141 -12.31 38.48 -57.20
N PRO C 142 -13.63 38.67 -57.13
CA PRO C 142 -14.57 37.57 -56.84
C PRO C 142 -14.59 36.51 -57.94
N THR C 151 -25.21 39.39 -52.24
CA THR C 151 -24.08 40.29 -52.10
C THR C 151 -22.78 39.63 -52.55
N ALA C 152 -21.75 40.44 -52.74
CA ALA C 152 -20.44 39.96 -53.17
C ALA C 152 -19.38 40.45 -52.19
N ALA C 153 -18.17 39.92 -52.34
CA ALA C 153 -17.06 40.28 -51.48
C ALA C 153 -15.79 40.37 -52.32
N LEU C 154 -15.09 41.50 -52.21
CA LEU C 154 -13.86 41.74 -52.93
C LEU C 154 -12.88 42.47 -52.04
N GLY C 155 -11.61 42.48 -52.46
CA GLY C 155 -10.59 43.15 -51.69
C GLY C 155 -9.24 43.01 -52.36
N CYS C 156 -8.20 43.36 -51.61
CA CYS C 156 -6.83 43.29 -52.09
C CYS C 156 -5.94 42.70 -51.01
N LEU C 157 -4.77 42.23 -51.42
CA LEU C 157 -3.81 41.59 -50.53
C LEU C 157 -2.47 42.31 -50.64
N VAL C 158 -1.89 42.64 -49.48
CA VAL C 158 -0.58 43.27 -49.40
C VAL C 158 0.38 42.25 -48.82
N LYS C 159 1.41 41.90 -49.59
CA LYS C 159 2.37 40.88 -49.20
C LYS C 159 3.78 41.43 -49.25
N ASP C 160 4.69 40.76 -48.53
CA ASP C 160 6.10 41.11 -48.47
C ASP C 160 6.30 42.54 -47.99
N TYR C 161 6.22 42.75 -46.67
CA TYR C 161 6.37 44.10 -46.13
C TYR C 161 6.84 44.01 -44.69
N PHE C 162 7.94 44.69 -44.39
CA PHE C 162 8.47 44.84 -43.04
C PHE C 162 9.47 45.98 -43.09
N PRO C 163 9.52 46.85 -42.07
CA PRO C 163 8.81 46.96 -40.79
C PRO C 163 7.31 47.20 -40.91
N GLU C 164 6.60 46.99 -39.80
CA GLU C 164 5.17 47.23 -39.70
C GLU C 164 4.90 48.72 -39.59
N PRO C 165 3.65 49.15 -39.89
CA PRO C 165 2.44 48.41 -40.28
C PRO C 165 1.78 48.98 -41.54
N VAL C 166 1.09 48.11 -42.28
CA VAL C 166 0.44 48.54 -43.51
C VAL C 166 -0.77 49.41 -43.18
N THR C 167 -1.07 50.34 -44.08
CA THR C 167 -2.24 51.20 -43.97
C THR C 167 -3.07 51.06 -45.24
N VAL C 168 -4.34 50.72 -45.08
CA VAL C 168 -5.24 50.45 -46.20
C VAL C 168 -6.54 51.22 -46.00
N SER C 169 -7.02 51.84 -47.07
CA SER C 169 -8.29 52.57 -47.07
C SER C 169 -8.98 52.33 -48.40
N TRP C 170 -10.28 52.00 -48.34
CA TRP C 170 -11.05 51.65 -49.53
C TRP C 170 -11.77 52.88 -50.06
N ASN C 171 -11.61 53.13 -51.36
CA ASN C 171 -12.30 54.21 -52.06
C ASN C 171 -12.02 55.58 -51.44
N SER C 172 -10.82 55.75 -50.89
CA SER C 172 -10.40 57.02 -50.26
C SER C 172 -11.36 57.45 -49.17
N GLY C 173 -11.96 56.49 -48.47
CA GLY C 173 -12.89 56.78 -47.39
C GLY C 173 -14.36 56.76 -47.77
N ALA C 174 -14.71 56.25 -48.96
CA ALA C 174 -16.10 56.21 -49.39
C ALA C 174 -16.76 54.88 -49.07
N LEU C 175 -16.05 53.78 -49.28
CA LEU C 175 -16.59 52.43 -49.02
C LEU C 175 -16.13 52.01 -47.63
N THR C 176 -16.93 52.36 -46.62
CA THR C 176 -16.64 52.03 -45.24
C THR C 176 -17.46 50.85 -44.72
N SER C 177 -18.73 50.77 -45.07
CA SER C 177 -19.57 49.67 -44.62
C SER C 177 -19.19 48.38 -45.34
N GLY C 178 -18.89 47.35 -44.56
CA GLY C 178 -18.50 46.06 -45.10
C GLY C 178 -17.00 45.85 -45.24
N VAL C 179 -16.21 46.92 -45.19
CA VAL C 179 -14.77 46.79 -45.30
C VAL C 179 -14.20 46.16 -44.04
N HIS C 180 -13.30 45.19 -44.20
CA HIS C 180 -12.69 44.47 -43.09
C HIS C 180 -11.18 44.39 -43.33
N THR C 181 -10.42 45.22 -42.63
CA THR C 181 -8.96 45.19 -42.70
C THR C 181 -8.47 44.16 -41.69
N PHE C 182 -8.07 42.99 -42.18
CA PHE C 182 -7.66 41.91 -41.31
C PHE C 182 -6.32 42.22 -40.66
N PRO C 183 -6.08 41.69 -39.46
CA PRO C 183 -4.79 41.92 -38.80
C PRO C 183 -3.64 41.30 -39.59
N ALA C 184 -2.44 41.83 -39.35
CA ALA C 184 -1.26 41.35 -40.04
C ALA C 184 -0.90 39.94 -39.60
N VAL C 185 -0.36 39.16 -40.54
CA VAL C 185 0.06 37.79 -40.30
C VAL C 185 1.54 37.66 -40.59
N LEU C 186 2.25 36.93 -39.73
CA LEU C 186 3.68 36.73 -39.89
C LEU C 186 3.93 35.51 -40.79
N GLN C 187 4.58 35.74 -41.92
CA GLN C 187 4.87 34.67 -42.86
C GLN C 187 6.09 33.88 -42.42
N SER C 188 6.37 32.79 -43.14
CA SER C 188 7.52 31.96 -42.81
C SER C 188 8.84 32.61 -43.22
N SER C 189 8.81 33.48 -44.24
CA SER C 189 10.03 34.14 -44.67
C SER C 189 10.46 35.22 -43.68
N GLY C 190 9.53 36.03 -43.21
CA GLY C 190 9.85 37.08 -42.26
C GLY C 190 9.20 38.40 -42.59
N LEU C 191 8.46 38.45 -43.70
CA LEU C 191 7.77 39.65 -44.13
C LEU C 191 6.28 39.53 -43.85
N TYR C 192 5.68 40.62 -43.39
CA TYR C 192 4.27 40.61 -43.06
C TYR C 192 3.41 40.59 -44.32
N SER C 193 2.27 39.91 -44.22
CA SER C 193 1.33 39.82 -45.33
C SER C 193 -0.08 39.79 -44.78
N LEU C 194 -0.91 40.74 -45.21
CA LEU C 194 -2.29 40.83 -44.76
C LEU C 194 -3.21 41.11 -45.94
N SER C 195 -4.45 40.68 -45.82
CA SER C 195 -5.46 40.84 -46.87
C SER C 195 -6.65 41.60 -46.30
N SER C 196 -7.08 42.64 -47.01
CA SER C 196 -8.24 43.44 -46.64
C SER C 196 -9.36 43.20 -47.63
N VAL C 197 -10.55 42.90 -47.13
CA VAL C 197 -11.70 42.60 -47.96
C VAL C 197 -12.81 43.61 -47.64
N VAL C 198 -13.83 43.63 -48.50
CA VAL C 198 -14.96 44.53 -48.34
C VAL C 198 -16.19 43.86 -48.96
N THR C 199 -17.33 44.00 -48.30
CA THR C 199 -18.59 43.44 -48.76
C THR C 199 -19.45 44.55 -49.33
N VAL C 200 -19.83 44.42 -50.60
CA VAL C 200 -20.63 45.43 -51.29
C VAL C 200 -21.90 44.76 -51.76
N PRO C 201 -22.98 45.52 -51.96
CA PRO C 201 -24.21 44.93 -52.49
C PRO C 201 -24.01 44.32 -53.87
N SER C 202 -24.82 43.30 -54.17
CA SER C 202 -24.66 42.57 -55.44
C SER C 202 -25.12 43.42 -56.62
N SER C 203 -26.16 44.24 -56.43
CA SER C 203 -26.66 45.05 -57.53
C SER C 203 -25.73 46.20 -57.87
N SER C 204 -25.04 46.75 -56.87
CA SER C 204 -24.13 47.87 -57.07
C SER C 204 -22.72 47.42 -57.48
N LEU C 205 -22.58 46.21 -58.02
CA LEU C 205 -21.27 45.74 -58.42
C LEU C 205 -20.76 46.48 -59.66
N GLY C 206 -21.63 46.69 -60.64
CA GLY C 206 -21.27 47.36 -61.86
C GLY C 206 -21.58 48.84 -61.91
N THR C 207 -22.11 49.42 -60.84
CA THR C 207 -22.45 50.84 -60.82
C THR C 207 -21.25 51.70 -60.41
N GLN C 208 -20.71 51.45 -59.22
CA GLN C 208 -19.60 52.22 -58.69
C GLN C 208 -18.34 51.35 -58.66
N THR C 209 -17.20 51.97 -59.02
CA THR C 209 -15.92 51.29 -58.98
C THR C 209 -15.28 51.46 -57.61
N TYR C 210 -14.48 50.47 -57.21
CA TYR C 210 -13.87 50.41 -55.90
C TYR C 210 -12.35 50.33 -56.06
N ILE C 211 -11.65 51.31 -55.52
CA ILE C 211 -10.19 51.37 -55.58
C ILE C 211 -9.67 51.65 -54.17
N CYS C 212 -9.10 50.63 -53.54
CA CYS C 212 -8.53 50.78 -52.21
C CYS C 212 -7.05 51.15 -52.31
N ASN C 213 -6.61 52.03 -51.42
CA ASN C 213 -5.25 52.53 -51.41
C ASN C 213 -4.48 51.97 -50.24
N VAL C 214 -3.24 51.54 -50.49
CA VAL C 214 -2.36 50.98 -49.47
C VAL C 214 -1.14 51.89 -49.37
N ASN C 215 -0.87 52.37 -48.15
CA ASN C 215 0.22 53.29 -47.90
C ASN C 215 1.16 52.69 -46.86
N HIS C 216 2.45 52.70 -47.17
CA HIS C 216 3.49 52.21 -46.26
C HIS C 216 4.55 53.29 -46.09
N LYS C 217 4.75 53.74 -44.86
CA LYS C 217 5.69 54.81 -44.56
C LYS C 217 7.15 54.44 -44.79
N PRO C 218 7.63 53.24 -44.39
CA PRO C 218 9.07 52.97 -44.58
C PRO C 218 9.50 52.93 -46.03
N SER C 219 8.68 52.35 -46.91
CA SER C 219 9.01 52.29 -48.33
C SER C 219 8.72 53.60 -49.06
N ASN C 220 8.06 54.55 -48.40
CA ASN C 220 7.65 55.81 -49.03
C ASN C 220 6.82 55.56 -50.29
N THR C 221 5.95 54.55 -50.23
CA THR C 221 5.15 54.12 -51.38
C THR C 221 3.70 53.98 -50.94
N LYS C 222 2.83 54.85 -51.44
CA LYS C 222 1.39 54.78 -51.18
C LYS C 222 0.66 54.30 -52.43
N VAL C 223 1.08 53.11 -52.87
CA VAL C 223 0.58 52.52 -54.10
C VAL C 223 -0.87 52.11 -53.91
N ASP C 224 -1.74 52.59 -54.81
CA ASP C 224 -3.15 52.26 -54.80
C ASP C 224 -3.48 51.38 -56.00
N LYS C 225 -4.31 50.38 -55.78
CA LYS C 225 -4.70 49.44 -56.83
C LYS C 225 -6.21 49.32 -56.88
N LYS C 226 -6.73 49.13 -58.08
CA LYS C 226 -8.17 48.99 -58.30
C LYS C 226 -8.59 47.52 -58.22
N VAL C 227 -9.89 47.31 -58.24
CA VAL C 227 -10.48 45.97 -58.19
C VAL C 227 -11.63 45.92 -59.19
N GLU C 228 -11.49 45.10 -60.23
CA GLU C 228 -12.50 44.97 -61.26
C GLU C 228 -12.99 43.54 -61.36
N PRO C 229 -14.30 43.33 -61.58
CA PRO C 229 -14.87 41.98 -61.70
C PRO C 229 -14.48 41.29 -63.00
N ILE D 2 5.71 50.50 -7.16
CA ILE D 2 4.26 50.37 -7.27
C ILE D 2 3.90 49.16 -8.13
N GLN D 3 2.70 48.65 -7.93
CA GLN D 3 2.23 47.49 -8.68
C GLN D 3 0.70 47.50 -8.71
N MET D 4 0.14 47.11 -9.85
CA MET D 4 -1.30 47.06 -10.03
C MET D 4 -1.69 45.69 -10.60
N THR D 5 -2.77 45.12 -10.06
CA THR D 5 -3.26 43.81 -10.46
C THR D 5 -4.75 43.91 -10.71
N GLN D 6 -5.17 43.78 -11.96
CA GLN D 6 -6.57 43.84 -12.34
C GLN D 6 -7.11 42.44 -12.59
N SER D 7 -8.36 42.22 -12.21
CA SER D 7 -9.01 40.91 -12.36
C SER D 7 -10.47 41.11 -12.75
N PRO D 8 -10.98 40.30 -13.69
CA PRO D 8 -10.23 39.26 -14.40
C PRO D 8 -9.50 39.78 -15.62
N SER D 9 -8.72 38.90 -16.28
CA SER D 9 -8.01 39.31 -17.48
C SER D 9 -8.89 39.22 -18.72
N SER D 10 -9.82 38.27 -18.75
CA SER D 10 -10.75 38.12 -19.87
C SER D 10 -12.17 37.98 -19.31
N LEU D 11 -13.12 38.60 -19.99
CA LEU D 11 -14.52 38.59 -19.55
C LEU D 11 -15.43 38.41 -20.76
N SER D 12 -16.54 37.71 -20.54
CA SER D 12 -17.53 37.47 -21.58
C SER D 12 -18.92 37.48 -20.96
N ALA D 13 -19.80 38.31 -21.52
CA ALA D 13 -21.17 38.41 -21.03
C ALA D 13 -22.09 38.76 -22.19
N SER D 14 -23.38 38.55 -21.98
CA SER D 14 -24.38 38.79 -23.01
C SER D 14 -24.80 40.25 -23.04
N VAL D 15 -25.31 40.68 -24.19
CA VAL D 15 -25.77 42.05 -24.37
C VAL D 15 -27.03 42.25 -23.53
N GLY D 16 -26.88 42.99 -22.43
CA GLY D 16 -27.96 43.23 -21.50
C GLY D 16 -27.67 42.82 -20.07
N ASP D 17 -26.68 41.94 -19.86
CA ASP D 17 -26.32 41.50 -18.51
C ASP D 17 -25.54 42.60 -17.79
N ARG D 18 -25.07 42.27 -16.60
CA ARG D 18 -24.32 43.20 -15.75
C ARG D 18 -22.89 42.70 -15.64
N VAL D 19 -21.95 43.51 -16.11
CA VAL D 19 -20.52 43.16 -16.07
C VAL D 19 -19.82 44.08 -15.08
N SER D 20 -18.81 43.53 -14.41
CA SER D 20 -18.05 44.27 -13.42
C SER D 20 -16.69 43.62 -13.24
N MET D 21 -15.66 44.45 -13.11
CA MET D 21 -14.29 43.99 -12.92
C MET D 21 -13.64 44.78 -11.80
N THR D 22 -12.54 44.25 -11.27
CA THR D 22 -11.86 44.84 -10.13
C THR D 22 -10.39 45.08 -10.46
N CYS D 23 -9.82 46.08 -9.80
CA CYS D 23 -8.41 46.43 -9.96
C CYS D 23 -7.81 46.69 -8.59
N ARG D 24 -6.85 45.87 -8.19
CA ARG D 24 -6.21 45.98 -6.89
C ARG D 24 -4.85 46.67 -7.02
N ALA D 25 -4.45 47.34 -5.95
CA ALA D 25 -3.20 48.08 -5.91
C ALA D 25 -2.23 47.43 -4.92
N SER D 26 -0.96 47.78 -5.06
CA SER D 26 0.08 47.23 -4.18
C SER D 26 0.08 47.89 -2.81
N GLN D 27 -0.30 49.17 -2.73
CA GLN D 27 -0.34 49.89 -1.47
C GLN D 27 -1.60 50.76 -1.45
N ILE D 28 -1.73 51.55 -0.39
CA ILE D 28 -2.87 52.45 -0.25
C ILE D 28 -2.77 53.52 -1.32
N ILE D 29 -3.70 53.53 -2.26
CA ILE D 29 -3.70 54.49 -3.37
C ILE D 29 -4.71 55.61 -3.17
N SER D 30 -5.26 55.75 -1.95
CA SER D 30 -6.25 56.77 -1.63
C SER D 30 -7.43 56.71 -2.59
N SER D 31 -7.50 57.68 -3.50
CA SER D 31 -8.59 57.73 -4.49
C SER D 31 -8.05 57.99 -5.90
N SER D 32 -6.75 57.76 -6.12
CA SER D 32 -6.13 57.99 -7.43
C SER D 32 -6.26 56.71 -8.24
N LEU D 33 -7.40 56.56 -8.91
CA LEU D 33 -7.65 55.38 -9.75
C LEU D 33 -8.49 55.81 -10.94
N ASN D 34 -7.96 55.64 -12.15
CA ASN D 34 -8.64 56.02 -13.37
C ASN D 34 -8.86 54.79 -14.25
N TRP D 35 -9.94 54.83 -15.02
CA TRP D 35 -10.28 53.74 -15.94
C TRP D 35 -10.36 54.29 -17.36
N TYR D 36 -9.70 53.60 -18.29
CA TYR D 36 -9.66 54.00 -19.69
C TYR D 36 -10.29 52.91 -20.56
N GLN D 37 -10.71 53.31 -21.75
CA GLN D 37 -11.31 52.41 -22.74
C GLN D 37 -10.52 52.51 -24.04
N GLN D 38 -9.93 51.40 -24.46
CA GLN D 38 -9.11 51.35 -25.66
C GLN D 38 -9.77 50.45 -26.69
N LYS D 39 -10.33 51.07 -27.73
CA LYS D 39 -10.91 50.32 -28.84
C LYS D 39 -9.81 49.56 -29.58
N PRO D 40 -10.17 48.46 -30.27
CA PRO D 40 -9.16 47.72 -31.04
C PRO D 40 -8.50 48.56 -32.12
N GLY D 41 -7.22 48.87 -31.94
CA GLY D 41 -6.48 49.65 -32.90
C GLY D 41 -6.74 51.14 -32.87
N LYS D 42 -7.36 51.64 -31.81
CA LYS D 42 -7.67 53.05 -31.66
C LYS D 42 -7.00 53.60 -30.40
N ALA D 43 -7.21 54.90 -30.15
CA ALA D 43 -6.63 55.56 -29.00
C ALA D 43 -7.53 55.39 -27.78
N PRO D 44 -6.93 55.26 -26.59
CA PRO D 44 -7.75 55.11 -25.38
C PRO D 44 -8.43 56.42 -24.99
N LYS D 45 -9.58 56.28 -24.34
CA LYS D 45 -10.37 57.41 -23.89
C LYS D 45 -10.61 57.31 -22.40
N LEU D 46 -10.63 58.47 -21.72
CA LEU D 46 -10.83 58.50 -20.29
C LEU D 46 -12.32 58.43 -19.96
N LEU D 47 -12.68 57.53 -19.06
CA LEU D 47 -14.06 57.35 -18.64
C LEU D 47 -14.31 57.79 -17.20
N ILE D 48 -13.52 57.30 -16.25
CA ILE D 48 -13.69 57.57 -14.83
C ILE D 48 -12.48 58.33 -14.32
N TYR D 49 -12.73 59.39 -13.55
CA TYR D 49 -11.69 60.17 -12.90
C TYR D 49 -11.77 59.93 -11.40
N ALA D 50 -10.69 59.42 -10.83
CA ALA D 50 -10.61 59.14 -9.39
C ALA D 50 -11.73 58.19 -8.96
N ALA D 51 -12.01 57.19 -9.79
CA ALA D 51 -12.99 56.14 -9.51
C ALA D 51 -14.40 56.70 -9.31
N SER D 52 -14.58 57.56 -8.31
CA SER D 52 -15.91 58.06 -7.98
C SER D 52 -16.48 58.94 -9.09
N ASN D 53 -15.70 59.90 -9.56
CA ASN D 53 -16.19 60.85 -10.55
C ASN D 53 -16.14 60.25 -11.94
N LEU D 54 -17.18 60.53 -12.72
CA LEU D 54 -17.29 60.07 -14.11
C LEU D 54 -17.18 61.29 -15.02
N GLN D 55 -16.24 61.24 -15.95
CA GLN D 55 -16.00 62.37 -16.84
C GLN D 55 -17.16 62.54 -17.82
N SER D 56 -17.16 63.68 -18.51
CA SER D 56 -18.22 63.98 -19.47
C SER D 56 -17.98 63.23 -20.78
N GLY D 57 -19.07 62.76 -21.39
CA GLY D 57 -18.98 62.03 -22.64
C GLY D 57 -19.32 60.57 -22.51
N VAL D 58 -18.90 59.97 -21.40
CA VAL D 58 -19.18 58.57 -21.11
C VAL D 58 -20.67 58.40 -20.87
N PRO D 59 -21.27 57.29 -21.29
CA PRO D 59 -22.71 57.09 -21.07
C PRO D 59 -23.04 56.86 -19.61
N SER D 60 -24.31 57.07 -19.28
CA SER D 60 -24.77 56.92 -17.90
C SER D 60 -24.73 55.47 -17.43
N ARG D 61 -24.65 54.51 -18.34
CA ARG D 61 -24.58 53.11 -17.97
C ARG D 61 -23.25 52.72 -17.34
N PHE D 62 -22.25 53.60 -17.38
CA PHE D 62 -20.95 53.35 -16.75
C PHE D 62 -20.91 54.01 -15.38
N SER D 63 -20.33 53.30 -14.42
CA SER D 63 -20.21 53.82 -13.06
C SER D 63 -18.96 53.23 -12.41
N GLY D 64 -18.46 53.92 -11.40
CA GLY D 64 -17.28 53.47 -10.69
C GLY D 64 -17.39 53.76 -9.22
N SER D 65 -16.82 52.86 -8.41
CA SER D 65 -16.85 53.02 -6.96
C SER D 65 -15.68 52.23 -6.38
N GLY D 66 -15.08 52.78 -5.34
CA GLY D 66 -13.97 52.11 -4.69
C GLY D 66 -13.38 52.99 -3.61
N SER D 67 -12.61 52.34 -2.73
CA SER D 67 -11.94 53.02 -1.63
C SER D 67 -10.78 52.18 -1.16
N GLY D 68 -9.80 52.84 -0.57
CA GLY D 68 -8.62 52.14 -0.09
C GLY D 68 -7.70 51.67 -1.21
N THR D 69 -7.52 50.36 -1.31
CA THR D 69 -6.65 49.77 -2.32
C THR D 69 -7.39 48.92 -3.33
N ASP D 70 -8.66 48.58 -3.07
CA ASP D 70 -9.47 47.77 -3.98
C ASP D 70 -10.48 48.65 -4.70
N PHE D 71 -10.49 48.59 -6.02
CA PHE D 71 -11.39 49.39 -6.84
C PHE D 71 -12.12 48.47 -7.81
N THR D 72 -13.34 48.87 -8.16
CA THR D 72 -14.18 48.08 -9.06
C THR D 72 -14.95 49.01 -9.99
N LEU D 73 -15.08 48.60 -11.24
CA LEU D 73 -15.82 49.35 -12.25
C LEU D 73 -16.93 48.45 -12.79
N THR D 74 -18.17 48.88 -12.60
CA THR D 74 -19.34 48.10 -12.99
C THR D 74 -20.08 48.77 -14.14
N ILE D 75 -20.60 47.95 -15.05
CA ILE D 75 -21.39 48.40 -16.19
C ILE D 75 -22.83 48.02 -15.94
N SER D 76 -23.74 48.99 -16.11
CA SER D 76 -25.16 48.77 -15.89
C SER D 76 -25.71 47.72 -16.86
N SER D 77 -25.76 48.07 -18.14
CA SER D 77 -26.24 47.16 -19.18
C SER D 77 -25.20 47.14 -20.30
N LEU D 78 -24.60 45.97 -20.52
CA LEU D 78 -23.56 45.85 -21.54
C LEU D 78 -24.17 46.01 -22.93
N GLN D 79 -23.54 46.85 -23.73
CA GLN D 79 -23.94 47.10 -25.11
C GLN D 79 -22.88 46.60 -26.08
N PRO D 80 -23.25 46.30 -27.33
CA PRO D 80 -22.25 45.80 -28.29
C PRO D 80 -21.11 46.76 -28.54
N GLU D 81 -21.28 48.05 -28.30
CA GLU D 81 -20.23 49.03 -28.48
C GLU D 81 -19.22 49.05 -27.34
N ASP D 82 -19.33 48.13 -26.38
CA ASP D 82 -18.44 48.07 -25.24
C ASP D 82 -17.23 47.17 -25.46
N PHE D 83 -17.19 46.45 -26.58
CA PHE D 83 -16.07 45.54 -26.86
C PHE D 83 -14.77 46.31 -27.01
N ALA D 84 -13.93 46.29 -25.99
CA ALA D 84 -12.67 47.02 -25.98
C ALA D 84 -11.81 46.50 -24.84
N THR D 85 -10.55 46.92 -24.83
CA THR D 85 -9.61 46.58 -23.78
C THR D 85 -9.59 47.71 -22.75
N TYR D 86 -9.76 47.37 -21.48
CA TYR D 86 -9.83 48.35 -20.41
C TYR D 86 -8.57 48.28 -19.55
N TYR D 87 -8.04 49.45 -19.19
CA TYR D 87 -6.84 49.57 -18.39
C TYR D 87 -7.16 50.20 -17.05
N CYS D 88 -6.20 50.09 -16.12
CA CYS D 88 -6.33 50.62 -14.77
C CYS D 88 -5.14 51.55 -14.52
N GLN D 89 -5.43 52.82 -14.23
CA GLN D 89 -4.40 53.84 -14.07
C GLN D 89 -4.42 54.35 -12.63
N GLN D 90 -3.24 54.41 -12.01
CA GLN D 90 -3.07 54.93 -10.66
C GLN D 90 -1.87 55.86 -10.66
N SER D 91 -2.11 57.13 -10.33
CA SER D 91 -1.08 58.16 -10.38
C SER D 91 -0.72 58.63 -8.97
N TYR D 92 0.55 58.95 -8.77
CA TYR D 92 1.03 59.47 -7.49
C TYR D 92 2.24 60.36 -7.69
N PHE D 100 0.39 52.69 -12.05
CA PHE D 100 0.48 52.98 -13.49
C PHE D 100 0.59 51.69 -14.29
N GLY D 101 -0.54 51.21 -14.80
CA GLY D 101 -0.60 50.01 -15.61
C GLY D 101 -1.73 49.10 -15.20
N GLY D 102 -2.23 48.33 -16.17
CA GLY D 102 -3.32 47.40 -15.92
C GLY D 102 -3.71 46.60 -17.14
N GLY D 103 -4.97 46.17 -17.21
CA GLY D 103 -5.44 45.42 -18.35
C GLY D 103 -6.56 44.46 -18.01
N THR D 104 -7.64 44.49 -18.80
CA THR D 104 -8.78 43.61 -18.59
C THR D 104 -9.61 43.58 -19.88
N LYS D 105 -9.28 42.64 -20.76
CA LYS D 105 -9.99 42.51 -22.03
C LYS D 105 -11.42 42.01 -21.79
N VAL D 106 -12.33 42.49 -22.62
CA VAL D 106 -13.75 42.15 -22.51
C VAL D 106 -14.30 41.88 -23.90
N GLU D 107 -14.97 40.75 -24.06
CA GLU D 107 -15.62 40.36 -25.31
C GLU D 107 -17.13 40.40 -25.14
N ILE D 108 -17.84 40.10 -26.23
CA ILE D 108 -19.29 40.06 -26.23
C ILE D 108 -19.75 38.64 -26.49
N LYS D 109 -20.89 38.29 -25.93
CA LYS D 109 -21.44 36.95 -26.11
C LYS D 109 -22.15 36.83 -27.45
N ARG D 110 -21.99 35.67 -28.09
CA ARG D 110 -22.53 35.43 -29.41
C ARG D 110 -24.03 35.16 -29.35
N THR D 111 -24.66 35.18 -30.52
CA THR D 111 -26.06 34.79 -30.67
C THR D 111 -26.21 33.44 -31.35
N VAL D 112 -25.11 32.69 -31.49
CA VAL D 112 -25.09 31.39 -32.15
C VAL D 112 -25.61 31.53 -33.58
N ALA D 113 -24.91 32.32 -34.38
CA ALA D 113 -25.28 32.56 -35.77
C ALA D 113 -24.35 31.83 -36.72
N ALA D 114 -24.85 31.52 -37.91
CA ALA D 114 -24.10 30.77 -38.90
C ALA D 114 -23.19 31.68 -39.72
N PRO D 115 -22.08 31.14 -40.23
CA PRO D 115 -21.16 31.98 -41.02
C PRO D 115 -21.63 32.22 -42.45
N SER D 116 -20.78 32.87 -43.24
CA SER D 116 -21.02 33.09 -44.67
C SER D 116 -19.68 32.98 -45.37
N VAL D 117 -19.40 31.80 -45.94
CA VAL D 117 -18.07 31.54 -46.48
C VAL D 117 -17.96 32.09 -47.90
N PHE D 118 -16.72 32.27 -48.35
CA PHE D 118 -16.43 32.77 -49.69
C PHE D 118 -15.00 32.38 -50.04
N ILE D 119 -14.75 32.23 -51.34
CA ILE D 119 -13.43 31.86 -51.85
C ILE D 119 -12.98 32.92 -52.84
N PHE D 120 -11.66 33.14 -52.89
CA PHE D 120 -11.07 34.16 -53.76
C PHE D 120 -9.96 33.52 -54.58
N PRO D 121 -10.02 33.58 -55.91
CA PRO D 121 -8.94 33.04 -56.73
C PRO D 121 -7.77 34.01 -56.80
N PRO D 122 -6.58 33.55 -57.19
CA PRO D 122 -5.42 34.44 -57.30
C PRO D 122 -5.55 35.42 -58.47
N ASP D 124 -4.39 36.65 -61.49
CA ASP D 124 -3.64 36.47 -62.73
C ASP D 124 -2.28 37.12 -62.65
N GLU D 125 -2.23 38.30 -62.02
CA GLU D 125 -0.96 39.01 -61.89
C GLU D 125 0.01 38.29 -60.96
N GLN D 126 -0.51 37.58 -59.96
CA GLN D 126 0.33 36.84 -59.03
C GLN D 126 0.85 35.53 -59.61
N LEU D 127 0.24 35.05 -60.71
CA LEU D 127 0.68 33.79 -61.31
C LEU D 127 2.00 33.97 -62.05
N LYS D 128 2.22 35.15 -62.65
CA LYS D 128 3.46 35.39 -63.38
C LYS D 128 4.63 35.72 -62.46
N SER D 129 4.37 36.13 -61.23
CA SER D 129 5.44 36.47 -60.30
C SER D 129 6.08 35.23 -59.69
N GLY D 130 5.34 34.13 -59.57
CA GLY D 130 5.84 32.91 -58.99
C GLY D 130 5.39 32.65 -57.57
N THR D 131 4.73 33.62 -56.94
CA THR D 131 4.23 33.47 -55.57
C THR D 131 2.72 33.60 -55.61
N ALA D 132 2.02 32.47 -55.61
CA ALA D 132 0.57 32.44 -55.66
C ALA D 132 0.01 32.11 -54.29
N SER D 133 -0.87 32.98 -53.79
CA SER D 133 -1.49 32.78 -52.48
C SER D 133 -2.95 33.19 -52.56
N VAL D 134 -3.85 32.22 -52.38
CA VAL D 134 -5.28 32.48 -52.45
C VAL D 134 -6.02 31.35 -51.73
N VAL D 135 -6.83 31.71 -50.72
CA VAL D 135 -7.58 30.72 -49.96
C VAL D 135 -8.98 31.27 -49.67
N CYS D 136 -9.74 30.55 -48.87
CA CYS D 136 -11.12 30.92 -48.57
C CYS D 136 -11.17 31.82 -47.33
N LEU D 137 -12.32 32.48 -47.15
CA LEU D 137 -12.53 33.37 -46.03
C LEU D 137 -13.99 33.32 -45.61
N LEU D 138 -14.25 33.72 -44.38
CA LEU D 138 -15.60 33.74 -43.83
C LEU D 138 -15.86 35.07 -43.14
N ASN D 139 -17.10 35.53 -43.21
CA ASN D 139 -17.51 36.79 -42.63
C ASN D 139 -18.80 36.60 -41.83
N ASN D 140 -18.94 37.41 -40.78
CA ASN D 140 -20.12 37.38 -39.91
C ASN D 140 -20.37 35.99 -39.35
N PHE D 141 -19.60 35.58 -38.35
CA PHE D 141 -19.81 34.30 -37.70
C PHE D 141 -19.48 34.42 -36.22
N TYR D 142 -20.11 33.54 -35.43
CA TYR D 142 -19.93 33.49 -33.99
C TYR D 142 -20.49 32.19 -33.46
N PRO D 143 -19.77 31.48 -32.58
CA PRO D 143 -18.48 31.85 -31.98
C PRO D 143 -17.29 31.74 -32.95
N ARG D 144 -16.10 32.10 -32.46
CA ARG D 144 -14.91 32.16 -33.31
C ARG D 144 -14.37 30.77 -33.62
N GLU D 145 -14.58 29.79 -32.74
CA GLU D 145 -14.03 28.45 -32.90
C GLU D 145 -14.45 27.82 -34.23
N ALA D 146 -13.48 27.60 -35.12
CA ALA D 146 -13.75 27.01 -36.43
C ALA D 146 -12.49 26.32 -36.92
N LYS D 147 -12.68 25.43 -37.89
CA LYS D 147 -11.57 24.68 -38.48
C LYS D 147 -11.74 24.67 -39.99
N VAL D 148 -10.81 25.27 -40.71
CA VAL D 148 -10.84 25.35 -42.17
C VAL D 148 -9.77 24.41 -42.70
N GLN D 149 -10.17 23.46 -43.54
CA GLN D 149 -9.27 22.48 -44.13
C GLN D 149 -9.28 22.66 -45.64
N TRP D 150 -8.10 22.87 -46.22
CA TRP D 150 -7.96 23.05 -47.66
C TRP D 150 -7.66 21.71 -48.33
N LYS D 151 -8.40 21.40 -49.39
CA LYS D 151 -8.24 20.15 -50.10
C LYS D 151 -8.04 20.43 -51.59
N VAL D 152 -7.02 19.82 -52.17
CA VAL D 152 -6.71 19.96 -53.59
C VAL D 152 -6.92 18.60 -54.25
N ASP D 153 -7.86 18.53 -55.18
CA ASP D 153 -8.21 17.28 -55.86
C ASP D 153 -8.61 16.21 -54.85
N ASN D 154 -9.50 16.58 -53.93
CA ASN D 154 -10.01 15.70 -52.87
C ASN D 154 -8.87 15.18 -52.00
N ALA D 155 -7.81 15.96 -51.84
CA ALA D 155 -6.68 15.60 -50.99
C ALA D 155 -6.37 16.77 -50.07
N LEU D 156 -6.53 16.56 -48.77
CA LEU D 156 -6.36 17.64 -47.79
C LEU D 156 -4.89 18.04 -47.72
N GLN D 157 -4.58 19.24 -48.18
CA GLN D 157 -3.24 19.79 -48.08
C GLN D 157 -3.14 20.68 -46.85
N SER D 158 -1.99 20.63 -46.18
CA SER D 158 -1.78 21.39 -44.95
C SER D 158 -0.42 22.05 -44.98
N GLY D 159 -0.29 23.12 -44.20
CA GLY D 159 0.96 23.83 -44.07
C GLY D 159 1.21 24.92 -45.09
N ASN D 160 0.31 25.11 -46.05
CA ASN D 160 0.48 26.11 -47.10
C ASN D 160 -0.42 27.31 -46.92
N SER D 161 -1.20 27.38 -45.85
CA SER D 161 -2.10 28.49 -45.60
C SER D 161 -1.96 28.97 -44.17
N GLN D 162 -2.21 30.26 -43.95
CA GLN D 162 -2.12 30.89 -42.65
C GLN D 162 -3.48 31.45 -42.26
N GLU D 163 -3.85 31.27 -41.01
CA GLU D 163 -5.14 31.71 -40.50
C GLU D 163 -5.01 33.05 -39.79
N SER D 164 -5.94 33.96 -40.06
CA SER D 164 -5.97 35.27 -39.43
C SER D 164 -7.43 35.66 -39.22
N VAL D 165 -7.76 36.10 -38.01
CA VAL D 165 -9.13 36.46 -37.65
C VAL D 165 -9.14 37.87 -37.08
N THR D 166 -10.06 38.70 -37.56
CA THR D 166 -10.22 40.04 -37.03
C THR D 166 -11.05 40.00 -35.75
N GLU D 167 -10.87 41.03 -34.93
CA GLU D 167 -11.58 41.11 -33.66
C GLU D 167 -13.07 41.36 -33.91
N GLN D 168 -13.86 41.15 -32.87
CA GLN D 168 -15.30 41.29 -32.97
C GLN D 168 -15.68 42.71 -33.37
N ASP D 169 -16.67 42.82 -34.27
CA ASP D 169 -17.10 44.12 -34.76
C ASP D 169 -17.80 44.90 -33.66
N SER D 170 -17.94 46.21 -33.89
CA SER D 170 -18.52 47.09 -32.88
C SER D 170 -20.04 46.95 -32.81
N LYS D 171 -20.70 46.66 -33.92
CA LYS D 171 -22.16 46.60 -33.98
C LYS D 171 -22.70 45.19 -33.79
N ASP D 172 -22.25 44.23 -34.60
CA ASP D 172 -22.76 42.88 -34.56
C ASP D 172 -21.95 41.93 -33.68
N SER D 173 -20.74 42.35 -33.25
CA SER D 173 -19.88 41.52 -32.42
C SER D 173 -19.57 40.17 -33.07
N THR D 174 -19.32 40.21 -34.38
CA THR D 174 -18.98 39.02 -35.14
C THR D 174 -17.56 39.11 -35.66
N TYR D 175 -16.95 37.95 -35.87
CA TYR D 175 -15.57 37.87 -36.33
C TYR D 175 -15.52 37.56 -37.83
N SER D 176 -14.31 37.61 -38.38
CA SER D 176 -14.08 37.30 -39.78
C SER D 176 -12.72 36.61 -39.90
N LEU D 177 -12.70 35.45 -40.53
CA LEU D 177 -11.51 34.64 -40.67
C LEU D 177 -11.00 34.65 -42.10
N SER D 178 -9.69 34.45 -42.26
CA SER D 178 -9.05 34.42 -43.56
C SER D 178 -7.98 33.36 -43.56
N SER D 179 -8.02 32.46 -44.54
CA SER D 179 -7.04 31.38 -44.64
C SER D 179 -5.92 31.75 -45.61
N LEU D 183 1.13 29.57 -51.87
CA LEU D 183 2.14 28.53 -52.00
C LEU D 183 3.04 28.79 -53.21
N SER D 184 3.50 27.72 -53.85
CA SER D 184 4.39 27.82 -54.99
C SER D 184 3.56 27.84 -56.28
N LYS D 185 3.71 28.90 -57.06
CA LYS D 185 3.01 28.99 -58.34
C LYS D 185 3.50 27.97 -59.35
N ALA D 186 4.75 27.50 -59.21
CA ALA D 186 5.24 26.43 -60.07
C ALA D 186 4.49 25.13 -59.84
N ASP D 187 3.94 24.94 -58.64
CA ASP D 187 3.13 23.77 -58.33
C ASP D 187 1.63 24.06 -58.37
N TYR D 188 1.24 25.32 -58.19
CA TYR D 188 -0.18 25.67 -58.21
C TYR D 188 -0.73 25.70 -59.64
N GLU D 189 0.07 26.16 -60.60
CA GLU D 189 -0.37 26.20 -61.98
C GLU D 189 -0.52 24.82 -62.60
N LYS D 190 0.09 23.80 -61.99
CA LYS D 190 -0.03 22.44 -62.52
C LYS D 190 -1.43 21.88 -62.29
N HIS D 191 -2.08 22.25 -61.19
CA HIS D 191 -3.42 21.81 -60.88
C HIS D 191 -4.44 22.89 -61.19
N LYS D 192 -5.68 22.46 -61.44
CA LYS D 192 -6.77 23.37 -61.74
C LYS D 192 -7.95 23.25 -60.78
N VAL D 193 -7.93 22.29 -59.86
CA VAL D 193 -9.02 22.10 -58.90
C VAL D 193 -8.48 22.43 -57.52
N TYR D 194 -8.98 23.51 -56.94
CA TYR D 194 -8.60 23.94 -55.60
C TYR D 194 -9.86 24.27 -54.81
N ALA D 195 -9.95 23.74 -53.59
CA ALA D 195 -11.12 23.92 -52.75
C ALA D 195 -10.69 24.10 -51.30
N CYS D 196 -11.62 24.57 -50.49
CA CYS D 196 -11.37 24.76 -49.05
C CYS D 196 -12.68 24.52 -48.32
N GLU D 197 -12.73 23.43 -47.54
CA GLU D 197 -13.92 23.07 -46.80
C GLU D 197 -13.83 23.63 -45.38
N VAL D 198 -14.92 24.22 -44.91
CA VAL D 198 -14.99 24.84 -43.60
C VAL D 198 -16.13 24.18 -42.82
N THR D 199 -15.81 23.65 -41.64
CA THR D 199 -16.78 23.04 -40.75
C THR D 199 -16.94 23.92 -39.51
N HIS D 200 -18.16 24.41 -39.29
CA HIS D 200 -18.44 25.31 -38.19
C HIS D 200 -19.65 24.81 -37.41
N GLN D 201 -19.78 25.32 -36.18
CA GLN D 201 -20.89 24.91 -35.32
C GLN D 201 -22.21 25.47 -35.82
N GLY D 202 -22.22 26.69 -36.36
CA GLY D 202 -23.45 27.30 -36.80
C GLY D 202 -24.06 26.62 -38.01
N LEU D 203 -23.25 25.97 -38.83
CA LEU D 203 -23.74 25.29 -40.02
C LEU D 203 -24.01 23.82 -39.72
N SER D 204 -25.17 23.33 -40.20
CA SER D 204 -25.53 21.94 -39.98
C SER D 204 -24.67 21.01 -40.83
N SER D 205 -24.40 21.40 -42.08
CA SER D 205 -23.57 20.62 -42.99
C SER D 205 -22.25 21.33 -43.25
N PRO D 206 -21.16 20.58 -43.44
CA PRO D 206 -19.88 21.23 -43.72
C PRO D 206 -19.89 21.90 -45.09
N VAL D 207 -19.49 23.18 -45.11
CA VAL D 207 -19.50 23.95 -46.35
C VAL D 207 -18.21 23.69 -47.12
N THR D 208 -18.28 23.92 -48.44
CA THR D 208 -17.13 23.73 -49.31
C THR D 208 -17.20 24.77 -50.42
N LYS D 209 -16.03 25.28 -50.82
CA LYS D 209 -15.93 26.30 -51.86
C LYS D 209 -14.82 25.90 -52.82
N SER D 210 -15.20 25.37 -53.98
CA SER D 210 -14.26 24.98 -55.01
C SER D 210 -14.31 25.97 -56.17
N PHE D 211 -13.29 25.90 -57.02
CA PHE D 211 -13.20 26.80 -58.17
C PHE D 211 -12.26 26.18 -59.19
N ASN D 212 -12.65 26.24 -60.46
CA ASN D 212 -11.81 25.78 -61.56
C ASN D 212 -10.89 26.91 -62.02
N ARG D 213 -9.61 26.59 -62.21
CA ARG D 213 -8.63 27.56 -62.65
C ARG D 213 -8.92 28.11 -64.05
N GLY D 214 -9.62 27.34 -64.89
CA GLY D 214 -9.94 27.80 -66.22
C GLY D 214 -11.02 28.86 -66.23
N GLU D 215 -12.19 28.52 -65.68
CA GLU D 215 -13.31 29.45 -65.64
C GLU D 215 -13.07 30.58 -64.62
N PRO E 1 -13.54 63.16 23.01
CA PRO E 1 -13.95 62.30 21.90
C PRO E 1 -14.21 63.09 20.62
N LEU E 2 -15.15 64.03 20.67
CA LEU E 2 -15.51 64.87 19.52
C LEU E 2 -15.81 64.02 18.29
N ILE E 3 -16.79 63.13 18.43
CA ILE E 3 -17.10 62.19 17.37
C ILE E 3 -17.63 62.93 16.17
N LEU E 4 -16.94 62.83 15.04
CA LEU E 4 -17.35 63.43 13.78
C LEU E 4 -17.97 62.32 12.92
N ARG E 5 -19.30 62.27 12.91
CA ARG E 5 -20.02 61.26 12.15
C ARG E 5 -20.08 61.66 10.67
N ASP E 6 -19.51 60.82 9.81
CA ASP E 6 -19.56 60.97 8.35
C ASP E 6 -18.71 62.13 7.85
N CYS E 7 -19.13 63.36 8.17
CA CYS E 7 -18.47 64.55 7.62
C CYS E 7 -16.99 64.58 8.00
N SER E 8 -16.15 64.86 7.02
CA SER E 8 -14.71 64.88 7.23
C SER E 8 -14.31 66.07 8.10
N VAL E 9 -13.13 65.96 8.70
CA VAL E 9 -12.63 67.02 9.57
C VAL E 9 -12.56 68.34 8.81
N ALA E 10 -12.14 68.30 7.55
CA ALA E 10 -12.10 69.51 6.74
C ALA E 10 -13.51 70.01 6.44
N GLY E 11 -14.41 69.09 6.06
CA GLY E 11 -15.75 69.49 5.69
C GLY E 11 -16.55 70.07 6.83
N TRP E 12 -16.34 69.54 8.05
CA TRP E 12 -17.10 70.01 9.21
C TRP E 12 -16.80 71.47 9.52
N LEU E 13 -15.54 71.87 9.39
CA LEU E 13 -15.17 73.26 9.68
C LEU E 13 -15.84 74.23 8.71
N LEU E 14 -15.92 73.85 7.44
CA LEU E 14 -16.59 74.69 6.44
C LEU E 14 -18.09 74.48 6.40
N GLY E 15 -18.60 73.44 7.06
CA GLY E 15 -20.03 73.21 7.10
C GLY E 15 -20.61 72.76 5.76
N ASN E 16 -20.36 71.52 5.38
CA ASN E 16 -20.94 70.99 4.15
C ASN E 16 -22.44 70.83 4.32
N PRO E 17 -23.25 71.31 3.37
CA PRO E 17 -24.71 71.21 3.52
C PRO E 17 -25.24 69.78 3.54
N MET E 18 -24.42 68.80 3.20
CA MET E 18 -24.87 67.41 3.20
C MET E 18 -25.18 66.92 4.61
N CYS E 19 -24.25 67.08 5.53
CA CYS E 19 -24.47 66.66 6.91
C CYS E 19 -24.90 67.84 7.76
N GLU E 27 -18.16 71.40 22.21
CA GLU E 27 -17.76 70.99 23.56
C GLU E 27 -16.26 70.70 23.62
N TRP E 28 -15.85 70.03 24.69
CA TRP E 28 -14.44 69.69 24.85
C TRP E 28 -14.05 68.56 23.89
N SER E 29 -12.75 68.46 23.63
CA SER E 29 -12.23 67.45 22.71
C SER E 29 -10.86 67.01 23.19
N TYR E 30 -10.61 65.71 23.11
CA TYR E 30 -9.32 65.14 23.48
C TYR E 30 -8.77 64.31 22.33
N ILE E 31 -9.59 63.43 21.77
CA ILE E 31 -9.22 62.64 20.61
C ILE E 31 -10.07 63.10 19.42
N VAL E 32 -9.72 62.61 18.24
CA VAL E 32 -10.42 62.94 17.01
C VAL E 32 -10.79 61.64 16.30
N GLU E 33 -12.09 61.43 16.09
CA GLU E 33 -12.60 60.22 15.46
C GLU E 33 -13.23 60.59 14.13
N LYS E 34 -12.55 60.26 13.04
CA LYS E 34 -13.03 60.56 11.70
C LYS E 34 -12.96 59.30 10.86
N ALA E 35 -14.08 58.92 10.26
CA ALA E 35 -14.11 57.81 9.34
C ALA E 35 -13.52 58.21 7.99
N ASN E 36 -13.24 57.21 7.17
CA ASN E 36 -12.67 57.46 5.86
C ASN E 36 -13.72 58.05 4.94
N PRO E 37 -13.36 59.06 4.12
CA PRO E 37 -14.28 59.60 3.10
C PRO E 37 -15.61 60.10 3.65
N VAL E 38 -16.70 59.61 3.07
CA VAL E 38 -18.07 60.04 3.32
C VAL E 38 -18.29 61.42 2.70
N ASN E 39 -18.82 62.35 3.50
CA ASN E 39 -19.28 63.64 2.98
C ASN E 39 -18.13 64.45 2.40
N ASP E 40 -17.11 64.73 3.22
CA ASP E 40 -15.93 65.47 2.79
C ASP E 40 -16.30 66.86 2.27
N LEU E 41 -15.39 67.48 1.52
CA LEU E 41 -15.69 68.76 0.90
C LEU E 41 -16.44 68.55 -0.40
N CYS E 42 -17.51 69.30 -0.60
CA CYS E 42 -18.38 69.14 -1.76
C CYS E 42 -17.66 69.50 -3.05
N TYR E 43 -17.48 70.80 -3.28
CA TYR E 43 -16.83 71.24 -4.50
C TYR E 43 -15.38 70.72 -4.53
N PRO E 44 -14.91 70.22 -5.67
CA PRO E 44 -13.58 69.61 -5.70
C PRO E 44 -12.49 70.64 -5.42
N GLY E 45 -11.52 70.22 -4.60
CA GLY E 45 -10.44 71.11 -4.23
C GLY E 45 -9.59 70.48 -3.13
N ASP E 46 -8.79 71.32 -2.48
CA ASP E 46 -7.88 70.87 -1.43
C ASP E 46 -7.94 71.86 -0.28
N PHE E 47 -7.14 71.58 0.74
CA PHE E 47 -7.04 72.43 1.93
C PHE E 47 -5.56 72.66 2.21
N ASN E 48 -5.08 73.88 1.95
CA ASN E 48 -3.67 74.18 2.13
C ASN E 48 -3.28 74.04 3.61
N ASP E 49 -2.14 73.40 3.84
CA ASP E 49 -1.64 73.12 5.19
C ASP E 49 -2.69 72.35 6.00
N TYR E 50 -3.14 71.23 5.44
CA TYR E 50 -4.17 70.43 6.09
C TYR E 50 -3.62 69.77 7.36
N GLU E 51 -2.40 69.25 7.31
CA GLU E 51 -1.83 68.56 8.46
C GLU E 51 -1.56 69.52 9.61
N GLU E 52 -1.29 70.80 9.32
CA GLU E 52 -1.08 71.77 10.39
C GLU E 52 -2.38 72.10 11.10
N LEU E 53 -3.50 72.16 10.35
CA LEU E 53 -4.78 72.46 10.95
C LEU E 53 -5.36 71.26 11.68
N LYS E 54 -4.98 70.05 11.29
CA LYS E 54 -5.49 68.85 11.95
C LYS E 54 -4.81 68.62 13.29
N HIS E 55 -3.49 68.86 13.37
CA HIS E 55 -2.79 68.66 14.63
C HIS E 55 -3.15 69.73 15.65
N LEU E 56 -3.44 70.95 15.21
CA LEU E 56 -3.78 72.01 16.15
C LEU E 56 -5.20 71.85 16.68
N LEU E 57 -6.08 71.25 15.89
CA LEU E 57 -7.47 71.03 16.29
C LEU E 57 -7.66 69.77 17.11
N SER E 58 -6.57 69.10 17.50
CA SER E 58 -6.68 67.89 18.30
C SER E 58 -7.07 68.21 19.74
N ARG E 59 -6.35 69.14 20.38
CA ARG E 59 -6.62 69.55 21.75
C ARG E 59 -7.44 70.84 21.68
N ILE E 60 -8.75 70.70 21.73
CA ILE E 60 -9.67 71.83 21.64
C ILE E 60 -10.02 72.27 23.05
N ASN E 61 -9.55 73.47 23.44
CA ASN E 61 -9.88 74.01 24.74
C ASN E 61 -11.32 74.53 24.76
N HIS E 62 -11.66 75.40 23.82
CA HIS E 62 -13.01 75.91 23.68
C HIS E 62 -13.25 76.25 22.22
N PHE E 63 -14.37 75.81 21.67
CA PHE E 63 -14.67 75.95 20.26
C PHE E 63 -16.07 76.49 20.08
N GLU E 64 -16.20 77.61 19.37
CA GLU E 64 -17.50 78.23 19.14
C GLU E 64 -17.45 79.01 17.83
N LYS E 65 -18.56 79.00 17.10
CA LYS E 65 -18.66 79.69 15.82
C LYS E 65 -19.27 81.06 16.03
N ILE E 66 -18.51 82.10 15.70
CA ILE E 66 -18.95 83.49 15.82
C ILE E 66 -18.98 84.09 14.42
N GLN E 67 -20.11 84.72 14.08
CA GLN E 67 -20.26 85.34 12.77
C GLN E 67 -19.28 86.49 12.61
N ILE E 68 -18.59 86.52 11.46
CA ILE E 68 -17.62 87.57 11.17
C ILE E 68 -18.27 88.59 10.24
N ILE E 69 -17.75 88.70 9.03
CA ILE E 69 -18.32 89.58 8.01
C ILE E 69 -19.68 89.01 7.63
N PRO E 70 -20.78 89.59 8.13
CA PRO E 70 -22.10 88.99 7.87
C PRO E 70 -22.44 89.00 6.39
N LYS E 71 -23.21 87.99 5.98
CA LYS E 71 -23.52 87.82 4.56
C LYS E 71 -24.37 88.97 4.03
N SER E 72 -25.15 89.62 4.89
CA SER E 72 -26.04 90.68 4.43
C SER E 72 -25.26 91.90 3.95
N SER E 73 -24.06 92.12 4.50
CA SER E 73 -23.36 93.37 4.29
C SER E 73 -22.72 93.49 2.91
N TRP E 74 -22.69 92.42 2.12
CA TRP E 74 -22.04 92.45 0.81
C TRP E 74 -22.97 93.07 -0.23
N SER E 75 -23.38 94.32 0.06
CA SER E 75 -24.37 95.00 -0.77
C SER E 75 -23.80 95.40 -2.12
N SER E 76 -22.52 95.73 -2.20
CA SER E 76 -21.93 96.10 -3.47
C SER E 76 -21.88 94.93 -4.44
N HIS E 77 -21.83 93.70 -3.92
CA HIS E 77 -21.77 92.50 -4.73
C HIS E 77 -23.10 91.75 -4.63
N GLU E 78 -23.13 90.56 -5.24
CA GLU E 78 -24.30 89.69 -5.23
C GLU E 78 -23.83 88.27 -4.94
N ALA E 79 -24.09 87.78 -3.74
CA ALA E 79 -23.64 86.46 -3.32
C ALA E 79 -24.79 85.52 -2.94
N SER E 80 -26.04 85.95 -3.10
CA SER E 80 -27.16 85.09 -2.74
C SER E 80 -27.33 83.93 -3.71
N LEU E 81 -26.93 84.11 -4.97
CA LEU E 81 -27.07 83.08 -5.98
C LEU E 81 -25.83 82.19 -6.09
N GLY E 82 -24.77 82.47 -5.33
CA GLY E 82 -23.55 81.70 -5.41
C GLY E 82 -23.70 80.29 -4.88
N VAL E 83 -24.37 79.43 -5.63
CA VAL E 83 -24.58 78.05 -5.24
C VAL E 83 -23.97 77.13 -6.30
N SER E 84 -23.74 75.89 -5.92
CA SER E 84 -23.17 74.88 -6.80
C SER E 84 -24.07 73.64 -6.81
N SER E 85 -24.23 73.06 -7.99
CA SER E 85 -25.04 71.86 -8.13
C SER E 85 -24.37 70.62 -7.54
N ALA E 86 -23.07 70.68 -7.26
CA ALA E 86 -22.40 69.52 -6.66
C ALA E 86 -22.83 69.31 -5.22
N CYS E 87 -23.21 70.37 -4.51
CA CYS E 87 -23.65 70.26 -3.13
C CYS E 87 -25.17 70.25 -3.09
N PRO E 88 -25.81 69.11 -2.82
CA PRO E 88 -27.28 69.03 -2.76
C PRO E 88 -27.86 69.64 -1.50
N SER E 94 -26.77 74.24 -3.47
CA SER E 94 -26.38 75.13 -2.39
C SER E 94 -24.88 75.15 -2.20
N PHE E 95 -24.39 76.02 -1.32
CA PHE E 95 -22.98 76.15 -1.01
C PHE E 95 -22.80 76.03 0.51
N PHE E 96 -21.54 76.04 0.95
CA PHE E 96 -21.22 75.92 2.35
C PHE E 96 -21.89 77.03 3.16
N ARG E 97 -22.15 76.75 4.43
CA ARG E 97 -22.81 77.72 5.31
C ARG E 97 -21.82 78.66 5.97
N ASN E 98 -20.59 78.22 6.23
CA ASN E 98 -19.60 79.05 6.89
C ASN E 98 -18.91 80.02 5.95
N VAL E 99 -19.16 79.93 4.64
CA VAL E 99 -18.53 80.81 3.66
C VAL E 99 -19.55 81.15 2.59
N VAL E 100 -19.35 82.32 1.97
CA VAL E 100 -20.22 82.79 0.90
C VAL E 100 -19.42 82.83 -0.40
N TRP E 101 -20.15 82.89 -1.51
CA TRP E 101 -19.55 82.90 -2.84
C TRP E 101 -19.97 84.20 -3.52
N LEU E 102 -19.05 85.16 -3.59
CA LEU E 102 -19.34 86.47 -4.15
C LEU E 102 -19.34 86.40 -5.67
N ILE E 103 -20.45 86.83 -6.28
CA ILE E 103 -20.58 86.91 -7.73
C ILE E 103 -20.81 88.36 -8.11
N LYS E 104 -20.52 88.66 -9.38
CA LYS E 104 -20.64 90.03 -9.86
C LYS E 104 -22.11 90.43 -10.02
N LYS E 105 -22.41 91.67 -9.68
CA LYS E 105 -23.75 92.22 -9.81
C LYS E 105 -23.84 93.06 -11.09
N ASN E 106 -24.95 92.92 -11.80
CA ASN E 106 -25.18 93.61 -13.07
C ASN E 106 -24.06 93.30 -14.06
N SER E 107 -23.09 94.21 -14.17
CA SER E 107 -21.97 94.02 -15.09
C SER E 107 -20.67 94.57 -14.52
N THR E 108 -20.55 94.71 -13.20
CA THR E 108 -19.36 95.26 -12.58
C THR E 108 -19.04 94.47 -11.32
N TYR E 109 -17.74 94.32 -11.06
CA TYR E 109 -17.25 93.65 -9.85
C TYR E 109 -16.19 94.56 -9.24
N PRO E 110 -16.61 95.52 -8.41
CA PRO E 110 -15.65 96.44 -7.79
C PRO E 110 -14.70 95.72 -6.84
N THR E 111 -13.51 96.27 -6.70
CA THR E 111 -12.50 95.69 -5.82
C THR E 111 -12.94 95.83 -4.37
N ILE E 112 -13.11 94.70 -3.69
CA ILE E 112 -13.53 94.70 -2.29
C ILE E 112 -12.32 94.93 -1.40
N LYS E 113 -12.43 95.88 -0.47
CA LYS E 113 -11.37 96.20 0.47
C LYS E 113 -11.94 96.13 1.89
N ARG E 114 -12.29 94.92 2.31
CA ARG E 114 -12.89 94.68 3.62
C ARG E 114 -11.85 94.15 4.59
N SER E 115 -11.94 94.60 5.85
CA SER E 115 -11.05 94.14 6.90
C SER E 115 -11.85 93.88 8.16
N TYR E 116 -11.30 93.04 9.03
CA TYR E 116 -11.96 92.66 10.27
C TYR E 116 -11.00 92.82 11.43
N ASN E 117 -11.51 93.34 12.55
CA ASN E 117 -10.74 93.55 13.76
C ASN E 117 -11.16 92.52 14.80
N ASN E 118 -10.18 91.85 15.41
CA ASN E 118 -10.44 90.83 16.41
C ASN E 118 -11.11 91.42 17.64
N THR E 119 -12.42 91.30 17.73
CA THR E 119 -13.19 91.83 18.85
C THR E 119 -13.44 90.80 19.95
N ASN E 120 -12.99 89.57 19.75
CA ASN E 120 -13.16 88.51 20.75
C ASN E 120 -11.89 88.38 21.59
N GLN E 121 -12.09 88.00 22.86
CA GLN E 121 -10.97 87.81 23.77
C GLN E 121 -10.19 86.54 23.47
N GLU E 122 -10.85 85.51 22.96
CA GLU E 122 -10.19 84.26 22.62
C GLU E 122 -9.63 84.31 21.21
N ASP E 123 -8.75 83.35 20.90
CA ASP E 123 -8.16 83.27 19.58
C ASP E 123 -9.22 82.88 18.54
N LEU E 124 -9.13 83.48 17.37
CA LEU E 124 -10.06 83.22 16.28
C LEU E 124 -9.30 82.63 15.09
N LEU E 125 -9.98 81.75 14.37
CA LEU E 125 -9.42 81.08 13.19
C LEU E 125 -10.32 81.39 11.99
N VAL E 126 -9.81 82.19 11.06
CA VAL E 126 -10.54 82.58 9.86
C VAL E 126 -10.13 81.67 8.72
N LEU E 127 -11.11 81.27 7.91
CA LEU E 127 -10.88 80.38 6.77
C LEU E 127 -11.51 80.98 5.53
N TRP E 128 -10.72 81.11 4.47
CA TRP E 128 -11.18 81.66 3.21
C TRP E 128 -10.72 80.75 2.06
N GLY E 129 -11.03 81.15 0.84
CA GLY E 129 -10.66 80.35 -0.32
C GLY E 129 -10.75 81.15 -1.59
N ILE E 130 -10.31 80.52 -2.68
CA ILE E 130 -10.34 81.12 -4.00
C ILE E 130 -11.00 80.14 -4.96
N HIS E 131 -11.87 80.66 -5.83
CA HIS E 131 -12.62 79.85 -6.79
C HIS E 131 -11.94 79.91 -8.15
N HIS E 132 -11.81 78.76 -8.79
CA HIS E 132 -11.22 78.71 -10.12
C HIS E 132 -12.29 78.62 -11.19
N PRO E 133 -12.11 79.29 -12.31
CA PRO E 133 -13.11 79.23 -13.39
C PRO E 133 -12.96 77.98 -14.24
N ASN E 134 -14.08 77.61 -14.86
CA ASN E 134 -14.09 76.43 -15.74
C ASN E 134 -13.26 76.69 -17.00
N ASP E 135 -13.60 77.75 -17.73
CA ASP E 135 -12.88 78.13 -18.94
C ASP E 135 -12.57 79.61 -18.88
N ALA E 136 -11.92 80.11 -19.93
CA ALA E 136 -11.56 81.53 -19.98
C ALA E 136 -12.80 82.40 -20.08
N ALA E 137 -13.82 81.95 -20.83
CA ALA E 137 -15.07 82.69 -20.94
C ALA E 137 -15.93 82.60 -19.69
N GLU E 138 -15.69 81.61 -18.83
CA GLU E 138 -16.49 81.47 -17.62
C GLU E 138 -16.15 82.54 -16.60
N GLN E 139 -14.91 83.02 -16.59
CA GLN E 139 -14.51 84.06 -15.64
C GLN E 139 -15.26 85.36 -15.90
N THR E 140 -15.54 85.66 -17.17
CA THR E 140 -16.28 86.88 -17.49
C THR E 140 -17.73 86.77 -17.03
N LYS E 141 -18.32 85.57 -17.12
CA LYS E 141 -19.70 85.40 -16.70
C LYS E 141 -19.85 85.50 -15.18
N LEU E 142 -18.82 85.14 -14.43
CA LEU E 142 -18.88 85.15 -12.97
C LEU E 142 -18.25 86.40 -12.37
N TYR E 143 -16.96 86.62 -12.64
CA TYR E 143 -16.22 87.71 -12.02
C TYR E 143 -16.03 88.91 -12.94
N GLN E 144 -16.51 88.84 -14.18
CA GLN E 144 -16.44 89.93 -15.13
C GLN E 144 -15.00 90.33 -15.44
N ASN E 145 -14.27 90.80 -14.43
CA ASN E 145 -12.88 91.21 -14.62
C ASN E 145 -12.02 90.01 -15.00
N PRO E 146 -11.30 90.07 -16.12
CA PRO E 146 -10.48 88.93 -16.53
C PRO E 146 -9.35 88.63 -15.55
N THR E 147 -8.45 89.60 -15.37
CA THR E 147 -7.31 89.44 -14.46
C THR E 147 -7.77 89.77 -13.04
N THR E 148 -7.82 88.75 -12.18
CA THR E 148 -8.25 88.91 -10.81
C THR E 148 -7.17 88.39 -9.87
N TYR E 149 -7.32 88.70 -8.59
CA TYR E 149 -6.38 88.27 -7.58
C TYR E 149 -7.08 88.23 -6.22
N ILE E 150 -6.46 87.54 -5.28
CA ILE E 150 -6.96 87.41 -3.91
C ILE E 150 -5.82 87.70 -2.96
N SER E 151 -5.92 88.80 -2.22
CA SER E 151 -4.88 89.23 -1.31
C SER E 151 -5.43 89.21 0.12
N VAL E 152 -4.81 88.40 0.98
CA VAL E 152 -5.19 88.30 2.38
C VAL E 152 -4.04 88.80 3.23
N GLY E 153 -4.32 89.75 4.12
CA GLY E 153 -3.29 90.31 4.98
C GLY E 153 -3.66 90.29 6.44
N THR E 154 -2.75 89.78 7.28
CA THR E 154 -2.95 89.70 8.71
C THR E 154 -1.74 90.30 9.41
N SER E 155 -1.75 90.26 10.75
CA SER E 155 -0.64 90.80 11.52
C SER E 155 0.60 89.93 11.39
N THR E 156 0.43 88.63 11.13
CA THR E 156 1.54 87.70 11.01
C THR E 156 1.56 86.98 9.66
N LEU E 157 0.67 87.34 8.74
CA LEU E 157 0.60 86.68 7.44
C LEU E 157 0.22 87.70 6.37
N ASN E 158 0.95 87.67 5.26
CA ASN E 158 0.66 88.51 4.10
C ASN E 158 0.68 87.62 2.87
N GLN E 159 -0.50 87.24 2.39
CA GLN E 159 -0.63 86.30 1.29
C GLN E 159 -1.31 86.96 0.10
N ARG E 160 -0.96 86.48 -1.09
CA ARG E 160 -1.55 86.94 -2.34
C ARG E 160 -1.78 85.73 -3.24
N LEU E 161 -3.04 85.42 -3.54
CA LEU E 161 -3.41 84.26 -4.34
C LEU E 161 -3.95 84.72 -5.69
N VAL E 162 -3.41 84.15 -6.75
CA VAL E 162 -3.85 84.41 -8.12
C VAL E 162 -4.47 83.14 -8.67
N PRO E 163 -5.72 83.17 -9.13
CA PRO E 163 -6.36 81.93 -9.61
C PRO E 163 -5.78 81.49 -10.95
N ARG E 164 -5.65 80.17 -11.09
CA ARG E 164 -5.16 79.57 -12.33
C ARG E 164 -6.34 78.99 -13.10
N ILE E 165 -6.44 79.34 -14.38
CA ILE E 165 -7.54 78.92 -15.24
C ILE E 165 -7.03 77.86 -16.20
N ALA E 166 -7.67 76.70 -16.19
CA ALA E 166 -7.33 75.61 -17.09
C ALA E 166 -8.47 74.60 -17.08
N THR E 167 -8.80 74.08 -18.26
CA THR E 167 -9.90 73.12 -18.39
C THR E 167 -9.48 71.79 -17.76
N ARG E 168 -10.02 71.49 -16.59
CA ARG E 168 -9.73 70.26 -15.87
C ARG E 168 -10.86 69.25 -16.06
N SER E 169 -10.53 67.99 -15.83
CA SER E 169 -11.51 66.92 -15.95
C SER E 169 -12.59 67.06 -14.90
N LYS E 170 -13.80 66.61 -15.24
CA LYS E 170 -14.94 66.74 -14.34
C LYS E 170 -14.74 65.86 -13.11
N VAL E 171 -14.77 66.45 -11.93
CA VAL E 171 -14.63 65.74 -10.67
C VAL E 171 -15.82 66.09 -9.79
N ASN E 172 -16.52 65.07 -9.29
CA ASN E 172 -17.70 65.23 -8.45
C ASN E 172 -18.81 66.00 -9.15
N GLY E 173 -18.82 65.99 -10.49
CA GLY E 173 -19.88 66.63 -11.24
C GLY E 173 -19.43 67.75 -12.15
N GLN E 174 -18.51 68.59 -11.69
CA GLN E 174 -18.09 69.76 -12.43
C GLN E 174 -16.57 69.77 -12.61
N SER E 175 -16.10 70.74 -13.40
CA SER E 175 -14.68 70.84 -13.74
C SER E 175 -13.92 71.85 -12.89
N GLY E 176 -14.58 72.92 -12.46
CA GLY E 176 -13.90 73.92 -11.66
C GLY E 176 -13.48 73.39 -10.31
N ARG E 177 -12.55 74.11 -9.68
CA ARG E 177 -12.00 73.71 -8.40
C ARG E 177 -11.91 74.93 -7.49
N MET E 178 -11.59 74.68 -6.21
CA MET E 178 -11.44 75.72 -5.21
C MET E 178 -10.29 75.38 -4.28
N GLU E 179 -9.45 76.35 -4.00
CA GLU E 179 -8.32 76.20 -3.09
C GLU E 179 -8.56 77.06 -1.85
N PHE E 180 -8.70 76.42 -0.70
CA PHE E 180 -9.00 77.11 0.55
C PHE E 180 -7.73 77.36 1.35
N PHE E 181 -7.81 78.37 2.22
CA PHE E 181 -6.71 78.74 3.10
C PHE E 181 -7.27 79.08 4.48
N TRP E 182 -6.36 79.27 5.43
CA TRP E 182 -6.75 79.55 6.80
C TRP E 182 -5.58 80.20 7.53
N THR E 183 -5.92 80.92 8.61
CA THR E 183 -4.90 81.59 9.41
C THR E 183 -5.51 81.93 10.77
N ILE E 184 -4.77 81.66 11.83
CA ILE E 184 -5.23 81.98 13.18
C ILE E 184 -4.93 83.45 13.47
N LEU E 185 -5.94 84.17 13.96
CA LEU E 185 -5.82 85.59 14.23
C LEU E 185 -5.87 85.81 15.74
N LYS E 186 -4.75 86.24 16.31
CA LYS E 186 -4.69 86.55 17.73
C LYS E 186 -5.49 87.81 18.02
N PRO E 187 -5.90 88.01 19.28
CA PRO E 187 -6.59 89.24 19.65
C PRO E 187 -5.74 90.47 19.38
N ASN E 188 -6.41 91.61 19.26
CA ASN E 188 -5.82 92.91 18.95
C ASN E 188 -5.17 92.96 17.58
N ASP E 189 -5.32 91.91 16.77
CA ASP E 189 -4.82 91.89 15.41
C ASP E 189 -5.97 92.10 14.44
N ALA E 190 -5.65 92.11 13.14
CA ALA E 190 -6.66 92.36 12.12
C ALA E 190 -6.34 91.56 10.87
N ILE E 191 -7.38 91.19 10.14
CA ILE E 191 -7.25 90.47 8.88
C ILE E 191 -7.78 91.37 7.78
N ASN E 192 -6.90 91.75 6.85
CA ASN E 192 -7.25 92.61 5.74
C ASN E 192 -7.43 91.78 4.48
N PHE E 193 -8.56 92.00 3.80
CA PHE E 193 -8.90 91.26 2.59
C PHE E 193 -9.01 92.23 1.40
N GLU E 194 -8.54 91.79 0.24
CA GLU E 194 -8.65 92.58 -0.98
C GLU E 194 -8.62 91.63 -2.17
N SER E 195 -9.71 91.61 -2.94
CA SER E 195 -9.81 90.73 -4.09
C SER E 195 -10.52 91.46 -5.22
N ASN E 196 -10.22 91.04 -6.45
CA ASN E 196 -10.80 91.66 -7.64
C ASN E 196 -11.72 90.71 -8.42
N GLY E 197 -11.91 89.48 -7.95
CA GLY E 197 -12.76 88.53 -8.62
C GLY E 197 -12.45 87.09 -8.30
N ASN E 198 -13.47 86.23 -8.38
CA ASN E 198 -13.33 84.80 -8.08
C ASN E 198 -12.75 84.59 -6.68
N PHE E 199 -13.49 85.07 -5.68
CA PHE E 199 -13.07 85.04 -4.29
C PHE E 199 -14.17 84.44 -3.43
N ILE E 200 -13.81 83.41 -2.66
CA ILE E 200 -14.76 82.79 -1.74
C ILE E 200 -14.87 83.67 -0.49
N ALA E 201 -16.05 84.19 -0.26
CA ALA E 201 -16.26 85.13 0.84
C ALA E 201 -16.48 84.39 2.15
N PRO E 202 -15.63 84.59 3.17
CA PRO E 202 -15.88 83.94 4.46
C PRO E 202 -16.90 84.73 5.27
N GLU E 203 -17.90 84.03 5.81
CA GLU E 203 -18.92 84.63 6.65
C GLU E 203 -18.74 84.30 8.12
N TYR E 204 -18.62 83.02 8.47
CA TYR E 204 -18.48 82.60 9.85
C TYR E 204 -17.00 82.41 10.21
N ALA E 205 -16.72 82.46 11.51
CA ALA E 205 -15.39 82.25 12.04
C ALA E 205 -15.48 81.49 13.36
N TYR E 206 -14.42 80.74 13.66
CA TYR E 206 -14.37 79.92 14.86
C TYR E 206 -13.47 80.56 15.91
N LYS E 207 -13.89 80.50 17.16
CA LYS E 207 -13.12 81.02 18.28
C LYS E 207 -12.45 79.88 19.02
N ILE E 208 -11.11 79.86 19.01
CA ILE E 208 -10.36 78.79 19.66
C ILE E 208 -10.02 79.17 21.09
N GLU F 1 1.69 27.82 34.34
CA GLU F 1 3.04 28.16 34.77
C GLU F 1 3.97 28.29 33.57
N VAL F 2 3.39 28.50 32.39
CA VAL F 2 4.17 28.67 31.16
C VAL F 2 4.73 30.08 31.11
N GLN F 3 5.88 30.29 31.76
CA GLN F 3 6.51 31.59 31.84
C GLN F 3 7.93 31.54 31.32
N LEU F 4 8.48 32.71 31.03
CA LEU F 4 9.85 32.86 30.56
C LEU F 4 10.63 33.76 31.50
N VAL F 5 11.91 33.47 31.65
CA VAL F 5 12.80 34.21 32.53
C VAL F 5 13.94 34.77 31.68
N GLU F 6 13.85 36.05 31.33
CA GLU F 6 14.88 36.71 30.55
C GLU F 6 15.94 37.28 31.50
N SER F 7 17.18 36.85 31.33
CA SER F 7 18.28 37.28 32.19
C SER F 7 19.50 37.58 31.35
N GLY F 8 20.43 38.34 31.94
CA GLY F 8 21.68 38.71 31.28
C GLY F 8 21.87 40.20 31.06
N GLY F 9 20.94 41.05 31.48
CA GLY F 9 21.09 42.47 31.26
C GLY F 9 22.12 43.09 32.18
N GLY F 10 22.65 44.23 31.75
CA GLY F 10 23.65 44.93 32.53
C GLY F 10 24.20 46.12 31.76
N LEU F 11 25.34 46.61 32.22
CA LEU F 11 26.01 47.76 31.62
C LEU F 11 27.12 47.28 30.70
N VAL F 12 27.22 47.92 29.53
CA VAL F 12 28.23 47.58 28.53
C VAL F 12 28.78 48.88 27.94
N GLN F 13 30.10 48.94 27.80
CA GLN F 13 30.73 50.11 27.20
C GLN F 13 30.39 50.17 25.71
N PRO F 14 30.43 51.38 25.11
CA PRO F 14 30.16 51.50 23.67
C PRO F 14 31.11 50.66 22.83
N GLY F 15 30.67 49.48 22.41
CA GLY F 15 31.48 48.55 21.65
C GLY F 15 31.62 47.18 22.28
N GLY F 16 31.24 47.01 23.54
CA GLY F 16 31.34 45.72 24.19
C GLY F 16 30.30 44.73 23.70
N SER F 17 30.34 43.54 24.27
CA SER F 17 29.45 42.45 23.89
C SER F 17 28.63 42.01 25.09
N LEU F 18 27.42 41.53 24.80
CA LEU F 18 26.52 41.00 25.82
C LEU F 18 25.81 39.78 25.26
N ARG F 19 25.43 38.87 26.16
CA ARG F 19 24.75 37.63 25.80
C ARG F 19 23.54 37.45 26.71
N LEU F 20 22.35 37.66 26.15
CA LEU F 20 21.11 37.48 26.89
C LEU F 20 20.69 36.03 26.87
N SER F 21 20.16 35.55 27.99
CA SER F 21 19.75 34.16 28.15
C SER F 21 18.29 34.12 28.58
N CYS F 22 17.44 33.49 27.77
CA CYS F 22 16.03 33.32 28.07
C CYS F 22 15.77 31.84 28.37
N ALA F 23 15.24 31.57 29.55
CA ALA F 23 14.99 30.20 29.99
C ALA F 23 13.50 29.88 29.86
N ALA F 24 13.20 28.81 29.12
CA ALA F 24 11.83 28.37 28.94
C ALA F 24 11.47 27.34 30.00
N SER F 25 10.24 27.42 30.51
CA SER F 25 9.79 26.52 31.57
C SER F 25 8.30 26.27 31.41
N GLY F 26 7.91 25.00 31.45
CA GLY F 26 6.51 24.63 31.37
C GLY F 26 6.09 24.08 30.02
N PHE F 27 6.06 24.94 29.01
CA PHE F 27 5.64 24.54 27.68
C PHE F 27 6.76 23.82 26.95
N THR F 28 6.39 23.04 25.94
CA THR F 28 7.37 22.37 25.10
C THR F 28 8.12 23.39 24.24
N PHE F 29 9.45 23.37 24.35
CA PHE F 29 10.25 24.45 23.77
C PHE F 29 10.43 24.28 22.26
N SER F 30 10.76 23.07 21.81
CA SER F 30 11.11 22.86 20.41
C SER F 30 9.93 23.03 19.46
N THR F 31 8.73 23.24 19.98
CA THR F 31 7.54 23.33 19.12
C THR F 31 7.18 24.77 18.75
N TYR F 32 7.67 25.75 19.49
CA TYR F 32 7.27 27.14 19.30
C TYR F 32 8.40 27.96 18.68
N TRP F 33 8.04 29.12 18.16
CA TRP F 33 9.00 30.12 17.72
C TRP F 33 9.41 31.00 18.90
N MET F 34 10.53 31.69 18.74
CA MET F 34 11.04 32.60 19.75
C MET F 34 11.40 33.92 19.09
N THR F 35 10.85 35.02 19.62
CA THR F 35 11.06 36.34 19.06
C THR F 35 11.41 37.32 20.17
N TRP F 36 12.48 38.08 19.97
CA TRP F 36 12.89 39.11 20.90
C TRP F 36 12.25 40.45 20.54
N VAL F 37 11.95 41.25 21.56
CA VAL F 37 11.39 42.57 21.39
C VAL F 37 11.96 43.48 22.48
N ARG F 38 12.43 44.66 22.07
CA ARG F 38 13.05 45.60 22.99
C ARG F 38 12.21 46.88 23.08
N GLN F 39 12.40 47.61 24.17
CA GLN F 39 11.64 48.82 24.44
C GLN F 39 12.61 49.90 24.95
N ALA F 40 12.79 50.95 24.15
CA ALA F 40 13.63 52.05 24.57
C ALA F 40 13.01 52.78 25.76
N PRO F 41 13.83 53.43 26.60
CA PRO F 41 13.27 54.15 27.76
C PRO F 41 12.33 55.27 27.37
N GLY F 42 11.04 55.08 27.61
CA GLY F 42 10.02 56.06 27.28
C GLY F 42 9.46 55.95 25.89
N LYS F 43 10.05 55.14 25.01
CA LYS F 43 9.58 54.98 23.65
C LYS F 43 8.75 53.71 23.52
N GLY F 44 8.23 53.49 22.32
CA GLY F 44 7.42 52.32 22.07
C GLY F 44 8.25 51.06 21.95
N LEU F 45 7.55 49.93 21.89
CA LEU F 45 8.19 48.63 21.79
C LEU F 45 8.70 48.39 20.37
N GLU F 46 9.90 47.82 20.25
CA GLU F 46 10.53 47.57 18.97
C GLU F 46 10.92 46.09 18.88
N TRP F 47 10.55 45.45 17.78
CA TRP F 47 10.92 44.06 17.56
C TRP F 47 12.42 43.94 17.31
N VAL F 48 13.00 42.85 17.80
CA VAL F 48 14.45 42.65 17.77
C VAL F 48 14.85 41.55 16.79
N ALA F 49 14.36 40.34 16.98
CA ALA F 49 14.78 39.22 16.13
C ALA F 49 13.77 38.09 16.24
N ASN F 50 13.87 37.15 15.30
CA ASN F 50 13.06 35.94 15.28
C ASN F 50 13.97 34.72 15.14
N ILE F 51 13.46 33.58 15.59
CA ILE F 51 14.17 32.31 15.48
C ILE F 51 13.18 31.24 15.08
N ASN F 52 13.63 30.32 14.23
CA ASN F 52 12.78 29.26 13.73
C ASN F 52 12.52 28.21 14.80
N GLN F 53 11.58 27.30 14.50
CA GLN F 53 11.27 26.17 15.37
C GLN F 53 12.53 25.35 15.60
N ASP F 54 13.02 24.70 14.55
CA ASP F 54 14.36 24.12 14.58
C ASP F 54 15.36 25.22 14.27
N GLY F 55 16.27 25.50 15.21
CA GLY F 55 17.18 26.62 15.13
C GLY F 55 18.09 26.66 13.92
N GLY F 56 17.51 26.72 12.73
CA GLY F 56 18.28 26.77 11.50
C GLY F 56 17.94 27.97 10.66
N GLU F 57 16.91 28.71 11.05
CA GLU F 57 16.48 29.92 10.34
C GLU F 57 16.29 31.04 11.35
N LYS F 58 16.81 32.23 11.02
CA LYS F 58 16.71 33.38 11.90
C LYS F 58 16.62 34.64 11.04
N TYR F 59 16.02 35.68 11.63
CA TYR F 59 15.83 36.94 10.95
C TYR F 59 16.12 38.08 11.92
N PHE F 60 16.39 39.26 11.36
CA PHE F 60 16.77 40.43 12.15
C PHE F 60 16.07 41.66 11.58
N VAL F 61 16.27 42.79 12.25
CA VAL F 61 15.79 44.08 11.77
C VAL F 61 16.86 44.67 10.84
N ASP F 62 16.41 45.59 9.97
CA ASP F 62 17.34 46.28 9.09
C ASP F 62 18.30 47.21 9.84
N SER F 63 18.02 47.51 11.11
CA SER F 63 18.88 48.39 11.89
C SER F 63 19.92 47.63 12.70
N VAL F 64 19.65 46.38 13.07
CA VAL F 64 20.56 45.58 13.86
C VAL F 64 21.12 44.41 13.05
N LYS F 65 21.04 44.48 11.72
CA LYS F 65 21.55 43.42 10.87
C LYS F 65 23.08 43.41 10.90
N GLY F 66 23.66 42.22 11.03
CA GLY F 66 25.09 42.06 11.08
C GLY F 66 25.72 42.39 12.42
N ARG F 67 25.02 43.07 13.31
CA ARG F 67 25.54 43.40 14.62
C ARG F 67 25.12 42.42 15.72
N PHE F 68 24.02 41.70 15.52
CA PHE F 68 23.52 40.76 16.51
C PHE F 68 23.60 39.34 15.95
N THR F 69 23.44 38.37 16.86
CA THR F 69 23.39 36.97 16.50
C THR F 69 22.47 36.25 17.48
N ILE F 70 21.64 35.35 16.96
CA ILE F 70 20.68 34.62 17.78
C ILE F 70 20.85 33.13 17.52
N SER F 71 20.83 32.35 18.60
CA SER F 71 20.95 30.90 18.50
C SER F 71 20.18 30.29 19.66
N ARG F 72 19.56 29.14 19.41
CA ARG F 72 18.74 28.46 20.39
C ARG F 72 19.24 27.03 20.60
N ASP F 73 19.02 26.51 21.81
CA ASP F 73 19.38 25.15 22.17
C ASP F 73 18.13 24.48 22.72
N ASN F 74 17.49 23.63 21.91
CA ASN F 74 16.26 22.97 22.32
C ASN F 74 16.49 21.97 23.45
N ALA F 75 17.70 21.47 23.60
CA ALA F 75 17.98 20.49 24.66
C ALA F 75 18.03 21.16 26.03
N LYS F 76 18.72 22.30 26.14
CA LYS F 76 18.88 22.99 27.41
C LYS F 76 17.69 23.87 27.76
N ASN F 77 16.66 23.92 26.90
CA ASN F 77 15.47 24.75 27.14
C ASN F 77 15.85 26.21 27.38
N SER F 78 16.79 26.71 26.57
CA SER F 78 17.32 28.06 26.73
C SER F 78 17.36 28.76 25.38
N LEU F 79 17.30 30.10 25.43
CA LEU F 79 17.39 30.94 24.25
C LEU F 79 18.46 31.99 24.49
N PHE F 80 19.29 32.24 23.47
CA PHE F 80 20.42 33.15 23.58
C PHE F 80 20.31 34.24 22.52
N LEU F 81 20.53 35.48 22.93
CA LEU F 81 20.60 36.63 22.03
C LEU F 81 21.92 37.34 22.28
N GLN F 82 22.76 37.38 21.25
CA GLN F 82 24.12 37.90 21.38
C GLN F 82 24.19 39.35 20.92
N MET F 83 24.97 40.15 21.65
CA MET F 83 25.17 41.55 21.35
C MET F 83 26.61 41.77 20.90
N ASN F 84 26.79 42.53 19.82
CA ASN F 84 28.12 42.84 19.31
C ASN F 84 28.10 44.24 18.72
N THR F 85 29.10 45.05 19.08
CA THR F 85 29.23 46.43 18.63
C THR F 85 27.95 47.22 18.93
N LEU F 86 27.59 47.23 20.22
CA LEU F 86 26.38 47.90 20.66
C LEU F 86 26.55 49.41 20.59
N ARG F 87 25.60 50.09 19.94
CA ARG F 87 25.60 51.54 19.88
C ARG F 87 24.86 52.11 21.07
N ALA F 88 24.84 53.44 21.18
CA ALA F 88 24.07 54.09 22.24
C ALA F 88 22.58 53.91 22.03
N GLU F 89 22.14 53.72 20.78
CA GLU F 89 20.73 53.52 20.48
C GLU F 89 20.23 52.14 20.89
N ASP F 90 21.13 51.21 21.21
CA ASP F 90 20.73 49.87 21.63
C ASP F 90 20.34 49.80 23.09
N THR F 91 20.48 50.89 23.84
CA THR F 91 20.10 50.92 25.26
C THR F 91 18.59 50.83 25.39
N ALA F 92 18.09 49.70 25.90
CA ALA F 92 16.66 49.48 26.01
C ALA F 92 16.44 48.29 26.92
N VAL F 93 15.18 48.07 27.29
CA VAL F 93 14.77 46.90 28.07
C VAL F 93 14.38 45.80 27.08
N TYR F 94 15.05 44.65 27.17
CA TYR F 94 14.90 43.58 26.21
C TYR F 94 13.96 42.50 26.77
N TYR F 95 12.86 42.25 26.06
CA TYR F 95 11.89 41.23 26.45
C TYR F 95 12.10 39.96 25.64
N CYS F 96 11.74 38.83 26.25
CA CYS F 96 11.77 37.53 25.59
C CYS F 96 10.33 37.04 25.45
N ALA F 97 9.92 36.78 24.21
CA ALA F 97 8.56 36.36 23.92
C ALA F 97 8.56 35.14 23.00
N ARG F 98 7.54 34.31 23.15
CA ARG F 98 7.34 33.11 22.34
C ARG F 98 6.06 33.24 21.54
N GLY F 99 6.08 32.77 20.30
CA GLY F 99 4.93 32.85 19.44
C GLY F 99 4.84 31.67 18.50
N PHE F 100 3.73 31.62 17.77
CA PHE F 100 3.47 30.55 16.81
C PHE F 100 3.13 31.17 15.46
N LEU F 101 3.83 30.75 14.42
CA LEU F 101 3.63 31.26 13.07
C LEU F 101 2.78 30.28 12.28
N GLU F 102 1.77 30.79 11.59
CA GLU F 102 0.85 29.97 10.81
C GLU F 102 0.45 30.77 9.58
N ARG F 103 -0.60 30.34 8.91
CA ARG F 103 -1.13 31.07 7.75
C ARG F 103 -2.62 30.82 7.61
N LEU F 104 -3.40 31.28 8.59
CA LEU F 104 -4.85 31.16 8.52
C LEU F 104 -5.38 31.98 7.35
N LEU F 105 -6.33 31.40 6.62
CA LEU F 105 -6.93 32.05 5.45
C LEU F 105 -8.15 32.83 5.89
N LEU F 106 -7.91 33.97 6.52
CA LEU F 106 -8.99 34.84 6.98
C LEU F 106 -9.53 35.64 5.81
N GLY F 107 -10.79 35.40 5.46
CA GLY F 107 -11.41 36.09 4.35
C GLY F 107 -11.00 35.51 3.00
N ARG F 108 -10.40 36.35 2.16
CA ARG F 108 -9.93 35.93 0.85
C ARG F 108 -8.43 36.19 0.73
N GLN F 109 -7.72 35.23 0.14
CA GLN F 109 -6.26 35.30 -0.04
C GLN F 109 -5.56 35.51 1.31
N GLY F 110 -5.54 34.43 2.08
CA GLY F 110 -4.94 34.47 3.40
C GLY F 110 -3.43 34.68 3.33
N ALA F 111 -2.88 35.05 4.48
CA ALA F 111 -1.44 35.32 4.60
C ALA F 111 -0.97 34.78 5.94
N TYR F 112 0.31 35.02 6.23
CA TYR F 112 0.91 34.53 7.47
C TYR F 112 0.41 35.34 8.65
N TYR F 113 0.18 34.66 9.77
CA TYR F 113 -0.29 35.29 11.01
C TYR F 113 0.64 34.88 12.15
N TYR F 114 1.12 35.87 12.90
CA TYR F 114 2.07 35.64 13.98
C TYR F 114 1.55 36.31 15.25
N GLY F 115 1.62 35.59 16.36
CA GLY F 115 1.14 36.11 17.63
C GLY F 115 1.94 35.64 18.83
N MET F 116 2.38 36.58 19.66
CA MET F 116 3.17 36.28 20.84
C MET F 116 2.26 36.30 22.06
N ASP F 117 2.36 35.27 22.90
CA ASP F 117 1.48 35.12 24.06
C ASP F 117 2.22 35.07 25.39
N VAL F 118 3.37 34.43 25.44
CA VAL F 118 4.14 34.29 26.68
C VAL F 118 5.30 35.27 26.63
N TRP F 119 5.33 36.22 27.56
CA TRP F 119 6.36 37.24 27.64
C TRP F 119 7.12 37.14 28.96
N GLY F 120 8.40 37.49 28.91
CA GLY F 120 9.24 37.45 30.09
C GLY F 120 9.28 38.77 30.83
N GLN F 121 9.96 38.75 31.98
CA GLN F 121 10.08 39.96 32.79
C GLN F 121 10.88 41.04 32.07
N GLY F 122 11.92 40.64 31.34
CA GLY F 122 12.71 41.58 30.56
C GLY F 122 13.95 42.06 31.27
N THR F 123 15.09 41.95 30.59
CA THR F 123 16.37 42.41 31.13
C THR F 123 16.68 43.81 30.59
N THR F 124 17.19 44.66 31.47
CA THR F 124 17.50 46.04 31.12
C THR F 124 19.00 46.14 30.81
N VAL F 125 19.32 46.36 29.54
CA VAL F 125 20.69 46.51 29.09
C VAL F 125 20.97 47.98 28.85
N THR F 126 22.06 48.48 29.43
CA THR F 126 22.46 49.88 29.31
C THR F 126 23.81 49.96 28.61
N VAL F 127 23.92 50.86 27.65
CA VAL F 127 25.14 51.04 26.86
C VAL F 127 25.57 52.49 27.00
N SER F 128 26.72 52.70 27.67
CA SER F 128 27.31 54.01 27.84
C SER F 128 28.68 53.82 28.46
N SER F 129 29.52 54.86 28.34
CA SER F 129 30.80 54.86 29.03
C SER F 129 30.56 54.74 30.53
N ALA F 130 30.00 55.79 31.12
CA ALA F 130 29.43 55.75 32.47
C ALA F 130 30.41 55.24 33.52
N SER F 131 29.87 54.75 34.64
CA SER F 131 30.65 54.21 35.74
C SER F 131 29.76 53.44 36.69
N THR F 132 30.10 52.19 36.98
CA THR F 132 29.31 51.39 37.91
C THR F 132 29.41 51.98 39.30
N LYS F 133 28.26 52.32 39.88
CA LYS F 133 28.20 52.98 41.18
C LYS F 133 27.11 52.35 42.03
N GLY F 134 27.42 52.11 43.30
CA GLY F 134 26.47 51.58 44.25
C GLY F 134 25.57 52.65 44.82
N PRO F 135 24.33 52.30 45.12
CA PRO F 135 23.38 53.29 45.63
C PRO F 135 23.62 53.62 47.10
N SER F 136 23.30 54.86 47.44
CA SER F 136 23.42 55.37 48.82
C SER F 136 22.02 55.46 49.40
N VAL F 137 21.71 54.60 50.35
CA VAL F 137 20.38 54.54 50.97
C VAL F 137 20.36 55.45 52.19
N PHE F 138 19.23 56.11 52.40
CA PHE F 138 19.04 57.00 53.53
C PHE F 138 17.57 56.92 53.94
N PRO F 139 17.28 56.75 55.23
CA PRO F 139 15.88 56.65 55.66
C PRO F 139 15.19 58.01 55.68
N LEU F 140 13.86 57.96 55.65
CA LEU F 140 13.01 59.14 55.73
C LEU F 140 11.98 58.89 56.82
N ALA F 141 12.36 59.16 58.07
CA ALA F 141 11.49 58.90 59.19
C ALA F 141 10.28 59.84 59.17
N PRO F 142 9.12 59.38 59.63
CA PRO F 142 7.93 60.22 59.62
C PRO F 142 8.02 61.33 60.66
N SER F 143 7.15 62.31 60.50
CA SER F 143 7.10 63.45 61.41
C SER F 143 6.29 63.11 62.66
N SER F 148 0.86 62.10 61.27
CA SER F 148 0.28 63.35 60.80
C SER F 148 -1.12 63.13 60.24
N GLY F 149 -2.12 63.70 60.91
CA GLY F 149 -3.50 63.56 60.47
C GLY F 149 -4.08 62.19 60.65
N GLY F 150 -3.65 61.46 61.68
CA GLY F 150 -4.15 60.11 61.93
C GLY F 150 -3.64 59.05 60.98
N THR F 151 -2.90 59.42 59.94
CA THR F 151 -2.38 58.45 58.97
C THR F 151 -1.13 59.07 58.36
N ALA F 152 0.04 58.70 58.89
CA ALA F 152 1.30 59.24 58.43
C ALA F 152 1.87 58.36 57.30
N ALA F 153 3.11 58.63 56.91
CA ALA F 153 3.76 57.88 55.86
C ALA F 153 5.27 57.97 56.04
N LEU F 154 5.95 56.86 55.76
CA LEU F 154 7.41 56.80 55.85
C LEU F 154 7.96 56.05 54.66
N GLY F 155 9.18 56.39 54.26
CA GLY F 155 9.78 55.78 53.09
C GLY F 155 11.30 55.76 53.19
N CYS F 156 11.91 55.15 52.17
CA CYS F 156 13.35 55.07 52.05
C CYS F 156 13.82 55.88 50.85
N LEU F 157 15.01 56.46 50.96
CA LEU F 157 15.58 57.30 49.92
C LEU F 157 16.84 56.64 49.38
N VAL F 158 16.87 56.44 48.06
CA VAL F 158 18.01 55.84 47.37
C VAL F 158 18.61 56.90 46.46
N LYS F 159 19.91 57.16 46.64
CA LYS F 159 20.57 58.23 45.91
C LYS F 159 21.92 57.74 45.39
N ASP F 160 22.39 58.40 44.34
CA ASP F 160 23.72 58.17 43.75
C ASP F 160 23.87 56.75 43.22
N TYR F 161 23.41 56.51 41.99
CA TYR F 161 23.62 55.24 41.32
C TYR F 161 23.41 55.46 39.82
N PHE F 162 24.38 55.06 39.02
CA PHE F 162 24.34 55.34 37.58
C PHE F 162 23.62 54.25 36.79
N PRO F 163 23.74 52.96 37.14
CA PRO F 163 22.89 51.96 36.49
C PRO F 163 21.42 52.32 36.62
N GLU F 164 20.65 51.97 35.58
CA GLU F 164 19.25 52.41 35.52
C GLU F 164 18.36 51.69 36.53
N PRO F 165 18.29 50.35 36.55
CA PRO F 165 17.30 49.69 37.40
C PRO F 165 17.67 49.77 38.87
N VAL F 166 16.64 49.76 39.71
CA VAL F 166 16.79 49.76 41.16
C VAL F 166 15.54 49.19 41.79
N THR F 167 15.65 47.99 42.38
CA THR F 167 14.51 47.31 42.97
C THR F 167 14.36 47.71 44.43
N VAL F 168 13.14 48.05 44.84
CA VAL F 168 12.84 48.47 46.20
C VAL F 168 11.60 47.71 46.66
N SER F 169 11.75 46.92 47.73
CA SER F 169 10.65 46.19 48.33
C SER F 169 10.58 46.52 49.81
N TRP F 170 9.40 46.32 50.40
CA TRP F 170 9.15 46.63 51.79
C TRP F 170 8.90 45.35 52.57
N ASN F 171 9.78 45.05 53.53
CA ASN F 171 9.69 43.86 54.36
C ASN F 171 9.65 42.59 53.49
N SER F 172 10.51 42.54 52.48
CA SER F 172 10.58 41.43 51.54
C SER F 172 9.23 41.16 50.85
N GLY F 173 8.46 42.21 50.64
CA GLY F 173 7.17 42.10 49.99
C GLY F 173 5.98 41.95 50.91
N ALA F 174 6.15 42.23 52.21
CA ALA F 174 5.03 42.10 53.12
C ALA F 174 4.12 43.32 53.07
N LEU F 175 4.69 44.51 52.99
CA LEU F 175 3.92 45.75 52.90
C LEU F 175 3.65 46.04 51.42
N THR F 176 2.45 45.67 50.96
CA THR F 176 2.06 45.85 49.56
C THR F 176 1.20 47.08 49.34
N SER F 177 0.24 47.34 50.22
CA SER F 177 -0.66 48.48 50.05
C SER F 177 0.03 49.77 50.49
N GLY F 178 -0.16 50.84 49.71
CA GLY F 178 0.39 52.13 50.04
C GLY F 178 1.81 52.37 49.58
N VAL F 179 2.53 51.33 49.14
CA VAL F 179 3.91 51.49 48.71
C VAL F 179 3.95 52.26 47.39
N HIS F 180 4.71 53.34 47.36
CA HIS F 180 4.87 54.18 46.17
C HIS F 180 6.36 54.33 45.88
N THR F 181 6.81 53.71 44.79
CA THR F 181 8.20 53.81 44.34
C THR F 181 8.24 54.83 43.20
N PHE F 182 8.65 56.05 43.52
CA PHE F 182 8.73 57.09 42.51
C PHE F 182 9.85 56.78 41.52
N PRO F 183 9.65 57.13 40.24
CA PRO F 183 10.67 56.83 39.23
C PRO F 183 11.95 57.61 39.47
N ALA F 184 13.05 57.08 38.93
CA ALA F 184 14.34 57.71 39.08
C ALA F 184 14.39 59.02 38.34
N VAL F 185 15.11 59.99 38.92
CA VAL F 185 15.26 61.33 38.34
C VAL F 185 16.74 61.55 38.04
N LEU F 186 17.03 61.96 36.81
CA LEU F 186 18.41 62.24 36.40
C LEU F 186 18.87 63.54 37.05
N GLN F 187 19.86 63.44 37.93
CA GLN F 187 20.36 64.59 38.65
C GLN F 187 21.44 65.29 37.85
N SER F 188 21.80 66.50 38.29
CA SER F 188 22.81 67.29 37.57
C SER F 188 24.20 66.65 37.66
N SER F 189 24.47 65.91 38.73
CA SER F 189 25.77 65.26 38.86
C SER F 189 25.92 64.10 37.89
N GLY F 190 24.81 63.48 37.50
CA GLY F 190 24.81 62.36 36.57
C GLY F 190 24.21 61.08 37.15
N LEU F 191 24.29 60.92 38.47
CA LEU F 191 23.75 59.72 39.12
C LEU F 191 22.26 59.86 39.35
N TYR F 192 21.54 58.75 39.21
CA TYR F 192 20.10 58.76 39.39
C TYR F 192 19.75 58.86 40.87
N SER F 193 18.49 59.24 41.14
CA SER F 193 18.01 59.39 42.50
C SER F 193 16.52 59.12 42.52
N LEU F 194 16.09 58.18 43.37
CA LEU F 194 14.69 57.83 43.49
C LEU F 194 14.30 57.73 44.95
N SER F 195 13.04 58.03 45.24
CA SER F 195 12.50 57.99 46.61
C SER F 195 11.26 57.10 46.60
N SER F 196 11.28 56.06 47.44
CA SER F 196 10.18 55.13 47.57
C SER F 196 9.56 55.28 48.95
N VAL F 197 8.29 55.70 48.98
CA VAL F 197 7.57 55.92 50.23
C VAL F 197 6.40 54.95 50.31
N VAL F 198 5.83 54.83 51.51
CA VAL F 198 4.69 53.95 51.75
C VAL F 198 3.87 54.54 52.89
N THR F 199 2.56 54.63 52.69
CA THR F 199 1.64 55.18 53.69
C THR F 199 1.04 54.04 54.51
N VAL F 200 1.19 54.14 55.83
CA VAL F 200 0.66 53.13 56.75
C VAL F 200 -0.16 53.84 57.81
N PRO F 201 -1.09 53.13 58.44
CA PRO F 201 -1.88 53.75 59.51
C PRO F 201 -0.99 54.21 60.67
N SER F 202 -1.32 55.38 61.22
CA SER F 202 -0.51 55.96 62.28
C SER F 202 -0.50 55.10 63.54
N SER F 203 -1.53 54.28 63.74
CA SER F 203 -1.60 53.39 64.90
C SER F 203 -0.88 52.08 64.63
N SER F 204 0.35 52.17 64.11
CA SER F 204 1.11 50.94 63.82
C SER F 204 2.61 51.17 63.79
N LEU F 205 3.14 52.21 64.44
CA LEU F 205 4.58 52.45 64.42
C LEU F 205 5.32 51.41 65.25
N GLY F 206 4.84 51.15 66.47
CA GLY F 206 5.46 50.16 67.33
C GLY F 206 4.88 48.78 67.28
N THR F 207 3.79 48.59 66.52
CA THR F 207 3.16 47.28 66.42
C THR F 207 3.92 46.37 65.48
N GLN F 208 4.19 46.83 64.25
CA GLN F 208 4.89 46.06 63.24
C GLN F 208 6.15 46.79 62.82
N THR F 209 7.25 46.04 62.68
CA THR F 209 8.51 46.61 62.23
C THR F 209 8.49 46.82 60.72
N TYR F 210 9.16 47.87 60.28
CA TYR F 210 9.23 48.24 58.87
C TYR F 210 10.68 48.25 58.41
N ILE F 211 10.93 47.68 57.25
CA ILE F 211 12.27 47.61 56.67
C ILE F 211 12.14 47.52 55.15
N CYS F 212 12.83 48.40 54.45
CA CYS F 212 12.80 48.42 52.99
C CYS F 212 13.96 47.59 52.44
N ASN F 213 13.66 46.72 51.47
CA ASN F 213 14.66 45.88 50.83
C ASN F 213 15.04 46.52 49.49
N VAL F 214 16.26 47.02 49.40
CA VAL F 214 16.77 47.69 48.21
C VAL F 214 17.80 46.78 47.56
N ASN F 215 17.52 46.35 46.34
CA ASN F 215 18.40 45.46 45.58
C ASN F 215 18.93 46.20 44.37
N HIS F 216 20.25 46.26 44.24
CA HIS F 216 20.92 46.86 43.08
C HIS F 216 21.78 45.77 42.46
N LYS F 217 21.32 45.22 41.33
CA LYS F 217 22.03 44.09 40.72
C LYS F 217 23.37 44.48 40.11
N PRO F 218 23.49 45.56 39.32
CA PRO F 218 24.81 45.85 38.73
C PRO F 218 25.92 46.08 39.74
N SER F 219 25.63 46.74 40.85
CA SER F 219 26.62 46.97 41.89
C SER F 219 26.78 45.77 42.82
N ASN F 220 25.95 44.73 42.67
CA ASN F 220 26.00 43.54 43.51
C ASN F 220 25.85 43.90 44.98
N THR F 221 24.94 44.83 45.27
CA THR F 221 24.74 45.33 46.62
C THR F 221 23.26 45.31 46.94
N LYS F 222 22.88 44.56 47.97
CA LYS F 222 21.50 44.47 48.44
C LYS F 222 21.45 45.08 49.85
N VAL F 223 21.06 46.34 49.93
CA VAL F 223 21.00 47.07 51.19
C VAL F 223 19.58 47.01 51.73
N ASP F 224 19.45 46.68 53.00
CA ASP F 224 18.15 46.63 53.68
C ASP F 224 18.18 47.60 54.85
N LYS F 225 17.37 48.66 54.76
CA LYS F 225 17.28 49.67 55.80
C LYS F 225 15.91 49.62 56.45
N LYS F 226 15.87 49.86 57.75
CA LYS F 226 14.62 49.87 58.52
C LYS F 226 14.23 51.31 58.82
N VAL F 227 12.97 51.64 58.57
CA VAL F 227 12.46 52.98 58.82
C VAL F 227 12.02 53.13 60.27
N ASP G 1 10.25 48.70 4.43
CA ASP G 1 9.42 47.77 5.20
C ASP G 1 8.04 48.35 5.45
N ILE G 2 7.16 47.55 6.06
CA ILE G 2 5.80 47.99 6.34
C ILE G 2 5.81 48.99 7.49
N GLN G 3 5.17 50.14 7.28
CA GLN G 3 5.11 51.19 8.28
C GLN G 3 3.74 51.18 8.95
N MET G 4 3.73 51.29 10.29
CA MET G 4 2.51 51.29 11.07
C MET G 4 2.41 52.60 11.83
N THR G 5 1.26 53.28 11.69
CA THR G 5 1.02 54.55 12.35
C THR G 5 -0.30 54.44 13.13
N GLN G 6 -0.21 54.37 14.46
CA GLN G 6 -1.38 54.29 15.30
C GLN G 6 -1.82 55.69 15.75
N SER G 7 -3.13 55.87 15.88
CA SER G 7 -3.70 57.16 16.24
C SER G 7 -4.94 56.93 17.10
N PRO G 8 -5.16 57.78 18.13
CA PRO G 8 -4.29 58.90 18.49
C PRO G 8 -3.13 58.48 19.38
N SER G 9 -2.20 59.40 19.64
CA SER G 9 -1.03 59.06 20.45
C SER G 9 -1.42 58.89 21.92
N SER G 10 -2.34 59.70 22.42
CA SER G 10 -2.75 59.62 23.82
C SER G 10 -4.22 59.98 23.92
N LEU G 11 -5.03 59.05 24.43
CA LEU G 11 -6.43 59.29 24.70
C LEU G 11 -6.65 59.56 26.17
N SER G 12 -7.80 60.19 26.48
CA SER G 12 -8.14 60.52 27.85
C SER G 12 -9.65 60.77 27.90
N ALA G 13 -10.39 59.81 28.44
CA ALA G 13 -11.84 59.88 28.53
C ALA G 13 -12.27 59.56 29.96
N SER G 14 -13.57 59.69 30.22
CA SER G 14 -14.12 59.44 31.53
C SER G 14 -14.30 57.95 31.77
N VAL G 15 -14.47 57.59 33.05
CA VAL G 15 -14.66 56.19 33.42
C VAL G 15 -16.02 55.72 32.94
N GLY G 16 -16.03 54.61 32.19
CA GLY G 16 -17.26 54.05 31.66
C GLY G 16 -17.59 54.46 30.24
N ASP G 17 -16.88 55.44 29.68
CA ASP G 17 -17.15 55.90 28.33
C ASP G 17 -16.59 54.89 27.31
N ARG G 18 -16.92 55.12 26.05
CA ARG G 18 -16.49 54.27 24.95
C ARG G 18 -15.30 54.94 24.27
N VAL G 19 -14.13 54.33 24.37
CA VAL G 19 -12.92 54.84 23.76
C VAL G 19 -12.56 53.96 22.57
N SER G 20 -11.84 54.55 21.61
CA SER G 20 -11.43 53.82 20.42
C SER G 20 -10.19 54.48 19.83
N MET G 21 -9.37 53.67 19.17
CA MET G 21 -8.12 54.13 18.58
C MET G 21 -7.88 53.39 17.28
N THR G 22 -7.19 54.05 16.35
CA THR G 22 -6.95 53.51 15.02
C THR G 22 -5.47 53.22 14.82
N CYS G 23 -5.17 52.13 14.11
CA CYS G 23 -3.80 51.75 13.77
C CYS G 23 -3.78 51.42 12.27
N ARG G 24 -3.39 52.41 11.46
CA ARG G 24 -3.37 52.26 10.02
C ARG G 24 -2.04 51.69 9.55
N ALA G 25 -2.05 51.13 8.34
CA ALA G 25 -0.88 50.49 7.76
C ALA G 25 -0.52 51.17 6.45
N SER G 26 0.77 51.08 6.08
CA SER G 26 1.28 51.62 4.83
C SER G 26 1.14 50.66 3.67
N GLN G 27 0.47 49.51 3.88
CA GLN G 27 0.31 48.51 2.84
C GLN G 27 -0.82 47.57 3.27
N ILE G 28 -1.48 46.98 2.27
CA ILE G 28 -2.55 46.03 2.52
C ILE G 28 -2.01 44.86 3.32
N ILE G 29 -2.35 44.80 4.61
CA ILE G 29 -1.85 43.76 5.50
C ILE G 29 -2.90 42.69 5.76
N SER G 30 -3.88 42.54 4.86
CA SER G 30 -4.93 41.54 4.99
C SER G 30 -5.67 41.68 6.32
N SER G 31 -5.49 40.70 7.21
CA SER G 31 -6.14 40.74 8.51
C SER G 31 -5.25 40.19 9.62
N SER G 32 -3.94 40.14 9.40
CA SER G 32 -3.01 39.61 10.40
C SER G 32 -2.42 40.76 11.22
N LEU G 33 -3.28 41.33 12.06
CA LEU G 33 -2.90 42.40 12.96
C LEU G 33 -3.24 42.01 14.39
N ASN G 34 -2.31 42.28 15.32
CA ASN G 34 -2.49 41.95 16.71
C ASN G 34 -2.55 43.22 17.56
N TRP G 35 -3.09 43.09 18.76
CA TRP G 35 -3.19 44.19 19.70
C TRP G 35 -2.59 43.78 21.04
N TYR G 36 -1.79 44.66 21.62
CA TYR G 36 -1.14 44.41 22.90
C TYR G 36 -1.40 45.58 23.85
N GLN G 37 -1.48 45.27 25.13
CA GLN G 37 -1.51 46.28 26.18
C GLN G 37 -0.31 46.07 27.09
N GLN G 38 0.23 47.17 27.61
CA GLN G 38 1.43 47.14 28.43
C GLN G 38 1.21 48.01 29.66
N LYS G 39 0.97 47.38 30.80
CA LYS G 39 0.91 48.12 32.05
C LYS G 39 2.29 48.68 32.38
N PRO G 40 2.35 49.84 33.04
CA PRO G 40 3.64 50.46 33.33
C PRO G 40 4.53 49.55 34.18
N GLY G 41 5.74 49.32 33.69
CA GLY G 41 6.68 48.46 34.39
C GLY G 41 6.36 46.99 34.36
N LYS G 42 5.55 46.54 33.40
CA LYS G 42 5.15 45.15 33.29
C LYS G 42 5.37 44.67 31.86
N ALA G 43 5.06 43.40 31.61
CA ALA G 43 5.20 42.79 30.29
C ALA G 43 3.90 42.89 29.50
N PRO G 44 3.99 43.06 28.19
CA PRO G 44 2.76 43.15 27.38
C PRO G 44 1.98 41.85 27.38
N LYS G 45 0.69 41.97 27.08
CA LYS G 45 -0.20 40.82 26.98
C LYS G 45 -1.01 40.92 25.70
N LEU G 46 -1.12 39.80 24.98
CA LEU G 46 -1.89 39.77 23.75
C LEU G 46 -3.38 39.94 24.05
N LEU G 47 -4.02 40.87 23.35
CA LEU G 47 -5.44 41.14 23.53
C LEU G 47 -6.28 40.58 22.40
N ILE G 48 -6.03 41.04 21.17
CA ILE G 48 -6.81 40.64 20.00
C ILE G 48 -5.86 40.02 18.97
N TYR G 49 -6.20 38.82 18.52
CA TYR G 49 -5.46 38.11 17.48
C TYR G 49 -6.25 38.21 16.19
N ALA G 50 -5.59 38.69 15.13
CA ALA G 50 -6.23 38.91 13.83
C ALA G 50 -7.42 39.86 13.95
N ALA G 51 -7.23 40.94 14.69
CA ALA G 51 -8.20 42.03 14.83
C ALA G 51 -9.51 41.59 15.47
N SER G 52 -10.26 40.73 14.78
CA SER G 52 -11.61 40.38 15.21
C SER G 52 -11.59 39.54 16.48
N ASN G 53 -10.95 38.39 16.44
CA ASN G 53 -11.01 37.44 17.54
C ASN G 53 -10.29 37.97 18.77
N LEU G 54 -10.92 37.82 19.93
CA LEU G 54 -10.36 38.28 21.20
C LEU G 54 -9.84 37.06 21.95
N GLN G 55 -8.52 36.95 22.06
CA GLN G 55 -7.90 35.81 22.71
C GLN G 55 -8.31 35.75 24.18
N SER G 56 -8.39 34.52 24.70
CA SER G 56 -8.88 34.32 26.06
C SER G 56 -7.96 34.98 27.09
N GLY G 57 -8.53 35.29 28.25
CA GLY G 57 -7.85 35.98 29.31
C GLY G 57 -8.14 37.47 29.36
N VAL G 58 -8.41 38.07 28.21
CA VAL G 58 -8.75 39.49 28.14
C VAL G 58 -10.23 39.66 28.49
N PRO G 59 -10.62 40.75 29.14
CA PRO G 59 -12.03 40.94 29.48
C PRO G 59 -12.88 41.13 28.24
N SER G 60 -14.19 40.95 28.42
CA SER G 60 -15.13 41.02 27.31
C SER G 60 -15.36 42.44 26.80
N ARG G 61 -14.89 43.46 27.52
CA ARG G 61 -15.07 44.83 27.06
C ARG G 61 -14.17 45.19 25.90
N PHE G 62 -13.08 44.43 25.70
CA PHE G 62 -12.18 44.69 24.58
C PHE G 62 -12.70 44.00 23.32
N SER G 63 -12.68 44.73 22.21
CA SER G 63 -13.13 44.20 20.93
C SER G 63 -12.44 44.96 19.80
N GLY G 64 -11.99 44.21 18.79
CA GLY G 64 -11.33 44.82 17.66
C GLY G 64 -12.02 44.57 16.34
N SER G 65 -11.80 45.44 15.36
CA SER G 65 -12.42 45.32 14.05
C SER G 65 -11.51 45.94 13.01
N GLY G 66 -11.83 45.67 11.74
CA GLY G 66 -11.05 46.20 10.64
C GLY G 66 -10.62 45.13 9.65
N SER G 67 -10.36 45.54 8.41
CA SER G 67 -9.96 44.60 7.37
C SER G 67 -9.33 45.38 6.22
N GLY G 68 -8.04 45.16 5.99
CA GLY G 68 -7.37 45.80 4.86
C GLY G 68 -6.30 46.79 5.24
N THR G 69 -6.61 48.08 5.09
CA THR G 69 -5.63 49.14 5.34
C THR G 69 -5.69 49.66 6.78
N ASP G 70 -6.85 50.16 7.19
CA ASP G 70 -7.01 50.75 8.51
C ASP G 70 -7.76 49.80 9.43
N PHE G 71 -7.41 49.87 10.72
CA PHE G 71 -8.04 49.07 11.76
C PHE G 71 -8.41 49.97 12.93
N THR G 72 -9.20 49.42 13.86
CA THR G 72 -9.66 50.20 15.00
C THR G 72 -9.92 49.27 16.17
N LEU G 73 -9.34 49.61 17.33
CA LEU G 73 -9.58 48.90 18.58
C LEU G 73 -10.43 49.77 19.48
N THR G 74 -11.59 49.25 19.89
CA THR G 74 -12.52 49.99 20.73
C THR G 74 -12.74 49.25 22.03
N ILE G 75 -12.89 50.01 23.12
CA ILE G 75 -13.19 49.47 24.44
C ILE G 75 -14.63 49.81 24.77
N SER G 76 -15.39 48.80 25.24
CA SER G 76 -16.80 48.97 25.53
C SER G 76 -17.01 50.02 26.62
N SER G 77 -16.72 49.66 27.87
CA SER G 77 -16.86 50.56 29.01
C SER G 77 -15.50 50.67 29.68
N LEU G 78 -14.90 51.87 29.63
CA LEU G 78 -13.55 52.06 30.16
C LEU G 78 -13.56 51.98 31.68
N GLN G 79 -12.75 51.09 32.22
CA GLN G 79 -12.60 50.90 33.65
C GLN G 79 -11.21 51.37 34.12
N PRO G 80 -11.06 51.77 35.38
CA PRO G 80 -9.75 52.26 35.85
C PRO G 80 -8.63 51.24 35.72
N GLU G 81 -8.93 49.95 35.66
CA GLU G 81 -7.91 48.93 35.52
C GLU G 81 -7.38 48.81 34.10
N ASP G 82 -7.94 49.57 33.15
CA ASP G 82 -7.55 49.50 31.75
C ASP G 82 -6.56 50.60 31.37
N PHE G 83 -5.89 51.20 32.35
CA PHE G 83 -4.94 52.28 32.09
C PHE G 83 -3.60 51.68 31.68
N ALA G 84 -3.23 51.88 30.41
CA ALA G 84 -1.97 51.37 29.86
C ALA G 84 -1.80 51.97 28.47
N THR G 85 -0.67 51.64 27.85
CA THR G 85 -0.40 51.99 26.46
C THR G 85 -0.61 50.77 25.58
N TYR G 86 -1.27 50.97 24.44
CA TYR G 86 -1.68 49.88 23.57
C TYR G 86 -0.91 49.96 22.25
N TYR G 87 -0.42 48.82 21.79
CA TYR G 87 0.38 48.71 20.58
C TYR G 87 -0.31 47.78 19.58
N CYS G 88 0.15 47.85 18.33
CA CYS G 88 -0.34 46.99 17.27
C CYS G 88 0.84 46.42 16.49
N GLN G 89 0.69 45.19 16.02
CA GLN G 89 1.75 44.46 15.33
C GLN G 89 1.26 44.02 13.95
N GLN G 90 2.03 44.32 12.92
CA GLN G 90 1.71 43.96 11.54
C GLN G 90 2.41 42.66 11.20
N SER G 91 1.64 41.57 11.08
CA SER G 91 2.20 40.25 10.87
C SER G 91 1.95 39.73 9.46
N TYR G 92 1.58 40.60 8.53
CA TYR G 92 1.45 40.17 7.13
C TYR G 92 2.80 39.77 6.56
N SER G 93 3.87 40.45 6.95
CA SER G 93 5.24 40.08 6.58
C SER G 93 5.90 39.20 7.62
N THR G 94 5.13 38.26 8.19
CA THR G 94 5.63 37.49 9.33
C THR G 94 6.91 36.71 9.04
N PRO G 95 7.23 36.35 7.80
CA PRO G 95 8.46 35.59 7.55
C PRO G 95 9.70 36.41 7.87
N PRO G 96 9.75 37.67 7.40
CA PRO G 96 11.00 38.42 7.50
C PRO G 96 11.01 39.47 8.61
N GLU G 97 9.89 40.15 8.82
CA GLU G 97 9.88 41.26 9.78
C GLU G 97 8.48 41.50 10.30
N LEU G 98 8.36 41.66 11.62
CA LEU G 98 7.11 42.03 12.28
C LEU G 98 7.29 43.43 12.85
N THR G 99 6.63 44.41 12.21
CA THR G 99 6.72 45.79 12.61
C THR G 99 5.64 46.12 13.64
N PHE G 100 6.03 46.89 14.66
CA PHE G 100 5.12 47.26 15.73
C PHE G 100 4.49 48.62 15.46
N GLY G 101 3.45 48.93 16.23
CA GLY G 101 2.85 50.24 16.22
C GLY G 101 3.56 51.18 17.17
N GLY G 102 2.84 52.19 17.62
CA GLY G 102 3.42 53.16 18.53
C GLY G 102 2.35 54.03 19.16
N GLY G 103 2.64 54.51 20.36
CA GLY G 103 1.73 55.42 21.02
C GLY G 103 0.47 54.72 21.51
N THR G 104 -0.66 55.41 21.37
CA THR G 104 -1.97 54.93 21.83
C THR G 104 -1.94 54.58 23.32
N LYS G 105 -1.72 55.61 24.13
CA LYS G 105 -1.65 55.47 25.58
C LYS G 105 -2.90 56.10 26.18
N VAL G 106 -3.74 55.28 26.80
CA VAL G 106 -5.00 55.74 27.38
C VAL G 106 -4.76 56.09 28.84
N GLU G 107 -5.35 57.21 29.28
CA GLU G 107 -5.27 57.65 30.66
C GLU G 107 -6.68 57.86 31.20
N ILE G 108 -6.86 57.55 32.48
CA ILE G 108 -8.16 57.68 33.11
C ILE G 108 -8.39 59.13 33.53
N LYS G 109 -9.67 59.46 33.74
CA LYS G 109 -10.06 60.81 34.14
C LYS G 109 -11.10 60.70 35.24
N ARG G 110 -10.88 61.41 36.35
CA ARG G 110 -11.76 61.33 37.51
C ARG G 110 -12.00 62.74 38.03
N THR G 111 -12.62 62.83 39.20
CA THR G 111 -12.87 64.12 39.84
C THR G 111 -11.59 64.66 40.47
N VAL G 112 -11.58 65.97 40.70
CA VAL G 112 -10.42 66.63 41.28
C VAL G 112 -10.22 66.16 42.71
N ALA G 113 -9.06 65.58 42.98
CA ALA G 113 -8.72 65.06 44.30
C ALA G 113 -7.65 65.92 44.94
N ALA G 114 -7.83 66.19 46.24
CA ALA G 114 -6.87 67.03 46.97
C ALA G 114 -5.69 66.19 47.45
N PRO G 115 -4.47 66.73 47.40
CA PRO G 115 -3.31 65.97 47.85
C PRO G 115 -3.11 66.04 49.36
N SER G 116 -2.45 65.00 49.88
CA SER G 116 -2.06 64.96 51.28
C SER G 116 -0.56 65.22 51.33
N VAL G 117 -0.20 66.48 51.51
CA VAL G 117 1.20 66.90 51.43
C VAL G 117 1.93 66.48 52.70
N PHE G 118 3.23 66.20 52.55
CA PHE G 118 4.10 65.84 53.67
C PHE G 118 5.41 66.60 53.54
N ILE G 119 6.20 66.56 54.59
CA ILE G 119 7.51 67.20 54.63
C ILE G 119 8.46 66.29 55.40
N PHE G 120 9.55 65.88 54.75
CA PHE G 120 10.50 64.97 55.36
C PHE G 120 11.84 65.66 55.59
N PRO G 121 12.40 65.56 56.78
CA PRO G 121 13.73 66.11 57.03
C PRO G 121 14.80 65.16 56.54
N PRO G 122 16.03 65.64 56.33
CA PRO G 122 17.11 64.75 55.89
C PRO G 122 17.47 63.74 56.97
N SER G 123 18.03 62.63 56.53
CA SER G 123 18.39 61.55 57.44
C SER G 123 19.63 61.93 58.26
N ASP G 124 19.64 61.46 59.51
CA ASP G 124 20.80 61.71 60.36
C ASP G 124 22.03 60.94 59.86
N GLU G 125 21.83 59.76 59.28
CA GLU G 125 22.95 59.01 58.72
C GLU G 125 23.41 59.62 57.40
N GLN G 126 22.52 60.28 56.67
CA GLN G 126 22.88 60.93 55.42
C GLN G 126 23.50 62.30 55.63
N LEU G 127 23.29 62.91 56.80
CA LEU G 127 23.88 64.22 57.06
C LEU G 127 25.37 64.15 57.34
N LYS G 128 25.90 62.95 57.64
CA LYS G 128 27.33 62.81 57.89
C LYS G 128 28.15 63.03 56.63
N SER G 129 27.60 62.67 55.46
CA SER G 129 28.31 62.89 54.22
C SER G 129 28.34 64.36 53.82
N GLY G 130 27.41 65.16 54.32
CA GLY G 130 27.39 66.58 54.02
C GLY G 130 26.29 66.98 53.06
N THR G 131 26.38 66.51 51.82
CA THR G 131 25.43 66.87 50.77
C THR G 131 24.17 66.02 50.95
N ALA G 132 23.19 66.59 51.64
CA ALA G 132 21.89 65.96 51.86
C ALA G 132 20.83 66.71 51.08
N SER G 133 19.62 66.13 51.06
CA SER G 133 18.52 66.71 50.31
C SER G 133 17.21 66.47 51.05
N VAL G 134 16.44 67.53 51.25
CA VAL G 134 15.12 67.43 51.86
C VAL G 134 14.09 67.33 50.75
N VAL G 135 13.21 66.33 50.84
CA VAL G 135 12.24 66.02 49.80
C VAL G 135 10.83 66.35 50.32
N CYS G 136 9.98 66.82 49.42
CA CYS G 136 8.59 67.11 49.71
C CYS G 136 7.70 66.12 48.96
N LEU G 137 6.64 65.67 49.62
CA LEU G 137 5.79 64.62 49.10
C LEU G 137 4.35 65.10 48.95
N LEU G 138 3.72 64.72 47.84
CA LEU G 138 2.31 64.97 47.61
C LEU G 138 1.72 63.69 47.01
N ASN G 139 0.90 62.99 47.78
CA ASN G 139 0.40 61.67 47.41
C ASN G 139 -1.09 61.71 47.15
N ASN G 140 -1.53 60.92 46.17
CA ASN G 140 -2.94 60.72 45.86
C ASN G 140 -3.66 62.03 45.53
N PHE G 141 -3.61 62.46 44.27
CA PHE G 141 -4.29 63.67 43.85
C PHE G 141 -4.49 63.61 42.34
N TYR G 142 -5.28 64.57 41.83
CA TYR G 142 -5.58 64.68 40.41
C TYR G 142 -6.20 66.04 40.14
N PRO G 143 -5.81 66.73 39.05
CA PRO G 143 -4.83 66.29 38.04
C PRO G 143 -3.39 66.54 38.45
N ARG G 144 -2.46 66.40 37.51
CA ARG G 144 -1.04 66.55 37.81
C ARG G 144 -0.64 68.02 37.95
N GLU G 145 -1.37 68.93 37.29
CA GLU G 145 -1.04 70.35 37.31
C GLU G 145 -0.93 70.90 38.73
N ALA G 146 0.30 71.11 39.20
CA ALA G 146 0.54 71.63 40.53
C ALA G 146 1.89 72.33 40.54
N LYS G 147 2.00 73.35 41.39
CA LYS G 147 3.22 74.14 41.54
C LYS G 147 3.83 73.88 42.90
N VAL G 148 5.10 73.49 42.91
CA VAL G 148 5.83 73.20 44.14
C VAL G 148 7.02 74.16 44.21
N GLN G 149 6.91 75.17 45.07
CA GLN G 149 7.96 76.16 45.27
C GLN G 149 8.60 75.93 46.62
N TRP G 150 9.94 75.96 46.65
CA TRP G 150 10.69 75.74 47.89
C TRP G 150 11.00 77.08 48.55
N LYS G 151 10.87 77.10 49.88
CA LYS G 151 11.14 78.31 50.67
C LYS G 151 11.82 77.90 51.96
N VAL G 152 13.05 78.36 52.16
CA VAL G 152 13.83 78.09 53.36
C VAL G 152 13.99 79.41 54.11
N ASP G 153 13.36 79.50 55.28
CA ASP G 153 13.37 80.72 56.09
C ASP G 153 12.83 81.91 55.30
N ASN G 154 11.68 81.70 54.65
CA ASN G 154 11.01 82.72 53.86
C ASN G 154 11.91 83.24 52.73
N ALA G 155 12.63 82.33 52.08
CA ALA G 155 13.50 82.66 50.96
C ALA G 155 13.22 81.68 49.82
N LEU G 156 12.67 82.19 48.73
CA LEU G 156 12.29 81.34 47.61
C LEU G 156 13.54 80.79 46.91
N GLN G 157 13.67 79.48 46.88
CA GLN G 157 14.78 78.81 46.23
C GLN G 157 14.35 78.32 44.85
N SER G 158 15.20 78.55 43.85
CA SER G 158 14.91 78.16 42.48
C SER G 158 16.09 77.38 41.91
N GLY G 159 15.79 76.36 41.12
CA GLY G 159 16.82 75.56 40.49
C GLY G 159 17.56 74.63 41.42
N ASN G 160 17.11 74.49 42.67
CA ASN G 160 17.76 73.63 43.65
C ASN G 160 16.92 72.40 43.98
N SER G 161 16.08 71.96 43.05
CA SER G 161 15.22 70.81 43.29
C SER G 161 14.77 70.22 41.97
N GLN G 162 14.55 68.91 41.98
CA GLN G 162 14.02 68.19 40.83
C GLN G 162 12.80 67.39 41.28
N GLU G 163 11.80 67.31 40.40
CA GLU G 163 10.53 66.67 40.73
C GLU G 163 10.41 65.34 40.00
N SER G 164 9.79 64.37 40.69
CA SER G 164 9.54 63.05 40.12
C SER G 164 8.13 62.63 40.48
N VAL G 165 7.30 62.38 39.45
CA VAL G 165 5.90 62.05 39.64
C VAL G 165 5.68 60.60 39.21
N THR G 166 4.98 59.85 40.05
CA THR G 166 4.62 58.48 39.71
C THR G 166 3.44 58.46 38.74
N GLU G 167 3.29 57.36 38.03
CA GLU G 167 2.23 57.23 37.05
C GLU G 167 0.89 57.01 37.76
N GLN G 168 -0.18 56.95 36.97
CA GLN G 168 -1.52 56.86 37.52
C GLN G 168 -1.74 55.54 38.22
N ASP G 169 -2.49 55.57 39.33
CA ASP G 169 -2.75 54.38 40.11
C ASP G 169 -3.61 53.40 39.32
N SER G 170 -3.43 52.11 39.60
CA SER G 170 -4.18 51.09 38.89
C SER G 170 -5.65 51.09 39.29
N LYS G 171 -5.92 51.32 40.58
CA LYS G 171 -7.29 51.34 41.09
C LYS G 171 -7.76 52.71 41.55
N ASP G 172 -6.88 53.48 42.21
CA ASP G 172 -7.27 54.80 42.69
C ASP G 172 -7.26 55.86 41.60
N SER G 173 -6.52 55.65 40.52
CA SER G 173 -6.42 56.59 39.41
C SER G 173 -5.93 57.96 39.89
N THR G 174 -5.00 57.95 40.85
CA THR G 174 -4.45 59.18 41.42
C THR G 174 -2.95 59.22 41.20
N TYR G 175 -2.41 60.44 41.20
CA TYR G 175 -0.99 60.67 41.00
C TYR G 175 -0.28 60.84 42.34
N SER G 176 1.06 60.86 42.28
CA SER G 176 1.87 61.03 43.48
C SER G 176 3.23 61.55 43.05
N LEU G 177 3.57 62.77 43.45
CA LEU G 177 4.81 63.41 43.07
C LEU G 177 5.80 63.37 44.23
N SER G 178 7.08 63.65 43.90
CA SER G 178 8.14 63.65 44.89
C SER G 178 9.21 64.63 44.44
N SER G 179 9.31 65.77 45.13
CA SER G 179 10.25 66.82 44.77
C SER G 179 11.36 66.87 45.83
N THR G 180 12.55 66.44 45.44
CA THR G 180 13.70 66.42 46.33
C THR G 180 14.53 67.67 46.10
N LEU G 181 14.76 68.45 47.16
CA LEU G 181 15.53 69.69 47.10
C LEU G 181 16.94 69.41 47.58
N THR G 182 17.89 69.35 46.64
CA THR G 182 19.29 69.13 46.95
C THR G 182 20.01 70.48 47.02
N LEU G 183 20.81 70.67 48.07
CA LEU G 183 21.55 71.90 48.27
C LEU G 183 22.96 71.55 48.71
N SER G 184 23.74 72.56 49.07
CA SER G 184 25.11 72.36 49.50
C SER G 184 25.14 71.76 50.91
N LYS G 185 26.34 71.44 51.37
CA LYS G 185 26.50 70.83 52.69
C LYS G 185 26.41 71.87 53.80
N ALA G 186 27.22 72.93 53.71
CA ALA G 186 27.24 73.92 54.79
C ALA G 186 26.04 74.84 54.76
N ASP G 187 25.33 74.93 53.63
CA ASP G 187 24.18 75.81 53.53
C ASP G 187 22.98 75.33 54.36
N TYR G 188 23.02 74.09 54.84
CA TYR G 188 21.90 73.57 55.62
C TYR G 188 21.91 74.09 57.05
N GLU G 189 23.10 74.15 57.66
CA GLU G 189 23.19 74.56 59.06
C GLU G 189 22.87 76.04 59.27
N LYS G 190 22.87 76.84 58.20
CA LYS G 190 22.58 78.26 58.34
C LYS G 190 21.11 78.52 58.65
N HIS G 191 20.22 77.59 58.33
CA HIS G 191 18.80 77.74 58.56
C HIS G 191 18.29 76.59 59.42
N LYS G 192 17.05 76.74 59.90
CA LYS G 192 16.46 75.74 60.79
C LYS G 192 14.97 75.52 60.57
N VAL G 193 14.25 76.39 59.89
CA VAL G 193 12.82 76.26 59.68
C VAL G 193 12.61 76.10 58.18
N TYR G 194 12.39 74.87 57.73
CA TYR G 194 12.16 74.57 56.33
C TYR G 194 10.67 74.36 56.07
N ALA G 195 10.22 74.79 54.90
CA ALA G 195 8.81 74.69 54.54
C ALA G 195 8.68 74.32 53.08
N CYS G 196 7.53 73.73 52.73
CA CYS G 196 7.23 73.32 51.36
C CYS G 196 5.79 73.71 51.07
N GLU G 197 5.60 74.69 50.19
CA GLU G 197 4.28 75.17 49.81
C GLU G 197 3.82 74.47 48.54
N VAL G 198 2.59 73.98 48.54
CA VAL G 198 2.01 73.26 47.42
C VAL G 198 0.75 73.99 46.98
N THR G 199 0.70 74.36 45.70
CA THR G 199 -0.45 75.03 45.11
C THR G 199 -1.07 74.09 44.09
N HIS G 200 -2.23 73.53 44.41
CA HIS G 200 -2.91 72.58 43.55
C HIS G 200 -4.35 73.02 43.33
N GLN G 201 -4.91 72.54 42.22
CA GLN G 201 -6.29 72.86 41.88
C GLN G 201 -7.26 72.30 42.92
N GLY G 202 -6.99 71.11 43.42
CA GLY G 202 -7.89 70.45 44.37
C GLY G 202 -7.97 71.12 45.73
N LEU G 203 -7.06 72.02 46.05
CA LEU G 203 -7.04 72.71 47.32
C LEU G 203 -7.57 74.13 47.16
N SER G 204 -8.47 74.54 48.06
CA SER G 204 -8.98 75.90 48.02
C SER G 204 -7.89 76.91 48.33
N SER G 205 -7.14 76.67 49.40
CA SER G 205 -6.01 77.52 49.77
C SER G 205 -4.72 76.71 49.71
N PRO G 206 -3.64 77.29 49.16
CA PRO G 206 -2.38 76.54 49.08
C PRO G 206 -1.85 76.20 50.46
N VAL G 207 -1.56 74.92 50.66
CA VAL G 207 -1.06 74.44 51.95
C VAL G 207 0.47 74.53 51.96
N THR G 208 1.03 74.54 53.16
CA THR G 208 2.48 74.64 53.31
C THR G 208 2.86 74.03 54.67
N LYS G 209 3.49 72.87 54.64
CA LYS G 209 3.96 72.21 55.86
C LYS G 209 5.33 72.74 56.25
N SER G 210 5.67 72.57 57.53
CA SER G 210 6.94 73.03 58.05
C SER G 210 7.32 72.19 59.26
N PHE G 211 8.53 72.40 59.75
CA PHE G 211 9.05 71.68 60.91
C PHE G 211 10.21 72.45 61.49
N ASN G 212 10.74 71.97 62.61
CA ASN G 212 11.89 72.56 63.28
C ASN G 212 13.11 71.65 63.12
N ARG G 213 14.28 72.27 63.08
CA ARG G 213 15.51 71.51 62.89
C ARG G 213 15.79 70.59 64.07
N GLY G 214 15.54 71.06 65.29
CA GLY G 214 15.77 70.27 66.48
C GLY G 214 14.77 69.14 66.64
N PRO H 1 -21.11 34.86 -15.31
CA PRO H 1 -21.46 35.86 -14.28
C PRO H 1 -21.73 35.21 -12.92
N LEU H 2 -20.89 34.24 -12.53
CA LEU H 2 -21.05 33.56 -11.26
C LEU H 2 -20.68 34.50 -10.12
N ILE H 3 -21.64 34.78 -9.25
CA ILE H 3 -21.45 35.71 -8.13
C ILE H 3 -21.65 34.93 -6.84
N LEU H 4 -20.63 34.95 -5.97
CA LEU H 4 -20.68 34.26 -4.68
C LEU H 4 -21.04 35.31 -3.62
N ARG H 5 -22.34 35.43 -3.35
CA ARG H 5 -22.79 36.34 -2.31
C ARG H 5 -22.40 35.81 -0.94
N ASP H 6 -21.98 36.72 -0.06
CA ASP H 6 -21.58 36.39 1.30
C ASP H 6 -20.40 35.44 1.34
N CYS H 7 -20.63 34.18 0.98
CA CYS H 7 -19.58 33.16 1.08
C CYS H 7 -18.41 33.51 0.17
N SER H 8 -17.21 33.18 0.63
CA SER H 8 -16.04 33.21 -0.24
C SER H 8 -16.01 31.96 -1.09
N VAL H 9 -15.05 31.93 -2.04
CA VAL H 9 -14.94 30.80 -2.94
C VAL H 9 -14.63 29.52 -2.17
N ALA H 10 -13.79 29.63 -1.13
CA ALA H 10 -13.40 28.45 -0.36
C ALA H 10 -14.57 27.92 0.45
N GLY H 11 -15.29 28.79 1.16
CA GLY H 11 -16.38 28.34 1.99
C GLY H 11 -17.52 27.74 1.19
N TRP H 12 -17.75 28.26 -0.02
CA TRP H 12 -18.82 27.73 -0.88
C TRP H 12 -18.56 26.28 -1.25
N LEU H 13 -17.33 25.95 -1.64
CA LEU H 13 -16.99 24.59 -2.02
C LEU H 13 -17.24 23.62 -0.87
N LEU H 14 -16.73 23.97 0.32
CA LEU H 14 -16.98 23.15 1.50
C LEU H 14 -18.38 23.35 2.07
N GLY H 15 -19.08 24.40 1.66
CA GLY H 15 -20.43 24.64 2.14
C GLY H 15 -20.49 25.19 3.54
N ASN H 16 -20.13 26.45 3.71
CA ASN H 16 -20.20 27.09 5.03
C ASN H 16 -21.66 27.20 5.46
N PRO H 17 -22.07 26.54 6.55
CA PRO H 17 -23.49 26.58 6.93
C PRO H 17 -23.99 27.96 7.31
N MET H 18 -23.11 28.87 7.73
CA MET H 18 -23.54 30.21 8.12
C MET H 18 -24.03 31.02 6.94
N CYS H 19 -23.72 30.61 5.71
CA CYS H 19 -24.14 31.37 4.53
C CYS H 19 -24.83 30.46 3.51
N GLU H 27 -23.93 28.08 -13.23
CA GLU H 27 -24.50 28.46 -14.52
C GLU H 27 -23.46 28.37 -15.63
N TRP H 28 -22.91 29.52 -16.01
CA TRP H 28 -21.85 29.60 -17.02
C TRP H 28 -20.47 29.87 -16.42
N SER H 29 -20.40 30.73 -15.41
CA SER H 29 -19.18 30.99 -14.65
C SER H 29 -18.03 31.42 -15.57
N TYR H 30 -18.25 32.53 -16.28
CA TYR H 30 -17.16 33.12 -17.06
C TYR H 30 -16.16 33.82 -16.16
N ILE H 31 -16.61 34.31 -15.01
CA ILE H 31 -15.76 34.94 -14.00
C ILE H 31 -16.44 34.78 -12.65
N VAL H 32 -15.68 35.03 -11.58
CA VAL H 32 -16.17 34.90 -10.22
C VAL H 32 -16.32 36.30 -9.62
N GLU H 33 -17.41 36.52 -8.89
CA GLU H 33 -17.72 37.79 -8.27
C GLU H 33 -17.82 37.59 -6.78
N LYS H 34 -16.83 38.11 -6.04
CA LYS H 34 -16.80 37.97 -4.59
C LYS H 34 -15.78 38.94 -4.05
N ALA H 35 -16.23 39.85 -3.18
CA ALA H 35 -15.34 40.81 -2.54
C ALA H 35 -14.68 40.17 -1.32
N ASN H 36 -14.19 40.99 -0.40
CA ASN H 36 -13.70 40.49 0.87
C ASN H 36 -14.85 39.84 1.62
N PRO H 37 -14.87 38.51 1.74
CA PRO H 37 -16.06 37.83 2.26
C PRO H 37 -16.34 38.19 3.71
N VAL H 38 -17.62 38.10 4.07
CA VAL H 38 -18.01 38.30 5.46
C VAL H 38 -17.31 37.28 6.34
N ASN H 39 -17.40 36.00 5.97
CA ASN H 39 -16.64 34.94 6.64
C ASN H 39 -16.70 33.70 5.76
N ASP H 40 -15.54 33.21 5.34
CA ASP H 40 -15.45 32.03 4.49
C ASP H 40 -15.63 30.76 5.30
N LEU H 41 -14.53 30.24 5.83
CA LEU H 41 -14.55 29.01 6.62
C LEU H 41 -14.58 29.36 8.11
N CYS H 42 -15.41 28.63 8.86
CA CYS H 42 -15.56 28.91 10.28
C CYS H 42 -14.30 28.51 11.04
N TYR H 43 -13.96 27.23 11.01
CA TYR H 43 -12.77 26.75 11.70
C TYR H 43 -11.54 27.37 11.07
N PRO H 44 -10.65 27.97 11.86
CA PRO H 44 -9.49 28.64 11.27
C PRO H 44 -8.53 27.65 10.62
N GLY H 45 -8.00 28.04 9.47
CA GLY H 45 -7.09 27.19 8.73
C GLY H 45 -6.87 27.64 7.31
N ASP H 46 -5.82 27.14 6.67
CA ASP H 46 -5.48 27.53 5.31
C ASP H 46 -6.12 26.58 4.30
N PHE H 47 -5.99 26.93 3.03
CA PHE H 47 -6.46 26.12 1.92
C PHE H 47 -5.25 25.82 1.03
N ASN H 48 -4.78 24.57 1.08
CA ASN H 48 -3.57 24.20 0.35
C ASN H 48 -3.76 24.38 -1.14
N ASP H 49 -2.84 25.12 -1.76
CA ASP H 49 -2.88 25.43 -3.19
C ASP H 49 -4.20 26.10 -3.56
N TYR H 50 -4.46 27.21 -2.89
CA TYR H 50 -5.73 27.92 -3.06
C TYR H 50 -5.74 28.72 -4.36
N GLU H 51 -4.71 29.54 -4.59
CA GLU H 51 -4.72 30.46 -5.72
C GLU H 51 -4.83 29.72 -7.06
N GLU H 52 -4.30 28.50 -7.14
CA GLU H 52 -4.45 27.71 -8.35
C GLU H 52 -5.89 27.24 -8.52
N LEU H 53 -6.53 26.86 -7.42
CA LEU H 53 -7.90 26.37 -7.49
C LEU H 53 -8.86 27.46 -7.97
N LYS H 54 -8.72 28.67 -7.44
CA LYS H 54 -9.60 29.76 -7.85
C LYS H 54 -9.41 30.10 -9.32
N HIS H 55 -8.17 30.09 -9.79
CA HIS H 55 -7.90 30.35 -11.20
C HIS H 55 -8.44 29.22 -12.08
N LEU H 56 -8.48 27.98 -11.56
CA LEU H 56 -8.99 26.87 -12.33
C LEU H 56 -10.49 26.99 -12.56
N LEU H 57 -11.23 27.42 -11.54
CA LEU H 57 -12.68 27.56 -11.62
C LEU H 57 -13.11 28.86 -12.28
N SER H 58 -12.20 29.55 -12.99
CA SER H 58 -12.57 30.76 -13.69
C SER H 58 -13.33 30.47 -14.98
N ARG H 59 -13.06 29.33 -15.61
CA ARG H 59 -13.75 28.91 -16.83
C ARG H 59 -14.39 27.55 -16.57
N ILE H 60 -15.44 27.53 -15.77
CA ILE H 60 -16.14 26.31 -15.41
C ILE H 60 -17.37 26.19 -16.31
N ASN H 61 -17.30 25.28 -17.29
CA ASN H 61 -18.43 25.08 -18.20
C ASN H 61 -19.64 24.54 -17.46
N HIS H 62 -19.47 23.42 -16.77
CA HIS H 62 -20.54 22.83 -15.96
C HIS H 62 -20.03 22.60 -14.55
N PHE H 63 -20.96 22.51 -13.61
CA PHE H 63 -20.61 22.37 -12.20
C PHE H 63 -21.79 21.77 -11.46
N GLU H 64 -21.64 20.55 -10.97
CA GLU H 64 -22.70 19.87 -10.23
C GLU H 64 -22.09 19.06 -9.09
N LYS H 65 -22.89 18.82 -8.06
CA LYS H 65 -22.46 18.10 -6.88
C LYS H 65 -23.01 16.68 -6.92
N ILE H 66 -22.13 15.71 -6.67
CA ILE H 66 -22.51 14.30 -6.64
C ILE H 66 -21.85 13.67 -5.42
N GLN H 67 -22.63 12.93 -4.64
CA GLN H 67 -22.12 12.31 -3.43
C GLN H 67 -21.02 11.30 -3.76
N ILE H 68 -19.87 11.47 -3.11
CA ILE H 68 -18.72 10.58 -3.33
C ILE H 68 -18.77 9.45 -2.31
N ILE H 69 -17.80 9.43 -1.41
CA ILE H 69 -17.81 8.43 -0.34
C ILE H 69 -19.10 8.59 0.47
N PRO H 70 -19.87 7.53 0.68
CA PRO H 70 -21.20 7.71 1.27
C PRO H 70 -21.11 8.30 2.67
N LYS H 71 -22.07 9.18 2.99
CA LYS H 71 -22.04 9.91 4.24
C LYS H 71 -22.19 8.98 5.43
N SER H 72 -23.15 8.07 5.36
CA SER H 72 -23.43 7.14 6.45
C SER H 72 -22.70 5.80 6.28
N SER H 73 -21.75 5.71 5.34
CA SER H 73 -21.01 4.47 5.17
C SER H 73 -20.12 4.20 6.39
N TRP H 74 -19.50 5.25 6.92
CA TRP H 74 -18.61 5.12 8.08
C TRP H 74 -19.32 4.49 9.27
N SER H 75 -19.21 3.17 9.40
CA SER H 75 -19.85 2.45 10.50
C SER H 75 -18.91 2.19 11.67
N SER H 76 -17.61 2.09 11.43
CA SER H 76 -16.65 1.85 12.49
C SER H 76 -16.20 3.12 13.20
N HIS H 77 -16.77 4.26 12.86
CA HIS H 77 -16.41 5.53 13.49
C HIS H 77 -17.69 6.25 13.90
N GLU H 78 -17.61 7.57 14.06
CA GLU H 78 -18.76 8.37 14.45
C GLU H 78 -18.67 9.72 13.76
N ALA H 79 -19.80 10.16 13.18
CA ALA H 79 -19.86 11.45 12.49
C ALA H 79 -20.90 12.39 13.10
N SER H 80 -21.57 11.99 14.18
CA SER H 80 -22.56 12.85 14.81
C SER H 80 -21.94 13.92 15.70
N LEU H 81 -20.73 13.70 16.19
CA LEU H 81 -20.07 14.65 17.08
C LEU H 81 -19.19 15.66 16.34
N GLY H 82 -19.20 15.65 15.01
CA GLY H 82 -18.37 16.54 14.23
C GLY H 82 -18.93 17.94 14.06
N VAL H 83 -19.08 18.67 15.17
CA VAL H 83 -19.59 20.03 15.17
C VAL H 83 -18.62 20.93 15.92
N SER H 84 -18.63 22.21 15.56
CA SER H 84 -17.69 23.17 16.11
C SER H 84 -18.42 24.46 16.48
N SER H 85 -18.02 25.04 17.63
CA SER H 85 -18.69 26.24 18.13
C SER H 85 -18.61 27.39 17.13
N ALA H 86 -17.48 27.51 16.43
CA ALA H 86 -17.35 28.55 15.41
C ALA H 86 -18.38 28.37 14.32
N CYS H 87 -18.44 27.18 13.73
CA CYS H 87 -19.42 26.84 12.71
C CYS H 87 -20.83 26.88 13.27
N PRO H 88 -21.54 27.99 13.11
CA PRO H 88 -22.92 28.06 13.61
C PRO H 88 -23.94 27.88 12.50
N TYR H 89 -24.85 26.93 12.68
CA TYR H 89 -25.98 26.70 11.77
C TYR H 89 -27.24 26.96 12.58
N GLN H 90 -27.70 28.22 12.55
CA GLN H 90 -28.85 28.67 13.34
C GLN H 90 -28.62 28.39 14.83
N GLY H 91 -27.49 28.86 15.34
CA GLY H 91 -27.13 28.65 16.74
C GLY H 91 -26.46 27.34 17.05
N LYS H 92 -27.03 26.23 16.60
CA LYS H 92 -26.43 24.93 16.83
C LYS H 92 -25.13 24.79 16.05
N SER H 93 -24.08 24.37 16.76
CA SER H 93 -22.80 24.12 16.12
C SER H 93 -22.92 23.02 15.10
N SER H 94 -22.34 23.25 13.93
CA SER H 94 -22.48 22.31 12.82
C SER H 94 -21.44 22.64 11.78
N PHE H 95 -20.55 21.70 11.51
CA PHE H 95 -19.44 21.87 10.57
C PHE H 95 -19.96 21.90 9.13
N PHE H 96 -19.03 21.99 8.19
CA PHE H 96 -19.38 22.04 6.78
C PHE H 96 -20.15 20.80 6.37
N ARG H 97 -21.18 21.00 5.55
CA ARG H 97 -21.99 19.87 5.09
C ARG H 97 -21.22 19.01 4.09
N ASN H 98 -20.46 19.64 3.19
CA ASN H 98 -19.78 18.90 2.14
C ASN H 98 -18.74 17.93 2.70
N VAL H 99 -18.12 18.28 3.82
CA VAL H 99 -17.12 17.44 4.46
C VAL H 99 -17.75 16.77 5.68
N VAL H 100 -17.07 15.74 6.19
CA VAL H 100 -17.54 14.98 7.33
C VAL H 100 -16.41 14.88 8.35
N TRP H 101 -16.68 15.29 9.58
CA TRP H 101 -15.70 15.25 10.67
C TRP H 101 -15.95 13.97 11.45
N LEU H 102 -14.98 13.05 11.41
CA LEU H 102 -15.12 11.74 12.03
C LEU H 102 -14.33 11.70 13.33
N ILE H 103 -15.02 11.39 14.42
CA ILE H 103 -14.38 11.20 15.72
C ILE H 103 -14.42 9.71 16.04
N LYS H 104 -13.61 9.32 17.02
CA LYS H 104 -13.51 7.91 17.39
C LYS H 104 -14.75 7.45 18.13
N LYS H 105 -15.37 6.38 17.66
CA LYS H 105 -16.49 5.77 18.36
C LYS H 105 -15.97 4.91 19.51
N ASN H 106 -16.74 4.89 20.60
CA ASN H 106 -16.37 4.16 21.81
C ASN H 106 -15.03 4.62 22.34
N SER H 107 -14.00 3.76 22.21
CA SER H 107 -12.67 4.09 22.69
C SER H 107 -11.59 3.70 21.71
N THR H 108 -11.93 3.27 20.50
CA THR H 108 -10.96 2.85 19.50
C THR H 108 -11.19 3.63 18.21
N TYR H 109 -10.09 3.94 17.52
CA TYR H 109 -10.12 4.63 16.24
C TYR H 109 -9.45 3.74 15.21
N PRO H 110 -10.21 2.86 14.54
CA PRO H 110 -9.61 1.98 13.53
C PRO H 110 -9.08 2.76 12.34
N THR H 111 -8.03 2.22 11.72
CA THR H 111 -7.43 2.85 10.55
C THR H 111 -8.37 2.73 9.36
N ILE H 112 -8.76 3.86 8.80
CA ILE H 112 -9.70 3.89 7.68
C ILE H 112 -8.95 3.48 6.41
N LYS H 113 -9.54 2.56 5.65
CA LYS H 113 -8.98 2.10 4.37
C LYS H 113 -10.07 2.19 3.31
N ARG H 114 -10.44 3.41 2.95
CA ARG H 114 -11.50 3.67 1.99
C ARG H 114 -10.91 4.17 0.68
N SER H 115 -11.42 3.64 -0.43
CA SER H 115 -11.01 4.05 -1.76
C SER H 115 -12.24 4.29 -2.62
N TYR H 116 -12.10 5.20 -3.59
CA TYR H 116 -13.20 5.54 -4.48
C TYR H 116 -12.66 5.75 -5.89
N ASN H 117 -13.37 5.22 -6.88
CA ASN H 117 -13.03 5.38 -8.28
C ASN H 117 -14.07 6.25 -8.97
N ASN H 118 -13.61 7.12 -9.87
CA ASN H 118 -14.50 8.03 -10.58
C ASN H 118 -15.25 7.26 -11.66
N THR H 119 -16.57 7.16 -11.50
CA THR H 119 -17.42 6.45 -12.46
C THR H 119 -18.07 7.37 -13.48
N ASN H 120 -18.01 8.69 -13.27
CA ASN H 120 -18.62 9.63 -14.19
C ASN H 120 -17.69 9.93 -15.36
N GLN H 121 -18.28 10.36 -16.48
CA GLN H 121 -17.49 10.68 -17.66
C GLN H 121 -16.74 11.99 -17.52
N GLU H 122 -17.18 12.88 -16.63
CA GLU H 122 -16.50 14.14 -16.42
C GLU H 122 -15.52 14.04 -15.25
N ASP H 123 -14.64 15.03 -15.16
CA ASP H 123 -13.64 15.05 -14.09
C ASP H 123 -14.31 15.34 -12.76
N LEU H 124 -13.92 14.57 -11.72
CA LEU H 124 -14.45 14.74 -10.38
C LEU H 124 -13.42 15.45 -9.51
N LEU H 125 -13.92 16.28 -8.59
CA LEU H 125 -13.08 17.05 -7.68
C LEU H 125 -13.39 16.62 -6.26
N VAL H 126 -12.36 16.15 -5.53
CA VAL H 126 -12.51 15.72 -4.15
C VAL H 126 -11.74 16.68 -3.26
N LEU H 127 -12.28 16.92 -2.05
CA LEU H 127 -11.69 17.84 -1.10
C LEU H 127 -11.67 17.17 0.27
N TRP H 128 -10.49 17.02 0.84
CA TRP H 128 -10.30 16.43 2.16
C TRP H 128 -9.43 17.35 3.00
N GLY H 129 -9.44 17.12 4.31
CA GLY H 129 -8.69 17.96 5.23
C GLY H 129 -8.24 17.18 6.44
N ILE H 130 -7.14 17.63 7.04
CA ILE H 130 -6.59 17.05 8.26
C ILE H 130 -6.72 18.07 9.37
N HIS H 131 -7.21 17.63 10.53
CA HIS H 131 -7.45 18.52 11.66
C HIS H 131 -6.25 18.53 12.59
N HIS H 132 -5.91 19.72 13.09
CA HIS H 132 -4.81 19.88 14.03
C HIS H 132 -5.37 20.09 15.43
N PRO H 133 -5.00 19.26 16.41
CA PRO H 133 -5.58 19.41 17.74
C PRO H 133 -4.98 20.58 18.51
N ASN H 134 -5.67 20.95 19.59
CA ASN H 134 -5.19 22.04 20.44
C ASN H 134 -3.99 21.58 21.27
N ASP H 135 -4.13 20.44 21.94
CA ASP H 135 -3.06 19.90 22.77
C ASP H 135 -3.00 18.39 22.58
N ALA H 136 -1.93 17.79 23.09
CA ALA H 136 -1.77 16.34 22.99
C ALA H 136 -2.84 15.60 23.78
N ALA H 137 -3.29 16.17 24.89
CA ALA H 137 -4.37 15.55 25.67
C ALA H 137 -5.68 15.60 24.92
N GLU H 138 -5.93 16.65 24.16
CA GLU H 138 -7.15 16.72 23.36
C GLU H 138 -7.11 15.74 22.19
N GLN H 139 -5.92 15.37 21.74
CA GLN H 139 -5.80 14.38 20.68
C GLN H 139 -6.30 13.02 21.14
N THR H 140 -5.99 12.64 22.38
CA THR H 140 -6.43 11.35 22.90
C THR H 140 -7.94 11.35 23.15
N LYS H 141 -8.49 12.49 23.59
CA LYS H 141 -9.92 12.56 23.87
C LYS H 141 -10.75 12.35 22.61
N LEU H 142 -10.22 12.74 21.45
CA LEU H 142 -10.95 12.62 20.19
C LEU H 142 -10.55 11.38 19.41
N TYR H 143 -9.26 11.22 19.11
CA TYR H 143 -8.78 10.19 18.20
C TYR H 143 -8.06 9.05 18.91
N GLN H 144 -7.92 9.12 20.24
CA GLN H 144 -7.28 8.07 21.03
C GLN H 144 -5.83 7.83 20.64
N ASN H 145 -5.59 7.51 19.37
CA ASN H 145 -4.24 7.25 18.89
C ASN H 145 -3.39 8.52 19.00
N PRO H 146 -2.28 8.48 19.74
CA PRO H 146 -1.42 9.67 19.84
C PRO H 146 -0.76 10.04 18.53
N THR H 147 -0.06 9.09 17.91
CA THR H 147 0.60 9.31 16.63
C THR H 147 -0.36 8.94 15.50
N THR H 148 -0.89 9.95 14.83
CA THR H 148 -1.83 9.77 13.74
C THR H 148 -1.24 10.31 12.45
N TYR H 149 -1.90 9.97 11.34
CA TYR H 149 -1.47 10.44 10.02
C TYR H 149 -2.65 10.33 9.07
N ILE H 150 -2.46 10.87 7.87
CA ILE H 150 -3.48 10.82 6.82
C ILE H 150 -2.80 10.71 5.47
N SER H 151 -3.06 9.61 4.76
CA SER H 151 -2.44 9.33 3.47
C SER H 151 -3.53 9.30 2.40
N VAL H 152 -3.43 10.18 1.41
CA VAL H 152 -4.37 10.25 0.30
C VAL H 152 -3.59 9.97 -0.98
N GLY H 153 -3.86 8.82 -1.59
CA GLY H 153 -3.16 8.44 -2.81
C GLY H 153 -4.09 8.31 -4.00
N THR H 154 -3.67 8.89 -5.14
CA THR H 154 -4.46 8.86 -6.37
C THR H 154 -3.58 8.37 -7.50
N SER H 155 -4.13 8.37 -8.72
CA SER H 155 -3.39 7.94 -9.89
C SER H 155 -2.28 8.93 -10.27
N THR H 156 -2.37 10.17 -9.80
CA THR H 156 -1.35 11.18 -10.08
C THR H 156 -0.87 11.89 -8.82
N LEU H 157 -1.17 11.35 -7.63
CA LEU H 157 -0.79 12.01 -6.38
C LEU H 157 -0.53 10.95 -5.32
N ASN H 158 0.60 11.09 -4.62
CA ASN H 158 0.93 10.23 -3.47
C ASN H 158 1.24 11.17 -2.31
N GLN H 159 0.29 11.32 -1.40
CA GLN H 159 0.37 12.28 -0.32
C GLN H 159 0.35 11.58 1.03
N ARG H 160 1.11 12.13 1.98
CA ARG H 160 1.11 11.66 3.36
C ARG H 160 1.13 12.87 4.28
N LEU H 161 0.14 12.95 5.17
CA LEU H 161 -0.01 14.09 6.07
C LEU H 161 0.22 13.65 7.50
N VAL H 162 0.68 14.59 8.33
CA VAL H 162 0.91 14.37 9.75
C VAL H 162 0.34 15.55 10.52
N PRO H 163 -0.62 15.35 11.43
CA PRO H 163 -1.20 16.49 12.14
C PRO H 163 -0.22 17.09 13.13
N ARG H 164 -0.25 18.42 13.23
CA ARG H 164 0.60 19.16 14.14
C ARG H 164 -0.19 19.53 15.39
N ILE H 165 0.45 19.41 16.55
CA ILE H 165 -0.16 19.68 17.84
C ILE H 165 0.65 20.77 18.52
N ALA H 166 0.03 21.94 18.70
CA ALA H 166 0.67 23.07 19.37
C ALA H 166 -0.41 24.02 19.84
N THR H 167 -0.27 24.52 21.08
CA THR H 167 -1.25 25.44 21.63
C THR H 167 -1.14 26.79 20.94
N ARG H 168 -2.20 27.19 20.24
CA ARG H 168 -2.25 28.44 19.50
C ARG H 168 -3.29 29.36 20.13
N SER H 169 -3.18 30.65 19.82
CA SER H 169 -4.14 31.61 20.35
C SER H 169 -5.47 31.46 19.62
N LYS H 170 -6.55 31.55 20.38
CA LYS H 170 -7.88 31.30 19.85
C LYS H 170 -8.26 32.35 18.82
N VAL H 171 -8.81 31.90 17.69
CA VAL H 171 -9.25 32.80 16.62
C VAL H 171 -10.58 32.27 16.10
N ASN H 172 -11.56 33.17 15.97
CA ASN H 172 -12.91 32.86 15.50
C ASN H 172 -13.62 31.84 16.38
N GLY H 173 -13.15 31.65 17.61
CA GLY H 173 -13.79 30.72 18.52
C GLY H 173 -12.84 29.84 19.30
N GLN H 174 -12.15 28.94 18.60
CA GLN H 174 -11.29 27.95 19.24
C GLN H 174 -9.92 27.97 18.59
N SER H 175 -8.98 27.27 19.22
CA SER H 175 -7.58 27.29 18.80
C SER H 175 -7.24 26.22 17.77
N GLY H 176 -8.03 25.16 17.67
CA GLY H 176 -7.73 24.11 16.72
C GLY H 176 -7.81 24.61 15.28
N ARG H 177 -7.03 23.98 14.42
CA ARG H 177 -6.93 24.38 13.01
C ARG H 177 -7.30 23.20 12.11
N MET H 178 -7.63 23.54 10.87
CA MET H 178 -7.98 22.54 9.85
C MET H 178 -7.40 22.98 8.52
N GLU H 179 -6.58 22.11 7.92
CA GLU H 179 -5.93 22.38 6.64
C GLU H 179 -6.56 21.51 5.58
N PHE H 180 -7.28 22.13 4.65
CA PHE H 180 -8.00 21.39 3.61
C PHE H 180 -7.16 21.27 2.35
N PHE H 181 -7.37 20.17 1.63
CA PHE H 181 -6.62 19.85 0.43
C PHE H 181 -7.58 19.52 -0.71
N TRP H 182 -7.03 19.27 -1.90
CA TRP H 182 -7.82 18.94 -3.07
C TRP H 182 -6.91 18.32 -4.11
N THR H 183 -7.53 17.64 -5.08
CA THR H 183 -6.80 17.02 -6.18
C THR H 183 -7.77 16.74 -7.31
N ILE H 184 -7.33 17.01 -8.54
CA ILE H 184 -8.15 16.75 -9.72
C ILE H 184 -8.11 15.26 -10.02
N LEU H 185 -9.28 14.63 -10.05
CA LEU H 185 -9.39 13.20 -10.29
C LEU H 185 -9.88 12.95 -11.70
N LYS H 186 -9.03 12.33 -12.52
CA LYS H 186 -9.40 11.99 -13.88
C LYS H 186 -10.37 10.81 -13.88
N PRO H 187 -11.19 10.68 -14.93
CA PRO H 187 -12.10 9.53 -15.01
C PRO H 187 -11.33 8.21 -15.04
N ASN H 188 -11.98 7.16 -14.53
CA ASN H 188 -11.46 5.80 -14.41
C ASN H 188 -10.28 5.69 -13.45
N ASP H 189 -9.86 6.79 -12.83
CA ASP H 189 -8.82 6.75 -11.82
C ASP H 189 -9.45 6.56 -10.43
N ALA H 190 -8.59 6.30 -9.44
CA ALA H 190 -9.05 6.01 -8.09
C ALA H 190 -8.27 6.86 -7.09
N ILE H 191 -8.94 7.19 -5.99
CA ILE H 191 -8.34 7.95 -4.90
C ILE H 191 -8.38 7.07 -3.66
N ASN H 192 -7.22 6.64 -3.19
CA ASN H 192 -7.10 5.77 -2.03
C ASN H 192 -6.78 6.60 -0.81
N PHE H 193 -7.61 6.49 0.23
CA PHE H 193 -7.44 7.21 1.47
C PHE H 193 -7.03 6.25 2.59
N GLU H 194 -6.21 6.76 3.51
CA GLU H 194 -5.75 5.97 4.64
C GLU H 194 -5.33 6.93 5.74
N SER H 195 -6.06 6.92 6.85
CA SER H 195 -5.78 7.83 7.96
C SER H 195 -5.99 7.12 9.28
N ASN H 196 -5.08 7.36 10.22
CA ASN H 196 -5.16 6.79 11.56
C ASN H 196 -5.73 7.76 12.59
N GLY H 197 -6.12 8.94 12.18
CA GLY H 197 -6.66 9.94 13.08
C GLY H 197 -6.48 11.33 12.51
N ASN H 198 -7.33 12.25 12.98
CA ASN H 198 -7.32 13.65 12.56
C ASN H 198 -7.49 13.75 11.04
N PHE H 199 -8.71 13.44 10.61
CA PHE H 199 -9.01 13.38 9.18
C PHE H 199 -10.45 13.84 8.96
N ILE H 200 -10.63 14.99 8.32
CA ILE H 200 -11.94 15.49 7.95
C ILE H 200 -12.30 14.85 6.62
N ALA H 201 -13.09 13.77 6.67
CA ALA H 201 -13.39 12.98 5.50
C ALA H 201 -14.41 13.68 4.60
N PRO H 202 -14.29 13.51 3.29
CA PRO H 202 -15.27 14.10 2.38
C PRO H 202 -16.51 13.23 2.24
N GLU H 203 -17.63 13.90 2.00
CA GLU H 203 -18.91 13.23 1.76
C GLU H 203 -19.44 13.45 0.36
N TYR H 204 -19.37 14.68 -0.15
CA TYR H 204 -19.82 15.02 -1.50
C TYR H 204 -18.61 15.34 -2.37
N ALA H 205 -18.86 15.46 -3.67
CA ALA H 205 -17.82 15.80 -4.63
C ALA H 205 -18.42 16.66 -5.73
N TYR H 206 -17.54 17.32 -6.48
CA TYR H 206 -17.94 18.21 -7.56
C TYR H 206 -17.41 17.69 -8.88
N LYS H 207 -18.23 17.79 -9.92
CA LYS H 207 -17.86 17.36 -11.26
C LYS H 207 -17.57 18.58 -12.12
N ILE H 208 -16.32 18.69 -12.59
CA ILE H 208 -15.88 19.82 -13.40
C ILE H 208 -16.02 19.48 -14.87
N VAL H 209 -16.37 20.48 -15.67
CA VAL H 209 -16.51 20.29 -17.10
C VAL H 209 -16.14 21.57 -17.85
N GLU I 1 44.57 2.67 -44.09
CA GLU I 1 43.26 3.18 -44.48
C GLU I 1 42.38 3.39 -43.26
N VAL I 2 42.72 4.39 -42.45
CA VAL I 2 41.95 4.72 -41.25
C VAL I 2 41.32 6.09 -41.44
N GLN I 3 40.11 6.13 -42.01
CA GLN I 3 39.41 7.35 -42.28
C GLN I 3 38.12 7.42 -41.47
N LEU I 4 37.60 8.65 -41.32
CA LEU I 4 36.33 8.90 -40.67
C LEU I 4 35.47 9.78 -41.56
N VAL I 5 34.19 9.46 -41.64
CA VAL I 5 33.26 10.15 -42.52
C VAL I 5 32.22 10.87 -41.67
N GLU I 6 32.10 12.18 -41.86
CA GLU I 6 31.11 12.99 -41.17
C GLU I 6 29.92 13.26 -42.08
N SER I 7 28.75 13.40 -41.48
CA SER I 7 27.53 13.67 -42.22
C SER I 7 26.50 14.28 -41.27
N GLY I 8 25.70 15.19 -41.80
CA GLY I 8 24.67 15.83 -41.01
C GLY I 8 24.77 17.35 -41.00
N GLY I 9 25.64 17.89 -41.83
CA GLY I 9 25.82 19.33 -41.90
C GLY I 9 24.83 20.01 -42.83
N GLY I 10 24.48 21.24 -42.49
CA GLY I 10 23.55 21.99 -43.30
C GLY I 10 23.13 23.27 -42.59
N LEU I 11 22.18 23.96 -43.21
CA LEU I 11 21.65 25.21 -42.67
C LEU I 11 20.43 24.92 -41.81
N VAL I 12 20.29 25.67 -40.72
CA VAL I 12 19.19 25.49 -39.78
C VAL I 12 18.87 26.83 -39.14
N GLN I 13 17.59 27.06 -38.89
CA GLN I 13 17.17 28.29 -38.23
C GLN I 13 17.56 28.25 -36.74
N PRO I 14 17.75 29.41 -36.11
CA PRO I 14 18.09 29.41 -34.69
C PRO I 14 16.98 28.82 -33.85
N GLY I 15 17.36 27.97 -32.90
CA GLY I 15 16.41 27.28 -32.04
C GLY I 15 15.97 25.92 -32.55
N GLY I 16 16.49 25.47 -33.69
CA GLY I 16 16.12 24.19 -34.24
C GLY I 16 16.98 23.05 -33.72
N SER I 17 16.88 21.91 -34.39
CA SER I 17 17.61 20.71 -34.01
C SER I 17 18.27 20.10 -35.24
N LEU I 18 19.47 19.57 -35.03
CA LEU I 18 20.22 18.91 -36.10
C LEU I 18 20.93 17.70 -35.53
N ARG I 19 21.19 16.72 -36.39
CA ARG I 19 21.83 15.48 -35.99
C ARG I 19 23.02 15.21 -36.91
N LEU I 20 24.21 15.16 -36.33
CA LEU I 20 25.43 14.85 -37.06
C LEU I 20 25.85 13.41 -36.79
N SER I 21 26.45 12.78 -37.80
CA SER I 21 26.88 11.40 -37.72
C SER I 21 28.33 11.29 -38.15
N CYS I 22 29.09 10.46 -37.43
CA CYS I 22 30.49 10.20 -37.72
C CYS I 22 30.68 8.72 -37.99
N ALA I 23 31.03 8.38 -39.22
CA ALA I 23 31.18 6.99 -39.65
C ALA I 23 32.64 6.55 -39.55
N ALA I 24 32.85 5.36 -39.01
CA ALA I 24 34.18 4.79 -38.85
C ALA I 24 34.40 3.67 -39.86
N SER I 25 35.65 3.55 -40.33
CA SER I 25 35.99 2.53 -41.31
C SER I 25 37.49 2.24 -41.20
N GLY I 26 37.82 1.11 -40.56
CA GLY I 26 39.21 0.72 -40.42
C GLY I 26 39.56 0.11 -39.08
N PHE I 27 39.39 0.89 -38.02
CA PHE I 27 39.79 0.46 -36.68
C PHE I 27 38.61 -0.17 -35.94
N THR I 28 38.93 -0.95 -34.92
CA THR I 28 37.91 -1.56 -34.07
C THR I 28 37.23 -0.50 -33.23
N PHE I 29 35.91 -0.38 -33.37
CA PHE I 29 35.19 0.70 -32.70
C PHE I 29 35.08 0.44 -31.19
N SER I 30 34.79 -0.81 -30.80
CA SER I 30 34.52 -1.13 -29.41
C SER I 30 35.76 -1.07 -28.52
N THR I 31 36.91 -0.65 -29.05
CA THR I 31 38.14 -0.60 -28.27
C THR I 31 38.65 0.81 -28.03
N TYR I 32 38.17 1.80 -28.76
CA TYR I 32 38.65 3.16 -28.65
C TYR I 32 37.53 4.11 -28.21
N TRP I 33 37.92 5.32 -27.88
CA TRP I 33 36.98 6.39 -27.53
C TRP I 33 36.63 7.18 -28.79
N MET I 34 35.73 8.15 -28.63
CA MET I 34 35.32 9.02 -29.73
C MET I 34 34.98 10.38 -29.16
N THR I 35 35.54 11.43 -29.76
CA THR I 35 35.36 12.79 -29.28
C THR I 35 35.03 13.72 -30.44
N TRP I 36 34.44 14.86 -30.10
CA TRP I 36 34.10 15.89 -31.08
C TRP I 36 34.94 17.14 -30.85
N VAL I 37 34.96 18.00 -31.87
CA VAL I 37 35.69 19.27 -31.81
C VAL I 37 35.19 20.16 -32.93
N ARG I 38 34.74 21.37 -32.59
CA ARG I 38 34.24 22.32 -33.56
C ARG I 38 35.19 23.52 -33.66
N GLN I 39 35.14 24.19 -34.81
CA GLN I 39 35.99 25.33 -35.08
C GLN I 39 35.17 26.43 -35.72
N ALA I 40 35.09 27.57 -35.04
CA ALA I 40 34.40 28.72 -35.61
C ALA I 40 35.16 29.23 -36.84
N PRO I 41 34.46 29.88 -37.78
CA PRO I 41 35.14 30.39 -38.99
C PRO I 41 36.22 31.41 -38.66
N GLY I 42 37.48 31.05 -38.88
CA GLY I 42 38.59 31.93 -38.62
C GLY I 42 39.07 31.95 -37.18
N LYS I 43 38.42 31.22 -36.29
CA LYS I 43 38.79 31.18 -34.87
C LYS I 43 39.48 29.87 -34.54
N GLY I 44 39.85 29.72 -33.27
CA GLY I 44 40.56 28.54 -32.83
C GLY I 44 39.64 27.34 -32.61
N LEU I 45 40.27 26.21 -32.34
CA LEU I 45 39.53 24.98 -32.10
C LEU I 45 38.82 25.03 -30.75
N GLU I 46 37.69 24.33 -30.68
CA GLU I 46 36.91 24.27 -29.45
C GLU I 46 36.37 22.86 -29.26
N TRP I 47 36.59 22.29 -28.09
CA TRP I 47 36.14 20.94 -27.80
C TRP I 47 34.63 20.91 -27.58
N VAL I 48 34.00 19.83 -28.04
CA VAL I 48 32.54 19.69 -27.93
C VAL I 48 32.21 18.63 -26.89
N ALA I 49 32.27 17.36 -27.28
CA ALA I 49 31.85 16.27 -26.41
C ALA I 49 32.67 15.03 -26.70
N ASN I 50 32.67 14.11 -25.72
CA ASN I 50 33.38 12.84 -25.82
C ASN I 50 32.40 11.69 -25.57
N ILE I 51 32.90 10.47 -25.73
CA ILE I 51 32.10 9.27 -25.51
C ILE I 51 33.05 8.11 -25.25
N ASN I 52 32.65 7.22 -24.35
CA ASN I 52 33.47 6.08 -23.96
C ASN I 52 33.36 4.94 -24.96
N GLN I 53 33.76 3.73 -24.56
CA GLN I 53 33.62 2.58 -25.43
C GLN I 53 32.17 2.17 -25.60
N ASP I 54 31.38 2.28 -24.53
CA ASP I 54 29.95 2.03 -24.57
C ASP I 54 29.20 3.32 -24.29
N GLY I 55 27.93 3.35 -24.68
CA GLY I 55 27.10 4.53 -24.49
C GLY I 55 26.70 4.77 -23.05
N GLY I 56 27.69 4.83 -22.16
CA GLY I 56 27.41 5.03 -20.75
C GLY I 56 28.03 6.31 -20.20
N GLU I 57 29.29 6.56 -20.54
CA GLU I 57 30.01 7.75 -20.08
C GLU I 57 30.10 8.74 -21.23
N LYS I 58 29.37 9.85 -21.10
CA LYS I 58 29.40 10.92 -22.08
C LYS I 58 29.51 12.25 -21.35
N TYR I 59 30.28 13.18 -21.92
CA TYR I 59 30.55 14.46 -21.29
C TYR I 59 30.54 15.55 -22.35
N PHE I 60 29.93 16.68 -22.01
CA PHE I 60 29.82 17.83 -22.90
C PHE I 60 30.61 19.00 -22.33
N VAL I 61 30.65 20.10 -23.08
CA VAL I 61 31.31 21.31 -22.60
C VAL I 61 30.38 22.07 -21.66
N ASP I 62 30.98 22.90 -20.81
CA ASP I 62 30.20 23.68 -19.85
C ASP I 62 29.34 24.72 -20.53
N SER I 63 29.69 25.15 -21.75
CA SER I 63 28.89 26.15 -22.45
C SER I 63 27.68 25.54 -23.15
N VAL I 64 27.78 24.28 -23.58
CA VAL I 64 26.69 23.61 -24.28
C VAL I 64 26.16 22.43 -23.47
N LYS I 65 26.33 22.45 -22.15
CA LYS I 65 25.85 21.36 -21.31
C LYS I 65 24.34 21.35 -21.26
N GLY I 66 23.74 20.20 -21.56
CA GLY I 66 22.31 20.04 -21.55
C GLY I 66 21.62 20.27 -22.88
N ARG I 67 22.25 20.99 -23.80
CA ARG I 67 21.66 21.27 -25.10
C ARG I 67 22.10 20.28 -26.19
N PHE I 68 23.16 19.51 -25.94
CA PHE I 68 23.63 18.51 -26.88
C PHE I 68 23.47 17.12 -26.29
N THR I 69 23.48 16.11 -27.17
CA THR I 69 23.37 14.72 -26.76
C THR I 69 24.37 13.89 -27.56
N ILE I 70 25.07 12.99 -26.88
CA ILE I 70 26.10 12.15 -27.47
C ILE I 70 25.62 10.70 -27.43
N SER I 71 25.61 10.05 -28.58
CA SER I 71 25.22 8.65 -28.70
C SER I 71 26.08 7.98 -29.76
N ARG I 72 26.11 6.65 -29.72
CA ARG I 72 26.95 5.90 -30.64
C ARG I 72 26.42 4.47 -30.76
N ASP I 73 26.45 3.95 -31.98
CA ASP I 73 26.07 2.57 -32.26
C ASP I 73 27.34 1.80 -32.57
N ASN I 74 27.72 0.88 -31.67
CA ASN I 74 28.95 0.11 -31.86
C ASN I 74 28.84 -0.91 -32.98
N ALA I 75 27.62 -1.34 -33.34
CA ALA I 75 27.46 -2.31 -34.41
C ALA I 75 27.53 -1.66 -35.78
N LYS I 76 26.86 -0.53 -35.96
CA LYS I 76 26.84 0.16 -37.24
C LYS I 76 28.12 0.91 -37.55
N ASN I 77 29.11 0.87 -36.64
CA ASN I 77 30.38 1.58 -36.80
C ASN I 77 30.15 3.06 -37.08
N SER I 78 29.24 3.66 -36.30
CA SER I 78 28.91 5.07 -36.47
C SER I 78 28.34 5.60 -35.17
N LEU I 79 28.49 6.90 -34.97
CA LEU I 79 27.98 7.60 -33.79
C LEU I 79 27.10 8.76 -34.24
N PHE I 80 26.33 9.30 -33.31
CA PHE I 80 25.43 10.40 -33.59
C PHE I 80 25.53 11.44 -32.48
N LEU I 81 25.74 12.70 -32.88
CA LEU I 81 25.80 13.83 -31.94
C LEU I 81 24.56 14.68 -32.17
N GLN I 82 23.58 14.54 -31.29
CA GLN I 82 22.33 15.27 -31.42
C GLN I 82 22.48 16.70 -30.89
N MET I 83 21.91 17.65 -31.61
CA MET I 83 21.95 19.06 -31.23
C MET I 83 20.52 19.58 -31.10
N ASN I 84 20.28 20.38 -30.06
CA ASN I 84 18.97 20.96 -29.81
C ASN I 84 19.14 22.41 -29.39
N THR I 85 18.20 23.25 -29.82
CA THR I 85 18.19 24.69 -29.52
C THR I 85 19.53 25.32 -29.88
N LEU I 86 19.73 25.47 -31.20
CA LEU I 86 20.99 25.99 -31.71
C LEU I 86 21.07 27.50 -31.49
N ARG I 87 22.17 27.95 -30.90
CA ARG I 87 22.42 29.37 -30.69
C ARG I 87 23.23 29.93 -31.86
N ALA I 88 23.37 31.26 -31.87
CA ALA I 88 24.11 31.91 -32.94
C ALA I 88 25.60 31.59 -32.88
N GLU I 89 26.13 31.31 -31.69
CA GLU I 89 27.53 30.98 -31.54
C GLU I 89 27.85 29.55 -31.97
N ASP I 90 26.84 28.69 -32.10
CA ASP I 90 27.07 27.31 -32.49
C ASP I 90 27.40 27.16 -33.97
N THR I 91 27.29 28.22 -34.76
CA THR I 91 27.59 28.17 -36.19
C THR I 91 29.08 27.97 -36.38
N ALA I 92 29.48 26.72 -36.65
CA ALA I 92 30.88 26.39 -36.82
C ALA I 92 30.98 25.05 -37.52
N VAL I 93 32.17 24.79 -38.09
CA VAL I 93 32.45 23.51 -38.73
C VAL I 93 32.82 22.50 -37.65
N TYR I 94 32.27 21.29 -37.77
CA TYR I 94 32.44 20.25 -36.76
C TYR I 94 33.41 19.18 -37.24
N TYR I 95 34.20 18.65 -36.29
CA TYR I 95 35.14 17.57 -36.56
C TYR I 95 34.88 16.46 -35.54
N CYS I 96 34.98 15.21 -36.02
CA CYS I 96 34.93 14.04 -35.15
C CYS I 96 36.25 13.29 -35.24
N ALA I 97 36.75 12.84 -34.09
CA ALA I 97 38.03 12.15 -34.05
C ALA I 97 38.03 11.16 -32.90
N ARG I 98 38.76 10.06 -33.09
CA ARG I 98 38.91 9.04 -32.08
C ARG I 98 40.21 9.22 -31.31
N GLY I 99 40.23 8.70 -30.09
CA GLY I 99 41.40 8.80 -29.24
C GLY I 99 41.43 7.68 -28.22
N PHE I 100 42.59 7.52 -27.60
CA PHE I 100 42.82 6.48 -26.61
C PHE I 100 43.05 7.15 -25.26
N LEU I 101 42.05 7.08 -24.38
CA LEU I 101 42.15 7.62 -23.03
C LEU I 101 42.91 6.63 -22.16
N GLU I 102 44.15 6.96 -21.82
CA GLU I 102 45.01 6.08 -21.06
C GLU I 102 45.62 6.84 -19.89
N ARG I 103 46.27 6.09 -18.99
CA ARG I 103 46.94 6.64 -17.83
C ARG I 103 48.35 6.06 -17.76
N LEU I 104 49.35 6.94 -17.69
CA LEU I 104 50.74 6.53 -17.59
C LEU I 104 51.47 7.46 -16.64
N LEU I 105 52.53 6.93 -16.02
CA LEU I 105 53.30 7.66 -15.03
C LEU I 105 54.50 8.38 -15.62
N LEU I 106 54.33 9.06 -16.76
CA LEU I 106 55.40 9.83 -17.35
C LEU I 106 55.68 11.07 -16.49
N GLY I 107 56.58 10.92 -15.52
CA GLY I 107 56.91 11.97 -14.58
C GLY I 107 56.82 11.45 -13.16
N ARG I 108 56.76 12.39 -12.21
CA ARG I 108 56.69 12.02 -10.80
C ARG I 108 55.27 11.56 -10.44
N GLN I 109 54.31 12.47 -10.49
CA GLN I 109 52.93 12.16 -10.20
C GLN I 109 52.22 11.79 -11.50
N GLY I 110 51.77 10.54 -11.60
CA GLY I 110 51.04 10.11 -12.77
C GLY I 110 49.71 10.81 -12.92
N ALA I 111 49.22 10.85 -14.16
CA ALA I 111 47.97 11.52 -14.46
C ALA I 111 47.35 10.87 -15.69
N TYR I 112 46.18 11.37 -16.09
CA TYR I 112 45.50 10.88 -17.28
C TYR I 112 46.07 11.57 -18.52
N TYR I 113 46.16 10.82 -19.61
CA TYR I 113 46.69 11.32 -20.87
C TYR I 113 45.76 10.95 -22.01
N TYR I 114 45.60 11.87 -22.96
CA TYR I 114 44.67 11.69 -24.06
C TYR I 114 45.34 12.15 -25.35
N GLY I 115 45.01 11.47 -26.45
CA GLY I 115 45.57 11.81 -27.74
C GLY I 115 44.71 11.39 -28.92
N MET I 116 44.34 12.37 -29.75
CA MET I 116 43.55 12.11 -30.95
C MET I 116 44.47 12.11 -32.16
N ASP I 117 44.35 11.09 -33.00
CA ASP I 117 45.21 10.94 -34.17
C ASP I 117 44.49 10.77 -35.49
N VAL I 118 43.22 10.37 -35.48
CA VAL I 118 42.47 10.13 -36.71
C VAL I 118 41.35 11.15 -36.78
N TRP I 119 41.50 12.13 -37.67
CA TRP I 119 40.53 13.19 -37.87
C TRP I 119 39.80 13.00 -39.19
N GLY I 120 38.78 13.83 -39.41
CA GLY I 120 37.97 13.79 -40.61
C GLY I 120 38.03 15.08 -41.39
N GLN I 121 37.30 15.09 -42.50
CA GLN I 121 37.28 16.26 -43.38
C GLN I 121 36.56 17.43 -42.71
N GLY I 122 35.34 17.22 -42.24
CA GLY I 122 34.63 18.28 -41.54
C GLY I 122 33.35 18.67 -42.25
N THR I 123 32.27 18.77 -41.47
CA THR I 123 30.97 19.19 -41.96
C THR I 123 30.72 20.64 -41.58
N THR I 124 30.39 21.46 -42.57
CA THR I 124 30.16 22.89 -42.35
C THR I 124 28.71 23.10 -41.97
N VAL I 125 28.48 23.55 -40.74
CA VAL I 125 27.14 23.83 -40.22
C VAL I 125 26.98 25.34 -40.10
N THR I 126 25.90 25.87 -40.67
CA THR I 126 25.61 27.29 -40.67
C THR I 126 24.28 27.53 -39.96
N VAL I 127 24.26 28.49 -39.05
CA VAL I 127 23.06 28.82 -38.30
C VAL I 127 22.46 30.12 -38.82
N ALA I 130 17.84 32.61 -41.55
CA ALA I 130 18.68 32.23 -42.68
C ALA I 130 17.85 31.87 -43.90
N SER I 131 18.47 31.89 -45.06
CA SER I 131 17.81 31.58 -46.32
C SER I 131 18.76 30.83 -47.23
N THR I 132 18.25 29.78 -47.87
CA THR I 132 19.03 28.95 -48.77
C THR I 132 18.79 29.37 -50.22
N LYS I 133 19.84 29.32 -51.03
CA LYS I 133 19.75 29.71 -52.44
C LYS I 133 20.78 28.92 -53.24
N GLY I 134 20.45 28.64 -54.49
CA GLY I 134 21.33 27.91 -55.37
C GLY I 134 22.39 28.79 -55.98
N PRO I 135 23.58 28.22 -56.20
CA PRO I 135 24.67 28.99 -56.80
C PRO I 135 24.48 29.21 -58.30
N SER I 136 25.04 30.31 -58.78
CA SER I 136 24.99 30.67 -60.19
C SER I 136 26.39 30.57 -60.77
N VAL I 137 26.56 29.68 -61.75
CA VAL I 137 27.85 29.46 -62.37
C VAL I 137 27.99 30.36 -63.60
N PHE I 138 29.11 31.07 -63.69
CA PHE I 138 29.38 31.95 -64.83
C PHE I 138 30.83 31.82 -65.25
N PRO I 139 31.10 31.49 -66.51
CA PRO I 139 32.50 31.33 -66.96
C PRO I 139 33.19 32.68 -67.11
N LEU I 140 34.50 32.61 -67.30
CA LEU I 140 35.32 33.80 -67.48
C LEU I 140 36.20 33.68 -68.71
N ALA I 152 49.46 32.16 -69.52
CA ALA I 152 48.15 32.77 -69.35
C ALA I 152 47.04 31.71 -69.35
N ALA I 153 46.00 31.93 -68.56
CA ALA I 153 44.89 31.00 -68.45
C ALA I 153 43.69 31.74 -67.87
N LEU I 154 42.57 31.03 -67.79
CA LEU I 154 41.32 31.57 -67.25
C LEU I 154 40.84 30.66 -66.13
N GLY I 155 39.72 31.04 -65.51
CA GLY I 155 39.17 30.28 -64.41
C GLY I 155 37.65 30.36 -64.41
N CYS I 156 37.06 29.76 -63.37
CA CYS I 156 35.62 29.71 -63.20
C CYS I 156 35.17 30.68 -62.12
N LEU I 157 33.91 31.09 -62.19
CA LEU I 157 33.34 32.03 -61.23
C LEU I 157 31.97 31.54 -60.78
N VAL I 158 31.80 31.43 -59.47
CA VAL I 158 30.54 31.00 -58.88
C VAL I 158 30.08 32.11 -57.93
N LYS I 159 29.01 32.81 -58.33
CA LYS I 159 28.48 33.92 -57.55
C LYS I 159 27.06 33.62 -57.11
N ASP I 160 26.60 34.38 -56.12
CA ASP I 160 25.25 34.27 -55.57
C ASP I 160 24.98 32.85 -55.06
N TYR I 161 25.66 32.52 -53.96
CA TYR I 161 25.56 31.21 -53.34
C TYR I 161 25.46 31.38 -51.84
N PHE I 162 24.48 30.71 -51.23
CA PHE I 162 24.26 30.76 -49.79
C PHE I 162 23.41 29.58 -49.38
N PRO I 163 23.72 28.90 -48.26
CA PRO I 163 24.86 29.22 -47.39
C PRO I 163 26.15 28.52 -47.81
N GLU I 164 27.15 28.59 -46.94
CA GLU I 164 28.44 27.96 -47.17
C GLU I 164 28.35 26.45 -46.94
N PRO I 165 29.29 25.67 -47.51
CA PRO I 165 30.40 26.07 -48.38
C PRO I 165 30.18 25.74 -49.85
N VAL I 166 31.24 25.82 -50.64
CA VAL I 166 31.20 25.53 -52.06
C VAL I 166 32.52 24.84 -52.43
N THR I 167 32.42 23.64 -52.99
CA THR I 167 33.60 22.86 -53.39
C THR I 167 33.82 23.03 -54.88
N VAL I 168 35.07 23.33 -55.26
CA VAL I 168 35.45 23.54 -56.65
C VAL I 168 36.57 22.57 -57.00
N SER I 169 36.41 21.84 -58.10
CA SER I 169 37.40 20.90 -58.57
C SER I 169 37.58 21.07 -60.08
N TRP I 170 38.82 20.93 -60.54
CA TRP I 170 39.16 21.12 -61.94
C TRP I 170 39.28 19.76 -62.61
N ASN I 171 38.50 19.55 -63.68
CA ASN I 171 38.52 18.30 -64.45
C ASN I 171 38.25 17.09 -63.57
N SER I 172 37.30 17.25 -62.64
CA SER I 172 36.91 16.19 -61.70
C SER I 172 38.10 15.71 -60.86
N GLY I 173 39.03 16.61 -60.58
CA GLY I 173 40.20 16.29 -59.79
C GLY I 173 41.45 15.94 -60.57
N ALA I 174 41.47 16.19 -61.89
CA ALA I 174 42.65 15.84 -62.68
C ALA I 174 43.68 16.96 -62.65
N LEU I 175 43.24 18.19 -62.89
CA LEU I 175 44.14 19.35 -62.89
C LEU I 175 44.40 19.75 -61.45
N THR I 176 45.62 19.47 -60.97
CA THR I 176 46.00 19.79 -59.60
C THR I 176 47.01 20.94 -59.50
N SER I 177 47.80 21.17 -60.53
CA SER I 177 48.81 22.23 -60.51
C SER I 177 48.19 23.55 -60.92
N GLY I 178 48.46 24.59 -60.14
CA GLY I 178 47.97 25.92 -60.44
C GLY I 178 46.55 26.21 -60.00
N VAL I 179 45.82 25.22 -59.49
CA VAL I 179 44.44 25.44 -59.07
C VAL I 179 44.41 26.32 -57.83
N HIS I 180 43.58 27.35 -57.85
CA HIS I 180 43.43 28.28 -56.73
C HIS I 180 41.95 28.41 -56.39
N THR I 181 41.57 27.86 -55.24
CA THR I 181 40.19 27.95 -54.75
C THR I 181 40.10 29.13 -53.78
N PHE I 182 39.42 30.20 -54.22
CA PHE I 182 39.32 31.40 -53.42
C PHE I 182 38.34 31.21 -52.28
N PRO I 183 38.56 31.87 -51.14
CA PRO I 183 37.59 31.84 -50.05
C PRO I 183 36.36 32.67 -50.38
N ALA I 184 35.26 32.33 -49.71
CA ALA I 184 34.00 33.01 -49.95
C ALA I 184 34.05 34.44 -49.42
N VAL I 185 33.33 35.34 -50.09
CA VAL I 185 33.27 36.74 -49.73
C VAL I 185 31.80 37.13 -49.56
N LEU I 186 31.48 37.75 -48.42
CA LEU I 186 30.11 38.17 -48.15
C LEU I 186 29.83 39.48 -48.87
N GLN I 187 28.90 39.43 -49.83
CA GLN I 187 28.51 40.61 -50.57
C GLN I 187 27.59 41.50 -49.74
N SER I 188 27.24 42.66 -50.28
CA SER I 188 26.29 43.54 -49.62
C SER I 188 24.86 43.02 -49.70
N SER I 189 24.58 42.13 -50.66
CA SER I 189 23.24 41.57 -50.78
C SER I 189 23.00 40.47 -49.76
N GLY I 190 23.97 39.60 -49.54
CA GLY I 190 23.85 38.54 -48.56
C GLY I 190 24.15 37.15 -49.10
N LEU I 191 24.75 37.09 -50.29
CA LEU I 191 25.11 35.83 -50.92
C LEU I 191 26.61 35.79 -51.16
N TYR I 192 27.23 34.67 -50.79
CA TYR I 192 28.66 34.51 -50.96
C TYR I 192 29.02 34.37 -52.44
N SER I 193 30.25 34.73 -52.78
CA SER I 193 30.72 34.65 -54.16
C SER I 193 32.23 34.53 -54.16
N LEU I 194 32.74 33.55 -54.89
CA LEU I 194 34.18 33.32 -55.01
C LEU I 194 34.54 33.09 -56.47
N SER I 195 35.83 33.23 -56.77
CA SER I 195 36.34 33.08 -58.13
C SER I 195 37.56 32.17 -58.09
N SER I 196 37.44 30.99 -58.71
CA SER I 196 38.51 30.01 -58.75
C SER I 196 39.22 30.09 -60.09
N VAL I 197 40.56 30.17 -60.06
CA VAL I 197 41.36 30.27 -61.27
C VAL I 197 42.43 29.18 -61.24
N VAL I 198 42.95 28.87 -62.42
CA VAL I 198 43.98 27.85 -62.58
C VAL I 198 45.04 28.37 -63.54
N THR I 199 46.28 27.93 -63.33
CA THR I 199 47.41 28.34 -64.15
C THR I 199 47.71 27.23 -65.16
N VAL I 200 47.46 27.51 -66.44
CA VAL I 200 47.70 26.55 -67.51
C VAL I 200 48.90 27.02 -68.32
N PRO I 201 49.63 26.13 -68.99
CA PRO I 201 50.78 26.58 -69.80
C PRO I 201 50.33 27.44 -70.96
N SER I 202 51.23 28.34 -71.38
CA SER I 202 50.92 29.24 -72.49
C SER I 202 50.69 28.46 -73.79
N SER I 203 51.55 27.48 -74.06
CA SER I 203 51.38 26.65 -75.23
C SER I 203 50.25 25.64 -75.00
N SER I 204 49.73 25.11 -76.12
CA SER I 204 48.63 24.13 -76.10
C SER I 204 47.41 24.70 -75.37
N LEU I 205 47.02 25.91 -75.75
CA LEU I 205 45.84 26.53 -75.16
C LEU I 205 44.57 25.76 -75.53
N GLY I 206 44.55 25.15 -76.71
CA GLY I 206 43.42 24.34 -77.12
C GLY I 206 43.75 22.85 -77.12
N THR I 207 43.65 22.21 -75.96
CA THR I 207 43.95 20.79 -75.84
C THR I 207 42.78 20.04 -75.23
N GLN I 208 42.99 19.42 -74.07
CA GLN I 208 41.92 18.72 -73.39
C GLN I 208 40.87 19.71 -72.90
N THR I 209 39.61 19.27 -72.91
CA THR I 209 38.50 20.13 -72.52
C THR I 209 38.57 20.42 -71.03
N TYR I 210 38.72 21.71 -70.68
CA TYR I 210 38.76 22.10 -69.29
C TYR I 210 37.34 22.30 -68.77
N ILE I 211 37.02 21.65 -67.64
CA ILE I 211 35.70 21.72 -67.03
C ILE I 211 35.87 21.70 -65.52
N CYS I 212 35.44 22.77 -64.85
CA CYS I 212 35.54 22.86 -63.41
C CYS I 212 34.30 22.24 -62.77
N ASN I 213 34.52 21.29 -61.86
CA ASN I 213 33.44 20.60 -61.17
C ASN I 213 33.13 21.32 -59.87
N VAL I 214 31.90 21.82 -59.74
CA VAL I 214 31.45 22.51 -58.54
C VAL I 214 30.29 21.73 -57.94
N ASN I 215 30.38 21.45 -56.64
CA ASN I 215 29.37 20.69 -55.93
C ASN I 215 28.93 21.46 -54.70
N HIS I 216 27.63 21.74 -54.61
CA HIS I 216 27.05 22.44 -53.47
C HIS I 216 26.00 21.52 -52.86
N LYS I 217 26.26 21.05 -51.64
CA LYS I 217 25.44 20.06 -50.97
C LYS I 217 24.12 20.62 -50.44
N PRO I 218 24.11 21.76 -49.72
CA PRO I 218 22.84 22.24 -49.15
C PRO I 218 21.75 22.51 -50.19
N SER I 219 22.10 23.12 -51.32
CA SER I 219 21.12 23.47 -52.32
C SER I 219 20.77 22.30 -53.26
N ASN I 220 21.41 21.14 -53.09
CA ASN I 220 21.19 19.97 -53.95
C ASN I 220 21.43 20.33 -55.41
N THR I 221 22.45 21.15 -55.66
CA THR I 221 22.79 21.61 -57.00
C THR I 221 24.30 21.44 -57.19
N LYS I 222 24.68 20.51 -58.06
CA LYS I 222 26.09 20.24 -58.39
C LYS I 222 26.29 20.52 -59.87
N VAL I 223 26.47 21.80 -60.20
CA VAL I 223 26.65 22.24 -61.58
C VAL I 223 28.13 22.30 -61.88
N ASP I 224 28.53 21.74 -63.03
CA ASP I 224 29.92 21.74 -63.47
C ASP I 224 29.98 22.33 -64.87
N LYS I 225 30.49 23.55 -64.98
CA LYS I 225 30.58 24.23 -66.26
C LYS I 225 31.85 23.79 -66.99
N LYS I 226 32.17 24.45 -68.11
CA LYS I 226 33.35 24.12 -68.89
C LYS I 226 34.00 25.42 -69.35
N VAL I 227 35.32 25.36 -69.52
CA VAL I 227 36.10 26.51 -69.95
C VAL I 227 36.12 26.53 -71.48
N GLU I 228 35.43 27.50 -72.08
CA GLU I 228 35.38 27.65 -73.53
C GLU I 228 36.02 28.98 -73.92
N PRO I 229 37.06 28.98 -74.73
CA PRO I 229 37.70 30.25 -75.12
C PRO I 229 36.76 31.12 -75.94
N LYS I 230 37.00 32.42 -75.87
CA LYS I 230 36.18 33.39 -76.60
C LYS I 230 36.99 34.64 -76.94
N ASP J 1 37.24 24.26 -14.90
CA ASP J 1 38.12 23.72 -15.94
C ASP J 1 39.28 24.68 -16.21
N ILE J 2 40.47 24.12 -16.37
CA ILE J 2 41.67 24.92 -16.62
C ILE J 2 41.68 25.38 -18.07
N GLN J 3 42.32 26.52 -18.32
CA GLN J 3 42.43 27.09 -19.65
C GLN J 3 43.90 27.16 -20.04
N MET J 4 44.16 27.03 -21.35
CA MET J 4 45.50 27.07 -21.90
C MET J 4 45.62 28.26 -22.84
N THR J 5 46.51 29.19 -22.52
CA THR J 5 46.77 30.37 -23.34
C THR J 5 48.18 30.26 -23.92
N GLN J 6 48.28 30.33 -25.24
CA GLN J 6 49.54 30.20 -25.93
C GLN J 6 49.88 31.50 -26.67
N SER J 7 51.18 31.69 -26.91
CA SER J 7 51.71 32.90 -27.53
C SER J 7 53.02 32.57 -28.20
N PRO J 8 53.40 33.29 -29.27
CA PRO J 8 52.66 34.39 -29.89
C PRO J 8 51.56 33.90 -30.83
N SER J 9 50.55 34.73 -31.07
CA SER J 9 49.44 34.36 -31.94
C SER J 9 49.74 34.60 -33.41
N SER J 10 50.96 35.01 -33.76
CA SER J 10 51.33 35.26 -35.15
C SER J 10 52.85 35.24 -35.25
N LEU J 11 53.39 34.22 -35.91
CA LEU J 11 54.83 34.08 -36.11
C LEU J 11 55.16 34.22 -37.60
N SER J 12 56.37 34.69 -37.87
CA SER J 12 56.82 34.88 -39.24
C SER J 12 58.34 34.86 -39.26
N ALA J 13 58.92 33.98 -40.06
CA ALA J 13 60.38 33.86 -40.16
C ALA J 13 60.73 33.32 -41.54
N SER J 14 62.00 33.45 -41.89
CA SER J 14 62.48 33.00 -43.19
C SER J 14 62.65 31.48 -43.19
N VAL J 15 62.87 30.93 -44.38
CA VAL J 15 63.05 29.49 -44.55
C VAL J 15 64.46 29.13 -44.10
N GLY J 16 64.56 28.24 -43.11
CA GLY J 16 65.83 27.81 -42.57
C GLY J 16 66.11 28.30 -41.16
N ASP J 17 65.32 29.23 -40.65
CA ASP J 17 65.50 29.75 -39.30
C ASP J 17 64.92 28.76 -38.29
N ARG J 18 65.02 29.13 -37.01
CA ARG J 18 64.50 28.32 -35.91
C ARG J 18 63.30 29.03 -35.29
N VAL J 19 62.14 28.40 -35.38
CA VAL J 19 60.90 28.94 -34.84
C VAL J 19 60.53 28.15 -33.59
N SER J 20 59.99 28.86 -32.60
CA SER J 20 59.60 28.24 -31.33
C SER J 20 58.36 28.93 -30.80
N MET J 21 57.51 28.15 -30.14
CA MET J 21 56.25 28.63 -29.60
C MET J 21 56.17 28.30 -28.11
N THR J 22 55.17 28.87 -27.44
CA THR J 22 54.95 28.65 -26.03
C THR J 22 53.45 28.49 -25.77
N CYS J 23 53.11 27.58 -24.86
CA CYS J 23 51.70 27.32 -24.53
C CYS J 23 51.63 27.01 -23.04
N ARG J 24 51.17 27.98 -22.26
CA ARG J 24 51.08 27.84 -20.82
C ARG J 24 49.69 27.34 -20.41
N ALA J 25 49.56 27.02 -19.12
CA ALA J 25 48.31 26.50 -18.58
C ALA J 25 48.03 27.19 -17.24
N SER J 26 46.79 27.01 -16.77
CA SER J 26 46.39 27.64 -15.51
C SER J 26 46.91 26.88 -14.30
N GLN J 27 46.82 25.55 -14.34
CA GLN J 27 47.27 24.69 -13.25
C GLN J 27 48.38 23.77 -13.74
N ILE J 28 48.89 22.96 -12.84
CA ILE J 28 49.95 22.00 -13.17
C ILE J 28 49.33 20.90 -14.03
N ILE J 29 49.72 20.84 -15.30
CA ILE J 29 49.18 19.86 -16.23
C ILE J 29 50.10 18.67 -16.43
N SER J 30 51.10 18.50 -15.57
CA SER J 30 52.07 17.41 -15.65
C SER J 30 52.74 17.37 -17.02
N SER J 31 52.43 16.35 -17.81
CA SER J 31 52.96 16.22 -19.17
C SER J 31 51.86 15.97 -20.20
N SER J 32 50.58 16.07 -19.80
CA SER J 32 49.46 15.80 -20.70
C SER J 32 49.16 17.05 -21.52
N LEU J 33 50.07 17.34 -22.45
CA LEU J 33 49.93 18.48 -23.36
C LEU J 33 50.34 18.02 -24.75
N ASN J 34 49.42 18.11 -25.71
CA ASN J 34 49.65 17.65 -27.07
C ASN J 34 49.67 18.85 -28.02
N TRP J 35 50.32 18.64 -29.17
CA TRP J 35 50.43 19.66 -30.20
C TRP J 35 49.81 19.15 -31.49
N TYR J 36 49.03 20.01 -32.14
CA TYR J 36 48.38 19.71 -33.40
C TYR J 36 48.75 20.76 -34.44
N GLN J 37 48.89 20.33 -35.69
CA GLN J 37 49.06 21.24 -36.81
C GLN J 37 47.85 21.12 -37.72
N GLN J 38 47.47 22.24 -38.33
CA GLN J 38 46.28 22.30 -39.18
C GLN J 38 46.57 23.16 -40.39
N LYS J 39 46.65 22.54 -41.56
CA LYS J 39 46.79 23.28 -42.80
C LYS J 39 45.50 24.05 -43.08
N PRO J 40 45.58 25.17 -43.80
CA PRO J 40 44.38 25.96 -44.09
C PRO J 40 43.35 25.15 -44.86
N GLY J 41 42.15 25.04 -44.29
CA GLY J 41 41.07 24.30 -44.92
C GLY J 41 41.27 22.80 -44.94
N LYS J 42 42.11 22.27 -44.07
CA LYS J 42 42.39 20.85 -44.00
C LYS J 42 42.12 20.32 -42.59
N ALA J 43 42.38 19.04 -42.40
CA ALA J 43 42.16 18.37 -41.12
C ALA J 43 43.41 18.45 -40.26
N PRO J 44 43.25 18.69 -38.96
CA PRO J 44 44.41 18.72 -38.07
C PRO J 44 44.94 17.33 -37.77
N LYS J 45 46.25 17.25 -37.55
CA LYS J 45 46.93 15.99 -37.26
C LYS J 45 47.85 16.17 -36.07
N LEU J 46 47.84 15.20 -35.17
CA LEU J 46 48.67 15.25 -33.97
C LEU J 46 50.13 15.08 -34.35
N LEU J 47 50.94 16.09 -34.04
CA LEU J 47 52.37 16.06 -34.35
C LEU J 47 53.24 15.72 -33.15
N ILE J 48 52.77 15.99 -31.93
CA ILE J 48 53.55 15.73 -30.72
C ILE J 48 52.60 15.30 -29.63
N TYR J 49 52.83 14.10 -29.07
CA TYR J 49 52.05 13.58 -27.97
C TYR J 49 52.83 13.78 -26.67
N ALA J 50 52.14 14.23 -25.63
CA ALA J 50 52.73 14.50 -24.32
C ALA J 50 53.87 15.51 -24.48
N ALA J 51 54.88 15.43 -23.63
CA ALA J 51 55.94 16.44 -23.63
C ALA J 51 56.77 16.38 -24.90
N SER J 52 57.49 15.27 -25.11
CA SER J 52 58.41 15.16 -26.24
C SER J 52 58.19 13.92 -27.10
N ASN J 53 57.18 13.10 -26.81
CA ASN J 53 56.92 11.92 -27.62
C ASN J 53 56.47 12.34 -29.01
N LEU J 54 57.31 12.05 -30.01
CA LEU J 54 57.05 12.46 -31.39
C LEU J 54 56.27 11.37 -32.10
N GLN J 55 55.01 11.66 -32.43
CA GLN J 55 54.19 10.69 -33.14
C GLN J 55 54.76 10.42 -34.53
N SER J 56 54.57 9.19 -35.00
CA SER J 56 55.10 8.80 -36.30
C SER J 56 54.44 9.59 -37.42
N GLY J 57 55.21 9.79 -38.49
CA GLY J 57 54.73 10.57 -39.63
C GLY J 57 55.28 11.97 -39.65
N VAL J 58 55.27 12.64 -38.49
CA VAL J 58 55.81 14.00 -38.41
C VAL J 58 57.32 13.95 -38.63
N PRO J 59 57.92 14.95 -39.28
CA PRO J 59 59.34 14.90 -39.59
C PRO J 59 60.20 15.02 -38.33
N SER J 60 61.49 14.71 -38.50
CA SER J 60 62.43 14.75 -37.38
C SER J 60 62.78 16.16 -36.95
N ARG J 61 62.45 17.18 -37.74
CA ARG J 61 62.76 18.55 -37.36
C ARG J 61 61.90 19.03 -36.19
N PHE J 62 60.71 18.46 -36.04
CA PHE J 62 59.82 18.86 -34.95
C PHE J 62 60.32 18.31 -33.61
N SER J 63 60.12 19.11 -32.56
CA SER J 63 60.52 18.71 -31.21
C SER J 63 59.71 19.53 -30.21
N GLY J 64 59.50 18.94 -29.04
CA GLY J 64 58.75 19.59 -27.99
C GLY J 64 59.38 19.35 -26.64
N SER J 65 59.03 20.22 -25.69
CA SER J 65 59.57 20.13 -24.34
C SER J 65 58.60 20.83 -23.39
N GLY J 66 58.87 20.66 -22.09
CA GLY J 66 58.05 21.28 -21.07
C GLY J 66 57.53 20.30 -20.05
N SER J 67 57.21 20.78 -18.85
CA SER J 67 56.69 19.92 -17.79
C SER J 67 55.89 20.77 -16.82
N GLY J 68 54.62 20.43 -16.63
CA GLY J 68 53.79 21.12 -15.66
C GLY J 68 53.20 22.42 -16.15
N THR J 69 53.91 23.52 -15.95
CA THR J 69 53.39 24.84 -16.27
C THR J 69 53.59 25.18 -17.75
N ASP J 70 54.79 25.65 -18.09
CA ASP J 70 55.05 26.13 -19.44
C ASP J 70 55.48 24.99 -20.36
N PHE J 71 54.96 25.00 -21.58
CA PHE J 71 55.33 24.03 -22.60
C PHE J 71 55.73 24.78 -23.87
N THR J 72 56.64 24.18 -24.63
CA THR J 72 57.17 24.81 -25.84
C THR J 72 57.33 23.78 -26.94
N LEU J 73 57.13 24.23 -28.17
CA LEU J 73 57.33 23.43 -29.37
C LEU J 73 58.26 24.20 -30.29
N THR J 74 59.38 23.58 -30.66
CA THR J 74 60.42 24.24 -31.44
C THR J 74 60.72 23.43 -32.69
N ILE J 75 60.70 24.09 -33.84
CA ILE J 75 61.00 23.46 -35.12
C ILE J 75 62.46 23.75 -35.45
N SER J 76 63.20 22.70 -35.84
CA SER J 76 64.64 22.82 -35.97
C SER J 76 65.04 23.71 -37.15
N SER J 77 64.49 23.42 -38.33
CA SER J 77 64.84 24.15 -39.55
C SER J 77 63.56 24.38 -40.33
N LEU J 78 63.20 25.65 -40.51
CA LEU J 78 61.94 25.99 -41.17
C LEU J 78 61.98 25.58 -42.64
N GLN J 79 60.97 24.80 -43.04
CA GLN J 79 60.74 24.40 -44.42
C GLN J 79 59.43 25.02 -44.93
N PRO J 80 59.34 25.28 -46.24
CA PRO J 80 58.12 25.93 -46.75
C PRO J 80 56.84 25.14 -46.51
N GLU J 81 56.94 23.81 -46.36
CA GLU J 81 55.77 22.98 -46.13
C GLU J 81 55.27 23.06 -44.69
N ASP J 82 55.87 23.89 -43.85
CA ASP J 82 55.48 24.01 -42.45
C ASP J 82 54.46 25.12 -42.20
N PHE J 83 53.94 25.73 -43.26
CA PHE J 83 52.96 26.80 -43.11
C PHE J 83 51.62 26.21 -42.68
N ALA J 84 51.25 26.44 -41.43
CA ALA J 84 49.99 25.94 -40.89
C ALA J 84 49.74 26.61 -39.55
N THR J 85 48.46 26.69 -39.17
CA THR J 85 48.07 27.22 -37.87
C THR J 85 48.10 26.07 -36.87
N TYR J 86 49.05 26.14 -35.93
CA TYR J 86 49.22 25.06 -34.97
C TYR J 86 48.29 25.26 -33.77
N TYR J 87 48.22 24.24 -32.92
CA TYR J 87 47.36 24.27 -31.74
C TYR J 87 47.99 23.41 -30.66
N CYS J 88 47.72 23.76 -29.40
CA CYS J 88 48.17 23.00 -28.25
C CYS J 88 46.96 22.59 -27.42
N GLN J 89 46.85 21.30 -27.11
CA GLN J 89 45.74 20.77 -26.34
C GLN J 89 46.24 20.22 -25.01
N GLN J 90 45.39 20.31 -24.00
CA GLN J 90 45.67 19.77 -22.67
C GLN J 90 44.79 18.55 -22.42
N SER J 91 45.25 17.69 -21.50
CA SER J 91 44.54 16.46 -21.20
C SER J 91 44.81 16.01 -19.77
N TYR J 92 44.86 16.96 -18.83
CA TYR J 92 44.91 16.60 -17.42
C TYR J 92 43.53 16.28 -16.87
N SER J 93 42.47 16.72 -17.56
CA SER J 93 41.11 16.35 -17.21
C SER J 93 40.52 15.52 -18.34
N THR J 94 41.13 14.37 -18.61
CA THR J 94 40.70 13.52 -19.72
C THR J 94 39.25 13.09 -19.62
N PRO J 95 38.72 12.72 -18.45
CA PRO J 95 37.34 12.25 -18.38
C PRO J 95 36.35 13.37 -18.61
N PRO J 96 36.77 14.64 -18.50
CA PRO J 96 35.77 15.72 -18.45
C PRO J 96 36.13 17.01 -19.17
N GLU J 97 37.31 17.13 -19.79
CA GLU J 97 37.67 18.42 -20.35
C GLU J 97 38.67 18.27 -21.50
N LEU J 98 38.81 19.37 -22.23
CA LEU J 98 39.81 19.55 -23.29
C LEU J 98 39.93 21.04 -23.54
N THR J 99 40.98 21.43 -24.25
CA THR J 99 41.27 22.85 -24.44
C THR J 99 41.98 23.04 -25.78
N PHE J 100 42.40 24.28 -26.04
CA PHE J 100 43.07 24.65 -27.28
C PHE J 100 43.87 25.93 -27.10
N GLY J 101 43.27 27.08 -27.43
CA GLY J 101 43.93 28.36 -27.29
C GLY J 101 44.35 29.00 -28.60
N GLY J 102 44.30 28.27 -29.71
CA GLY J 102 44.71 28.82 -30.99
C GLY J 102 46.16 29.26 -31.02
N GLY J 103 47.05 28.49 -30.40
CA GLY J 103 48.42 28.92 -30.24
C GLY J 103 49.15 29.00 -31.57
N THR J 104 49.72 30.17 -31.86
CA THR J 104 50.59 30.39 -33.00
C THR J 104 49.86 30.34 -34.35
N LYS J 105 50.52 30.87 -35.38
CA LYS J 105 50.04 30.87 -36.75
C LYS J 105 51.20 31.20 -37.67
N VAL J 106 52.02 30.19 -37.97
CA VAL J 106 53.31 30.42 -38.62
C VAL J 106 53.12 30.90 -40.05
N GLU J 107 54.11 31.66 -40.53
CA GLU J 107 54.13 32.14 -41.90
C GLU J 107 55.58 32.18 -42.37
N ILE J 108 55.80 31.81 -43.62
CA ILE J 108 57.13 31.83 -44.21
C ILE J 108 57.35 33.17 -44.90
N LYS J 109 58.59 33.65 -44.86
CA LYS J 109 58.97 34.92 -45.46
C LYS J 109 59.90 34.61 -46.63
N ARG J 110 59.31 34.51 -47.82
CA ARG J 110 60.07 34.22 -49.04
C ARG J 110 60.51 35.53 -49.69
N THR J 111 61.08 35.43 -50.89
CA THR J 111 61.53 36.62 -51.60
C THR J 111 60.33 37.40 -52.14
N VAL J 112 60.62 38.59 -52.65
CA VAL J 112 59.58 39.44 -53.23
C VAL J 112 59.06 38.79 -54.50
N ALA J 113 57.86 38.24 -54.43
CA ALA J 113 57.26 37.53 -55.56
C ALA J 113 56.54 38.53 -56.47
N ALA J 114 57.02 38.64 -57.70
CA ALA J 114 56.37 39.51 -58.67
C ALA J 114 55.05 38.90 -59.12
N PRO J 115 53.96 39.66 -59.10
CA PRO J 115 52.65 39.08 -59.45
C PRO J 115 52.47 38.98 -60.96
N SER J 116 51.36 38.35 -61.35
CA SER J 116 50.96 38.19 -62.74
C SER J 116 49.49 38.62 -62.83
N VAL J 117 49.26 39.93 -62.84
CA VAL J 117 47.90 40.45 -62.82
C VAL J 117 47.21 40.17 -64.15
N PHE J 118 46.03 39.57 -64.08
CA PHE J 118 45.20 39.30 -65.25
C PHE J 118 43.93 40.13 -65.19
N ILE J 119 43.24 40.21 -66.32
CA ILE J 119 41.97 40.92 -66.44
C ILE J 119 40.97 39.99 -67.12
N PHE J 120 39.80 39.83 -66.51
CA PHE J 120 38.77 38.93 -67.01
C PHE J 120 37.45 39.68 -67.13
N PRO J 121 36.94 39.89 -68.35
CA PRO J 121 35.64 40.54 -68.51
C PRO J 121 34.52 39.54 -68.31
N PRO J 122 33.31 40.02 -68.00
CA PRO J 122 32.17 39.09 -67.85
C PRO J 122 31.77 38.48 -69.19
N SER J 123 31.06 37.36 -69.10
CA SER J 123 30.61 36.63 -70.26
C SER J 123 29.17 37.00 -70.61
N ASP J 124 28.78 36.68 -71.84
CA ASP J 124 27.41 36.95 -72.28
C ASP J 124 26.40 36.05 -71.56
N GLU J 125 26.83 34.88 -71.11
CA GLU J 125 25.95 34.00 -70.36
C GLU J 125 25.59 34.61 -69.01
N GLN J 126 26.53 35.33 -68.39
CA GLN J 126 26.24 36.02 -67.14
C GLN J 126 25.56 37.36 -67.34
N LEU J 127 25.75 37.98 -68.51
CA LEU J 127 25.11 39.26 -68.80
C LEU J 127 23.65 39.12 -69.23
N LYS J 128 23.17 37.89 -69.42
CA LYS J 128 21.78 37.69 -69.81
C LYS J 128 20.83 37.96 -68.66
N SER J 129 21.30 37.81 -67.41
CA SER J 129 20.47 38.07 -66.24
C SER J 129 20.34 39.55 -65.93
N GLY J 130 21.18 40.41 -66.54
CA GLY J 130 21.14 41.83 -66.34
C GLY J 130 22.37 42.38 -65.63
N THR J 131 22.94 41.61 -64.72
CA THR J 131 24.11 42.02 -63.96
C THR J 131 25.39 41.49 -64.59
N ALA J 132 26.47 42.26 -64.48
CA ALA J 132 27.76 41.90 -65.01
C ALA J 132 28.83 42.19 -63.96
N SER J 133 29.81 41.30 -63.86
CA SER J 133 30.88 41.42 -62.87
C SER J 133 32.22 41.10 -63.52
N VAL J 134 33.16 42.02 -63.42
CA VAL J 134 34.53 41.83 -63.90
C VAL J 134 35.47 41.87 -62.71
N VAL J 135 36.45 40.97 -62.71
CA VAL J 135 37.38 40.83 -61.60
C VAL J 135 38.80 40.81 -62.12
N CYS J 136 39.69 41.55 -61.46
CA CYS J 136 41.11 41.53 -61.75
C CYS J 136 41.80 40.56 -60.79
N LEU J 137 42.66 39.70 -61.33
CA LEU J 137 43.28 38.63 -60.55
C LEU J 137 44.79 38.71 -60.67
N LEU J 138 45.46 38.69 -59.53
CA LEU J 138 46.92 38.60 -59.46
C LEU J 138 47.31 37.22 -58.97
N ASN J 139 48.36 36.65 -59.56
CA ASN J 139 48.78 35.29 -59.29
C ASN J 139 50.20 35.27 -58.75
N ASN J 140 50.41 34.50 -57.68
CA ASN J 140 51.73 34.33 -57.07
C ASN J 140 52.36 35.67 -56.71
N PHE J 141 51.89 36.29 -55.63
CA PHE J 141 52.37 37.60 -55.21
C PHE J 141 52.81 37.55 -53.76
N TYR J 142 53.87 38.30 -53.44
CA TYR J 142 54.37 38.45 -52.09
C TYR J 142 55.24 39.69 -52.03
N PRO J 143 55.12 40.53 -50.99
CA PRO J 143 54.22 40.39 -49.84
C PRO J 143 52.74 40.63 -50.18
N ARG J 144 51.88 40.40 -49.19
CA ARG J 144 50.44 40.54 -49.41
C ARG J 144 50.03 41.99 -49.59
N GLU J 145 50.78 42.93 -49.00
CA GLU J 145 50.45 44.35 -49.10
C GLU J 145 50.51 44.84 -50.54
N ALA J 146 49.36 45.20 -51.10
CA ALA J 146 49.28 45.69 -52.47
C ALA J 146 48.12 46.66 -52.58
N LYS J 147 48.07 47.37 -53.71
CA LYS J 147 47.03 48.34 -53.99
C LYS J 147 46.40 48.00 -55.33
N VAL J 148 45.12 47.67 -55.33
CA VAL J 148 44.38 47.32 -56.53
C VAL J 148 43.32 48.40 -56.74
N GLN J 149 43.49 49.20 -57.78
CA GLN J 149 42.57 50.29 -58.11
C GLN J 149 41.87 49.98 -59.41
N TRP J 150 40.54 50.13 -59.43
CA TRP J 150 39.73 49.91 -60.61
C TRP J 150 39.45 51.23 -61.29
N LYS J 151 39.75 51.30 -62.59
CA LYS J 151 39.57 52.51 -63.38
C LYS J 151 38.62 52.21 -64.55
N VAL J 152 37.65 53.09 -64.76
CA VAL J 152 36.67 52.95 -65.83
C VAL J 152 36.75 54.20 -66.70
N ASP J 153 37.11 54.01 -67.97
CA ASP J 153 37.27 55.12 -68.92
C ASP J 153 38.27 56.15 -68.40
N ASN J 154 39.43 55.67 -67.98
CA ASN J 154 40.50 56.51 -67.44
C ASN J 154 40.04 57.32 -66.23
N ALA J 155 39.11 56.76 -65.45
CA ALA J 155 38.59 57.40 -64.25
C ALA J 155 38.57 56.37 -63.12
N LEU J 156 39.27 56.68 -62.04
CA LEU J 156 39.40 55.74 -60.92
C LEU J 156 38.08 55.63 -60.19
N GLN J 157 37.44 54.46 -60.26
CA GLN J 157 36.21 54.19 -59.53
C GLN J 157 36.54 53.56 -58.19
N SER J 158 35.79 53.93 -57.16
CA SER J 158 36.02 53.46 -55.81
C SER J 158 34.72 53.05 -55.17
N GLY J 159 34.80 52.04 -54.30
CA GLY J 159 33.65 51.58 -53.55
C GLY J 159 32.76 50.59 -54.26
N ASN J 160 33.21 50.02 -55.38
CA ASN J 160 32.40 49.07 -56.15
C ASN J 160 33.05 47.70 -56.27
N SER J 161 34.07 47.40 -55.45
CA SER J 161 34.78 46.15 -55.53
C SER J 161 35.17 45.67 -54.15
N GLN J 162 35.16 44.35 -53.97
CA GLN J 162 35.60 43.71 -52.73
C GLN J 162 36.71 42.72 -53.05
N GLU J 163 37.77 42.75 -52.26
CA GLU J 163 38.95 41.95 -52.52
C GLU J 163 39.00 40.72 -51.62
N SER J 164 39.67 39.68 -52.11
CA SER J 164 39.88 38.45 -51.37
C SER J 164 41.29 37.97 -51.59
N VAL J 165 41.91 37.44 -50.54
CA VAL J 165 43.28 36.96 -50.59
C VAL J 165 43.32 35.49 -50.18
N THR J 166 44.15 34.71 -50.87
CA THR J 166 44.29 33.29 -50.57
C THR J 166 45.38 33.08 -49.52
N GLU J 167 45.44 31.85 -49.00
CA GLU J 167 46.47 31.50 -48.03
C GLU J 167 47.82 31.35 -48.71
N GLN J 168 48.85 31.18 -47.90
CA GLN J 168 50.20 31.02 -48.43
C GLN J 168 50.35 29.68 -49.13
N ASP J 169 51.06 29.68 -50.25
CA ASP J 169 51.21 28.47 -51.05
C ASP J 169 52.02 27.42 -50.31
N SER J 170 51.71 26.16 -50.57
CA SER J 170 52.38 25.07 -49.87
C SER J 170 53.83 24.94 -50.29
N LYS J 171 54.14 25.21 -51.56
CA LYS J 171 55.49 25.10 -52.09
C LYS J 171 56.07 26.43 -52.54
N ASP J 172 55.26 27.30 -53.12
CA ASP J 172 55.75 28.59 -53.61
C ASP J 172 55.77 29.67 -52.54
N SER J 173 54.96 29.53 -51.49
CA SER J 173 54.88 30.51 -50.40
C SER J 173 54.56 31.90 -50.93
N THR J 174 53.55 31.98 -51.79
CA THR J 174 53.11 33.23 -52.39
C THR J 174 51.59 33.26 -52.45
N TYR J 175 51.03 34.43 -52.20
CA TYR J 175 49.57 34.60 -52.20
C TYR J 175 49.08 34.95 -53.60
N SER J 176 47.75 35.02 -53.73
CA SER J 176 47.10 35.39 -54.98
C SER J 176 45.77 36.01 -54.63
N LEU J 177 45.61 37.31 -54.91
CA LEU J 177 44.40 38.05 -54.57
C LEU J 177 43.62 38.40 -55.82
N SER J 178 42.33 38.65 -55.64
CA SER J 178 41.44 39.02 -56.74
C SER J 178 40.25 39.79 -56.20
N SER J 179 40.01 40.98 -56.77
CA SER J 179 38.87 41.81 -56.39
C SER J 179 37.90 41.91 -57.55
N THR J 180 36.61 41.77 -57.25
CA THR J 180 35.55 41.77 -58.27
C THR J 180 34.81 43.10 -58.20
N LEU J 181 34.86 43.86 -59.29
CA LEU J 181 34.17 45.14 -59.37
C LEU J 181 32.69 44.95 -59.62
N VAL J 198 47.33 48.04 -61.06
CA VAL J 198 47.71 47.56 -59.74
C VAL J 198 49.08 48.12 -59.36
N THR J 199 49.26 48.44 -58.09
CA THR J 199 50.50 48.99 -57.56
C THR J 199 51.02 48.05 -56.47
N HIS J 200 52.14 47.39 -56.73
CA HIS J 200 52.74 46.46 -55.79
C HIS J 200 54.20 46.81 -55.57
N GLN J 201 54.74 46.41 -54.43
CA GLN J 201 56.12 46.70 -54.08
C GLN J 201 57.10 45.93 -54.95
N GLY J 202 56.69 44.81 -55.54
CA GLY J 202 57.61 44.02 -56.36
C GLY J 202 57.89 44.64 -57.71
N LEU J 203 56.95 45.42 -58.23
CA LEU J 203 57.12 46.06 -59.53
C LEU J 203 57.79 47.43 -59.39
N PRO K 1 67.59 10.74 4.70
CA PRO K 1 67.87 11.29 3.36
C PRO K 1 68.11 10.19 2.32
N LEU K 2 67.06 9.80 1.60
CA LEU K 2 67.21 8.78 0.58
C LEU K 2 68.05 9.28 -0.59
N ILE K 3 67.81 10.52 -1.03
CA ILE K 3 68.58 11.16 -2.09
C ILE K 3 68.52 10.33 -3.37
N LEU K 4 67.32 10.21 -3.96
CA LEU K 4 67.16 9.52 -5.23
C LEU K 4 67.27 10.54 -6.37
N ARG K 5 68.51 10.95 -6.62
CA ARG K 5 68.78 11.98 -7.61
C ARG K 5 68.43 11.49 -9.01
N ASP K 6 67.87 12.40 -9.82
CA ASP K 6 67.53 12.14 -11.22
C ASP K 6 66.53 11.00 -11.36
N CYS K 7 66.93 9.79 -10.97
CA CYS K 7 66.06 8.63 -11.13
C CYS K 7 64.81 8.76 -10.28
N SER K 8 63.67 8.38 -10.86
CA SER K 8 62.40 8.44 -10.16
C SER K 8 62.27 7.28 -9.18
N VAL K 9 61.21 7.31 -8.38
CA VAL K 9 61.00 6.28 -7.37
C VAL K 9 60.59 4.97 -8.02
N ALA K 10 59.80 5.03 -9.09
CA ALA K 10 59.37 3.81 -9.76
C ALA K 10 60.53 3.14 -10.49
N GLY K 11 61.37 3.92 -11.15
CA GLY K 11 62.52 3.35 -11.84
C GLY K 11 63.58 2.82 -10.89
N TRP K 12 63.64 3.36 -9.68
CA TRP K 12 64.61 2.89 -8.70
C TRP K 12 64.24 1.49 -8.20
N LEU K 13 62.95 1.22 -8.02
CA LEU K 13 62.53 -0.09 -7.57
C LEU K 13 62.68 -1.14 -8.66
N LEU K 14 62.23 -0.83 -9.88
CA LEU K 14 62.36 -1.74 -10.99
C LEU K 14 63.78 -1.83 -11.52
N GLY K 15 64.61 -0.82 -11.26
CA GLY K 15 65.98 -0.83 -11.75
C GLY K 15 66.12 -0.36 -13.17
N ASN K 16 65.85 0.92 -13.41
CA ASN K 16 65.98 1.47 -14.76
C ASN K 16 67.44 1.47 -15.16
N PRO K 17 67.79 0.89 -16.32
CA PRO K 17 69.21 0.84 -16.71
C PRO K 17 69.81 2.20 -17.04
N MET K 18 68.99 3.24 -17.20
CA MET K 18 69.53 4.56 -17.51
C MET K 18 70.21 5.17 -16.29
N CYS K 19 69.67 4.93 -15.10
CA CYS K 19 70.23 5.45 -13.86
C CYS K 19 70.93 4.35 -13.08
N ASP K 20 71.98 4.73 -12.36
CA ASP K 20 72.76 3.76 -11.60
C ASP K 20 71.99 3.26 -10.39
N GLU K 21 72.04 1.94 -10.17
CA GLU K 21 71.36 1.31 -9.04
C GLU K 21 72.24 1.22 -7.80
N PHE K 22 73.10 2.21 -7.57
CA PHE K 22 73.97 2.22 -6.41
C PHE K 22 73.16 2.61 -5.18
N ILE K 23 73.05 1.69 -4.23
CA ILE K 23 72.30 1.94 -3.00
C ILE K 23 73.03 2.94 -2.12
N GLU K 27 70.53 1.82 3.81
CA GLU K 27 70.73 2.25 5.19
C GLU K 27 69.46 2.90 5.75
N TRP K 28 69.62 3.69 6.80
CA TRP K 28 68.49 4.37 7.41
C TRP K 28 67.98 5.48 6.48
N SER K 29 66.72 5.42 6.11
CA SER K 29 66.10 6.39 5.23
C SER K 29 64.93 7.06 5.93
N TYR K 30 64.93 8.39 5.96
CA TYR K 30 63.87 9.16 6.58
C TYR K 30 63.01 9.87 5.53
N ILE K 31 63.60 10.75 4.73
CA ILE K 31 62.88 11.46 3.68
C ILE K 31 63.27 10.88 2.33
N VAL K 32 62.73 11.45 1.26
CA VAL K 32 63.03 11.02 -0.11
C VAL K 32 63.17 12.27 -0.97
N GLU K 33 64.24 12.34 -1.75
CA GLU K 33 64.56 13.50 -2.57
C GLU K 33 64.33 13.16 -4.04
N LYS K 34 63.44 13.91 -4.69
CA LYS K 34 63.15 13.71 -6.11
C LYS K 34 62.38 14.90 -6.67
N ALA K 35 62.98 15.63 -7.60
CA ALA K 35 62.31 16.75 -8.25
C ALA K 35 61.58 16.28 -9.50
N ASN K 36 61.92 16.86 -10.65
CA ASN K 36 61.39 16.38 -11.91
C ASN K 36 62.17 15.15 -12.36
N PRO K 37 61.51 14.02 -12.60
CA PRO K 37 62.26 12.79 -12.92
C PRO K 37 62.99 12.90 -14.24
N VAL K 38 64.29 12.61 -14.20
CA VAL K 38 65.09 12.57 -15.43
C VAL K 38 64.83 11.28 -16.20
N ASN K 39 64.94 10.14 -15.53
CA ASN K 39 64.69 8.83 -16.13
C ASN K 39 63.72 8.08 -15.23
N ASP K 40 62.42 8.18 -15.56
CA ASP K 40 61.39 7.49 -14.80
C ASP K 40 61.15 6.11 -15.36
N LEU K 41 59.88 5.73 -15.52
CA LEU K 41 59.53 4.46 -16.15
C LEU K 41 59.99 4.46 -17.60
N CYS K 42 61.00 3.65 -17.91
CA CYS K 42 61.57 3.65 -19.26
C CYS K 42 60.53 3.24 -20.29
N TYR K 43 59.88 2.10 -20.08
CA TYR K 43 58.75 1.72 -20.91
C TYR K 43 57.55 2.57 -20.53
N PRO K 44 56.89 3.22 -21.50
CA PRO K 44 55.73 4.05 -21.16
C PRO K 44 54.63 3.24 -20.49
N GLY K 45 54.25 3.65 -19.28
CA GLY K 45 53.24 2.95 -18.54
C GLY K 45 52.95 3.66 -17.23
N ASP K 46 52.15 2.99 -16.40
CA ASP K 46 51.73 3.52 -15.11
C ASP K 46 52.26 2.62 -13.99
N PHE K 47 51.91 2.99 -12.76
CA PHE K 47 52.32 2.25 -11.57
C PHE K 47 51.17 2.33 -10.57
N ASN K 48 50.49 1.21 -10.36
CA ASN K 48 49.32 1.18 -9.49
C ASN K 48 49.71 1.46 -8.04
N ASP K 49 48.93 2.33 -7.40
CA ASP K 49 49.15 2.71 -5.99
C ASP K 49 50.56 3.28 -5.80
N TYR K 50 50.91 4.25 -6.65
CA TYR K 50 52.23 4.88 -6.56
C TYR K 50 52.36 5.72 -5.30
N GLU K 51 51.33 6.51 -4.98
CA GLU K 51 51.39 7.37 -3.80
C GLU K 51 51.35 6.54 -2.52
N GLU K 52 50.68 5.38 -2.54
CA GLU K 52 50.65 4.54 -1.35
C GLU K 52 52.00 3.88 -1.10
N LEU K 53 52.68 3.46 -2.18
CA LEU K 53 53.96 2.79 -2.02
C LEU K 53 55.05 3.76 -1.57
N LYS K 54 54.97 5.02 -1.97
CA LYS K 54 55.98 6.00 -1.57
C LYS K 54 55.89 6.29 -0.07
N HIS K 55 54.67 6.36 0.47
CA HIS K 55 54.51 6.60 1.90
C HIS K 55 55.00 5.43 2.74
N LEU K 56 54.86 4.21 2.23
CA LEU K 56 55.34 3.04 2.95
C LEU K 56 56.86 2.99 2.99
N LEU K 57 57.52 3.51 1.96
CA LEU K 57 58.98 3.54 1.90
C LEU K 57 59.59 4.73 2.62
N SER K 58 58.77 5.51 3.35
CA SER K 58 59.29 6.65 4.09
C SER K 58 59.95 6.21 5.39
N ARG K 59 59.20 5.51 6.24
CA ARG K 59 59.71 5.02 7.51
C ARG K 59 60.33 3.63 7.34
N ILE K 60 61.33 3.56 6.48
CA ILE K 60 62.03 2.31 6.19
C ILE K 60 63.21 2.18 7.12
N ASN K 61 63.20 1.15 7.96
CA ASN K 61 64.31 0.93 8.89
C ASN K 61 65.49 0.25 8.22
N HIS K 62 65.22 -0.66 7.29
CA HIS K 62 66.28 -1.36 6.58
C HIS K 62 65.72 -1.87 5.26
N PHE K 63 66.56 -1.83 4.21
CA PHE K 63 66.16 -2.24 2.88
C PHE K 63 67.24 -3.15 2.29
N GLU K 64 66.86 -4.37 1.94
CA GLU K 64 67.76 -5.33 1.31
C GLU K 64 67.07 -5.94 0.10
N LYS K 65 67.87 -6.34 -0.88
CA LYS K 65 67.37 -6.82 -2.17
C LYS K 65 67.68 -8.30 -2.30
N ILE K 66 66.68 -9.13 -2.04
CA ILE K 66 66.81 -10.58 -2.21
C ILE K 66 66.43 -10.96 -3.63
N GLN K 67 66.70 -12.21 -4.00
CA GLN K 67 66.42 -12.72 -5.33
C GLN K 67 65.39 -13.83 -5.20
N ILE K 68 64.15 -13.54 -5.60
CA ILE K 68 63.05 -14.50 -5.54
C ILE K 68 63.16 -15.43 -6.75
N ILE K 69 62.15 -15.40 -7.61
CA ILE K 69 62.15 -16.18 -8.84
C ILE K 69 63.29 -15.69 -9.73
N PRO K 70 64.37 -16.48 -9.90
CA PRO K 70 65.53 -15.98 -10.65
C PRO K 70 65.34 -16.08 -12.15
N LYS K 71 66.40 -15.78 -12.92
CA LYS K 71 66.32 -15.85 -14.37
C LYS K 71 66.49 -17.28 -14.87
N SER K 72 67.56 -17.94 -14.43
CA SER K 72 67.88 -19.29 -14.89
C SER K 72 66.76 -20.28 -14.63
N SER K 73 65.84 -19.97 -13.72
CA SER K 73 64.73 -20.87 -13.42
C SER K 73 63.81 -21.05 -14.62
N TRP K 74 63.74 -20.06 -15.51
CA TRP K 74 62.90 -20.15 -16.70
C TRP K 74 63.62 -20.95 -17.78
N SER K 75 63.13 -22.16 -18.03
CA SER K 75 63.69 -23.03 -19.06
C SER K 75 62.78 -23.22 -20.25
N SER K 76 61.46 -23.23 -20.04
CA SER K 76 60.50 -23.35 -21.14
C SER K 76 60.15 -21.99 -21.75
N HIS K 77 60.85 -20.94 -21.36
CA HIS K 77 60.60 -19.60 -21.88
C HIS K 77 61.93 -18.90 -22.11
N GLU K 78 61.88 -17.80 -22.85
CA GLU K 78 63.07 -17.03 -23.20
C GLU K 78 63.01 -15.67 -22.52
N ALA K 79 64.05 -15.35 -21.74
CA ALA K 79 64.15 -14.07 -21.06
C ALA K 79 65.35 -13.24 -21.48
N SER K 80 66.36 -13.84 -22.12
CA SER K 80 67.53 -13.08 -22.53
C SER K 80 67.23 -12.17 -23.73
N LEU K 81 66.25 -12.54 -24.55
CA LEU K 81 65.89 -11.75 -25.71
C LEU K 81 64.81 -10.72 -25.43
N GLY K 82 64.35 -10.62 -24.18
CA GLY K 82 63.32 -9.65 -23.83
C GLY K 82 63.88 -8.30 -23.45
N VAL K 83 63.87 -7.36 -24.41
CA VAL K 83 64.40 -6.01 -24.17
C VAL K 83 63.69 -5.05 -25.13
N SER K 84 63.77 -3.77 -24.79
CA SER K 84 63.13 -2.72 -25.58
C SER K 84 64.08 -1.54 -25.72
N SER K 85 63.90 -0.77 -26.80
CA SER K 85 64.72 0.40 -27.06
C SER K 85 64.23 1.64 -26.32
N ALA K 86 63.24 1.50 -25.45
CA ALA K 86 62.76 2.65 -24.68
C ALA K 86 63.83 3.14 -23.71
N CYS K 87 64.39 2.22 -22.93
CA CYS K 87 65.48 2.54 -22.03
C CYS K 87 66.78 1.96 -22.57
N PRO K 88 67.67 2.77 -23.14
CA PRO K 88 68.93 2.24 -23.66
C PRO K 88 69.97 2.10 -22.56
N TYR K 89 70.62 0.94 -22.52
CA TYR K 89 71.72 0.68 -21.60
C TYR K 89 73.01 0.59 -22.42
N GLN K 90 73.77 1.69 -22.42
CA GLN K 90 75.00 1.79 -23.20
C GLN K 90 74.73 1.57 -24.69
N GLY K 91 73.67 2.22 -25.18
CA GLY K 91 73.29 2.17 -26.59
C GLY K 91 72.39 1.01 -26.97
N LYS K 92 72.61 -0.15 -26.37
CA LYS K 92 71.82 -1.34 -26.71
C LYS K 92 70.47 -1.30 -25.99
N SER K 93 69.48 -1.90 -26.64
CA SER K 93 68.15 -1.98 -26.06
C SER K 93 68.15 -2.93 -24.87
N SER K 94 67.64 -2.46 -23.74
CA SER K 94 67.62 -3.24 -22.50
C SER K 94 66.31 -3.02 -21.78
N PHE K 95 66.19 -3.62 -20.60
CA PHE K 95 64.98 -3.57 -19.78
C PHE K 95 65.39 -3.32 -18.34
N PHE K 96 64.39 -3.20 -17.46
CA PHE K 96 64.67 -3.07 -16.04
C PHE K 96 65.36 -4.33 -15.52
N ARG K 97 66.19 -4.15 -14.49
CA ARG K 97 66.97 -5.27 -13.96
C ARG K 97 66.16 -6.12 -13.00
N ASN K 98 65.37 -5.50 -12.13
CA ASN K 98 64.63 -6.24 -11.12
C ASN K 98 63.51 -7.10 -11.68
N VAL K 99 63.11 -6.87 -12.93
CA VAL K 99 62.07 -7.66 -13.57
C VAL K 99 62.60 -8.25 -14.85
N VAL K 100 61.91 -9.28 -15.36
CA VAL K 100 62.31 -10.00 -16.55
C VAL K 100 61.15 -10.01 -17.53
N TRP K 101 61.45 -9.78 -18.80
CA TRP K 101 60.45 -9.80 -19.87
C TRP K 101 60.49 -11.17 -20.54
N LEU K 102 59.40 -11.92 -20.43
CA LEU K 102 59.32 -13.27 -20.95
C LEU K 102 58.61 -13.28 -22.30
N ILE K 103 59.17 -14.01 -23.25
CA ILE K 103 58.61 -14.16 -24.58
C ILE K 103 58.50 -15.66 -24.90
N LYS K 104 57.94 -15.95 -26.08
CA LYS K 104 57.78 -17.34 -26.49
C LYS K 104 59.13 -17.96 -26.82
N LYS K 105 59.21 -19.28 -26.64
CA LYS K 105 60.43 -20.04 -26.86
C LYS K 105 60.17 -21.14 -27.88
N ASN K 106 60.86 -21.08 -29.01
CA ASN K 106 60.74 -22.08 -30.08
C ASN K 106 59.29 -22.20 -30.56
N SER K 107 58.70 -21.06 -30.90
CA SER K 107 57.34 -20.98 -31.45
C SER K 107 56.31 -21.62 -30.52
N THR K 108 56.53 -21.51 -29.21
CA THR K 108 55.60 -22.10 -28.24
C THR K 108 55.74 -21.35 -26.92
N TYR K 109 54.60 -21.16 -26.25
CA TYR K 109 54.57 -20.48 -24.96
C TYR K 109 53.70 -21.29 -24.01
N PRO K 110 54.31 -22.11 -23.15
CA PRO K 110 53.51 -22.92 -22.21
C PRO K 110 52.89 -22.06 -21.12
N THR K 111 51.92 -22.64 -20.43
CA THR K 111 51.27 -21.97 -19.31
C THR K 111 52.17 -22.01 -18.08
N ILE K 112 52.35 -20.85 -17.45
CA ILE K 112 53.24 -20.73 -16.29
C ILE K 112 52.45 -21.00 -15.02
N LYS K 113 53.02 -21.83 -14.13
CA LYS K 113 52.43 -22.13 -12.84
C LYS K 113 53.51 -22.05 -11.76
N ARG K 114 54.07 -20.85 -11.60
CA ARG K 114 55.16 -20.61 -10.67
C ARG K 114 54.62 -20.04 -9.36
N SER K 115 55.26 -20.42 -8.25
CA SER K 115 54.90 -19.93 -6.94
C SER K 115 56.16 -19.73 -6.11
N TYR K 116 56.07 -18.82 -5.14
CA TYR K 116 57.20 -18.51 -4.26
C TYR K 116 56.68 -18.28 -2.85
N ASN K 117 57.27 -18.96 -1.88
CA ASN K 117 56.92 -18.82 -0.48
C ASN K 117 58.03 -18.05 0.23
N ASN K 118 57.65 -17.01 0.97
CA ASN K 118 58.63 -16.19 1.68
C ASN K 118 59.24 -16.97 2.84
N THR K 119 60.56 -17.10 2.83
CA THR K 119 61.28 -17.81 3.89
C THR K 119 62.06 -16.87 4.80
N ASN K 120 62.08 -15.58 4.51
CA ASN K 120 62.81 -14.61 5.32
C ASN K 120 61.93 -14.13 6.48
N GLN K 121 62.60 -13.63 7.53
CA GLN K 121 61.89 -13.14 8.70
C GLN K 121 61.30 -11.76 8.48
N GLU K 122 61.95 -10.93 7.66
CA GLU K 122 61.45 -9.59 7.40
C GLU K 122 60.40 -9.61 6.28
N ASP K 123 59.63 -8.54 6.19
CA ASP K 123 58.62 -8.42 5.16
C ASP K 123 59.26 -8.23 3.79
N LEU K 124 58.63 -8.81 2.77
CA LEU K 124 59.14 -8.76 1.41
C LEU K 124 58.25 -7.91 0.53
N LEU K 125 58.84 -7.37 -0.54
CA LEU K 125 58.13 -6.54 -1.50
C LEU K 125 58.32 -7.14 -2.89
N VAL K 126 57.22 -7.57 -3.51
CA VAL K 126 57.25 -8.20 -4.82
C VAL K 126 56.56 -7.27 -5.81
N LEU K 127 57.15 -7.13 -6.99
CA LEU K 127 56.62 -6.26 -8.03
C LEU K 127 56.58 -7.02 -9.34
N TRP K 128 55.43 -6.98 -10.02
CA TRP K 128 55.25 -7.61 -11.31
C TRP K 128 54.51 -6.65 -12.24
N GLY K 129 54.46 -7.00 -13.52
CA GLY K 129 53.82 -6.16 -14.51
C GLY K 129 53.17 -6.97 -15.61
N ILE K 130 52.37 -6.28 -16.41
CA ILE K 130 51.68 -6.87 -17.55
C ILE K 130 51.88 -5.97 -18.76
N HIS K 131 52.24 -6.57 -19.88
CA HIS K 131 52.54 -5.83 -21.10
C HIS K 131 51.31 -5.73 -21.99
N HIS K 132 50.97 -4.50 -22.39
CA HIS K 132 49.89 -4.27 -23.33
C HIS K 132 50.47 -4.18 -24.73
N PRO K 133 50.19 -5.12 -25.63
CA PRO K 133 50.80 -5.09 -26.96
C PRO K 133 50.20 -4.00 -27.83
N ASN K 134 50.83 -3.79 -28.98
CA ASN K 134 50.38 -2.78 -29.94
C ASN K 134 49.15 -3.26 -30.70
N ASP K 135 49.32 -4.31 -31.51
CA ASP K 135 48.22 -4.90 -32.28
C ASP K 135 48.23 -6.41 -32.10
N ALA K 136 47.32 -7.08 -32.81
CA ALA K 136 47.20 -8.54 -32.68
C ALA K 136 48.42 -9.25 -33.26
N ALA K 137 49.03 -8.70 -34.32
CA ALA K 137 50.22 -9.32 -34.87
C ALA K 137 51.38 -9.27 -33.89
N GLU K 138 51.48 -8.19 -33.11
CA GLU K 138 52.52 -8.11 -32.09
C GLU K 138 52.28 -9.13 -30.97
N GLN K 139 51.02 -9.44 -30.68
CA GLN K 139 50.71 -10.44 -29.66
C GLN K 139 51.15 -11.83 -30.10
N THR K 140 50.87 -12.18 -31.36
CA THR K 140 51.27 -13.49 -31.88
C THR K 140 52.78 -13.59 -32.03
N LYS K 141 53.45 -12.47 -32.33
CA LYS K 141 54.89 -12.49 -32.51
C LYS K 141 55.63 -12.73 -31.19
N LEU K 142 55.08 -12.27 -30.07
CA LEU K 142 55.75 -12.38 -28.79
C LEU K 142 55.17 -13.44 -27.89
N TYR K 143 53.87 -13.72 -27.98
CA TYR K 143 53.22 -14.63 -27.05
C TYR K 143 52.40 -15.73 -27.71
N GLN K 144 52.25 -15.72 -29.04
CA GLN K 144 51.55 -16.76 -29.78
C GLN K 144 50.09 -16.88 -29.37
N ASN K 145 49.83 -17.12 -28.09
CA ASN K 145 48.47 -17.24 -27.59
C ASN K 145 47.72 -15.91 -27.75
N PRO K 146 46.62 -15.87 -28.49
CA PRO K 146 45.89 -14.60 -28.66
C PRO K 146 45.30 -14.10 -27.35
N THR K 147 44.45 -14.91 -26.72
CA THR K 147 43.83 -14.55 -25.45
C THR K 147 44.73 -15.00 -24.30
N THR K 148 45.16 -14.05 -23.49
CA THR K 148 46.05 -14.32 -22.37
C THR K 148 45.46 -13.76 -21.09
N TYR K 149 46.05 -14.14 -19.96
CA TYR K 149 45.59 -13.70 -18.66
C TYR K 149 46.70 -13.91 -17.64
N ILE K 150 46.65 -13.12 -16.56
CA ILE K 150 47.62 -13.20 -15.47
C ILE K 150 46.85 -13.42 -14.17
N SER K 151 47.27 -14.42 -13.41
CA SER K 151 46.64 -14.75 -12.12
C SER K 151 47.69 -14.61 -11.03
N VAL K 152 47.48 -13.65 -10.12
CA VAL K 152 48.35 -13.43 -8.98
C VAL K 152 47.55 -13.71 -7.72
N GLY K 153 47.95 -14.72 -6.96
CA GLY K 153 47.22 -15.13 -5.79
C GLY K 153 48.05 -15.19 -4.52
N THR K 154 47.65 -14.43 -3.51
CA THR K 154 48.26 -14.45 -2.18
C THR K 154 47.19 -14.77 -1.15
N SER K 155 47.56 -14.66 0.13
CA SER K 155 46.61 -14.90 1.20
C SER K 155 45.66 -13.72 1.39
N THR K 156 46.09 -12.52 1.03
CA THR K 156 45.28 -11.32 1.19
C THR K 156 44.88 -10.65 -0.12
N LEU K 157 45.43 -11.09 -1.25
CA LEU K 157 45.14 -10.46 -2.54
C LEU K 157 44.97 -11.53 -3.60
N ASN K 158 43.94 -11.38 -4.42
CA ASN K 158 43.69 -12.25 -5.57
C ASN K 158 43.46 -11.36 -6.77
N GLN K 159 44.41 -11.34 -7.70
CA GLN K 159 44.40 -10.43 -8.83
C GLN K 159 44.34 -11.19 -10.14
N ARG K 160 43.52 -10.69 -11.07
CA ARG K 160 43.40 -11.25 -12.40
C ARG K 160 43.52 -10.13 -13.42
N LEU K 161 44.52 -10.21 -14.30
CA LEU K 161 44.82 -9.16 -15.26
C LEU K 161 44.58 -9.64 -16.68
N VAL K 162 43.93 -8.80 -17.47
CA VAL K 162 43.67 -9.06 -18.87
C VAL K 162 44.27 -7.92 -19.69
N PRO K 163 45.15 -8.19 -20.65
CA PRO K 163 45.78 -7.10 -21.39
C PRO K 163 44.82 -6.47 -22.39
N ARG K 164 44.93 -5.14 -22.53
CA ARG K 164 44.15 -4.38 -23.48
C ARG K 164 45.01 -4.04 -24.69
N ILE K 165 44.49 -4.31 -25.88
CA ILE K 165 45.21 -4.13 -27.13
C ILE K 165 44.54 -3.01 -27.92
N ALA K 166 45.32 -1.99 -28.27
CA ALA K 166 44.83 -0.85 -29.05
C ALA K 166 46.02 -0.09 -29.59
N THR K 167 45.88 0.45 -30.80
CA THR K 167 46.93 1.25 -31.41
C THR K 167 47.07 2.58 -30.67
N ARG K 168 48.21 2.78 -30.03
CA ARG K 168 48.48 3.99 -29.26
C ARG K 168 49.65 4.75 -29.88
N SER K 169 49.76 6.03 -29.51
CA SER K 169 50.85 6.85 -29.99
C SER K 169 52.18 6.37 -29.41
N LYS K 170 53.26 6.72 -30.09
CA LYS K 170 54.60 6.29 -29.68
C LYS K 170 55.12 7.21 -28.59
N VAL K 171 55.29 6.68 -27.39
CA VAL K 171 55.85 7.41 -26.26
C VAL K 171 57.21 6.81 -25.95
N ASN K 172 58.25 7.65 -25.98
CA ASN K 172 59.64 7.23 -25.74
C ASN K 172 60.08 6.17 -26.76
N GLY K 173 59.47 6.17 -27.94
CA GLY K 173 59.88 5.25 -28.99
C GLY K 173 58.89 4.14 -29.28
N GLN K 174 58.22 3.63 -28.25
CA GLN K 174 57.32 2.49 -28.40
C GLN K 174 55.87 2.93 -28.22
N SER K 175 54.97 2.11 -28.76
CA SER K 175 53.53 2.37 -28.66
C SER K 175 52.85 1.52 -27.60
N GLY K 176 53.45 0.40 -27.20
CA GLY K 176 52.85 -0.44 -26.19
C GLY K 176 52.99 0.15 -24.79
N ARG K 177 52.19 -0.38 -23.88
CA ARG K 177 52.16 0.08 -22.50
C ARG K 177 52.44 -1.08 -21.56
N MET K 178 52.77 -0.75 -20.32
CA MET K 178 53.03 -1.74 -19.28
C MET K 178 52.53 -1.20 -17.95
N GLU K 179 51.66 -1.97 -17.30
CA GLU K 179 51.08 -1.59 -16.01
C GLU K 179 51.71 -2.46 -14.93
N PHE K 180 52.56 -1.86 -14.09
CA PHE K 180 53.23 -2.57 -13.03
C PHE K 180 52.37 -2.59 -11.76
N PHE K 181 52.50 -3.67 -10.99
CA PHE K 181 51.76 -3.85 -9.75
C PHE K 181 52.72 -4.29 -8.66
N TRP K 182 52.20 -4.35 -7.44
CA TRP K 182 53.02 -4.72 -6.28
C TRP K 182 52.11 -5.17 -5.15
N THR K 183 52.69 -5.94 -4.24
CA THR K 183 51.99 -6.37 -3.03
C THR K 183 53.03 -6.70 -1.97
N ILE K 184 52.60 -6.67 -0.72
CA ILE K 184 53.45 -6.97 0.43
C ILE K 184 53.21 -8.41 0.85
N LEU K 185 54.29 -9.20 0.93
CA LEU K 185 54.22 -10.62 1.26
C LEU K 185 54.70 -10.81 2.70
N LYS K 186 53.79 -11.19 3.58
CA LYS K 186 54.13 -11.46 4.96
C LYS K 186 54.96 -12.74 5.06
N PRO K 187 55.74 -12.89 6.15
CA PRO K 187 56.51 -14.13 6.32
C PRO K 187 55.59 -15.34 6.41
N ASN K 188 56.12 -16.50 6.00
CA ASN K 188 55.44 -17.79 5.92
C ASN K 188 54.29 -17.79 4.92
N ASP K 189 54.09 -16.72 4.16
CA ASP K 189 53.05 -16.65 3.15
C ASP K 189 53.67 -16.81 1.76
N ALA K 190 52.84 -17.24 0.81
CA ALA K 190 53.30 -17.51 -0.55
C ALA K 190 52.45 -16.73 -1.55
N ILE K 191 53.08 -16.38 -2.67
CA ILE K 191 52.42 -15.71 -3.77
C ILE K 191 52.38 -16.67 -4.96
N ASN K 192 51.21 -16.81 -5.57
CA ASN K 192 50.99 -17.75 -6.65
C ASN K 192 50.89 -17.00 -7.97
N PHE K 193 51.75 -17.34 -8.92
CA PHE K 193 51.74 -16.76 -10.26
C PHE K 193 51.21 -17.78 -11.26
N GLU K 194 50.34 -17.31 -12.15
CA GLU K 194 49.76 -18.16 -13.19
C GLU K 194 49.42 -17.29 -14.38
N SER K 195 50.24 -17.36 -15.43
CA SER K 195 50.04 -16.55 -16.62
C SER K 195 50.34 -17.35 -17.87
N ASN K 196 49.61 -17.07 -18.94
CA ASN K 196 49.82 -17.70 -20.24
C ASN K 196 50.31 -16.71 -21.29
N GLY K 197 50.90 -15.60 -20.87
CA GLY K 197 51.43 -14.62 -21.79
C GLY K 197 51.32 -13.21 -21.22
N ASN K 198 52.14 -12.32 -21.77
CA ASN K 198 52.15 -10.90 -21.41
C ASN K 198 52.42 -10.70 -19.92
N PHE K 199 53.42 -11.42 -19.42
CA PHE K 199 53.75 -11.41 -17.99
C PHE K 199 55.16 -10.86 -17.79
N ILE K 200 55.29 -9.86 -16.93
CA ILE K 200 56.58 -9.29 -16.56
C ILE K 200 56.93 -9.90 -15.20
N ALA K 201 57.80 -10.91 -15.20
CA ALA K 201 58.10 -11.66 -13.99
C ALA K 201 59.18 -10.94 -13.18
N PRO K 202 59.09 -10.95 -11.86
CA PRO K 202 60.13 -10.35 -11.04
C PRO K 202 61.34 -11.25 -10.89
N GLU K 203 62.52 -10.65 -10.94
CA GLU K 203 63.77 -11.35 -10.71
C GLU K 203 64.37 -11.09 -9.34
N TYR K 204 64.04 -9.96 -8.72
CA TYR K 204 64.53 -9.61 -7.39
C TYR K 204 63.38 -9.05 -6.57
N ALA K 205 63.57 -9.03 -5.25
CA ALA K 205 62.60 -8.50 -4.31
C ALA K 205 63.29 -7.55 -3.35
N TYR K 206 62.49 -6.90 -2.51
CA TYR K 206 63.01 -5.96 -1.52
C TYR K 206 62.50 -6.33 -0.14
N LYS K 207 63.41 -6.36 0.83
CA LYS K 207 63.07 -6.66 2.22
C LYS K 207 62.95 -5.34 2.98
N ILE K 208 61.75 -5.02 3.42
CA ILE K 208 61.47 -3.77 4.11
C ILE K 208 61.47 -4.01 5.61
N VAL K 209 61.87 -3.01 6.37
CA VAL K 209 61.91 -3.11 7.82
C VAL K 209 61.31 -1.85 8.45
N ASP L 6 69.50 36.24 -22.32
CA ASP L 6 69.25 36.19 -20.89
C ASP L 6 68.35 37.34 -20.45
N CYS L 7 68.97 38.47 -20.13
CA CYS L 7 68.31 39.63 -19.52
C CYS L 7 66.94 39.90 -20.12
N SER L 8 65.97 40.16 -19.25
CA SER L 8 64.59 40.36 -19.67
C SER L 8 64.43 41.71 -20.37
N VAL L 9 63.20 42.02 -20.75
CA VAL L 9 62.92 43.25 -21.48
C VAL L 9 63.18 44.47 -20.59
N ALA L 10 62.86 44.38 -19.31
CA ALA L 10 63.10 45.48 -18.40
C ALA L 10 64.60 45.72 -18.21
N GLY L 11 65.36 44.64 -18.00
CA GLY L 11 66.80 44.78 -17.84
C GLY L 11 67.49 45.20 -19.12
N TRP L 12 66.94 44.83 -20.27
CA TRP L 12 67.54 45.22 -21.54
C TRP L 12 67.31 46.70 -21.82
N LEU L 13 66.13 47.21 -21.49
CA LEU L 13 65.84 48.63 -21.73
C LEU L 13 66.59 49.53 -20.76
N LEU L 14 66.84 49.06 -19.54
CA LEU L 14 67.53 49.86 -18.54
C LEU L 14 69.03 49.60 -18.51
N GLY L 15 69.46 48.42 -18.94
CA GLY L 15 70.88 48.10 -18.96
C GLY L 15 71.39 47.59 -17.62
N ASN L 16 71.16 46.31 -17.33
CA ASN L 16 71.61 45.70 -16.10
C ASN L 16 73.08 45.30 -16.18
N GLU L 27 67.31 44.84 -35.50
CA GLU L 27 66.85 43.47 -35.57
C GLU L 27 65.34 43.42 -35.88
N TRP L 28 65.02 43.17 -37.14
CA TRP L 28 63.63 43.11 -37.59
C TRP L 28 63.11 41.69 -37.41
N SER L 29 62.26 41.50 -36.41
CA SER L 29 61.66 40.20 -36.14
C SER L 29 60.40 40.39 -35.31
N TYR L 30 59.44 39.50 -35.51
CA TYR L 30 58.16 39.55 -34.80
C TYR L 30 58.09 38.61 -33.62
N ILE L 31 59.16 37.87 -33.34
CA ILE L 31 59.20 36.92 -32.23
C ILE L 31 60.17 37.45 -31.19
N VAL L 32 59.75 37.47 -29.93
CA VAL L 32 60.56 37.93 -28.81
C VAL L 32 60.77 36.75 -27.87
N GLU L 33 62.02 36.33 -27.71
CA GLU L 33 62.35 35.21 -26.84
C GLU L 33 62.91 35.69 -25.52
N PRO L 37 62.52 34.13 -16.26
CA PRO L 37 63.34 33.77 -15.10
C PRO L 37 64.83 34.03 -15.35
N VAL L 38 65.16 35.22 -15.81
CA VAL L 38 66.54 35.57 -16.13
C VAL L 38 67.11 36.48 -15.05
N ASN L 39 68.23 37.13 -15.35
CA ASN L 39 68.87 38.07 -14.43
C ASN L 39 68.46 39.47 -14.85
N ASP L 40 67.38 39.96 -14.23
CA ASP L 40 66.82 41.26 -14.60
C ASP L 40 66.57 42.07 -13.34
N LEU L 41 66.69 43.39 -13.49
CA LEU L 41 66.39 44.36 -12.44
C LEU L 41 67.27 44.17 -11.21
N CYS L 42 68.39 44.89 -11.17
CA CYS L 42 69.23 44.98 -9.98
C CYS L 42 68.39 45.36 -8.76
N TYR L 43 68.07 46.64 -8.66
CA TYR L 43 67.20 47.12 -7.59
C TYR L 43 65.82 46.50 -7.70
N PRO L 44 65.16 46.20 -6.57
CA PRO L 44 63.80 45.68 -6.65
C PRO L 44 62.81 46.78 -7.02
N GLY L 45 61.76 46.39 -7.72
CA GLY L 45 60.75 47.34 -8.13
C GLY L 45 59.84 46.74 -9.18
N ASP L 46 59.18 47.63 -9.93
CA ASP L 46 58.23 47.23 -10.96
C ASP L 46 58.34 48.18 -12.14
N PHE L 47 57.92 47.71 -13.30
CA PHE L 47 57.91 48.48 -14.53
C PHE L 47 56.45 48.72 -14.90
N ASN L 48 55.99 49.97 -14.72
CA ASN L 48 54.58 50.28 -14.95
C ASN L 48 54.18 50.02 -16.39
N ASP L 49 53.02 49.38 -16.57
CA ASP L 49 52.52 48.99 -17.88
C ASP L 49 53.55 48.13 -18.62
N TYR L 50 54.03 47.10 -17.93
CA TYR L 50 55.06 46.23 -18.51
C TYR L 50 54.51 45.43 -19.68
N GLU L 51 53.28 44.92 -19.55
CA GLU L 51 52.70 44.12 -20.63
C GLU L 51 52.42 44.96 -21.87
N GLU L 52 52.11 46.24 -21.71
CA GLU L 52 51.85 47.10 -22.86
C GLU L 52 53.14 47.39 -23.63
N LEU L 53 54.24 47.59 -22.92
CA LEU L 53 55.50 47.89 -23.59
C LEU L 53 56.02 46.69 -24.36
N LYS L 54 55.82 45.48 -23.84
CA LYS L 54 56.27 44.29 -24.54
C LYS L 54 55.46 44.06 -25.81
N HIS L 55 54.16 44.39 -25.78
CA HIS L 55 53.33 44.22 -26.97
C HIS L 55 53.72 45.20 -28.07
N LEU L 56 54.22 46.38 -27.69
CA LEU L 56 54.65 47.35 -28.69
C LEU L 56 55.96 46.97 -29.34
N LEU L 57 56.79 46.18 -28.66
CA LEU L 57 58.08 45.76 -29.18
C LEU L 57 58.01 44.48 -29.99
N SER L 58 56.83 43.85 -30.09
CA SER L 58 56.70 42.66 -30.92
C SER L 58 56.81 42.99 -32.40
N ARG L 59 56.04 43.97 -32.86
CA ARG L 59 56.10 44.45 -34.24
C ARG L 59 57.08 45.61 -34.38
N ILE L 60 58.29 45.42 -33.88
CA ILE L 60 59.31 46.47 -33.89
C ILE L 60 60.02 46.44 -35.24
N ASN L 61 59.91 47.54 -35.99
CA ASN L 61 60.58 47.66 -37.27
C ASN L 61 61.98 48.23 -37.15
N HIS L 62 62.18 49.21 -36.28
CA HIS L 62 63.49 49.81 -36.06
C HIS L 62 63.62 50.20 -34.59
N PHE L 63 64.81 50.01 -34.04
CA PHE L 63 65.07 50.28 -32.64
C PHE L 63 66.51 50.75 -32.50
N GLU L 64 66.71 51.88 -31.81
CA GLU L 64 68.04 52.44 -31.63
C GLU L 64 68.04 53.36 -30.43
N LYS L 65 69.22 53.53 -29.85
CA LYS L 65 69.41 54.34 -28.65
C LYS L 65 70.24 55.57 -28.99
N ILE L 66 69.73 56.74 -28.60
CA ILE L 66 70.43 58.00 -28.79
C ILE L 66 70.41 58.76 -27.48
N GLN L 67 71.55 59.34 -27.10
CA GLN L 67 71.66 60.04 -25.84
C GLN L 67 70.71 61.23 -25.79
N ILE L 68 70.08 61.42 -24.64
CA ILE L 68 69.11 62.50 -24.45
C ILE L 68 69.66 63.51 -23.45
N ILE L 69 69.04 63.58 -22.27
CA ILE L 69 69.44 64.55 -21.25
C ILE L 69 70.90 64.32 -20.88
N PRO L 70 71.71 65.36 -20.77
CA PRO L 70 73.16 65.14 -20.69
C PRO L 70 73.58 64.55 -19.36
N LYS L 71 74.68 63.80 -19.39
CA LYS L 71 75.21 63.19 -18.19
C LYS L 71 75.78 64.24 -17.25
N SER L 72 76.42 65.27 -17.80
CA SER L 72 77.03 66.33 -17.02
C SER L 72 76.10 67.50 -16.76
N SER L 73 74.85 67.42 -17.22
CA SER L 73 73.94 68.56 -17.11
C SER L 73 73.62 68.90 -15.67
N TRP L 74 73.67 67.92 -14.77
CA TRP L 74 73.30 68.11 -13.37
C TRP L 74 74.37 68.96 -12.70
N SER L 75 74.23 70.29 -12.85
CA SER L 75 75.21 71.22 -12.34
C SER L 75 75.23 71.22 -10.82
N SER L 76 74.06 71.31 -10.19
CA SER L 76 73.96 71.36 -8.74
C SER L 76 73.57 70.02 -8.13
N HIS L 77 73.61 68.93 -8.91
CA HIS L 77 73.25 67.61 -8.42
C HIS L 77 74.33 66.62 -8.81
N GLU L 78 74.59 65.67 -7.93
CA GLU L 78 75.67 64.70 -8.10
C GLU L 78 75.12 63.38 -8.59
N ALA L 79 75.73 62.84 -9.65
CA ALA L 79 75.33 61.55 -10.22
C ALA L 79 76.45 60.52 -10.19
N SER L 80 77.58 60.84 -9.58
CA SER L 80 78.70 59.90 -9.48
C SER L 80 78.58 58.96 -8.29
N LEU L 81 77.66 59.23 -7.37
CA LEU L 81 77.47 58.40 -6.18
C LEU L 81 76.22 57.52 -6.27
N GLY L 82 75.50 57.56 -7.38
CA GLY L 82 74.29 56.77 -7.53
C GLY L 82 74.56 55.33 -7.92
N VAL L 83 74.83 54.48 -6.92
CA VAL L 83 75.10 53.07 -7.16
C VAL L 83 74.56 52.28 -5.99
N SER L 84 74.16 51.03 -6.26
CA SER L 84 73.62 50.14 -5.25
C SER L 84 74.47 48.88 -5.19
N SER L 85 74.86 48.49 -3.97
CA SER L 85 75.68 47.29 -3.80
C SER L 85 74.93 46.05 -4.24
N ALA L 86 73.59 46.06 -4.15
CA ALA L 86 72.80 44.97 -4.69
C ALA L 86 72.81 44.92 -6.21
N CYS L 87 73.35 45.96 -6.87
CA CYS L 87 73.51 45.95 -8.32
C CYS L 87 74.99 45.90 -8.67
N PRO L 88 75.50 44.77 -9.17
CA PRO L 88 76.92 44.74 -9.53
C PRO L 88 77.19 43.88 -10.76
N SER L 94 77.25 49.37 -8.77
CA SER L 94 76.97 50.18 -9.96
C SER L 94 75.47 50.49 -10.07
N PHE L 95 75.03 50.85 -11.26
CA PHE L 95 73.64 51.18 -11.51
C PHE L 95 73.37 51.04 -13.01
N PHE L 96 72.10 51.20 -13.38
CA PHE L 96 71.71 51.08 -14.78
C PHE L 96 72.39 52.15 -15.62
N ARG L 97 72.69 51.80 -16.88
CA ARG L 97 73.42 52.72 -17.73
C ARG L 97 72.49 53.69 -18.45
N ASN L 98 71.25 53.29 -18.72
CA ASN L 98 70.32 54.15 -19.43
C ASN L 98 69.77 55.27 -18.55
N VAL L 99 69.70 55.06 -17.24
CA VAL L 99 69.18 56.05 -16.31
C VAL L 99 70.31 56.51 -15.40
N VAL L 100 70.07 57.64 -14.74
CA VAL L 100 71.04 58.24 -13.81
C VAL L 100 70.36 58.40 -12.45
N TRP L 101 71.07 58.01 -11.39
CA TRP L 101 70.57 58.12 -10.03
C TRP L 101 71.13 59.40 -9.42
N LEU L 102 70.30 60.44 -9.38
CA LEU L 102 70.75 61.74 -8.89
C LEU L 102 70.71 61.77 -7.36
N ILE L 103 71.84 62.17 -6.76
CA ILE L 103 71.93 62.34 -5.32
C ILE L 103 72.19 63.82 -5.03
N LYS L 104 72.04 64.18 -3.75
CA LYS L 104 72.21 65.56 -3.36
C LYS L 104 73.68 65.95 -3.37
N LYS L 105 73.94 67.23 -3.65
CA LYS L 105 75.27 67.80 -3.66
C LYS L 105 75.45 68.70 -2.45
N ASN L 106 76.65 68.65 -1.86
CA ASN L 106 76.97 69.42 -0.65
C ASN L 106 75.98 69.12 0.46
N SER L 107 75.02 70.03 0.68
CA SER L 107 74.01 69.84 1.71
C SER L 107 72.65 70.37 1.29
N THR L 108 72.44 70.63 0.00
CA THR L 108 71.18 71.15 -0.50
C THR L 108 70.77 70.40 -1.75
N TYR L 109 69.46 70.25 -1.93
CA TYR L 109 68.89 69.58 -3.09
C TYR L 109 67.88 70.53 -3.73
N PRO L 110 68.33 71.40 -4.63
CA PRO L 110 67.39 72.32 -5.29
C PRO L 110 66.47 71.59 -6.25
N THR L 111 65.29 72.16 -6.44
CA THR L 111 64.30 71.56 -7.32
C THR L 111 64.78 71.60 -8.77
N ILE L 112 64.81 70.44 -9.41
CA ILE L 112 65.27 70.33 -10.78
C ILE L 112 64.12 70.67 -11.72
N LYS L 113 64.40 71.49 -12.73
CA LYS L 113 63.41 71.90 -13.73
C LYS L 113 64.02 71.68 -15.12
N ARG L 114 64.13 70.42 -15.51
CA ARG L 114 64.72 70.04 -16.79
C ARG L 114 63.61 69.71 -17.79
N SER L 115 63.82 70.13 -19.04
CA SER L 115 62.87 69.88 -20.11
C SER L 115 63.62 69.56 -21.39
N TYR L 116 62.99 68.75 -22.24
CA TYR L 116 63.59 68.35 -23.51
C TYR L 116 62.50 68.21 -24.56
N ASN L 117 62.76 68.72 -25.75
CA ASN L 117 61.87 68.60 -26.89
C ASN L 117 62.50 67.66 -27.91
N ASN L 118 61.70 66.74 -28.44
CA ASN L 118 62.20 65.74 -29.38
C ASN L 118 62.60 66.41 -30.68
N THR L 119 63.90 66.39 -30.98
CA THR L 119 64.42 66.93 -32.23
C THR L 119 64.64 65.87 -33.30
N ASN L 120 64.46 64.59 -32.96
CA ASN L 120 64.64 63.51 -33.92
C ASN L 120 63.35 63.28 -34.70
N GLN L 121 63.52 62.84 -35.95
CA GLN L 121 62.36 62.62 -36.81
C GLN L 121 61.56 61.40 -36.36
N GLU L 122 62.23 60.33 -35.97
CA GLU L 122 61.56 59.13 -35.54
C GLU L 122 60.97 59.30 -34.13
N ASP L 123 60.08 58.39 -33.77
CA ASP L 123 59.46 58.43 -32.45
C ASP L 123 60.47 58.00 -31.38
N LEU L 124 60.47 58.70 -30.25
CA LEU L 124 61.39 58.45 -29.17
C LEU L 124 60.66 57.85 -27.97
N LEU L 125 61.35 56.97 -27.25
CA LEU L 125 60.83 56.33 -26.05
C LEU L 125 61.68 56.78 -24.87
N VAL L 126 61.08 57.58 -23.98
CA VAL L 126 61.77 58.12 -22.81
C VAL L 126 61.24 57.43 -21.57
N LEU L 127 62.13 56.93 -20.74
CA LEU L 127 61.78 56.27 -19.49
C LEU L 127 62.34 57.06 -18.32
N TRP L 128 61.80 56.78 -17.13
CA TRP L 128 62.25 57.43 -15.91
C TRP L 128 61.79 56.59 -14.72
N GLY L 129 62.40 56.85 -13.57
CA GLY L 129 62.10 56.07 -12.37
C GLY L 129 62.12 56.94 -11.14
N ILE L 130 61.39 56.48 -10.12
CA ILE L 130 61.33 57.13 -8.82
C ILE L 130 61.74 56.11 -7.77
N HIS L 131 62.67 56.49 -6.90
CA HIS L 131 63.21 55.59 -5.88
C HIS L 131 62.48 55.79 -4.56
N HIS L 132 62.11 54.68 -3.93
CA HIS L 132 61.46 54.72 -2.63
C HIS L 132 62.49 54.45 -1.54
N PRO L 133 62.64 55.33 -0.57
CA PRO L 133 63.64 55.12 0.48
C PRO L 133 63.20 54.06 1.49
N ASN L 134 64.15 53.65 2.33
CA ASN L 134 63.85 52.65 3.35
C ASN L 134 63.04 53.25 4.48
N ASP L 135 63.60 54.23 5.19
CA ASP L 135 62.87 54.91 6.26
C ASP L 135 63.02 56.42 6.13
N ALA L 136 62.58 57.16 7.15
CA ALA L 136 62.61 58.61 7.09
C ALA L 136 64.03 59.17 7.26
N ALA L 137 64.86 58.50 8.06
CA ALA L 137 66.23 58.98 8.26
C ALA L 137 67.04 58.89 6.97
N GLU L 138 66.80 57.87 6.16
CA GLU L 138 67.50 57.75 4.89
C GLU L 138 67.01 58.80 3.90
N GLN L 139 65.72 59.11 3.93
CA GLN L 139 65.19 60.16 3.06
C GLN L 139 65.88 61.48 3.30
N THR L 140 66.18 61.80 4.56
CA THR L 140 66.91 63.02 4.87
C THR L 140 68.38 62.91 4.49
N LYS L 141 68.97 61.74 4.70
CA LYS L 141 70.39 61.57 4.44
C LYS L 141 70.73 61.59 2.95
N LEU L 142 69.76 61.35 2.08
CA LEU L 142 70.00 61.28 0.64
C LEU L 142 69.51 62.51 -0.10
N TYR L 143 68.24 62.86 0.06
CA TYR L 143 67.62 63.92 -0.72
C TYR L 143 67.30 65.16 0.11
N GLN L 144 67.70 65.19 1.39
CA GLN L 144 67.58 66.36 2.24
C GLN L 144 66.13 66.79 2.46
N ASN L 145 65.44 67.13 1.37
CA ASN L 145 64.08 67.64 1.49
C ASN L 145 63.16 66.56 2.04
N PRO L 146 62.32 66.86 3.04
CA PRO L 146 61.44 65.83 3.61
C PRO L 146 60.33 65.43 2.64
N THR L 147 59.52 66.40 2.24
CA THR L 147 58.42 66.16 1.31
C THR L 147 58.91 66.43 -0.10
N THR L 148 58.97 65.38 -0.92
CA THR L 148 59.44 65.48 -2.29
C THR L 148 58.38 64.95 -3.25
N TYR L 149 58.60 65.18 -4.53
CA TYR L 149 57.69 64.73 -5.58
C TYR L 149 58.45 64.67 -6.89
N ILE L 150 57.81 64.10 -7.90
CA ILE L 150 58.37 63.96 -9.23
C ILE L 150 57.23 64.16 -10.24
N SER L 151 57.29 65.24 -11.01
CA SER L 151 56.25 65.58 -11.98
C SER L 151 56.84 65.50 -13.38
N VAL L 152 56.37 64.52 -14.15
CA VAL L 152 56.78 64.34 -15.54
C VAL L 152 55.60 64.74 -16.43
N GLY L 153 55.82 65.68 -17.32
CA GLY L 153 54.78 66.20 -18.20
C GLY L 153 55.13 65.98 -19.66
N THR L 154 54.13 65.62 -20.44
CA THR L 154 54.27 65.43 -21.88
C THR L 154 53.04 65.99 -22.58
N SER L 155 52.98 65.80 -23.90
CA SER L 155 51.87 66.33 -24.67
C SER L 155 50.58 65.54 -24.46
N THR L 156 50.67 64.33 -23.90
CA THR L 156 49.49 63.47 -23.75
C THR L 156 49.35 62.90 -22.34
N LEU L 157 50.19 63.30 -21.40
CA LEU L 157 50.10 62.79 -20.04
C LEU L 157 50.39 63.91 -19.04
N ASN L 158 49.88 63.72 -17.82
CA ASN L 158 50.13 64.66 -16.72
C ASN L 158 50.19 63.83 -15.45
N GLN L 159 51.41 63.47 -15.05
CA GLN L 159 51.63 62.59 -13.91
C GLN L 159 52.37 63.32 -12.80
N ARG L 160 52.05 62.93 -11.56
CA ARG L 160 52.71 63.46 -10.37
C ARG L 160 52.87 62.31 -9.39
N LEU L 161 54.11 61.88 -9.18
CA LEU L 161 54.41 60.73 -8.34
C LEU L 161 55.06 61.19 -7.04
N VAL L 162 54.50 60.75 -5.92
CA VAL L 162 55.02 61.04 -4.60
C VAL L 162 55.63 59.76 -4.04
N PRO L 163 56.90 59.76 -3.64
CA PRO L 163 57.51 58.52 -3.14
C PRO L 163 56.93 58.12 -1.78
N ARG L 164 56.84 56.81 -1.58
CA ARG L 164 56.32 56.23 -0.35
C ARG L 164 57.48 55.68 0.49
N ILE L 165 57.41 55.91 1.79
CA ILE L 165 58.45 55.48 2.72
C ILE L 165 57.82 54.50 3.72
N ALA L 166 58.39 53.30 3.79
CA ALA L 166 57.90 52.27 4.70
C ALA L 166 58.98 51.20 4.84
N THR L 167 59.00 50.55 6.00
CA THR L 167 59.95 49.47 6.24
C THR L 167 59.54 48.23 5.46
N ARG L 168 60.40 47.80 4.54
CA ARG L 168 60.12 46.66 3.67
C ARG L 168 61.18 45.59 3.88
N SER L 169 60.76 44.34 3.70
CA SER L 169 61.70 43.22 3.80
C SER L 169 62.67 43.26 2.61
N LYS L 170 63.92 42.92 2.87
CA LYS L 170 64.96 43.02 1.85
C LYS L 170 64.68 42.04 0.70
N VAL L 171 64.80 42.55 -0.52
CA VAL L 171 64.65 41.75 -1.73
C VAL L 171 65.87 42.00 -2.61
N ASN L 172 66.50 40.92 -3.06
CA ASN L 172 67.70 40.96 -3.89
C ASN L 172 68.86 41.66 -3.18
N GLY L 173 68.87 41.68 -1.85
CA GLY L 173 69.98 42.24 -1.11
C GLY L 173 69.65 43.45 -0.26
N GLN L 174 68.77 44.31 -0.75
CA GLN L 174 68.43 45.56 -0.07
C GLN L 174 66.92 45.67 0.06
N SER L 175 66.49 46.67 0.85
CA SER L 175 65.08 46.87 1.16
C SER L 175 64.46 48.05 0.42
N GLY L 176 65.19 48.68 -0.49
CA GLY L 176 64.66 49.80 -1.24
C GLY L 176 63.64 49.36 -2.28
N ARG L 177 63.30 50.32 -3.14
CA ARG L 177 62.35 50.08 -4.21
C ARG L 177 62.46 51.19 -5.25
N MET L 178 62.16 50.84 -6.50
CA MET L 178 62.20 51.80 -7.59
C MET L 178 61.06 51.49 -8.57
N GLU L 179 60.25 52.50 -8.87
CA GLU L 179 59.10 52.37 -9.75
C GLU L 179 59.40 53.10 -11.05
N PHE L 180 59.49 52.36 -12.15
CA PHE L 180 59.86 52.90 -13.45
C PHE L 180 58.62 53.17 -14.30
N PHE L 181 58.79 54.07 -15.27
CA PHE L 181 57.73 54.45 -16.19
C PHE L 181 58.33 54.65 -17.57
N TRP L 182 57.46 54.90 -18.55
CA TRP L 182 57.89 55.07 -19.93
C TRP L 182 56.76 55.72 -20.72
N THR L 183 57.13 56.33 -21.84
CA THR L 183 56.16 56.99 -22.71
C THR L 183 56.81 57.26 -24.06
N ILE L 184 56.14 56.86 -25.14
CA ILE L 184 56.61 57.20 -26.47
C ILE L 184 56.42 58.69 -26.71
N LEU L 185 57.47 59.35 -27.19
CA LEU L 185 57.49 60.79 -27.37
C LEU L 185 57.38 61.14 -28.85
N LYS L 186 56.45 62.02 -29.18
CA LYS L 186 56.29 62.55 -30.53
C LYS L 186 57.23 63.73 -30.75
N PRO L 187 57.56 64.05 -32.00
CA PRO L 187 58.45 65.19 -32.25
C PRO L 187 57.83 66.50 -31.76
N ASN L 188 58.65 67.31 -31.10
CA ASN L 188 58.22 68.57 -30.50
C ASN L 188 57.06 68.35 -29.54
N ALA L 190 57.38 67.59 -26.44
CA ALA L 190 58.39 67.98 -25.45
C ALA L 190 58.05 67.43 -24.07
N ILE L 191 59.04 66.83 -23.41
CA ILE L 191 58.86 66.23 -22.09
C ILE L 191 59.42 67.19 -21.05
N ASN L 192 58.61 67.52 -20.06
CA ASN L 192 59.00 68.44 -18.98
C ASN L 192 59.13 67.65 -17.69
N PHE L 193 60.30 67.70 -17.07
CA PHE L 193 60.57 66.98 -15.84
C PHE L 193 60.73 67.98 -14.70
N GLU L 194 60.20 67.60 -13.52
CA GLU L 194 60.29 68.43 -12.34
C GLU L 194 60.25 67.54 -11.12
N SER L 195 61.32 67.53 -10.33
CA SER L 195 61.42 66.68 -9.16
C SER L 195 62.19 67.39 -8.06
N ASN L 196 61.69 67.29 -6.83
CA ASN L 196 62.34 67.88 -5.68
C ASN L 196 63.10 66.87 -4.83
N GLY L 197 63.13 65.61 -5.24
CA GLY L 197 63.84 64.58 -4.50
C GLY L 197 63.38 63.19 -4.83
N ASN L 198 64.29 62.21 -4.70
CA ASN L 198 64.01 60.80 -4.99
C ASN L 198 63.51 60.64 -6.43
N PHE L 199 64.44 60.82 -7.36
CA PHE L 199 64.14 60.79 -8.78
C PHE L 199 65.32 60.18 -9.53
N ILE L 200 65.06 59.08 -10.24
CA ILE L 200 66.06 58.44 -11.09
C ILE L 200 65.88 59.00 -12.49
N ALA L 201 66.78 59.91 -12.88
CA ALA L 201 66.66 60.61 -14.14
C ALA L 201 67.21 59.77 -15.30
N PRO L 202 66.67 59.95 -16.50
CA PRO L 202 67.22 59.22 -17.66
C PRO L 202 68.42 59.95 -18.25
N GLU L 203 69.42 59.16 -18.65
CA GLU L 203 70.58 59.68 -19.36
C GLU L 203 70.55 59.39 -20.84
N TYR L 204 69.99 58.26 -21.25
CA TYR L 204 69.83 57.90 -22.65
C TYR L 204 68.39 57.53 -22.91
N ALA L 205 68.00 57.60 -24.18
CA ALA L 205 66.65 57.27 -24.61
C ALA L 205 66.71 56.34 -25.82
N TYR L 206 65.55 55.78 -26.17
CA TYR L 206 65.42 54.87 -27.29
C TYR L 206 64.52 55.48 -28.35
N LYS L 207 64.97 55.47 -29.60
CA LYS L 207 64.20 55.97 -30.72
C LYS L 207 63.64 54.79 -31.51
N ILE L 208 62.32 54.72 -31.63
CA ILE L 208 61.65 53.63 -32.31
C ILE L 208 61.10 54.13 -33.64
N VAL L 209 60.89 53.19 -34.56
CA VAL L 209 60.35 53.51 -35.87
C VAL L 209 59.70 52.28 -36.48
N GLU M 1 -7.58 -16.35 41.09
CA GLU M 1 -7.62 -15.48 39.92
C GLU M 1 -6.86 -16.10 38.75
N VAL M 2 -5.54 -16.18 38.89
CA VAL M 2 -4.68 -16.78 37.87
C VAL M 2 -4.67 -18.29 38.15
N GLN M 3 -5.61 -19.00 37.55
CA GLN M 3 -5.77 -20.43 37.75
C GLN M 3 -5.81 -21.15 36.41
N LEU M 4 -5.08 -22.26 36.32
CA LEU M 4 -5.06 -23.10 35.14
C LEU M 4 -5.69 -24.45 35.46
N VAL M 5 -6.40 -25.02 34.49
CA VAL M 5 -7.09 -26.31 34.68
C VAL M 5 -6.85 -27.14 33.42
N GLU M 6 -6.04 -28.19 33.55
CA GLU M 6 -5.79 -29.11 32.45
C GLU M 6 -6.83 -30.23 32.50
N SER M 7 -7.45 -30.51 31.36
CA SER M 7 -8.50 -31.51 31.28
C SER M 7 -8.34 -32.33 30.00
N GLY M 8 -8.96 -33.52 30.02
CA GLY M 8 -8.92 -34.41 28.88
C GLY M 8 -8.25 -35.75 29.12
N GLY M 9 -7.78 -36.03 30.34
CA GLY M 9 -7.10 -37.28 30.59
C GLY M 9 -8.05 -38.47 30.62
N GLY M 10 -7.46 -39.64 30.42
CA GLY M 10 -8.24 -40.87 30.43
C GLY M 10 -7.41 -42.03 29.91
N LEU M 11 -8.09 -43.16 29.76
CA LEU M 11 -7.44 -44.37 29.26
C LEU M 11 -7.35 -44.35 27.75
N VAL M 12 -6.29 -44.96 27.22
CA VAL M 12 -6.04 -44.97 25.79
C VAL M 12 -5.30 -46.24 25.42
N GLN M 13 -5.82 -46.96 24.43
CA GLN M 13 -5.11 -48.12 23.91
C GLN M 13 -3.90 -47.66 23.11
N PRO M 14 -2.84 -48.48 23.04
CA PRO M 14 -1.65 -48.08 22.28
C PRO M 14 -1.97 -47.88 20.80
N GLY M 15 -1.50 -46.76 20.26
CA GLY M 15 -1.81 -46.38 18.90
C GLY M 15 -2.99 -45.46 18.74
N GLY M 16 -3.78 -45.25 19.80
CA GLY M 16 -4.93 -44.38 19.73
C GLY M 16 -4.57 -42.92 19.66
N SER M 17 -5.60 -42.08 19.69
CA SER M 17 -5.44 -40.64 19.59
C SER M 17 -6.19 -39.97 20.74
N LEU M 18 -5.49 -39.10 21.46
CA LEU M 18 -6.07 -38.35 22.57
C LEU M 18 -5.88 -36.86 22.35
N ARG M 19 -6.78 -36.07 22.95
CA ARG M 19 -6.75 -34.62 22.84
C ARG M 19 -6.93 -34.02 24.21
N LEU M 20 -5.91 -33.28 24.66
CA LEU M 20 -5.93 -32.60 25.96
C LEU M 20 -6.33 -31.15 25.76
N SER M 21 -7.20 -30.66 26.64
CA SER M 21 -7.70 -29.29 26.58
C SER M 21 -7.37 -28.58 27.88
N CYS M 22 -6.57 -27.52 27.79
CA CYS M 22 -6.20 -26.70 28.93
C CYS M 22 -6.89 -25.35 28.82
N ALA M 23 -7.56 -24.92 29.89
CA ALA M 23 -8.31 -23.68 29.92
C ALA M 23 -7.59 -22.66 30.79
N ALA M 24 -7.45 -21.44 30.27
CA ALA M 24 -6.83 -20.35 30.99
C ALA M 24 -7.90 -19.44 31.59
N SER M 25 -7.56 -18.78 32.69
CA SER M 25 -8.50 -17.90 33.37
C SER M 25 -7.72 -16.93 34.25
N GLY M 26 -8.03 -15.64 34.13
CA GLY M 26 -7.42 -14.64 34.98
C GLY M 26 -6.58 -13.62 34.23
N PHE M 27 -5.52 -14.09 33.58
CA PHE M 27 -4.56 -13.22 32.92
C PHE M 27 -4.93 -13.04 31.45
N THR M 28 -4.19 -12.14 30.79
CA THR M 28 -4.34 -11.93 29.35
C THR M 28 -3.72 -13.11 28.62
N PHE M 29 -4.57 -13.95 28.01
CA PHE M 29 -4.09 -15.19 27.41
C PHE M 29 -3.28 -14.95 26.14
N SER M 30 -3.56 -13.86 25.42
CA SER M 30 -2.93 -13.64 24.12
C SER M 30 -1.50 -13.14 24.21
N THR M 31 -0.99 -12.86 25.42
CA THR M 31 0.34 -12.29 25.57
C THR M 31 1.38 -13.30 26.03
N TYR M 32 0.98 -14.40 26.65
CA TYR M 32 1.91 -15.36 27.22
C TYR M 32 2.04 -16.58 26.33
N TRP M 33 3.17 -17.27 26.47
CA TRP M 33 3.42 -18.53 25.78
C TRP M 33 2.73 -19.67 26.52
N MET M 34 2.90 -20.89 26.01
CA MET M 34 2.34 -22.07 26.63
C MET M 34 3.30 -23.24 26.44
N THR M 35 3.53 -23.99 27.51
CA THR M 35 4.48 -25.10 27.49
C THR M 35 3.88 -26.30 28.20
N TRP M 36 3.86 -27.44 27.51
CA TRP M 36 3.40 -28.68 28.11
C TRP M 36 4.56 -29.42 28.75
N VAL M 37 4.31 -30.00 29.92
CA VAL M 37 5.33 -30.73 30.68
C VAL M 37 4.66 -31.95 31.28
N ARG M 38 5.17 -33.14 30.95
CA ARG M 38 4.66 -34.39 31.48
C ARG M 38 5.63 -34.98 32.49
N GLN M 39 5.09 -35.83 33.37
CA GLN M 39 5.87 -36.43 34.44
C GLN M 39 5.52 -37.92 34.51
N ALA M 40 6.50 -38.77 34.21
CA ALA M 40 6.29 -40.20 34.34
C ALA M 40 6.00 -40.55 35.80
N PRO M 41 5.19 -41.58 36.05
CA PRO M 41 4.85 -41.94 37.44
C PRO M 41 6.09 -42.36 38.21
N GLY M 42 6.40 -41.59 39.26
CA GLY M 42 7.56 -41.85 40.08
C GLY M 42 8.86 -41.30 39.54
N LYS M 43 8.88 -40.83 38.30
CA LYS M 43 10.08 -40.28 37.69
C LYS M 43 10.01 -38.76 37.69
N GLY M 44 10.99 -38.12 37.06
CA GLY M 44 11.03 -36.67 37.01
C GLY M 44 10.17 -36.11 35.89
N LEU M 45 9.99 -34.79 35.94
CA LEU M 45 9.19 -34.10 34.93
C LEU M 45 9.93 -34.08 33.60
N GLU M 46 9.16 -34.02 32.52
CA GLU M 46 9.71 -34.02 31.16
C GLU M 46 8.96 -33.01 30.31
N TRP M 47 9.71 -32.21 29.57
CA TRP M 47 9.10 -31.23 28.68
C TRP M 47 8.46 -31.92 27.48
N VAL M 48 7.31 -31.40 27.05
CA VAL M 48 6.55 -32.02 25.96
C VAL M 48 6.64 -31.16 24.71
N ALA M 49 6.01 -29.99 24.75
CA ALA M 49 5.93 -29.14 23.56
C ALA M 49 5.73 -27.69 23.99
N ASN M 50 5.86 -26.79 23.02
CA ASN M 50 5.67 -25.36 23.23
C ASN M 50 4.74 -24.80 22.17
N ILE M 51 4.24 -23.61 22.42
CA ILE M 51 3.39 -22.88 21.48
C ILE M 51 3.57 -21.39 21.70
N ASN M 52 3.80 -20.65 20.62
CA ASN M 52 4.04 -19.22 20.73
C ASN M 52 2.72 -18.50 21.04
N GLN M 53 2.74 -17.17 20.90
CA GLN M 53 1.59 -16.37 21.32
C GLN M 53 0.43 -16.49 20.34
N ASP M 54 0.70 -16.31 19.04
CA ASP M 54 -0.34 -16.30 18.03
C ASP M 54 -0.50 -17.65 17.33
N GLY M 55 0.03 -18.72 17.91
CA GLY M 55 -0.10 -20.03 17.31
C GLY M 55 0.61 -20.20 15.99
N GLY M 56 1.64 -19.41 15.73
CA GLY M 56 2.36 -19.50 14.48
C GLY M 56 3.51 -20.49 14.51
N GLU M 57 4.46 -20.28 15.41
CA GLU M 57 5.61 -21.16 15.55
C GLU M 57 5.44 -22.04 16.77
N LYS M 58 5.67 -23.35 16.60
CA LYS M 58 5.54 -24.31 17.68
C LYS M 58 6.67 -25.33 17.57
N TYR M 59 6.96 -25.98 18.70
CA TYR M 59 8.06 -26.93 18.77
C TYR M 59 7.63 -28.14 19.60
N PHE M 60 8.34 -29.25 19.38
CA PHE M 60 8.06 -30.51 20.05
C PHE M 60 9.34 -31.06 20.65
N VAL M 61 9.21 -32.15 21.39
CA VAL M 61 10.34 -32.86 21.96
C VAL M 61 10.87 -33.85 20.94
N ASP M 62 12.16 -34.18 21.05
CA ASP M 62 12.77 -35.07 20.07
C ASP M 62 12.20 -36.48 20.15
N SER M 63 11.67 -36.86 21.31
CA SER M 63 11.09 -38.18 21.50
C SER M 63 9.63 -38.24 21.07
N VAL M 64 8.92 -37.12 21.07
CA VAL M 64 7.52 -37.06 20.68
C VAL M 64 7.32 -36.28 19.38
N LYS M 65 8.40 -35.95 18.68
CA LYS M 65 8.28 -35.23 17.42
C LYS M 65 7.62 -36.09 16.36
N GLY M 66 6.72 -35.49 15.60
CA GLY M 66 5.99 -36.21 14.57
C GLY M 66 4.84 -37.05 15.07
N ARG M 67 4.62 -37.11 16.38
CA ARG M 67 3.53 -37.89 16.95
C ARG M 67 2.43 -37.03 17.58
N PHE M 68 2.74 -35.80 17.99
CA PHE M 68 1.78 -34.92 18.62
C PHE M 68 1.50 -33.72 17.71
N THR M 69 0.52 -32.92 18.12
CA THR M 69 0.15 -31.70 17.40
C THR M 69 -0.55 -30.77 18.37
N ILE M 70 -0.03 -29.56 18.53
CA ILE M 70 -0.53 -28.61 19.51
C ILE M 70 -1.14 -27.41 18.78
N SER M 71 -2.29 -26.95 19.29
CA SER M 71 -2.95 -25.78 18.73
C SER M 71 -3.63 -25.02 19.86
N ARG M 72 -3.87 -23.73 19.62
CA ARG M 72 -4.46 -22.86 20.64
C ARG M 72 -5.46 -21.92 19.99
N ASP M 73 -6.42 -21.47 20.79
CA ASP M 73 -7.44 -20.52 20.37
C ASP M 73 -7.43 -19.37 21.38
N ASN M 74 -6.81 -18.24 20.99
CA ASN M 74 -6.66 -17.12 21.91
C ASN M 74 -8.00 -16.49 22.26
N ALA M 75 -9.01 -16.63 21.39
CA ALA M 75 -10.32 -16.06 21.67
C ALA M 75 -11.02 -16.82 22.80
N LYS M 76 -10.92 -18.14 22.80
CA LYS M 76 -11.56 -18.98 23.81
C LYS M 76 -10.70 -19.16 25.05
N ASN M 77 -9.49 -18.62 25.07
CA ASN M 77 -8.57 -18.76 26.20
C ASN M 77 -8.33 -20.23 26.54
N SER M 78 -8.10 -21.03 25.50
CA SER M 78 -7.92 -22.46 25.65
C SER M 78 -6.70 -22.92 24.87
N LEU M 79 -6.19 -24.10 25.26
CA LEU M 79 -5.03 -24.69 24.62
C LEU M 79 -5.31 -26.17 24.39
N PHE M 80 -5.01 -26.65 23.18
CA PHE M 80 -5.26 -28.03 22.80
C PHE M 80 -3.94 -28.73 22.48
N LEU M 81 -3.84 -30.00 22.88
CA LEU M 81 -2.66 -30.83 22.64
C LEU M 81 -3.15 -32.17 22.10
N GLN M 82 -3.27 -32.27 20.78
CA GLN M 82 -3.73 -33.49 20.15
C GLN M 82 -2.60 -34.50 20.03
N MET M 83 -2.91 -35.77 20.24
CA MET M 83 -1.95 -36.85 20.17
C MET M 83 -2.36 -37.85 19.11
N ASN M 84 -1.36 -38.45 18.46
CA ASN M 84 -1.58 -39.45 17.43
C ASN M 84 -0.50 -40.50 17.51
N THR M 85 -0.88 -41.76 17.24
CA THR M 85 0.02 -42.90 17.34
C THR M 85 0.69 -42.94 18.72
N LEU M 86 -0.15 -42.94 19.75
CA LEU M 86 0.36 -42.92 21.12
C LEU M 86 1.05 -44.22 21.47
N ARG M 87 2.14 -44.13 22.22
CA ARG M 87 2.91 -45.28 22.64
C ARG M 87 2.71 -45.52 24.13
N ALA M 88 3.22 -46.66 24.59
CA ALA M 88 3.10 -47.01 26.01
C ALA M 88 4.00 -46.15 26.88
N GLU M 89 5.12 -45.66 26.32
CA GLU M 89 6.02 -44.81 27.07
C GLU M 89 5.43 -43.44 27.37
N ASP M 90 4.35 -43.06 26.68
CA ASP M 90 3.71 -41.78 26.91
C ASP M 90 2.80 -41.79 28.13
N THR M 91 2.59 -42.93 28.77
CA THR M 91 1.73 -43.03 29.94
C THR M 91 2.31 -42.23 31.10
N ALA M 92 1.75 -41.04 31.35
CA ALA M 92 2.26 -40.16 32.40
C ALA M 92 1.22 -39.09 32.68
N VAL M 93 1.47 -38.30 33.72
CA VAL M 93 0.64 -37.17 34.06
C VAL M 93 1.13 -35.95 33.30
N TYR M 94 0.20 -35.21 32.69
CA TYR M 94 0.53 -34.08 31.83
C TYR M 94 0.09 -32.79 32.52
N TYR M 95 1.04 -31.87 32.69
CA TYR M 95 0.78 -30.58 33.30
C TYR M 95 0.71 -29.48 32.25
N CYS M 96 -0.08 -28.45 32.55
CA CYS M 96 -0.25 -27.30 31.68
C CYS M 96 0.26 -26.06 32.41
N ALA M 97 1.24 -25.38 31.81
CA ALA M 97 1.86 -24.23 32.43
C ALA M 97 2.16 -23.17 31.38
N ARG M 98 2.15 -21.91 31.80
CA ARG M 98 2.44 -20.77 30.95
C ARG M 98 3.82 -20.22 31.24
N GLY M 99 4.26 -19.29 30.40
CA GLY M 99 5.56 -18.67 30.58
C GLY M 99 5.71 -17.46 29.68
N PHE M 100 6.69 -16.63 30.01
CA PHE M 100 6.99 -15.41 29.26
C PHE M 100 8.50 -15.35 29.06
N LEU M 101 8.94 -15.66 27.83
CA LEU M 101 10.37 -15.64 27.52
C LEU M 101 10.83 -14.22 27.25
N GLU M 102 12.09 -13.94 27.61
CA GLU M 102 12.70 -12.63 27.47
C GLU M 102 14.07 -12.78 26.83
N ARG M 103 14.76 -11.66 26.67
CA ARG M 103 16.16 -11.66 26.28
C ARG M 103 16.96 -10.91 27.34
N LEU M 104 16.81 -11.32 28.61
CA LEU M 104 17.42 -10.60 29.71
C LEU M 104 18.94 -10.75 29.68
N LEU M 105 19.63 -9.65 29.93
CA LEU M 105 21.09 -9.63 30.00
C LEU M 105 21.48 -9.72 31.47
N LEU M 106 21.85 -10.92 31.91
CA LEU M 106 22.20 -11.12 33.31
C LEU M 106 23.70 -11.05 33.54
N GLY M 107 24.50 -11.52 32.59
CA GLY M 107 25.94 -11.49 32.72
C GLY M 107 26.62 -10.74 31.58
N ARG M 108 27.07 -11.48 30.57
CA ARG M 108 27.69 -10.89 29.39
C ARG M 108 27.17 -11.62 28.16
N GLN M 109 26.70 -10.86 27.18
CA GLN M 109 26.08 -11.40 25.97
C GLN M 109 24.93 -12.35 26.34
N GLY M 110 23.93 -11.78 27.01
CA GLY M 110 22.82 -12.58 27.49
C GLY M 110 21.99 -13.16 26.37
N ALA M 111 21.37 -14.30 26.65
CA ALA M 111 20.54 -15.01 25.70
C ALA M 111 19.08 -14.98 26.17
N TYR M 112 18.28 -15.92 25.70
CA TYR M 112 16.86 -15.98 26.02
C TYR M 112 16.63 -16.74 27.31
N TYR M 113 15.90 -16.14 28.23
CA TYR M 113 15.53 -16.77 29.49
C TYR M 113 14.05 -17.12 29.47
N TYR M 114 13.72 -18.27 30.07
CA TYR M 114 12.34 -18.75 30.08
C TYR M 114 12.05 -19.40 31.43
N GLY M 115 10.78 -19.42 31.80
CA GLY M 115 10.37 -20.01 33.06
C GLY M 115 8.87 -20.08 33.24
N MET M 116 8.38 -21.19 33.79
CA MET M 116 6.97 -21.38 34.06
C MET M 116 6.66 -20.95 35.49
N ASP M 117 5.62 -20.13 35.65
CA ASP M 117 5.21 -19.61 36.95
C ASP M 117 3.89 -20.16 37.45
N VAL M 118 2.92 -20.36 36.56
CA VAL M 118 1.60 -20.86 36.93
C VAL M 118 1.41 -22.22 36.29
N TRP M 119 1.15 -23.23 37.11
CA TRP M 119 0.94 -24.60 36.67
C TRP M 119 -0.48 -25.04 37.02
N GLY M 120 -1.01 -25.97 36.23
CA GLY M 120 -2.32 -26.52 36.47
C GLY M 120 -2.27 -27.78 37.32
N GLN M 121 -3.48 -28.29 37.63
CA GLN M 121 -3.57 -29.52 38.40
C GLN M 121 -3.02 -30.71 37.62
N GLY M 122 -3.23 -30.73 36.30
CA GLY M 122 -2.71 -31.77 35.47
C GLY M 122 -3.58 -33.01 35.39
N THR M 123 -3.74 -33.55 34.19
CA THR M 123 -4.54 -34.75 33.97
C THR M 123 -3.62 -35.96 33.85
N THR M 124 -3.99 -37.06 34.51
CA THR M 124 -3.21 -38.29 34.50
C THR M 124 -3.67 -39.16 33.33
N VAL M 125 -2.80 -39.33 32.35
CA VAL M 125 -3.09 -40.14 31.17
C VAL M 125 -2.36 -41.46 31.29
N THR M 126 -3.09 -42.56 31.12
CA THR M 126 -2.54 -43.91 31.18
C THR M 126 -2.77 -44.59 29.84
N VAL M 127 -1.67 -45.03 29.21
CA VAL M 127 -1.72 -45.70 27.92
C VAL M 127 -1.30 -47.15 28.15
N SER M 128 -2.28 -48.06 28.13
CA SER M 128 -2.04 -49.47 28.31
C SER M 128 -2.91 -50.26 27.36
N SER M 129 -2.65 -51.57 27.27
CA SER M 129 -3.34 -52.43 26.33
C SER M 129 -4.45 -53.27 26.95
N ALA M 130 -4.43 -53.47 28.26
CA ALA M 130 -5.44 -54.30 28.91
C ALA M 130 -6.74 -53.51 29.09
N SER M 131 -7.75 -54.18 29.63
CA SER M 131 -9.06 -53.58 29.88
C SER M 131 -9.33 -53.51 31.38
N THR M 132 -10.28 -52.65 31.74
CA THR M 132 -10.62 -52.45 33.15
C THR M 132 -11.18 -53.74 33.75
N LYS M 133 -10.50 -54.24 34.77
CA LYS M 133 -10.89 -55.47 35.46
C LYS M 133 -10.85 -55.25 36.96
N GLY M 134 -11.74 -55.94 37.66
CA GLY M 134 -11.82 -55.83 39.10
C GLY M 134 -10.64 -56.46 39.80
N PRO M 135 -10.28 -55.94 40.97
CA PRO M 135 -9.15 -56.49 41.72
C PRO M 135 -9.53 -57.75 42.49
N SER M 136 -8.50 -58.56 42.77
CA SER M 136 -8.66 -59.79 43.53
C SER M 136 -8.09 -59.58 44.92
N VAL M 137 -8.95 -59.67 45.93
CA VAL M 137 -8.54 -59.45 47.31
C VAL M 137 -8.20 -60.79 47.93
N PHE M 138 -6.93 -60.95 48.34
CA PHE M 138 -6.46 -62.16 48.98
C PHE M 138 -5.93 -61.84 50.38
N PRO M 139 -6.30 -62.64 51.39
CA PRO M 139 -5.87 -62.35 52.76
C PRO M 139 -4.40 -62.70 52.96
N LEU M 140 -3.86 -62.19 54.08
CA LEU M 140 -2.46 -62.43 54.46
C LEU M 140 -2.42 -62.48 55.99
N ALA M 141 -2.56 -63.69 56.53
CA ALA M 141 -2.59 -63.87 57.98
C ALA M 141 -1.19 -64.16 58.53
N PRO M 142 -0.88 -63.66 59.71
CA PRO M 142 0.44 -63.90 60.29
C PRO M 142 0.52 -65.28 60.94
N SER M 143 1.74 -65.81 60.98
CA SER M 143 1.98 -67.11 61.59
C SER M 143 2.04 -66.99 63.11
N SER M 144 1.70 -68.08 63.79
CA SER M 144 1.70 -68.12 65.24
C SER M 144 3.13 -68.12 65.79
N GLY M 149 7.41 -60.56 67.22
CA GLY M 149 8.20 -60.09 68.35
C GLY M 149 7.40 -59.24 69.32
N GLY M 150 6.21 -59.73 69.69
CA GLY M 150 5.31 -59.04 70.59
C GLY M 150 4.09 -58.46 69.92
N THR M 151 4.20 -58.11 68.63
CA THR M 151 3.09 -57.54 67.88
C THR M 151 3.17 -58.05 66.45
N ALA M 152 2.22 -58.89 66.06
CA ALA M 152 2.17 -59.44 64.72
C ALA M 152 1.45 -58.48 63.78
N ALA M 153 1.62 -58.70 62.48
CA ALA M 153 1.03 -57.85 61.45
C ALA M 153 0.21 -58.68 60.49
N LEU M 154 -0.96 -58.16 60.13
CA LEU M 154 -1.85 -58.80 59.17
C LEU M 154 -2.32 -57.75 58.17
N GLY M 155 -2.70 -58.22 56.99
CA GLY M 155 -3.13 -57.31 55.95
C GLY M 155 -3.80 -58.03 54.81
N CYS M 156 -4.27 -57.23 53.85
CA CYS M 156 -4.94 -57.73 52.65
C CYS M 156 -4.06 -57.46 51.43
N LEU M 157 -4.28 -58.25 50.38
CA LEU M 157 -3.51 -58.15 49.14
C LEU M 157 -4.48 -58.00 47.99
N VAL M 158 -4.32 -56.93 47.22
CA VAL M 158 -5.13 -56.66 46.03
C VAL M 158 -4.25 -56.89 44.81
N LYS M 159 -4.73 -57.74 43.89
CA LYS M 159 -3.96 -58.11 42.73
C LYS M 159 -4.84 -58.10 41.49
N ASP M 160 -4.21 -57.87 40.34
CA ASP M 160 -4.88 -57.86 39.04
C ASP M 160 -5.99 -56.83 38.95
N TYR M 161 -5.61 -55.56 38.75
CA TYR M 161 -6.57 -54.50 38.48
C TYR M 161 -5.92 -53.51 37.52
N PHE M 162 -6.69 -53.02 36.55
CA PHE M 162 -6.13 -52.28 35.43
C PHE M 162 -5.85 -50.81 35.75
N PRO M 163 -6.83 -50.01 36.13
CA PRO M 163 -6.55 -48.59 36.34
C PRO M 163 -5.82 -48.35 37.66
N GLU M 164 -5.04 -47.26 37.68
CA GLU M 164 -4.18 -46.98 38.82
C GLU M 164 -4.91 -46.76 40.13
N PRO M 165 -5.95 -45.92 40.21
CA PRO M 165 -6.53 -45.62 41.53
C PRO M 165 -7.16 -46.83 42.20
N VAL M 166 -6.89 -46.98 43.49
CA VAL M 166 -7.43 -48.06 44.29
C VAL M 166 -7.34 -47.67 45.77
N THR M 167 -8.50 -47.65 46.44
CA THR M 167 -8.57 -47.25 47.84
C THR M 167 -8.83 -48.47 48.72
N VAL M 168 -8.19 -48.49 49.89
CA VAL M 168 -8.29 -49.59 50.83
C VAL M 168 -8.54 -49.01 52.22
N SER M 169 -9.61 -49.46 52.87
CA SER M 169 -9.96 -49.04 54.21
C SER M 169 -10.01 -50.25 55.14
N TRP M 170 -9.59 -50.05 56.38
CA TRP M 170 -9.53 -51.13 57.36
C TRP M 170 -10.66 -50.97 58.38
N ASN M 171 -11.43 -52.04 58.55
CA ASN M 171 -12.55 -52.07 59.50
C ASN M 171 -13.55 -50.95 59.22
N SER M 172 -13.82 -50.71 57.94
CA SER M 172 -14.77 -49.67 57.50
C SER M 172 -14.36 -48.30 58.01
N GLY M 173 -13.04 -48.05 58.06
CA GLY M 173 -12.52 -46.79 58.52
C GLY M 173 -12.24 -46.69 60.00
N ALA M 174 -12.20 -47.81 60.72
CA ALA M 174 -11.94 -47.79 62.15
C ALA M 174 -10.46 -47.90 62.46
N LEU M 175 -9.77 -48.88 61.87
CA LEU M 175 -8.34 -49.09 62.09
C LEU M 175 -7.57 -48.13 61.19
N THR M 176 -7.08 -47.04 61.77
CA THR M 176 -6.33 -46.02 61.03
C THR M 176 -4.85 -46.01 61.39
N SER M 177 -4.52 -45.99 62.68
CA SER M 177 -3.13 -45.98 63.10
C SER M 177 -2.47 -47.32 62.79
N GLY M 178 -1.31 -47.27 62.14
CA GLY M 178 -0.59 -48.46 61.78
C GLY M 178 -0.90 -49.01 60.41
N VAL M 179 -1.89 -48.46 59.71
CA VAL M 179 -2.24 -48.93 58.38
C VAL M 179 -1.17 -48.48 57.39
N HIS M 180 -0.80 -49.38 56.48
CA HIS M 180 0.23 -49.12 55.48
C HIS M 180 -0.30 -49.53 54.11
N THR M 181 -0.77 -48.56 53.33
CA THR M 181 -1.22 -48.79 51.96
C THR M 181 -0.04 -48.55 51.03
N PHE M 182 0.61 -49.64 50.60
CA PHE M 182 1.80 -49.52 49.79
C PHE M 182 1.45 -49.09 48.37
N PRO M 183 2.39 -48.42 47.68
CA PRO M 183 2.13 -48.01 46.30
C PRO M 183 1.95 -49.22 45.38
N ALA M 184 1.25 -48.98 44.28
CA ALA M 184 0.98 -50.05 43.33
C ALA M 184 2.25 -50.45 42.58
N VAL M 185 2.24 -51.68 42.07
CA VAL M 185 3.34 -52.23 41.29
C VAL M 185 2.78 -52.81 40.01
N LEU M 186 3.36 -52.42 38.88
CA LEU M 186 2.90 -52.88 37.58
C LEU M 186 3.45 -54.28 37.31
N GLN M 187 2.55 -55.25 37.15
CA GLN M 187 2.96 -56.60 36.84
C GLN M 187 3.29 -56.74 35.35
N SER M 188 3.92 -57.86 35.00
CA SER M 188 4.30 -58.08 33.61
C SER M 188 3.07 -58.29 32.73
N SER M 189 1.97 -58.77 33.30
CA SER M 189 0.76 -59.01 32.52
C SER M 189 0.06 -57.72 32.12
N GLY M 190 0.25 -56.64 32.87
CA GLY M 190 -0.35 -55.36 32.58
C GLY M 190 -1.27 -54.83 33.67
N LEU M 191 -1.69 -55.68 34.59
CA LEU M 191 -2.58 -55.29 35.69
C LEU M 191 -1.75 -55.00 36.92
N TYR M 192 -2.11 -53.91 37.62
CA TYR M 192 -1.37 -53.50 38.80
C TYR M 192 -1.70 -54.40 39.98
N SER M 193 -0.94 -54.22 41.06
CA SER M 193 -1.12 -55.01 42.27
C SER M 193 -0.50 -54.26 43.44
N LEU M 194 -1.23 -54.18 44.55
CA LEU M 194 -0.75 -53.50 45.74
C LEU M 194 -1.20 -54.26 46.99
N SER M 195 -0.41 -54.15 48.04
CA SER M 195 -0.67 -54.84 49.30
C SER M 195 -0.74 -53.83 50.43
N SER M 196 -1.70 -54.03 51.33
CA SER M 196 -1.91 -53.18 52.50
C SER M 196 -1.86 -54.04 53.75
N VAL M 197 -1.12 -53.57 54.76
CA VAL M 197 -0.95 -54.30 56.01
C VAL M 197 -1.09 -53.32 57.17
N VAL M 198 -1.13 -53.87 58.38
CA VAL M 198 -1.28 -53.08 59.60
C VAL M 198 -0.71 -53.88 60.76
N THR M 199 -0.07 -53.18 61.69
CA THR M 199 0.54 -53.79 62.87
C THR M 199 -0.44 -53.67 64.03
N VAL M 200 -0.86 -54.82 64.57
CA VAL M 200 -1.84 -54.87 65.65
C VAL M 200 -1.28 -55.70 66.80
N PRO M 201 -1.71 -55.48 68.04
CA PRO M 201 -1.23 -56.31 69.14
C PRO M 201 -1.69 -57.75 68.99
N SER M 202 -0.87 -58.67 69.52
CA SER M 202 -1.16 -60.09 69.41
C SER M 202 -2.38 -60.52 70.23
N SER M 203 -2.75 -59.74 71.24
CA SER M 203 -3.90 -60.10 72.07
C SER M 203 -5.21 -59.91 71.31
N SER M 204 -5.30 -58.85 70.51
CA SER M 204 -6.52 -58.56 69.77
C SER M 204 -6.61 -59.34 68.46
N LEU M 205 -5.72 -60.30 68.23
CA LEU M 205 -5.77 -61.08 67.00
C LEU M 205 -6.99 -62.00 67.00
N GLY M 206 -7.13 -62.83 68.03
CA GLY M 206 -8.28 -63.72 68.13
C GLY M 206 -9.52 -63.08 68.69
N THR M 207 -9.39 -61.93 69.37
CA THR M 207 -10.54 -61.25 69.96
C THR M 207 -11.29 -60.45 68.91
N GLN M 208 -10.66 -59.40 68.38
CA GLN M 208 -11.30 -58.53 67.41
C GLN M 208 -11.07 -59.05 66.00
N THR M 209 -12.12 -58.94 65.17
CA THR M 209 -12.05 -59.36 63.78
C THR M 209 -11.68 -58.18 62.89
N TYR M 210 -10.85 -58.45 61.89
CA TYR M 210 -10.36 -57.43 60.97
C TYR M 210 -10.87 -57.71 59.57
N ILE M 211 -11.49 -56.70 58.96
CA ILE M 211 -12.01 -56.80 57.61
C ILE M 211 -11.58 -55.56 56.83
N CYS M 212 -10.94 -55.76 55.69
CA CYS M 212 -10.46 -54.67 54.86
C CYS M 212 -11.53 -54.30 53.84
N ASN M 213 -11.93 -53.03 53.83
CA ASN M 213 -12.93 -52.53 52.89
C ASN M 213 -12.20 -51.96 51.68
N VAL M 214 -12.17 -52.74 50.60
CA VAL M 214 -11.50 -52.35 49.37
C VAL M 214 -12.55 -51.86 48.38
N ASN M 215 -12.41 -50.62 47.93
CA ASN M 215 -13.34 -50.01 46.98
C ASN M 215 -12.57 -49.60 45.74
N HIS M 216 -12.92 -50.19 44.60
CA HIS M 216 -12.30 -49.88 43.32
C HIS M 216 -13.33 -49.17 42.45
N LYS M 217 -13.07 -47.90 42.14
CA LYS M 217 -14.05 -47.04 41.50
C LYS M 217 -14.27 -47.35 40.02
N PRO M 218 -13.22 -47.44 39.19
CA PRO M 218 -13.47 -47.67 37.76
C PRO M 218 -14.07 -49.03 37.45
N SER M 219 -13.91 -50.02 38.33
CA SER M 219 -14.51 -51.34 38.11
C SER M 219 -15.85 -51.50 38.81
N ASN M 220 -16.28 -50.52 39.61
CA ASN M 220 -17.54 -50.55 40.34
C ASN M 220 -17.64 -51.78 41.23
N THR M 221 -16.51 -52.25 41.75
CA THR M 221 -16.44 -53.44 42.60
C THR M 221 -15.87 -53.03 43.94
N LYS M 222 -16.71 -53.07 44.98
CA LYS M 222 -16.32 -52.74 46.35
C LYS M 222 -16.39 -54.03 47.18
N VAL M 223 -15.30 -54.77 47.19
CA VAL M 223 -15.22 -56.05 47.90
C VAL M 223 -14.60 -55.81 49.27
N ASP M 224 -15.19 -56.42 50.29
CA ASP M 224 -14.72 -56.32 51.67
C ASP M 224 -14.45 -57.73 52.18
N LYS M 225 -13.18 -58.06 52.38
CA LYS M 225 -12.77 -59.37 52.85
C LYS M 225 -12.19 -59.27 54.26
N LYS M 226 -12.32 -60.36 55.02
CA LYS M 226 -11.82 -60.43 56.38
C LYS M 226 -10.64 -61.40 56.44
N VAL M 227 -9.57 -60.97 57.10
CA VAL M 227 -8.35 -61.78 57.23
C VAL M 227 -8.38 -62.49 58.59
N GLU M 228 -8.04 -63.78 58.59
CA GLU M 228 -8.03 -64.57 59.80
C GLU M 228 -7.13 -65.76 59.59
N PRO M 229 -6.37 -66.20 60.61
CA PRO M 229 -5.47 -67.36 60.49
C PRO M 229 -6.23 -68.68 60.34
N ASP N 1 18.99 -31.20 21.79
CA ASP N 1 19.01 -30.19 22.84
C ASP N 1 20.16 -30.42 23.81
N ILE N 2 20.14 -29.69 24.92
CA ILE N 2 21.19 -29.80 25.91
C ILE N 2 20.80 -30.85 26.95
N GLN N 3 21.81 -31.40 27.62
CA GLN N 3 21.62 -32.41 28.65
C GLN N 3 21.85 -31.81 30.02
N MET N 4 21.01 -32.21 30.98
CA MET N 4 21.09 -31.70 32.34
C MET N 4 21.17 -32.88 33.31
N THR N 5 22.14 -32.83 34.22
CA THR N 5 22.33 -33.86 35.23
C THR N 5 22.43 -33.18 36.59
N GLN N 6 21.53 -33.54 37.50
CA GLN N 6 21.48 -32.97 38.84
C GLN N 6 21.82 -34.04 39.86
N SER N 7 22.81 -33.75 40.71
CA SER N 7 23.26 -34.66 41.75
C SER N 7 23.31 -33.92 43.09
N PRO N 8 23.02 -34.62 44.20
CA PRO N 8 22.67 -36.04 44.26
C PRO N 8 21.17 -36.30 44.03
N SER N 9 20.79 -37.57 43.89
CA SER N 9 19.39 -37.90 43.72
C SER N 9 18.62 -37.82 45.03
N SER N 10 19.21 -38.31 46.12
CA SER N 10 18.57 -38.32 47.43
C SER N 10 19.47 -37.64 48.44
N LEU N 11 18.86 -36.81 49.30
CA LEU N 11 19.56 -36.12 50.37
C LEU N 11 18.77 -36.26 51.66
N SER N 12 19.47 -36.16 52.78
CA SER N 12 18.85 -36.31 54.09
C SER N 12 19.62 -35.49 55.11
N ALA N 13 18.93 -34.64 55.85
CA ALA N 13 19.55 -33.81 56.88
C ALA N 13 18.48 -33.37 57.86
N SER N 14 18.93 -33.01 59.06
CA SER N 14 18.01 -32.56 60.10
C SER N 14 17.56 -31.13 59.83
N VAL N 15 16.44 -30.76 60.46
CA VAL N 15 15.85 -29.44 60.28
C VAL N 15 16.77 -28.42 60.95
N GLY N 16 17.41 -27.56 60.14
CA GLY N 16 18.31 -26.54 60.65
C GLY N 16 19.72 -26.61 60.11
N ASP N 17 20.08 -27.66 59.36
CA ASP N 17 21.43 -27.79 58.83
C ASP N 17 21.59 -26.97 57.55
N ARG N 18 22.60 -27.29 56.75
CA ARG N 18 22.85 -26.62 55.47
C ARG N 18 22.73 -27.65 54.37
N VAL N 19 21.74 -27.47 53.50
CA VAL N 19 21.51 -28.36 52.36
C VAL N 19 21.97 -27.65 51.10
N SER N 20 22.74 -28.36 50.27
CA SER N 20 23.25 -27.81 49.03
C SER N 20 23.22 -28.89 47.95
N MET N 21 22.75 -28.53 46.76
CA MET N 21 22.63 -29.45 45.64
C MET N 21 23.22 -28.81 44.39
N THR N 22 23.78 -29.65 43.54
CA THR N 22 24.43 -29.21 42.31
C THR N 22 23.63 -29.68 41.10
N CYS N 23 23.75 -28.93 40.01
CA CYS N 23 23.08 -29.26 38.75
C CYS N 23 23.99 -28.83 37.62
N ARG N 24 24.55 -29.80 36.90
CA ARG N 24 25.49 -29.55 35.82
C ARG N 24 24.80 -29.62 34.46
N ALA N 25 25.47 -29.08 33.45
CA ALA N 25 24.96 -29.05 32.10
C ALA N 25 25.98 -29.67 31.15
N SER N 26 25.48 -30.15 30.00
CA SER N 26 26.36 -30.74 29.00
C SER N 26 27.25 -29.72 28.32
N GLN N 27 26.88 -28.44 28.34
CA GLN N 27 27.69 -27.37 27.76
C GLN N 27 27.44 -26.10 28.56
N ILE N 28 28.01 -24.99 28.10
CA ILE N 28 27.79 -23.70 28.73
C ILE N 28 26.32 -23.33 28.64
N ILE N 29 25.64 -23.26 29.79
CA ILE N 29 24.24 -22.89 29.84
C ILE N 29 24.02 -21.39 30.00
N SER N 30 25.08 -20.59 29.93
CA SER N 30 25.03 -19.14 30.13
C SER N 30 24.43 -18.89 31.52
N SER N 31 23.32 -18.16 31.65
CA SER N 31 22.68 -17.92 32.95
C SER N 31 21.19 -18.23 32.90
N SER N 32 20.75 -19.04 31.93
CA SER N 32 19.34 -19.40 31.79
C SER N 32 19.07 -20.70 32.54
N LEU N 33 18.89 -20.56 33.85
CA LEU N 33 18.59 -21.71 34.70
C LEU N 33 17.53 -21.33 35.71
N ASN N 34 16.59 -22.25 35.93
CA ASN N 34 15.51 -22.05 36.90
C ASN N 34 15.41 -23.29 37.79
N TRP N 35 14.99 -23.06 39.03
CA TRP N 35 14.83 -24.12 40.01
C TRP N 35 13.37 -24.24 40.39
N TYR N 36 12.90 -25.48 40.49
CA TYR N 36 11.52 -25.78 40.87
C TYR N 36 11.52 -26.69 42.10
N GLN N 37 10.47 -26.56 42.91
CA GLN N 37 10.20 -27.48 44.00
C GLN N 37 8.83 -28.10 43.76
N GLN N 38 8.71 -29.39 44.09
CA GLN N 38 7.49 -30.15 43.83
C GLN N 38 7.10 -30.90 45.08
N LYS N 39 5.99 -30.50 45.69
CA LYS N 39 5.45 -31.24 46.82
C LYS N 39 4.97 -32.62 46.35
N PRO N 40 5.00 -33.61 47.24
CA PRO N 40 4.55 -34.96 46.84
C PRO N 40 3.10 -34.95 46.40
N GLY N 41 2.89 -35.33 45.13
CA GLY N 41 1.54 -35.36 44.58
C GLY N 41 0.93 -34.02 44.31
N LYS N 42 1.75 -32.98 44.15
CA LYS N 42 1.27 -31.63 43.88
C LYS N 42 2.01 -31.07 42.67
N ALA N 43 1.64 -29.82 42.29
CA ALA N 43 2.24 -29.19 41.12
C ALA N 43 3.53 -28.47 41.49
N PRO N 44 4.50 -28.45 40.58
CA PRO N 44 5.74 -27.71 40.84
C PRO N 44 5.50 -26.21 40.91
N LYS N 45 6.45 -25.52 41.52
CA LYS N 45 6.38 -24.07 41.67
C LYS N 45 7.75 -23.46 41.38
N LEU N 46 7.74 -22.26 40.82
CA LEU N 46 8.97 -21.56 40.49
C LEU N 46 9.56 -20.98 41.77
N LEU N 47 10.78 -21.41 42.12
CA LEU N 47 11.45 -20.97 43.32
C LEU N 47 12.63 -20.05 43.07
N ILE N 48 13.24 -20.11 41.89
CA ILE N 48 14.40 -19.27 41.58
C ILE N 48 14.45 -19.07 40.07
N TYR N 49 14.78 -17.84 39.67
CA TYR N 49 14.89 -17.46 38.27
C TYR N 49 16.32 -16.98 38.01
N ALA N 50 16.86 -17.39 36.86
CA ALA N 50 18.23 -17.07 36.45
C ALA N 50 19.26 -17.57 37.45
N ALA N 51 18.91 -18.60 38.23
CA ALA N 51 19.80 -19.28 39.17
C ALA N 51 20.38 -18.33 40.22
N SER N 52 19.76 -17.17 40.43
CA SER N 52 20.25 -16.20 41.40
C SER N 52 19.13 -15.31 41.92
N ASN N 53 18.22 -14.92 41.04
CA ASN N 53 17.12 -14.03 41.39
C ASN N 53 15.93 -14.86 41.82
N LEU N 54 15.61 -14.83 43.12
CA LEU N 54 14.49 -15.60 43.64
C LEU N 54 13.17 -14.92 43.30
N GLN N 55 12.18 -15.73 42.92
CA GLN N 55 10.87 -15.21 42.58
C GLN N 55 10.15 -14.73 43.85
N SER N 56 9.08 -13.98 43.64
CA SER N 56 8.32 -13.43 44.76
C SER N 56 7.55 -14.54 45.47
N GLY N 57 7.71 -14.61 46.79
CA GLY N 57 7.07 -15.61 47.62
C GLY N 57 8.02 -16.58 48.27
N VAL N 58 9.18 -16.80 47.67
CA VAL N 58 10.16 -17.73 48.23
C VAL N 58 10.81 -17.10 49.45
N PRO N 59 11.09 -17.86 50.51
CA PRO N 59 11.74 -17.28 51.69
C PRO N 59 13.15 -16.82 51.39
N SER N 60 13.66 -15.97 52.29
CA SER N 60 15.00 -15.42 52.13
C SER N 60 16.09 -16.46 52.38
N ARG N 61 15.74 -17.59 53.00
CA ARG N 61 16.76 -18.61 53.27
C ARG N 61 17.22 -19.29 51.99
N PHE N 62 16.38 -19.32 50.96
CA PHE N 62 16.77 -19.90 49.68
C PHE N 62 17.75 -18.98 48.96
N SER N 63 18.73 -19.60 48.29
CA SER N 63 19.73 -18.83 47.56
C SER N 63 20.33 -19.73 46.48
N GLY N 64 20.53 -19.17 45.29
CA GLY N 64 21.11 -19.91 44.19
C GLY N 64 22.41 -19.33 43.69
N SER N 65 23.21 -20.14 43.00
CA SER N 65 24.48 -19.69 42.48
C SER N 65 24.84 -20.52 41.26
N GLY N 66 25.94 -20.15 40.61
CA GLY N 66 26.42 -20.87 39.45
C GLY N 66 26.43 -20.03 38.18
N SER N 67 27.29 -20.39 37.23
CA SER N 67 27.39 -19.65 35.98
C SER N 67 28.10 -20.53 34.96
N GLY N 68 27.40 -20.88 33.88
CA GLY N 68 28.00 -21.65 32.81
C GLY N 68 27.71 -23.13 32.86
N THR N 69 28.67 -23.91 33.34
CA THR N 69 28.55 -25.37 33.33
C THR N 69 27.94 -25.91 34.62
N ASP N 70 28.34 -25.37 35.77
CA ASP N 70 27.89 -25.86 37.07
C ASP N 70 27.04 -24.80 37.76
N PHE N 71 26.08 -25.28 38.57
CA PHE N 71 25.21 -24.41 39.33
C PHE N 71 24.99 -25.02 40.71
N THR N 72 24.54 -24.19 41.64
CA THR N 72 24.31 -24.60 43.01
C THR N 72 23.06 -23.92 43.56
N LEU N 73 22.37 -24.62 44.46
CA LEU N 73 21.18 -24.10 45.13
C LEU N 73 21.27 -24.51 46.60
N THR N 74 21.85 -23.63 47.41
CA THR N 74 22.06 -23.90 48.82
C THR N 74 20.98 -23.25 49.66
N ILE N 75 20.48 -23.99 50.65
CA ILE N 75 19.47 -23.51 51.58
C ILE N 75 20.16 -23.06 52.86
N SER N 76 19.75 -21.91 53.39
CA SER N 76 20.35 -21.39 54.61
C SER N 76 20.02 -22.28 55.81
N SER N 77 18.72 -22.41 56.12
CA SER N 77 18.29 -23.26 57.23
C SER N 77 16.97 -23.89 56.83
N LEU N 78 17.03 -25.16 56.42
CA LEU N 78 15.83 -25.85 55.95
C LEU N 78 14.82 -26.01 57.09
N GLN N 79 13.55 -25.99 56.72
CA GLN N 79 12.45 -26.08 57.67
C GLN N 79 11.59 -27.30 57.34
N PRO N 80 10.65 -27.69 58.21
CA PRO N 80 9.80 -28.85 57.89
C PRO N 80 9.04 -28.74 56.58
N GLU N 81 8.91 -27.54 56.01
CA GLU N 81 8.27 -27.36 54.72
C GLU N 81 9.27 -27.18 53.58
N ASP N 82 10.53 -27.58 53.80
CA ASP N 82 11.58 -27.36 52.82
C ASP N 82 12.01 -28.61 52.06
N PHE N 83 11.92 -29.79 52.66
CA PHE N 83 12.37 -31.01 51.99
C PHE N 83 11.28 -31.50 51.04
N ALA N 84 11.63 -31.65 49.77
CA ALA N 84 10.72 -32.14 48.75
C ALA N 84 11.56 -32.54 47.53
N THR N 85 10.94 -32.58 46.36
CA THR N 85 11.62 -32.91 45.12
C THR N 85 11.95 -31.62 44.38
N TYR N 86 13.22 -31.35 44.18
CA TYR N 86 13.67 -30.16 43.48
C TYR N 86 14.14 -30.51 42.08
N TYR N 87 14.08 -29.52 41.19
CA TYR N 87 14.42 -29.76 39.79
C TYR N 87 15.39 -28.71 39.25
N CYS N 88 15.58 -28.69 37.94
CA CYS N 88 16.59 -27.84 37.32
C CYS N 88 16.15 -27.55 35.88
N GLN N 89 15.74 -26.31 35.62
CA GLN N 89 15.21 -25.91 34.32
C GLN N 89 16.23 -25.03 33.61
N GLN N 90 16.95 -25.62 32.66
CA GLN N 90 17.90 -24.89 31.82
C GLN N 90 17.16 -24.36 30.60
N SER N 91 16.71 -23.11 30.68
CA SER N 91 15.95 -22.48 29.61
C SER N 91 16.81 -21.70 28.65
N TYR N 92 17.96 -22.25 28.25
CA TYR N 92 18.84 -21.55 27.32
C TYR N 92 18.18 -21.45 25.95
N SER N 93 17.64 -22.56 25.44
CA SER N 93 17.07 -22.62 24.10
C SER N 93 15.57 -22.36 24.16
N THR N 94 15.14 -21.28 23.51
CA THR N 94 13.72 -20.97 23.39
C THR N 94 13.08 -21.96 22.43
N PRO N 95 13.77 -22.35 21.36
CA PRO N 95 13.21 -23.34 20.43
C PRO N 95 13.00 -24.68 21.11
N PRO N 96 13.95 -25.11 21.95
CA PRO N 96 13.76 -26.36 22.69
C PRO N 96 14.24 -26.25 24.12
N GLU N 97 13.31 -25.95 25.04
CA GLU N 97 13.66 -25.76 26.45
C GLU N 97 13.59 -27.09 27.20
N LEU N 98 14.43 -28.02 26.76
CA LEU N 98 14.50 -29.35 27.36
C LEU N 98 15.54 -29.37 28.47
N THR N 99 15.13 -29.83 29.65
CA THR N 99 16.01 -29.93 30.81
C THR N 99 15.39 -30.85 31.85
N PHE N 100 15.05 -30.28 33.02
CA PHE N 100 14.36 -31.01 34.09
C PHE N 100 15.12 -32.28 34.46
N GLY N 101 16.29 -32.07 35.06
CA GLY N 101 17.10 -33.17 35.54
C GLY N 101 16.41 -33.96 36.63
N GLY N 102 17.06 -35.06 37.03
CA GLY N 102 16.52 -35.87 38.11
C GLY N 102 16.28 -35.08 39.37
N GLY N 103 17.17 -34.16 39.68
CA GLY N 103 17.01 -33.28 40.83
C GLY N 103 17.21 -33.97 42.16
N THR N 104 17.47 -33.18 43.19
CA THR N 104 17.71 -33.72 44.52
C THR N 104 16.39 -33.92 45.26
N LYS N 105 16.22 -35.11 45.84
CA LYS N 105 15.08 -35.42 46.67
C LYS N 105 15.51 -35.37 48.13
N VAL N 106 14.95 -34.41 48.88
CA VAL N 106 15.33 -34.19 50.28
C VAL N 106 14.31 -34.88 51.17
N GLU N 107 14.80 -35.68 52.10
CA GLU N 107 13.97 -36.40 53.06
C GLU N 107 14.42 -36.08 54.48
N ILE N 108 13.56 -36.42 55.44
CA ILE N 108 13.88 -36.15 56.84
C ILE N 108 14.98 -37.08 57.31
N LYS N 109 15.66 -36.69 58.38
CA LYS N 109 16.75 -37.44 58.96
C LYS N 109 16.45 -37.75 60.42
N ARG N 110 16.64 -39.01 60.81
CA ARG N 110 16.41 -39.44 62.18
C ARG N 110 17.43 -40.52 62.52
N THR N 111 17.29 -41.09 63.71
CA THR N 111 18.19 -42.15 64.15
C THR N 111 17.97 -43.40 63.30
N VAL N 112 19.08 -44.00 62.85
CA VAL N 112 18.99 -45.19 62.01
C VAL N 112 18.40 -46.33 62.83
N ALA N 113 17.32 -46.92 62.33
CA ALA N 113 16.61 -47.98 63.02
C ALA N 113 16.62 -49.26 62.19
N ALA N 114 16.39 -50.39 62.88
CA ALA N 114 16.36 -51.75 62.34
C ALA N 114 14.95 -52.11 61.88
N PRO N 115 14.83 -52.96 60.85
CA PRO N 115 13.50 -53.33 60.34
C PRO N 115 12.95 -54.58 61.00
N SER N 116 11.63 -54.57 61.20
CA SER N 116 10.89 -55.73 61.67
C SER N 116 10.39 -56.50 60.45
N VAL N 117 11.01 -57.64 60.16
CA VAL N 117 10.73 -58.39 58.95
C VAL N 117 9.62 -59.39 59.21
N PHE N 118 8.84 -59.68 58.17
CA PHE N 118 7.76 -60.65 58.24
C PHE N 118 7.63 -61.35 56.89
N ILE N 119 7.19 -62.60 56.91
CA ILE N 119 6.99 -63.40 55.71
C ILE N 119 5.55 -63.89 55.69
N PHE N 120 4.93 -63.87 54.51
CA PHE N 120 3.54 -64.26 54.36
C PHE N 120 3.42 -65.33 53.29
N PRO N 121 2.73 -66.43 53.56
CA PRO N 121 2.54 -67.47 52.54
C PRO N 121 1.42 -67.09 51.58
N PRO N 122 1.34 -67.74 50.42
CA PRO N 122 0.24 -67.46 49.51
C PRO N 122 -1.09 -67.91 50.09
N SER N 123 -2.14 -67.12 49.81
CA SER N 123 -3.46 -67.41 50.36
C SER N 123 -4.02 -68.70 49.77
N ASP N 124 -4.77 -69.43 50.59
CA ASP N 124 -5.39 -70.66 50.11
C ASP N 124 -6.45 -70.37 49.05
N GLU N 125 -7.10 -69.21 49.13
CA GLU N 125 -8.08 -68.85 48.11
C GLU N 125 -7.41 -68.54 46.78
N GLN N 126 -6.14 -68.14 46.79
CA GLN N 126 -5.41 -67.85 45.56
C GLN N 126 -4.90 -69.11 44.90
N LEU N 127 -4.81 -70.23 45.62
CA LEU N 127 -4.31 -71.46 45.02
C LEU N 127 -5.29 -72.05 44.03
N LYS N 128 -6.60 -71.87 44.25
CA LYS N 128 -7.59 -72.39 43.31
C LYS N 128 -7.59 -71.59 42.01
N SER N 129 -7.18 -70.32 42.06
CA SER N 129 -7.14 -69.52 40.85
C SER N 129 -5.99 -69.91 39.94
N GLY N 130 -4.86 -70.34 40.52
CA GLY N 130 -3.70 -70.76 39.75
C GLY N 130 -2.49 -69.87 39.89
N THR N 131 -2.56 -68.80 40.68
CA THR N 131 -1.45 -67.88 40.87
C THR N 131 -1.03 -67.88 42.32
N ALA N 132 0.25 -68.10 42.57
CA ALA N 132 0.81 -68.09 43.91
C ALA N 132 1.59 -66.80 44.13
N SER N 133 1.41 -66.20 45.30
CA SER N 133 2.03 -64.91 45.63
C SER N 133 2.47 -64.93 47.08
N VAL N 134 3.78 -65.04 47.31
CA VAL N 134 4.38 -64.95 48.64
C VAL N 134 5.12 -63.62 48.71
N VAL N 135 4.79 -62.81 49.72
CA VAL N 135 5.31 -61.45 49.84
C VAL N 135 5.98 -61.30 51.20
N CYS N 136 7.23 -60.86 51.19
CA CYS N 136 7.92 -60.48 52.41
C CYS N 136 7.54 -59.05 52.80
N LEU N 137 7.84 -58.68 54.04
CA LEU N 137 7.43 -57.37 54.54
C LEU N 137 8.47 -56.85 55.53
N LEU N 138 9.00 -55.65 55.25
CA LEU N 138 9.82 -54.90 56.20
C LEU N 138 9.08 -53.61 56.51
N ASN N 139 8.72 -53.44 57.78
CA ASN N 139 7.80 -52.39 58.20
C ASN N 139 8.48 -51.44 59.19
N ASN N 140 8.40 -50.14 58.89
CA ASN N 140 8.81 -49.06 59.79
C ASN N 140 10.30 -49.20 60.18
N PHE N 141 11.13 -48.82 59.22
CA PHE N 141 12.58 -48.83 59.40
C PHE N 141 13.16 -47.55 58.79
N TYR N 142 14.34 -47.17 59.27
CA TYR N 142 14.89 -45.86 58.95
C TYR N 142 16.12 -45.96 58.05
N PRO N 143 16.49 -47.16 57.60
CA PRO N 143 17.53 -47.26 56.58
C PRO N 143 17.02 -46.83 55.21
N ARG N 144 17.94 -46.36 54.38
CA ARG N 144 17.60 -45.88 53.04
C ARG N 144 16.94 -46.98 52.21
N GLU N 145 17.65 -48.08 52.01
CA GLU N 145 17.12 -49.22 51.27
C GLU N 145 17.85 -50.48 51.71
N ALA N 146 17.27 -51.62 51.38
CA ALA N 146 17.85 -52.91 51.72
C ALA N 146 17.63 -53.88 50.56
N LYS N 147 18.27 -55.05 50.66
CA LYS N 147 18.18 -56.10 49.66
C LYS N 147 17.41 -57.26 50.25
N VAL N 148 16.18 -57.47 49.78
CA VAL N 148 15.32 -58.55 50.24
C VAL N 148 15.51 -59.71 49.26
N GLN N 149 16.54 -60.52 49.51
CA GLN N 149 16.82 -61.65 48.64
C GLN N 149 15.89 -62.81 48.97
N TRP N 150 15.22 -63.34 47.95
CA TRP N 150 14.31 -64.46 48.11
C TRP N 150 15.07 -65.78 47.94
N LYS N 151 14.84 -66.71 48.86
CA LYS N 151 15.51 -68.01 48.85
C LYS N 151 14.46 -69.10 49.03
N VAL N 152 14.26 -69.90 48.00
CA VAL N 152 13.34 -71.04 48.04
C VAL N 152 14.18 -72.29 48.20
N ASP N 153 14.06 -72.95 49.36
CA ASP N 153 14.85 -74.14 49.68
C ASP N 153 16.34 -73.83 49.62
N ASN N 154 16.74 -72.74 50.28
CA ASN N 154 18.14 -72.29 50.34
C ASN N 154 18.72 -72.04 48.95
N ALA N 155 17.88 -71.58 48.02
CA ALA N 155 18.31 -71.27 46.66
C ALA N 155 17.85 -69.86 46.32
N LEU N 156 18.80 -68.95 46.14
CA LEU N 156 18.49 -67.55 45.86
C LEU N 156 17.85 -67.41 44.49
N GLN N 157 16.59 -67.00 44.45
CA GLN N 157 15.88 -66.76 43.20
C GLN N 157 16.01 -65.29 42.81
N SER N 158 16.16 -65.06 41.50
CA SER N 158 16.32 -63.71 40.97
C SER N 158 15.33 -63.48 39.84
N GLY N 159 14.87 -62.22 39.74
CA GLY N 159 13.96 -61.86 38.69
C GLY N 159 12.55 -62.42 38.82
N ASN N 160 12.18 -62.87 40.03
CA ASN N 160 10.86 -63.44 40.26
C ASN N 160 10.05 -62.66 41.28
N SER N 161 10.49 -61.45 41.64
CA SER N 161 9.79 -60.66 42.64
C SER N 161 9.92 -59.19 42.30
N GLN N 162 8.96 -58.40 42.78
CA GLN N 162 8.95 -56.95 42.63
C GLN N 162 8.84 -56.30 43.99
N GLU N 163 9.40 -55.09 44.10
CA GLU N 163 9.44 -54.37 45.36
C GLU N 163 8.68 -53.06 45.24
N SER N 164 8.26 -52.53 46.40
CA SER N 164 7.54 -51.26 46.46
C SER N 164 7.70 -50.70 47.85
N VAL N 165 8.32 -49.53 47.96
CA VAL N 165 8.60 -48.88 49.24
C VAL N 165 7.66 -47.69 49.40
N THR N 166 7.23 -47.45 50.63
CA THR N 166 6.34 -46.34 50.94
C THR N 166 7.15 -45.08 51.26
N GLU N 167 6.48 -43.94 51.19
CA GLU N 167 7.12 -42.67 51.49
C GLU N 167 7.35 -42.55 52.99
N GLN N 168 8.04 -41.47 53.37
CA GLN N 168 8.36 -41.21 54.76
C GLN N 168 7.09 -40.94 55.56
N ASP N 169 7.00 -41.57 56.73
CA ASP N 169 5.84 -41.39 57.60
C ASP N 169 5.82 -39.99 58.19
N SER N 170 4.62 -39.53 58.55
CA SER N 170 4.47 -38.19 59.10
C SER N 170 5.09 -38.09 60.49
N LYS N 171 4.89 -39.11 61.33
CA LYS N 171 5.42 -39.11 62.68
C LYS N 171 6.57 -40.08 62.89
N ASP N 172 6.55 -41.23 62.22
CA ASP N 172 7.60 -42.22 62.41
C ASP N 172 8.87 -41.87 61.64
N SER N 173 8.73 -41.21 60.48
CA SER N 173 9.87 -40.87 59.63
C SER N 173 10.66 -42.12 59.24
N THR N 174 9.95 -43.21 59.01
CA THR N 174 10.56 -44.49 58.68
C THR N 174 9.90 -45.07 57.44
N TYR N 175 10.71 -45.69 56.58
CA TYR N 175 10.22 -46.28 55.35
C TYR N 175 9.73 -47.71 55.60
N SER N 176 9.11 -48.29 54.57
CA SER N 176 8.60 -49.65 54.65
C SER N 176 8.51 -50.21 53.24
N LEU N 177 9.15 -51.35 53.01
CA LEU N 177 9.18 -51.97 51.70
C LEU N 177 8.51 -53.34 51.75
N SER N 178 8.15 -53.84 50.57
CA SER N 178 7.50 -55.14 50.46
C SER N 178 7.88 -55.77 49.13
N SER N 179 8.52 -56.95 49.19
CA SER N 179 8.91 -57.69 48.00
C SER N 179 7.93 -58.84 47.81
N THR N 180 7.14 -58.78 46.74
CA THR N 180 6.12 -59.78 46.45
C THR N 180 6.65 -60.73 45.38
N LEU N 181 6.91 -61.98 45.77
CA LEU N 181 7.40 -63.00 44.86
C LEU N 181 6.20 -63.72 44.26
N THR N 182 5.85 -63.36 43.03
CA THR N 182 4.71 -63.95 42.33
C THR N 182 5.22 -65.02 41.36
N LEU N 183 4.96 -66.28 41.69
CA LEU N 183 5.37 -67.40 40.86
C LEU N 183 4.15 -68.26 40.53
N SER N 184 4.35 -69.20 39.60
CA SER N 184 3.27 -70.08 39.21
C SER N 184 2.91 -71.04 40.34
N LYS N 185 1.60 -71.26 40.52
CA LYS N 185 1.15 -72.16 41.57
C LYS N 185 1.59 -73.60 41.32
N ALA N 186 1.72 -73.99 40.05
CA ALA N 186 2.21 -75.33 39.75
C ALA N 186 3.67 -75.50 40.16
N ASP N 187 4.48 -74.45 39.98
CA ASP N 187 5.87 -74.47 40.39
C ASP N 187 6.06 -74.18 41.87
N TYR N 188 5.01 -73.68 42.55
CA TYR N 188 5.14 -73.38 43.97
C TYR N 188 5.13 -74.65 44.81
N GLU N 189 4.27 -75.61 44.49
CA GLU N 189 4.14 -76.83 45.27
C GLU N 189 5.32 -77.78 45.10
N LYS N 190 6.28 -77.46 44.23
CA LYS N 190 7.42 -78.33 44.04
C LYS N 190 8.39 -78.25 45.21
N HIS N 191 8.55 -77.07 45.80
CA HIS N 191 9.44 -76.87 46.93
C HIS N 191 8.66 -76.82 48.24
N LYS N 192 9.41 -76.85 49.35
CA LYS N 192 8.81 -76.84 50.68
C LYS N 192 9.31 -75.73 51.59
N VAL N 193 10.48 -75.15 51.32
CA VAL N 193 11.06 -74.12 52.17
C VAL N 193 11.00 -72.79 51.43
N TYR N 194 10.57 -71.74 52.12
CA TYR N 194 10.50 -70.40 51.57
C TYR N 194 10.95 -69.41 52.62
N ALA N 195 11.83 -68.49 52.23
CA ALA N 195 12.36 -67.51 53.17
C ALA N 195 12.77 -66.25 52.41
N CYS N 196 12.93 -65.17 53.16
CA CYS N 196 13.38 -63.89 52.61
C CYS N 196 14.29 -63.23 53.63
N GLU N 197 15.57 -63.10 53.30
CA GLU N 197 16.54 -62.46 54.17
C GLU N 197 16.82 -61.04 53.69
N VAL N 198 16.88 -60.11 54.64
CA VAL N 198 17.14 -58.70 54.36
C VAL N 198 18.30 -58.24 55.23
N THR N 199 19.24 -57.53 54.61
CA THR N 199 20.44 -57.03 55.30
C THR N 199 20.37 -55.50 55.31
N HIS N 200 20.04 -54.95 56.48
CA HIS N 200 19.97 -53.51 56.67
C HIS N 200 21.13 -53.05 57.56
N GLN N 201 21.34 -51.73 57.58
CA GLN N 201 22.40 -51.18 58.40
C GLN N 201 22.06 -51.23 59.88
N GLY N 202 20.77 -51.21 60.22
CA GLY N 202 20.38 -51.28 61.62
C GLY N 202 20.52 -52.66 62.23
N LEU N 203 20.39 -53.70 61.41
CA LEU N 203 20.53 -55.08 61.88
C LEU N 203 21.99 -55.51 61.77
N SER N 204 22.52 -56.05 62.87
CA SER N 204 23.91 -56.50 62.88
C SER N 204 24.11 -57.67 61.94
N SER N 205 23.19 -58.63 61.94
CA SER N 205 23.27 -59.79 61.07
C SER N 205 22.07 -59.81 60.12
N PRO N 206 22.24 -60.35 58.91
CA PRO N 206 21.11 -60.44 57.97
C PRO N 206 19.98 -61.30 58.52
N VAL N 207 18.93 -60.66 59.02
CA VAL N 207 17.80 -61.38 59.59
C VAL N 207 17.05 -62.11 58.48
N THR N 208 16.55 -63.30 58.80
CA THR N 208 15.81 -64.12 57.84
C THR N 208 14.69 -64.84 58.56
N LYS N 209 13.52 -64.89 57.91
CA LYS N 209 12.36 -65.59 58.43
C LYS N 209 11.91 -66.63 57.42
N SER N 210 11.84 -67.88 57.85
CA SER N 210 11.51 -69.00 56.98
C SER N 210 10.24 -69.70 57.50
N PHE N 211 9.66 -70.53 56.64
CA PHE N 211 8.48 -71.29 56.97
C PHE N 211 8.32 -72.44 55.99
N ASN N 212 7.79 -73.55 56.47
CA ASN N 212 7.56 -74.71 55.62
C ASN N 212 6.32 -74.50 54.76
N ARG N 213 6.20 -75.33 53.72
CA ARG N 213 5.08 -75.23 52.79
C ARG N 213 3.77 -75.73 53.38
N GLY N 214 3.71 -76.09 54.66
CA GLY N 214 2.47 -76.56 55.27
C GLY N 214 2.35 -76.16 56.72
N PRO O 1 45.32 0.04 28.07
CA PRO O 1 44.52 -1.17 28.31
C PRO O 1 43.47 -0.95 29.38
N LEU O 2 42.31 -0.42 28.99
CA LEU O 2 41.23 -0.10 29.92
C LEU O 2 40.70 -1.37 30.53
N ILE O 3 41.15 -1.68 31.74
CA ILE O 3 40.70 -2.86 32.48
C ILE O 3 39.65 -2.40 33.47
N LEU O 4 38.39 -2.69 33.17
CA LEU O 4 37.29 -2.29 34.04
C LEU O 4 37.15 -3.28 35.19
N ARG O 5 37.34 -2.79 36.41
CA ARG O 5 37.22 -3.64 37.60
C ARG O 5 35.75 -3.90 37.88
N ASP O 6 35.39 -5.19 37.97
CA ASP O 6 34.04 -5.63 38.31
C ASP O 6 33.00 -5.22 37.26
N CYS O 7 32.96 -3.94 36.90
CA CYS O 7 31.95 -3.44 35.99
C CYS O 7 32.12 -4.03 34.59
N SER O 8 30.99 -4.30 33.94
CA SER O 8 31.00 -4.79 32.57
C SER O 8 30.84 -3.61 31.61
N VAL O 9 30.73 -3.92 30.32
CA VAL O 9 30.65 -2.86 29.31
C VAL O 9 29.30 -2.16 29.38
N ALA O 10 28.23 -2.92 29.64
CA ALA O 10 26.89 -2.33 29.67
C ALA O 10 26.70 -1.45 30.90
N GLY O 11 27.08 -1.96 32.07
CA GLY O 11 26.85 -1.22 33.30
C GLY O 11 27.74 0.01 33.44
N TRP O 12 28.91 -0.01 32.81
CA TRP O 12 29.83 1.12 32.93
C TRP O 12 29.38 2.30 32.06
N LEU O 13 28.82 2.01 30.88
CA LEU O 13 28.32 3.09 30.03
C LEU O 13 27.12 3.79 30.66
N LEU O 14 26.22 3.01 31.27
CA LEU O 14 25.10 3.59 31.98
C LEU O 14 25.49 4.13 33.36
N GLY O 15 26.66 3.73 33.87
CA GLY O 15 27.08 4.17 35.17
C GLY O 15 26.23 3.62 36.30
N ASN O 16 26.34 2.33 36.55
CA ASN O 16 25.59 1.71 37.64
C ASN O 16 26.04 2.32 38.97
N PRO O 17 25.11 2.63 39.87
CA PRO O 17 25.51 3.29 41.13
C PRO O 17 26.45 2.47 41.98
N MET O 18 26.30 1.15 41.98
CA MET O 18 27.20 0.31 42.77
C MET O 18 28.63 0.37 42.25
N CYS O 19 28.80 0.61 40.95
CA CYS O 19 30.12 0.75 40.36
C CYS O 19 30.72 2.12 40.68
N ASP O 20 32.03 2.15 40.85
CA ASP O 20 32.75 3.39 41.04
C ASP O 20 33.04 4.04 39.69
N GLU O 21 33.41 5.32 39.74
CA GLU O 21 33.67 6.11 38.54
C GLU O 21 35.12 6.58 38.45
N PHE O 22 36.02 5.99 39.23
CA PHE O 22 37.39 6.50 39.31
C PHE O 22 38.20 6.23 38.05
N ILE O 23 37.80 5.25 37.23
CA ILE O 23 38.61 4.84 36.09
C ILE O 23 38.26 5.68 34.86
N ASN O 24 38.00 5.00 33.74
CA ASN O 24 37.53 5.60 32.50
C ASN O 24 38.58 6.45 31.80
N VAL O 25 39.86 6.23 32.08
CA VAL O 25 40.90 7.02 31.43
C VAL O 25 40.85 6.78 29.92
N PRO O 26 41.04 7.80 29.09
CA PRO O 26 40.83 7.58 27.65
C PRO O 26 41.99 6.82 27.01
N GLU O 27 42.31 5.65 27.53
CA GLU O 27 43.40 4.83 27.00
C GLU O 27 42.85 3.77 26.06
N TRP O 28 43.43 3.69 24.87
CA TRP O 28 42.99 2.73 23.86
C TRP O 28 43.57 1.34 24.15
N SER O 29 44.65 1.01 23.45
CA SER O 29 45.34 -0.28 23.61
C SER O 29 44.39 -1.45 23.33
N TYR O 30 43.55 -1.30 22.31
CA TYR O 30 42.71 -2.38 21.75
C TYR O 30 41.70 -2.81 22.82
N ILE O 31 41.54 -4.10 23.08
CA ILE O 31 40.40 -4.65 23.82
C ILE O 31 40.36 -4.19 25.26
N VAL O 32 39.23 -4.42 25.93
CA VAL O 32 39.04 -4.13 27.34
C VAL O 32 38.79 -5.44 28.07
N GLU O 33 39.27 -5.52 29.30
CA GLU O 33 39.18 -6.75 30.09
C GLU O 33 37.93 -6.68 30.95
N LYS O 34 36.90 -7.44 30.57
CA LYS O 34 35.64 -7.42 31.31
C LYS O 34 35.70 -8.27 32.57
N ALA O 35 36.50 -9.34 32.56
CA ALA O 35 36.62 -10.26 33.69
C ALA O 35 35.25 -10.79 34.10
N ASN O 36 34.52 -11.32 33.11
CA ASN O 36 33.15 -11.79 33.27
C ASN O 36 32.26 -10.66 33.74
N PRO O 37 31.26 -10.94 34.58
CA PRO O 37 30.30 -9.89 34.96
C PRO O 37 30.02 -9.85 36.46
N VAL O 38 29.95 -8.63 37.00
CA VAL O 38 29.53 -8.41 38.38
C VAL O 38 28.22 -7.64 38.36
N ASN O 39 27.21 -8.19 37.67
CA ASN O 39 25.93 -7.55 37.44
C ASN O 39 26.08 -6.12 36.90
N ASP O 40 26.10 -6.00 35.57
CA ASP O 40 26.18 -4.69 34.92
C ASP O 40 24.85 -3.95 35.01
N LEU O 41 23.75 -4.63 34.68
CA LEU O 41 22.42 -4.04 34.66
C LEU O 41 21.73 -4.37 35.99
N CYS O 42 21.57 -3.36 36.84
CA CYS O 42 20.84 -3.55 38.09
C CYS O 42 19.37 -3.83 37.80
N TYR O 43 18.73 -2.97 37.02
CA TYR O 43 17.37 -3.25 36.56
C TYR O 43 17.43 -4.24 35.41
N PRO O 44 16.64 -5.32 35.45
CA PRO O 44 16.75 -6.34 34.41
C PRO O 44 16.36 -5.81 33.03
N GLY O 45 16.95 -6.40 32.01
CA GLY O 45 16.68 -6.01 30.64
C GLY O 45 17.77 -6.49 29.71
N ASP O 46 17.86 -5.82 28.57
CA ASP O 46 18.81 -6.17 27.52
C ASP O 46 19.50 -4.91 27.01
N PHE O 47 20.38 -5.09 26.03
CA PHE O 47 21.09 -3.99 25.39
C PHE O 47 21.13 -4.27 23.89
N ASN O 48 20.38 -3.50 23.12
CA ASN O 48 20.27 -3.74 21.69
C ASN O 48 21.61 -3.50 21.00
N ASP O 49 22.01 -4.44 20.13
CA ASP O 49 23.27 -4.38 19.41
C ASP O 49 24.45 -4.26 20.39
N TYR O 50 24.39 -5.06 21.46
CA TYR O 50 25.46 -5.04 22.46
C TYR O 50 26.78 -5.52 21.87
N GLU O 51 26.74 -6.59 21.06
CA GLU O 51 27.96 -7.12 20.47
C GLU O 51 28.59 -6.10 19.51
N GLU O 52 27.77 -5.38 18.76
CA GLU O 52 28.29 -4.37 17.85
C GLU O 52 28.93 -3.22 18.62
N LEU O 53 28.34 -2.83 19.76
CA LEU O 53 28.91 -1.76 20.56
C LEU O 53 30.23 -2.19 21.19
N LYS O 54 30.34 -3.46 21.59
CA LYS O 54 31.58 -3.95 22.16
C LYS O 54 32.71 -3.91 21.13
N HIS O 55 32.42 -4.28 19.88
CA HIS O 55 33.42 -4.19 18.82
C HIS O 55 33.67 -2.74 18.42
N LEU O 56 32.70 -1.84 18.63
CA LEU O 56 32.89 -0.44 18.31
C LEU O 56 33.79 0.25 19.33
N LEU O 57 33.52 0.04 20.61
CA LEU O 57 34.34 0.59 21.68
C LEU O 57 35.66 -0.16 21.87
N SER O 58 35.98 -1.09 20.97
CA SER O 58 37.26 -1.79 21.07
C SER O 58 38.42 -0.83 20.78
N ARG O 59 38.25 0.07 19.82
CA ARG O 59 39.30 1.04 19.53
C ARG O 59 39.50 2.00 20.69
N ILE O 60 38.41 2.59 21.18
CA ILE O 60 38.35 3.54 22.31
C ILE O 60 39.60 4.42 22.32
N ASN O 61 39.83 5.14 21.22
CA ASN O 61 41.00 6.00 21.12
C ASN O 61 40.93 7.16 22.12
N HIS O 62 39.74 7.73 22.29
CA HIS O 62 39.55 8.83 23.24
C HIS O 62 38.07 8.92 23.58
N PHE O 63 37.74 8.85 24.87
CA PHE O 63 36.35 8.91 25.33
C PHE O 63 36.24 9.97 26.41
N GLU O 64 35.36 10.94 26.20
CA GLU O 64 35.12 12.01 27.16
C GLU O 64 33.62 12.11 27.45
N LYS O 65 33.28 12.25 28.72
CA LYS O 65 31.88 12.34 29.12
C LYS O 65 31.39 13.77 28.99
N ILE O 66 30.29 13.96 28.26
CA ILE O 66 29.70 15.27 28.05
C ILE O 66 28.24 15.22 28.45
N GLN O 67 27.71 16.36 28.88
CA GLN O 67 26.33 16.47 29.33
C GLN O 67 25.46 16.94 28.15
N ILE O 68 24.66 16.03 27.60
CA ILE O 68 23.79 16.38 26.48
C ILE O 68 22.55 17.11 26.98
N ILE O 69 21.89 16.57 28.00
CA ILE O 69 20.68 17.17 28.55
C ILE O 69 20.83 17.28 30.06
N PRO O 70 20.66 18.46 30.65
CA PRO O 70 20.76 18.59 32.10
C PRO O 70 19.51 18.08 32.80
N LYS O 71 19.71 17.57 34.01
CA LYS O 71 18.59 17.06 34.81
C LYS O 71 17.69 18.18 35.30
N SER O 72 18.17 19.41 35.35
CA SER O 72 17.38 20.55 35.78
C SER O 72 16.53 21.14 34.66
N SER O 73 16.55 20.55 33.46
CA SER O 73 15.78 21.07 32.34
C SER O 73 14.34 20.57 32.34
N TRP O 74 14.06 19.44 32.99
CA TRP O 74 12.72 18.87 33.00
C TRP O 74 11.87 19.63 34.01
N SER O 75 11.39 20.80 33.57
CA SER O 75 10.56 21.64 34.42
C SER O 75 9.11 21.18 34.48
N SER O 76 8.67 20.36 33.53
CA SER O 76 7.30 19.89 33.48
C SER O 76 7.15 18.48 34.04
N HIS O 77 8.24 17.83 34.43
CA HIS O 77 8.21 16.48 34.97
C HIS O 77 8.94 16.47 36.31
N GLU O 78 9.04 15.27 36.89
CA GLU O 78 9.75 15.06 38.16
C GLU O 78 10.76 13.94 37.96
N ALA O 79 12.02 14.23 38.22
CA ALA O 79 13.11 13.27 38.06
C ALA O 79 13.86 12.99 39.35
N SER O 80 13.53 13.68 40.45
CA SER O 80 14.27 13.47 41.69
C SER O 80 13.89 12.14 42.33
N LEU O 81 12.60 11.79 42.33
CA LEU O 81 12.12 10.57 42.97
C LEU O 81 12.01 9.40 42.00
N GLY O 82 12.81 9.39 40.94
CA GLY O 82 12.80 8.30 39.99
C GLY O 82 13.94 7.32 40.20
N VAL O 83 13.79 6.41 41.16
CA VAL O 83 14.83 5.45 41.48
C VAL O 83 14.23 4.06 41.58
N SER O 84 15.03 3.10 42.06
CA SER O 84 14.57 1.73 42.21
C SER O 84 15.49 1.00 43.18
N SER O 85 14.93 0.00 43.86
CA SER O 85 15.72 -0.78 44.81
C SER O 85 16.69 -1.73 44.13
N ALA O 86 16.53 -1.97 42.83
CA ALA O 86 17.48 -2.84 42.12
C ALA O 86 18.85 -2.17 41.98
N CYS O 87 18.88 -0.84 41.94
CA CYS O 87 20.12 -0.07 41.92
C CYS O 87 20.41 0.52 43.30
N PRO O 88 21.17 -0.18 44.14
CA PRO O 88 21.40 0.32 45.50
C PRO O 88 22.71 1.09 45.63
N TYR O 89 22.75 2.04 46.57
CA TYR O 89 23.98 2.76 46.88
C TYR O 89 23.87 3.31 48.30
N GLN O 90 24.77 2.87 49.18
CA GLN O 90 24.79 3.31 50.57
C GLN O 90 23.47 3.04 51.27
N GLY O 91 22.86 1.91 50.95
CA GLY O 91 21.60 1.52 51.57
C GLY O 91 20.32 1.96 50.88
N LYS O 92 20.23 3.25 50.56
CA LYS O 92 19.04 3.78 49.92
C LYS O 92 19.00 3.39 48.45
N SER O 93 17.78 3.38 47.91
CA SER O 93 17.60 3.06 46.49
C SER O 93 18.08 4.20 45.62
N SER O 94 18.55 3.86 44.43
CA SER O 94 19.09 4.84 43.50
C SER O 94 18.79 4.37 42.08
N PHE O 95 19.56 4.87 41.11
CA PHE O 95 19.37 4.55 39.71
C PHE O 95 20.68 4.86 38.97
N PHE O 96 20.71 4.54 37.68
CA PHE O 96 21.87 4.85 36.86
C PHE O 96 22.14 6.35 36.87
N ARG O 97 23.43 6.71 36.90
CA ARG O 97 23.80 8.12 36.99
C ARG O 97 23.78 8.81 35.64
N ASN O 98 24.07 8.07 34.56
CA ASN O 98 24.16 8.66 33.23
C ASN O 98 22.81 8.75 32.53
N VAL O 99 21.78 8.08 33.03
CA VAL O 99 20.44 8.16 32.47
C VAL O 99 19.48 8.66 33.54
N VAL O 100 18.43 9.35 33.10
CA VAL O 100 17.41 9.90 33.99
C VAL O 100 16.11 9.15 33.74
N TRP O 101 15.48 8.69 34.81
CA TRP O 101 14.24 7.93 34.73
C TRP O 101 13.10 8.83 35.19
N LEU O 102 12.16 9.12 34.27
CA LEU O 102 11.17 10.16 34.50
C LEU O 102 9.86 9.56 35.00
N ILE O 103 9.32 10.14 36.07
CA ILE O 103 8.01 9.80 36.59
C ILE O 103 7.16 11.05 36.58
N LYS O 104 5.85 10.87 36.37
CA LYS O 104 4.96 11.98 36.11
C LYS O 104 4.86 12.92 37.30
N LYS O 105 4.72 14.21 37.01
CA LYS O 105 4.54 15.23 38.02
C LYS O 105 3.05 15.56 38.15
N ASN O 106 2.63 15.88 39.38
CA ASN O 106 1.22 16.07 39.72
C ASN O 106 0.42 14.85 39.27
N SER O 107 -0.43 15.01 38.24
CA SER O 107 -1.12 13.89 37.63
C SER O 107 -0.97 13.91 36.11
N THR O 108 0.09 14.51 35.59
CA THR O 108 0.27 14.69 34.15
C THR O 108 1.65 14.24 33.73
N TYR O 109 1.76 13.85 32.46
CA TYR O 109 3.04 13.50 31.84
C TYR O 109 3.01 14.05 30.41
N PRO O 110 3.37 15.32 30.23
CA PRO O 110 3.25 15.92 28.90
C PRO O 110 4.25 15.30 27.93
N THR O 111 3.82 15.23 26.67
CA THR O 111 4.67 14.73 25.62
C THR O 111 5.91 15.60 25.48
N ILE O 112 7.08 14.98 25.61
CA ILE O 112 8.35 15.70 25.57
C ILE O 112 8.82 15.76 24.12
N LYS O 113 9.16 16.97 23.66
CA LYS O 113 9.70 17.18 22.32
C LYS O 113 10.98 17.99 22.49
N ARG O 114 12.10 17.29 22.68
CA ARG O 114 13.38 17.91 22.96
C ARG O 114 14.43 17.35 22.00
N SER O 115 15.18 18.24 21.37
CA SER O 115 16.18 17.86 20.38
C SER O 115 17.55 18.39 20.77
N TYR O 116 18.59 17.73 20.29
CA TYR O 116 19.97 18.10 20.58
C TYR O 116 20.78 18.10 19.29
N ASN O 117 21.46 19.20 19.01
CA ASN O 117 22.33 19.33 17.85
C ASN O 117 23.77 19.21 18.32
N ASN O 118 24.46 18.16 17.86
CA ASN O 118 25.85 17.94 18.25
C ASN O 118 26.72 19.03 17.61
N THR O 119 27.37 19.83 18.46
CA THR O 119 28.17 20.95 18.00
C THR O 119 29.67 20.73 18.22
N ASN O 120 30.08 19.53 18.60
CA ASN O 120 31.48 19.21 18.82
C ASN O 120 32.07 18.56 17.57
N GLN O 121 33.41 18.54 17.52
CA GLN O 121 34.11 17.95 16.39
C GLN O 121 34.07 16.42 16.41
N GLU O 122 34.03 15.84 17.60
CA GLU O 122 34.13 14.39 17.76
C GLU O 122 32.75 13.74 17.62
N ASP O 123 32.77 12.44 17.31
CA ASP O 123 31.53 11.68 17.24
C ASP O 123 30.99 11.43 18.65
N LEU O 124 29.68 11.57 18.80
CA LEU O 124 29.03 11.44 20.10
C LEU O 124 28.26 10.12 20.18
N LEU O 125 28.30 9.48 21.34
CA LEU O 125 27.58 8.24 21.60
C LEU O 125 26.49 8.55 22.63
N VAL O 126 25.23 8.49 22.18
CA VAL O 126 24.09 8.76 23.04
C VAL O 126 23.34 7.45 23.25
N LEU O 127 22.81 7.27 24.46
CA LEU O 127 22.07 6.07 24.83
C LEU O 127 20.77 6.47 25.54
N TRP O 128 19.77 5.61 25.41
CA TRP O 128 18.48 5.83 26.06
C TRP O 128 17.80 4.48 26.23
N GLY O 129 16.68 4.49 26.95
CA GLY O 129 15.97 3.25 27.23
C GLY O 129 14.50 3.50 27.47
N ILE O 130 13.71 2.44 27.23
CA ILE O 130 12.28 2.44 27.46
C ILE O 130 11.97 1.35 28.48
N HIS O 131 11.17 1.69 29.49
CA HIS O 131 10.86 0.79 30.59
C HIS O 131 9.54 0.08 30.32
N HIS O 132 9.53 -1.24 30.50
CA HIS O 132 8.31 -2.04 30.34
C HIS O 132 7.69 -2.24 31.72
N PRO O 133 6.48 -1.75 31.95
CA PRO O 133 5.88 -1.88 33.29
C PRO O 133 5.44 -3.31 33.57
N ASN O 134 5.05 -3.53 34.82
CA ASN O 134 4.62 -4.85 35.25
C ASN O 134 3.20 -5.15 34.76
N ASP O 135 2.25 -4.29 35.13
CA ASP O 135 0.86 -4.42 34.69
C ASP O 135 0.34 -3.05 34.27
N ALA O 136 -0.91 -3.03 33.78
CA ALA O 136 -1.49 -1.78 33.30
C ALA O 136 -1.70 -0.80 34.44
N ALA O 137 -1.97 -1.28 35.65
CA ALA O 137 -2.13 -0.38 36.79
C ALA O 137 -0.84 0.34 37.14
N GLU O 138 0.30 -0.32 36.97
CA GLU O 138 1.58 0.33 37.22
C GLU O 138 1.88 1.40 36.17
N GLN O 139 1.37 1.22 34.95
CA GLN O 139 1.60 2.21 33.90
C GLN O 139 0.94 3.53 34.24
N THR O 140 -0.32 3.49 34.68
CA THR O 140 -1.02 4.70 35.07
C THR O 140 -0.51 5.25 36.39
N LYS O 141 0.02 4.38 37.25
CA LYS O 141 0.50 4.84 38.55
C LYS O 141 1.80 5.63 38.43
N LEU O 142 2.60 5.35 37.40
CA LEU O 142 3.89 6.02 37.22
C LEU O 142 3.90 7.06 36.11
N TYR O 143 3.21 6.80 35.00
CA TYR O 143 3.24 7.68 33.84
C TYR O 143 1.89 8.26 33.47
N GLN O 144 0.80 7.79 34.08
CA GLN O 144 -0.54 8.35 33.94
C GLN O 144 -1.08 8.29 32.50
N ASN O 145 -0.38 7.63 31.59
CA ASN O 145 -0.79 7.56 30.20
C ASN O 145 -0.94 6.12 29.77
N PRO O 146 -2.14 5.68 29.37
CA PRO O 146 -2.30 4.29 28.91
C PRO O 146 -1.50 4.00 27.65
N THR O 147 -1.81 4.71 26.56
CA THR O 147 -1.11 4.54 25.30
C THR O 147 0.13 5.43 25.32
N THR O 148 1.29 4.81 25.53
CA THR O 148 2.56 5.52 25.59
C THR O 148 3.47 5.03 24.47
N TYR O 149 4.54 5.79 24.23
CA TYR O 149 5.49 5.48 23.17
C TYR O 149 6.78 6.24 23.44
N ILE O 150 7.77 6.00 22.60
CA ILE O 150 9.06 6.67 22.68
C ILE O 150 9.73 6.63 21.32
N SER O 151 9.64 7.75 20.58
CA SER O 151 10.16 7.84 19.22
C SER O 151 11.41 8.71 19.23
N VAL O 152 12.55 8.11 18.92
CA VAL O 152 13.82 8.82 18.80
C VAL O 152 14.18 8.95 17.33
N GLY O 153 14.66 10.12 16.94
CA GLY O 153 14.99 10.39 15.55
C GLY O 153 16.31 11.07 15.36
N THR O 154 17.18 10.47 14.56
CA THR O 154 18.48 11.03 14.21
C THR O 154 18.60 11.14 12.69
N SER O 155 19.77 11.61 12.24
CA SER O 155 19.99 11.76 10.81
C SER O 155 20.09 10.42 10.10
N THR O 156 20.61 9.40 10.78
CA THR O 156 20.76 8.06 10.20
C THR O 156 19.93 7.00 10.91
N LEU O 157 19.11 7.38 11.89
CA LEU O 157 18.30 6.42 12.62
C LEU O 157 16.94 7.03 12.92
N ASN O 158 15.89 6.23 12.77
CA ASN O 158 14.52 6.67 13.06
C ASN O 158 13.77 5.46 13.59
N GLN O 159 13.58 5.41 14.91
CA GLN O 159 12.91 4.30 15.56
C GLN O 159 11.74 4.81 16.39
N ARG O 160 10.84 3.88 16.71
CA ARG O 160 9.69 4.16 17.58
C ARG O 160 9.47 2.95 18.46
N LEU O 161 9.38 3.19 19.77
CA LEU O 161 9.30 2.12 20.75
C LEU O 161 7.93 2.12 21.42
N VAL O 162 7.30 0.96 21.49
CA VAL O 162 6.01 0.80 22.15
C VAL O 162 6.17 -0.15 23.33
N PRO O 163 6.07 0.33 24.56
CA PRO O 163 6.27 -0.54 25.72
C PRO O 163 5.17 -1.58 25.85
N ARG O 164 5.56 -2.81 26.17
CA ARG O 164 4.65 -3.92 26.35
C ARG O 164 4.48 -4.22 27.83
N ILE O 165 3.23 -4.34 28.28
CA ILE O 165 2.91 -4.59 29.67
C ILE O 165 2.52 -6.05 29.82
N ALA O 166 3.26 -6.79 30.65
CA ALA O 166 2.99 -8.19 30.90
C ALA O 166 3.66 -8.59 32.20
N THR O 167 2.93 -9.31 33.05
CA THR O 167 3.45 -9.74 34.34
C THR O 167 4.53 -10.80 34.12
N ARG O 168 5.77 -10.47 34.47
CA ARG O 168 6.90 -11.38 34.34
C ARG O 168 7.40 -11.81 35.71
N SER O 169 8.33 -12.75 35.71
CA SER O 169 8.88 -13.24 36.97
C SER O 169 9.80 -12.21 37.59
N LYS O 170 9.87 -12.23 38.93
CA LYS O 170 10.71 -11.29 39.66
C LYS O 170 12.18 -11.58 39.36
N VAL O 171 12.87 -10.61 38.78
CA VAL O 171 14.27 -10.75 38.40
C VAL O 171 15.04 -9.59 39.01
N ASN O 172 16.03 -9.90 39.85
CA ASN O 172 16.89 -8.91 40.51
C ASN O 172 16.07 -7.93 41.35
N GLY O 173 14.96 -8.39 41.91
CA GLY O 173 14.17 -7.56 42.79
C GLY O 173 12.76 -7.27 42.31
N GLN O 174 12.60 -7.04 41.00
CA GLN O 174 11.32 -6.67 40.43
C GLN O 174 11.04 -7.49 39.18
N SER O 175 9.89 -7.24 38.56
CA SER O 175 9.44 -7.98 37.39
C SER O 175 9.60 -7.20 36.09
N GLY O 176 9.44 -5.88 36.13
CA GLY O 176 9.58 -5.09 34.92
C GLY O 176 10.99 -5.11 34.38
N ARG O 177 11.09 -4.85 33.08
CA ARG O 177 12.37 -4.86 32.36
C ARG O 177 12.53 -3.57 31.57
N MET O 178 13.79 -3.25 31.25
CA MET O 178 14.12 -2.06 30.49
C MET O 178 15.00 -2.45 29.31
N GLU O 179 14.66 -1.92 28.13
CA GLU O 179 15.39 -2.22 26.89
C GLU O 179 16.12 -0.95 26.46
N PHE O 180 17.44 -0.97 26.56
CA PHE O 180 18.26 0.19 26.23
C PHE O 180 18.65 0.18 24.76
N PHE O 181 18.98 1.37 24.24
CA PHE O 181 19.38 1.55 22.86
C PHE O 181 20.51 2.56 22.80
N TRP O 182 21.09 2.69 21.61
CA TRP O 182 22.20 3.61 21.41
C TRP O 182 22.38 3.86 19.92
N THR O 183 22.94 5.03 19.60
CA THR O 183 23.24 5.39 18.22
C THR O 183 24.28 6.48 18.20
N ILE O 184 25.30 6.33 17.34
CA ILE O 184 26.35 7.34 17.26
C ILE O 184 25.82 8.57 16.53
N LEU O 185 25.95 9.73 17.17
CA LEU O 185 25.47 10.99 16.62
C LEU O 185 26.66 11.73 16.00
N LYS O 186 26.68 11.83 14.68
CA LYS O 186 27.75 12.51 13.99
C LYS O 186 27.65 14.02 14.20
N PRO O 187 28.76 14.75 14.03
CA PRO O 187 28.70 16.21 14.18
C PRO O 187 27.68 16.84 13.24
N ASN O 188 27.00 17.87 13.75
CA ASN O 188 25.95 18.61 13.07
C ASN O 188 24.70 17.78 12.79
N ASP O 189 24.69 16.50 13.14
CA ASP O 189 23.52 15.64 12.98
C ASP O 189 22.77 15.61 14.31
N ALA O 190 21.55 16.14 14.31
CA ALA O 190 20.79 16.28 15.54
C ALA O 190 20.05 14.98 15.88
N ILE O 191 19.65 14.88 17.15
CA ILE O 191 18.86 13.76 17.65
C ILE O 191 17.60 14.33 18.26
N ASN O 192 16.44 13.92 17.72
CA ASN O 192 15.14 14.42 18.16
C ASN O 192 14.44 13.32 18.94
N PHE O 193 14.06 13.63 20.18
CA PHE O 193 13.36 12.69 21.05
C PHE O 193 11.88 13.06 21.14
N GLU O 194 11.06 12.05 21.44
CA GLU O 194 9.62 12.24 21.58
C GLU O 194 9.06 11.02 22.29
N SER O 195 8.53 11.22 23.50
CA SER O 195 8.02 10.11 24.30
C SER O 195 6.94 10.60 25.23
N ASN O 196 5.78 9.93 25.21
CA ASN O 196 4.66 10.25 26.09
C ASN O 196 4.60 9.36 27.31
N GLY O 197 5.64 8.58 27.58
CA GLY O 197 5.66 7.71 28.73
C GLY O 197 6.69 6.61 28.57
N ASN O 198 7.08 6.05 29.71
CA ASN O 198 8.02 4.92 29.77
C ASN O 198 9.34 5.26 29.06
N PHE O 199 9.93 6.39 29.45
CA PHE O 199 11.12 6.91 28.78
C PHE O 199 12.21 7.17 29.80
N ILE O 200 13.33 6.49 29.65
CA ILE O 200 14.51 6.71 30.49
C ILE O 200 15.42 7.65 29.69
N ALA O 201 15.26 8.94 29.94
CA ALA O 201 15.98 9.95 29.16
C ALA O 201 17.45 9.98 29.55
N PRO O 202 18.33 10.32 28.61
CA PRO O 202 19.76 10.45 28.93
C PRO O 202 20.07 11.81 29.56
N GLU O 203 21.07 11.80 30.43
CA GLU O 203 21.62 13.02 31.02
C GLU O 203 23.03 13.30 30.55
N TYR O 204 23.86 12.27 30.41
CA TYR O 204 25.23 12.41 29.93
C TYR O 204 25.41 11.63 28.64
N ALA O 205 26.48 11.94 27.92
CA ALA O 205 26.82 11.25 26.69
C ALA O 205 28.32 11.02 26.65
N TYR O 206 28.75 10.23 25.67
CA TYR O 206 30.16 9.89 25.51
C TYR O 206 30.62 10.29 24.11
N LYS O 207 31.70 11.07 24.05
CA LYS O 207 32.30 11.49 22.80
C LYS O 207 33.48 10.57 22.50
N ILE O 208 33.36 9.77 21.44
CA ILE O 208 34.38 8.79 21.07
C ILE O 208 35.21 9.33 19.92
N VAL O 209 36.45 8.89 19.85
CA VAL O 209 37.36 9.32 18.79
C VAL O 209 38.34 8.20 18.45
N VAL P 2 -42.28 -56.29 -23.14
CA VAL P 2 -43.60 -55.73 -22.86
C VAL P 2 -43.55 -54.22 -22.91
N GLN P 3 -42.34 -53.67 -22.86
CA GLN P 3 -42.17 -52.23 -22.83
C GLN P 3 -42.44 -51.61 -24.19
N LEU P 4 -42.91 -50.36 -24.18
CA LEU P 4 -43.14 -49.58 -25.38
C LEU P 4 -42.29 -48.32 -25.32
N VAL P 5 -41.79 -47.89 -26.48
CA VAL P 5 -40.94 -46.72 -26.59
C VAL P 5 -41.55 -45.79 -27.63
N GLU P 6 -42.05 -44.65 -27.19
CA GLU P 6 -42.65 -43.65 -28.08
C GLU P 6 -41.59 -42.63 -28.45
N SER P 7 -41.28 -42.54 -29.75
CA SER P 7 -40.27 -41.64 -30.26
C SER P 7 -40.87 -40.74 -31.33
N GLY P 8 -40.10 -39.72 -31.71
CA GLY P 8 -40.53 -38.78 -32.72
C GLY P 8 -41.05 -37.45 -32.21
N GLY P 9 -40.79 -37.12 -30.95
CA GLY P 9 -41.27 -35.86 -30.38
C GLY P 9 -40.28 -34.73 -30.56
N GLY P 10 -40.81 -33.51 -30.56
CA GLY P 10 -39.98 -32.34 -30.72
C GLY P 10 -40.82 -31.12 -31.02
N LEU P 11 -40.13 -30.04 -31.36
CA LEU P 11 -40.79 -28.78 -31.69
C LEU P 11 -41.07 -28.71 -33.19
N VAL P 12 -42.22 -28.13 -33.54
CA VAL P 12 -42.63 -28.01 -34.94
C VAL P 12 -43.44 -26.73 -35.09
N GLN P 13 -43.26 -26.07 -36.23
CA GLN P 13 -44.00 -24.85 -36.51
C GLN P 13 -45.45 -25.17 -36.83
N PRO P 14 -46.38 -24.25 -36.58
CA PRO P 14 -47.78 -24.51 -36.90
C PRO P 14 -48.00 -24.58 -38.40
N GLY P 15 -48.94 -25.45 -38.79
CA GLY P 15 -49.24 -25.68 -40.18
C GLY P 15 -48.30 -26.61 -40.90
N GLY P 16 -47.28 -27.13 -40.22
CA GLY P 16 -46.32 -28.04 -40.83
C GLY P 16 -46.79 -29.48 -40.80
N SER P 17 -45.84 -30.40 -40.70
CA SER P 17 -46.14 -31.82 -40.68
C SER P 17 -45.09 -32.54 -39.86
N LEU P 18 -45.53 -33.43 -38.98
CA LEU P 18 -44.65 -34.25 -38.16
C LEU P 18 -45.12 -35.70 -38.21
N ARG P 19 -44.19 -36.60 -37.92
CA ARG P 19 -44.44 -38.04 -37.95
C ARG P 19 -44.00 -38.66 -36.64
N LEU P 20 -44.97 -39.02 -35.79
CA LEU P 20 -44.69 -39.69 -34.53
C LEU P 20 -44.89 -41.19 -34.70
N SER P 21 -44.04 -41.98 -34.03
CA SER P 21 -44.08 -43.42 -34.17
C SER P 21 -43.52 -44.07 -32.91
N CYS P 22 -44.24 -45.06 -32.39
CA CYS P 22 -43.80 -45.85 -31.25
C CYS P 22 -43.69 -47.31 -31.67
N ALA P 23 -42.66 -47.98 -31.17
CA ALA P 23 -42.37 -49.36 -31.52
C ALA P 23 -42.66 -50.27 -30.34
N ALA P 24 -43.48 -51.30 -30.57
CA ALA P 24 -43.80 -52.27 -29.54
C ALA P 24 -42.76 -53.38 -29.52
N SER P 25 -42.59 -53.99 -28.36
CA SER P 25 -41.62 -55.06 -28.19
C SER P 25 -42.03 -55.92 -27.01
N GLY P 26 -42.11 -57.24 -27.23
CA GLY P 26 -42.44 -58.16 -26.17
C GLY P 26 -43.64 -59.04 -26.46
N PHE P 27 -44.82 -58.42 -26.56
CA PHE P 27 -46.06 -59.15 -26.76
C PHE P 27 -46.37 -59.30 -28.24
N THR P 28 -47.40 -60.09 -28.53
CA THR P 28 -47.82 -60.34 -29.91
C THR P 28 -48.48 -59.09 -30.48
N PHE P 29 -47.92 -58.56 -31.56
CA PHE P 29 -48.43 -57.32 -32.14
C PHE P 29 -49.72 -57.55 -32.91
N SER P 30 -49.73 -58.52 -33.82
CA SER P 30 -50.87 -58.73 -34.71
C SER P 30 -52.12 -59.22 -33.98
N THR P 31 -52.02 -59.53 -32.69
CA THR P 31 -53.17 -60.05 -31.95
C THR P 31 -53.97 -58.96 -31.24
N TYR P 32 -53.35 -57.85 -30.89
CA TYR P 32 -53.99 -56.80 -30.12
C TYR P 32 -54.21 -55.56 -30.99
N TRP P 33 -54.96 -54.61 -30.44
CA TRP P 33 -55.25 -53.35 -31.10
C TRP P 33 -54.14 -52.35 -30.79
N MET P 34 -54.32 -51.10 -31.23
CA MET P 34 -53.36 -50.04 -30.97
C MET P 34 -54.10 -48.71 -31.00
N THR P 35 -54.04 -47.96 -29.90
CA THR P 35 -54.73 -46.68 -29.79
C THR P 35 -53.80 -45.63 -29.23
N TRP P 36 -53.97 -44.39 -29.70
CA TRP P 36 -53.18 -43.26 -29.25
C TRP P 36 -53.98 -42.46 -28.22
N VAL P 37 -53.27 -41.94 -27.22
CA VAL P 37 -53.88 -41.15 -26.16
C VAL P 37 -53.10 -39.85 -26.03
N ARG P 38 -53.81 -38.73 -26.00
CA ARG P 38 -53.21 -37.41 -25.87
C ARG P 38 -53.53 -36.84 -24.49
N GLN P 39 -52.56 -36.13 -23.90
CA GLN P 39 -52.70 -35.54 -22.58
C GLN P 39 -52.26 -34.08 -22.66
N ALA P 40 -53.22 -33.17 -22.50
CA ALA P 40 -52.91 -31.75 -22.51
C ALA P 40 -52.08 -31.38 -21.27
N PRO P 41 -51.20 -30.38 -21.39
CA PRO P 41 -50.38 -29.97 -20.24
C PRO P 41 -51.25 -29.40 -19.12
N GLY P 42 -51.27 -30.10 -17.99
CA GLY P 42 -52.03 -29.67 -16.83
C GLY P 42 -53.50 -30.04 -16.86
N LYS P 43 -54.05 -30.41 -18.01
CA LYS P 43 -55.45 -30.77 -18.13
C LYS P 43 -55.61 -32.28 -18.21
N GLY P 44 -56.84 -32.73 -18.45
CA GLY P 44 -57.10 -34.15 -18.55
C GLY P 44 -56.72 -34.72 -19.91
N LEU P 45 -56.54 -36.04 -19.94
CA LEU P 45 -56.16 -36.72 -21.16
C LEU P 45 -57.35 -36.86 -22.10
N GLU P 46 -57.06 -36.89 -23.40
CA GLU P 46 -58.08 -37.03 -24.43
C GLU P 46 -57.72 -38.18 -25.35
N TRP P 47 -58.75 -38.85 -25.87
CA TRP P 47 -58.56 -39.98 -26.77
C TRP P 47 -58.24 -39.47 -28.17
N VAL P 48 -57.09 -39.87 -28.71
CA VAL P 48 -56.67 -39.43 -30.03
C VAL P 48 -57.37 -40.26 -31.10
N ALA P 49 -56.94 -41.50 -31.28
CA ALA P 49 -57.50 -42.37 -32.30
C ALA P 49 -57.24 -43.82 -31.91
N ASN P 50 -57.64 -44.73 -32.79
CA ASN P 50 -57.44 -46.17 -32.60
C ASN P 50 -57.18 -46.82 -33.94
N ILE P 51 -56.61 -48.02 -33.89
CA ILE P 51 -56.29 -48.79 -35.09
C ILE P 51 -56.51 -50.26 -34.80
N ASN P 52 -57.16 -50.96 -35.75
CA ASN P 52 -57.46 -52.36 -35.58
C ASN P 52 -56.19 -53.20 -35.69
N GLN P 53 -56.37 -54.53 -35.62
CA GLN P 53 -55.23 -55.44 -35.71
C GLN P 53 -54.50 -55.28 -37.04
N ASP P 54 -55.25 -55.05 -38.12
CA ASP P 54 -54.68 -54.78 -39.42
C ASP P 54 -55.09 -53.39 -39.87
N GLY P 55 -54.32 -52.83 -40.81
CA GLY P 55 -54.57 -51.49 -41.30
C GLY P 55 -55.86 -51.37 -42.09
N GLY P 56 -57.00 -51.50 -41.41
CA GLY P 56 -58.28 -51.40 -42.06
C GLY P 56 -59.28 -50.57 -41.30
N GLU P 57 -59.93 -51.17 -40.30
CA GLU P 57 -60.90 -50.45 -39.48
C GLU P 57 -60.19 -49.56 -38.47
N LYS P 58 -60.77 -48.40 -38.21
CA LYS P 58 -60.18 -47.43 -37.29
C LYS P 58 -61.25 -46.45 -36.84
N TYR P 59 -60.86 -45.52 -35.97
CA TYR P 59 -61.76 -44.50 -35.45
C TYR P 59 -60.91 -43.35 -34.93
N PHE P 60 -61.35 -42.12 -35.24
CA PHE P 60 -60.63 -40.91 -34.86
C PHE P 60 -61.52 -40.00 -34.03
N VAL P 61 -60.91 -38.91 -33.55
CA VAL P 61 -61.65 -37.92 -32.78
C VAL P 61 -62.33 -36.93 -33.72
N ASP P 62 -63.47 -36.41 -33.28
CA ASP P 62 -64.25 -35.50 -34.13
C ASP P 62 -63.60 -34.14 -34.27
N SER P 63 -62.70 -33.76 -33.35
CA SER P 63 -62.03 -32.47 -33.41
C SER P 63 -60.77 -32.47 -34.26
N VAL P 64 -60.14 -33.63 -34.43
CA VAL P 64 -58.90 -33.73 -35.19
C VAL P 64 -59.09 -34.65 -36.38
N LYS P 65 -60.30 -34.66 -36.95
CA LYS P 65 -60.61 -35.52 -38.08
C LYS P 65 -60.16 -34.86 -39.38
N GLY P 66 -59.55 -35.65 -40.26
CA GLY P 66 -59.10 -35.20 -41.54
C GLY P 66 -57.68 -34.68 -41.58
N ARG P 67 -57.16 -34.22 -40.45
CA ARG P 67 -55.79 -33.68 -40.38
C ARG P 67 -54.77 -34.68 -39.86
N PHE P 68 -55.21 -35.81 -39.32
CA PHE P 68 -54.32 -36.79 -38.73
C PHE P 68 -54.59 -38.16 -39.34
N THR P 69 -53.52 -38.87 -39.67
CA THR P 69 -53.60 -40.20 -40.25
C THR P 69 -52.75 -41.16 -39.42
N ILE P 70 -53.32 -42.31 -39.08
CA ILE P 70 -52.66 -43.33 -38.26
C ILE P 70 -52.40 -44.55 -39.12
N SER P 71 -51.16 -45.02 -39.13
CA SER P 71 -50.77 -46.21 -39.87
C SER P 71 -49.92 -47.10 -38.97
N ARG P 72 -49.91 -48.39 -39.30
CA ARG P 72 -49.17 -49.37 -38.52
C ARG P 72 -48.59 -50.43 -39.44
N ASP P 73 -47.46 -50.98 -39.02
CA ASP P 73 -46.78 -52.06 -39.74
C ASP P 73 -46.59 -53.22 -38.78
N ASN P 74 -47.29 -54.32 -39.04
CA ASN P 74 -47.27 -55.46 -38.12
C ASN P 74 -45.94 -56.21 -38.17
N ALA P 75 -45.27 -56.21 -39.32
CA ALA P 75 -44.03 -56.98 -39.45
C ALA P 75 -42.86 -56.25 -38.81
N LYS P 76 -42.77 -54.94 -38.99
CA LYS P 76 -41.65 -54.16 -38.48
C LYS P 76 -41.79 -53.79 -37.01
N ASN P 77 -42.91 -54.14 -36.37
CA ASN P 77 -43.17 -53.85 -34.96
C ASN P 77 -43.09 -52.35 -34.69
N SER P 78 -44.01 -51.61 -35.33
CA SER P 78 -44.05 -50.17 -35.18
C SER P 78 -45.42 -49.66 -35.62
N LEU P 79 -45.88 -48.60 -34.96
CA LEU P 79 -47.15 -47.95 -35.30
C LEU P 79 -46.87 -46.46 -35.51
N PHE P 80 -47.22 -45.95 -36.68
CA PHE P 80 -46.93 -44.58 -37.05
C PHE P 80 -48.13 -43.68 -36.81
N LEU P 81 -47.89 -42.37 -36.88
CA LEU P 81 -48.96 -41.39 -36.72
C LEU P 81 -48.51 -40.10 -37.44
N GLN P 82 -48.87 -40.01 -38.71
CA GLN P 82 -48.54 -38.83 -39.51
C GLN P 82 -49.54 -37.71 -39.22
N MET P 83 -49.02 -36.52 -38.93
CA MET P 83 -49.84 -35.37 -38.59
C MET P 83 -49.63 -34.28 -39.63
N ASN P 84 -50.72 -33.79 -40.20
CA ASN P 84 -50.68 -32.75 -41.21
C ASN P 84 -51.57 -31.58 -40.78
N THR P 85 -51.10 -30.36 -41.04
CA THR P 85 -51.81 -29.14 -40.66
C THR P 85 -52.14 -29.13 -39.17
N LEU P 86 -51.12 -29.40 -38.37
CA LEU P 86 -51.29 -29.46 -36.93
C LEU P 86 -51.53 -28.08 -36.36
N ARG P 87 -52.60 -27.94 -35.57
CA ARG P 87 -52.93 -26.67 -34.95
C ARG P 87 -52.26 -26.55 -33.58
N ALA P 88 -52.26 -25.33 -33.04
CA ALA P 88 -51.62 -25.09 -31.75
C ALA P 88 -52.38 -25.75 -30.61
N GLU P 89 -53.70 -25.95 -30.77
CA GLU P 89 -54.49 -26.59 -29.73
C GLU P 89 -54.12 -28.07 -29.55
N ASP P 90 -53.54 -28.69 -30.57
CA ASP P 90 -53.13 -30.09 -30.49
C ASP P 90 -51.77 -30.28 -29.85
N THR P 91 -51.09 -29.20 -29.47
CA THR P 91 -49.78 -29.30 -28.85
C THR P 91 -49.92 -29.88 -27.44
N ALA P 92 -49.53 -31.14 -27.29
CA ALA P 92 -49.64 -31.83 -26.00
C ALA P 92 -48.76 -33.06 -26.03
N VAL P 93 -48.61 -33.69 -24.87
CA VAL P 93 -47.85 -34.93 -24.76
C VAL P 93 -48.71 -36.08 -25.25
N TYR P 94 -48.16 -36.91 -26.13
CA TYR P 94 -48.89 -37.99 -26.77
C TYR P 94 -48.38 -39.34 -26.27
N TYR P 95 -49.31 -40.21 -25.90
CA TYR P 95 -49.01 -41.57 -25.47
C TYR P 95 -49.52 -42.56 -26.51
N CYS P 96 -48.85 -43.70 -26.59
CA CYS P 96 -49.30 -44.82 -27.40
C CYS P 96 -49.47 -46.04 -26.52
N ALA P 97 -50.54 -46.80 -26.76
CA ALA P 97 -50.87 -47.94 -25.93
C ALA P 97 -51.67 -48.96 -26.74
N ARG P 98 -51.51 -50.22 -26.39
CA ARG P 98 -52.22 -51.32 -27.04
C ARG P 98 -53.35 -51.81 -26.15
N GLY P 99 -54.39 -52.35 -26.79
CA GLY P 99 -55.53 -52.87 -26.07
C GLY P 99 -56.14 -54.05 -26.80
N PHE P 100 -57.11 -54.68 -26.14
CA PHE P 100 -57.81 -55.84 -26.68
C PHE P 100 -59.30 -55.56 -26.64
N LEU P 101 -59.90 -55.37 -27.82
CA LEU P 101 -61.33 -55.11 -27.91
C LEU P 101 -62.09 -56.43 -27.91
N GLU P 102 -63.13 -56.51 -27.09
CA GLU P 102 -63.91 -57.74 -26.94
C GLU P 102 -65.34 -57.38 -26.58
N ARG P 103 -66.19 -58.41 -26.53
CA ARG P 103 -67.56 -58.29 -26.07
C ARG P 103 -67.75 -59.26 -24.92
N LEU P 104 -68.13 -58.74 -23.75
CA LEU P 104 -68.15 -59.54 -22.53
C LEU P 104 -69.53 -59.96 -22.06
N LEU P 105 -70.58 -59.20 -22.40
CA LEU P 105 -71.95 -59.51 -22.00
C LEU P 105 -72.05 -59.70 -20.49
N LEU P 106 -71.60 -58.68 -19.75
CA LEU P 106 -71.56 -58.74 -18.30
C LEU P 106 -72.73 -58.04 -17.63
N GLY P 107 -73.47 -57.21 -18.36
CA GLY P 107 -74.61 -56.49 -17.82
C GLY P 107 -75.91 -57.19 -18.14
N ARG P 108 -76.91 -56.38 -18.51
CA ARG P 108 -78.20 -56.95 -18.91
C ARG P 108 -78.06 -57.75 -20.20
N GLN P 109 -77.38 -57.19 -21.19
CA GLN P 109 -77.15 -57.84 -22.47
C GLN P 109 -76.17 -57.01 -23.28
N GLY P 110 -75.63 -57.61 -24.33
CA GLY P 110 -74.85 -56.86 -25.30
C GLY P 110 -73.53 -56.36 -24.73
N ALA P 111 -73.30 -55.06 -24.92
CA ALA P 111 -72.09 -54.35 -24.48
C ALA P 111 -70.85 -54.76 -25.27
N TYR P 112 -69.85 -53.87 -25.30
CA TYR P 112 -68.60 -54.12 -26.00
C TYR P 112 -67.52 -53.30 -25.31
N TYR P 113 -66.55 -53.98 -24.70
CA TYR P 113 -65.59 -53.35 -23.83
C TYR P 113 -64.27 -53.09 -24.55
N TYR P 114 -63.40 -52.32 -23.91
CA TYR P 114 -62.08 -52.02 -24.45
C TYR P 114 -61.19 -51.42 -23.35
N GLY P 115 -59.98 -51.94 -23.20
CA GLY P 115 -59.08 -51.47 -22.16
C GLY P 115 -57.61 -51.48 -22.56
N MET P 116 -56.90 -50.41 -22.22
CA MET P 116 -55.47 -50.29 -22.50
C MET P 116 -54.67 -50.65 -21.27
N ASP P 117 -53.71 -51.56 -21.43
CA ASP P 117 -52.92 -52.06 -20.31
C ASP P 117 -51.43 -51.78 -20.43
N VAL P 118 -50.87 -51.77 -21.63
CA VAL P 118 -49.45 -51.54 -21.85
C VAL P 118 -49.28 -50.14 -22.43
N TRP P 119 -48.63 -49.26 -21.68
CA TRP P 119 -48.41 -47.88 -22.10
C TRP P 119 -46.91 -47.59 -22.21
N GLY P 120 -46.57 -46.69 -23.13
CA GLY P 120 -45.19 -46.32 -23.35
C GLY P 120 -44.78 -45.10 -22.53
N GLN P 121 -43.53 -44.67 -22.78
CA GLN P 121 -43.02 -43.50 -22.07
C GLN P 121 -43.63 -42.22 -22.59
N GLY P 122 -43.89 -42.16 -23.90
CA GLY P 122 -44.51 -40.98 -24.49
C GLY P 122 -43.52 -39.90 -24.86
N THR P 123 -43.75 -39.24 -26.00
CA THR P 123 -42.91 -38.16 -26.47
C THR P 123 -43.68 -36.85 -26.39
N THR P 124 -43.03 -35.81 -25.86
CA THR P 124 -43.67 -34.51 -25.69
C THR P 124 -43.51 -33.71 -26.99
N VAL P 125 -44.64 -33.48 -27.67
CA VAL P 125 -44.67 -32.71 -28.91
C VAL P 125 -45.26 -31.34 -28.63
N THR P 126 -44.66 -30.31 -29.21
CA THR P 126 -45.11 -28.94 -29.04
C THR P 126 -45.19 -28.28 -30.42
N VAL P 127 -46.29 -27.57 -30.66
CA VAL P 127 -46.54 -26.91 -31.93
C VAL P 127 -46.65 -25.41 -31.67
N SER P 128 -45.67 -24.65 -32.12
CA SER P 128 -45.67 -23.20 -31.95
C SER P 128 -44.65 -22.59 -32.91
N SER P 129 -44.84 -21.31 -33.20
CA SER P 129 -43.98 -20.58 -34.11
C SER P 129 -42.90 -19.78 -33.38
N ALA P 130 -42.73 -19.99 -32.09
CA ALA P 130 -41.73 -19.26 -31.32
C ALA P 130 -40.34 -19.81 -31.58
N SER P 131 -39.35 -18.93 -31.57
CA SER P 131 -37.97 -19.30 -31.83
C SER P 131 -37.27 -19.66 -30.52
N THR P 132 -36.36 -20.63 -30.61
CA THR P 132 -35.58 -21.04 -29.44
C THR P 132 -34.63 -19.94 -29.02
N LYS P 133 -34.69 -19.55 -27.75
CA LYS P 133 -33.87 -18.47 -27.23
C LYS P 133 -33.36 -18.85 -25.85
N GLY P 134 -32.27 -18.20 -25.45
CA GLY P 134 -31.67 -18.43 -24.15
C GLY P 134 -32.39 -17.65 -23.06
N PRO P 135 -32.42 -18.20 -21.85
CA PRO P 135 -33.16 -17.56 -20.76
C PRO P 135 -32.50 -16.28 -20.28
N SER P 136 -33.32 -15.41 -19.71
CA SER P 136 -32.88 -14.16 -19.11
C SER P 136 -33.13 -14.23 -17.61
N VAL P 137 -32.08 -14.02 -16.82
CA VAL P 137 -32.14 -14.17 -15.37
C VAL P 137 -32.28 -12.80 -14.74
N PHE P 138 -33.33 -12.61 -13.93
CA PHE P 138 -33.54 -11.40 -13.16
C PHE P 138 -33.54 -11.76 -11.67
N PRO P 139 -32.62 -11.23 -10.88
CA PRO P 139 -32.60 -11.58 -9.46
C PRO P 139 -33.74 -10.93 -8.70
N LEU P 140 -34.28 -11.68 -7.74
CA LEU P 140 -35.34 -11.19 -6.85
C LEU P 140 -34.70 -10.85 -5.52
N ALA P 141 -34.55 -9.56 -5.25
CA ALA P 141 -33.87 -9.10 -4.05
C ALA P 141 -34.70 -9.44 -2.81
N PRO P 142 -34.05 -9.71 -1.67
CA PRO P 142 -34.79 -10.02 -0.45
C PRO P 142 -35.49 -8.78 0.10
N SER P 143 -36.36 -9.02 1.08
CA SER P 143 -37.11 -7.93 1.69
C SER P 143 -36.20 -7.05 2.53
N SER P 144 -36.39 -5.75 2.40
CA SER P 144 -35.60 -4.78 3.16
C SER P 144 -36.18 -4.55 4.55
N ALA P 153 -35.58 -14.05 2.43
CA ALA P 153 -35.85 -15.01 1.37
C ALA P 153 -35.77 -14.35 -0.01
N LEU P 154 -34.75 -14.72 -0.77
CA LEU P 154 -34.54 -14.21 -2.12
C LEU P 154 -34.67 -15.35 -3.12
N GLY P 155 -34.77 -14.99 -4.40
CA GLY P 155 -35.01 -15.97 -5.43
C GLY P 155 -34.31 -15.63 -6.73
N CYS P 156 -34.52 -16.49 -7.72
CA CYS P 156 -33.92 -16.37 -9.05
C CYS P 156 -35.05 -16.48 -10.07
N LEU P 157 -35.33 -15.37 -10.77
CA LEU P 157 -36.41 -15.32 -11.75
C LEU P 157 -35.85 -15.43 -13.15
N VAL P 158 -36.37 -16.37 -13.93
CA VAL P 158 -35.94 -16.62 -15.30
C VAL P 158 -37.08 -16.27 -16.24
N LYS P 159 -36.73 -15.69 -17.39
CA LYS P 159 -37.72 -15.29 -18.38
C LYS P 159 -37.13 -15.41 -19.77
N ASP P 160 -38.01 -15.39 -20.77
CA ASP P 160 -37.64 -15.42 -22.18
C ASP P 160 -36.85 -16.67 -22.54
N TYR P 161 -37.54 -17.80 -22.65
CA TYR P 161 -36.94 -19.04 -23.13
C TYR P 161 -38.06 -19.92 -23.68
N PHE P 162 -37.74 -20.69 -24.73
CA PHE P 162 -38.80 -21.45 -25.38
C PHE P 162 -38.57 -22.94 -25.28
N PRO P 163 -37.34 -23.43 -25.43
CA PRO P 163 -37.10 -24.87 -25.28
C PRO P 163 -37.48 -25.33 -23.88
N GLU P 164 -38.59 -26.07 -23.78
CA GLU P 164 -39.24 -26.37 -22.52
C GLU P 164 -38.43 -27.36 -21.70
N PRO P 165 -37.39 -26.91 -21.01
CA PRO P 165 -36.63 -27.80 -20.12
C PRO P 165 -35.93 -27.01 -19.04
N VAL P 166 -36.71 -26.26 -18.25
CA VAL P 166 -36.13 -25.35 -17.27
C VAL P 166 -35.39 -26.14 -16.20
N THR P 167 -34.14 -25.77 -15.96
CA THR P 167 -33.30 -26.39 -14.94
C THR P 167 -32.65 -25.29 -14.13
N VAL P 168 -33.03 -25.17 -12.86
CA VAL P 168 -32.50 -24.16 -11.96
C VAL P 168 -31.96 -24.84 -10.71
N SER P 169 -30.72 -24.53 -10.36
CA SER P 169 -30.08 -25.09 -9.18
C SER P 169 -29.29 -24.00 -8.47
N TRP P 170 -29.45 -23.92 -7.15
CA TRP P 170 -28.79 -22.90 -6.35
C TRP P 170 -27.45 -23.42 -5.83
N ASN P 171 -26.41 -22.60 -5.96
CA ASN P 171 -25.09 -22.89 -5.41
C ASN P 171 -24.53 -24.22 -5.94
N SER P 172 -24.80 -24.50 -7.22
CA SER P 172 -24.33 -25.71 -7.89
C SER P 172 -24.77 -26.97 -7.16
N GLY P 173 -25.94 -26.95 -6.55
CA GLY P 173 -26.46 -28.11 -5.85
C GLY P 173 -26.12 -28.17 -4.37
N ALA P 174 -25.70 -27.07 -3.77
CA ALA P 174 -25.36 -27.06 -2.35
C ALA P 174 -26.59 -26.77 -1.49
N LEU P 175 -27.24 -25.64 -1.71
CA LEU P 175 -28.44 -25.26 -0.97
C LEU P 175 -29.64 -25.96 -1.61
N THR P 176 -30.14 -27.00 -0.93
CA THR P 176 -31.27 -27.78 -1.43
C THR P 176 -32.53 -27.65 -0.58
N SER P 177 -32.38 -27.54 0.73
CA SER P 177 -33.54 -27.45 1.61
C SER P 177 -34.17 -26.07 1.50
N GLY P 178 -35.48 -26.03 1.24
CA GLY P 178 -36.21 -24.80 1.15
C GLY P 178 -36.33 -24.21 -0.24
N VAL P 179 -35.59 -24.74 -1.22
CA VAL P 179 -35.64 -24.22 -2.58
C VAL P 179 -36.95 -24.62 -3.23
N HIS P 180 -37.57 -23.68 -3.94
CA HIS P 180 -38.83 -23.90 -4.62
C HIS P 180 -38.69 -23.49 -6.09
N THR P 181 -38.78 -24.46 -6.99
CA THR P 181 -38.71 -24.22 -8.43
C THR P 181 -40.13 -24.26 -8.98
N PHE P 182 -40.71 -23.07 -9.19
CA PHE P 182 -42.07 -22.99 -9.67
C PHE P 182 -42.16 -23.46 -11.12
N PRO P 183 -43.30 -24.05 -11.52
CA PRO P 183 -43.46 -24.44 -12.92
C PRO P 183 -43.51 -23.24 -13.84
N ALA P 184 -43.20 -23.48 -15.11
CA ALA P 184 -43.20 -22.42 -16.10
C ALA P 184 -44.63 -21.98 -16.41
N VAL P 185 -44.75 -20.77 -16.96
CA VAL P 185 -46.04 -20.18 -17.32
C VAL P 185 -45.94 -19.63 -18.74
N LEU P 186 -46.85 -20.07 -19.60
CA LEU P 186 -46.86 -19.61 -20.99
C LEU P 186 -47.39 -18.19 -21.05
N GLN P 187 -46.53 -17.25 -21.42
CA GLN P 187 -46.94 -15.85 -21.52
C GLN P 187 -47.64 -15.60 -22.85
N SER P 188 -48.25 -14.42 -22.96
CA SER P 188 -48.96 -14.04 -24.18
C SER P 188 -48.01 -13.77 -25.34
N SER P 189 -46.75 -13.48 -25.06
CA SER P 189 -45.78 -13.21 -26.12
C SER P 189 -45.32 -14.48 -26.81
N GLY P 190 -45.28 -15.60 -26.08
CA GLY P 190 -44.85 -16.88 -26.61
C GLY P 190 -43.71 -17.53 -25.85
N LEU P 191 -43.01 -16.77 -25.01
CA LEU P 191 -41.89 -17.29 -24.23
C LEU P 191 -42.36 -17.55 -22.80
N TYR P 192 -41.98 -18.71 -22.26
CA TYR P 192 -42.35 -19.06 -20.90
C TYR P 192 -41.51 -18.29 -19.89
N SER P 193 -41.95 -18.32 -18.63
CA SER P 193 -41.24 -17.62 -17.57
C SER P 193 -41.55 -18.32 -16.25
N LEU P 194 -40.50 -18.64 -15.50
CA LEU P 194 -40.63 -19.30 -14.20
C LEU P 194 -39.75 -18.60 -13.18
N SER P 195 -40.14 -18.72 -11.92
CA SER P 195 -39.42 -18.10 -10.81
C SER P 195 -39.03 -19.16 -9.79
N SER P 196 -37.78 -19.09 -9.33
CA SER P 196 -37.26 -20.02 -8.34
C SER P 196 -36.81 -19.24 -7.11
N VAL P 197 -37.48 -19.47 -5.99
CA VAL P 197 -37.20 -18.77 -4.75
C VAL P 197 -36.62 -19.74 -3.73
N VAL P 198 -36.17 -19.20 -2.61
CA VAL P 198 -35.59 -19.99 -1.52
C VAL P 198 -35.83 -19.24 -0.22
N THR P 199 -36.28 -19.97 0.80
CA THR P 199 -36.56 -19.38 2.11
C THR P 199 -35.32 -19.51 3.00
N VAL P 200 -34.30 -18.74 2.63
CA VAL P 200 -33.04 -18.73 3.36
C VAL P 200 -33.25 -18.03 4.70
N PRO P 201 -32.47 -18.35 5.73
CA PRO P 201 -32.64 -17.66 7.02
C PRO P 201 -32.28 -16.19 6.91
N SER P 202 -32.99 -15.38 7.69
CA SER P 202 -32.79 -13.93 7.64
C SER P 202 -31.44 -13.50 8.21
N SER P 203 -30.81 -14.34 9.04
CA SER P 203 -29.53 -13.97 9.63
C SER P 203 -28.37 -14.22 8.68
N SER P 204 -28.41 -15.32 7.92
CA SER P 204 -27.34 -15.68 7.00
C SER P 204 -27.46 -14.98 5.65
N LEU P 205 -28.17 -13.86 5.57
CA LEU P 205 -28.30 -13.16 4.30
C LEU P 205 -26.98 -12.53 3.88
N GLY P 206 -26.31 -11.84 4.81
CA GLY P 206 -25.03 -11.25 4.54
C GLY P 206 -23.83 -12.10 4.85
N THR P 207 -24.03 -13.25 5.49
CA THR P 207 -22.93 -14.12 5.85
C THR P 207 -22.49 -14.97 4.65
N GLN P 208 -23.42 -15.75 4.10
CA GLN P 208 -23.12 -16.63 2.98
C GLN P 208 -23.68 -16.06 1.68
N THR P 209 -22.99 -16.37 0.58
CA THR P 209 -23.40 -15.94 -0.74
C THR P 209 -24.04 -17.10 -1.49
N TYR P 210 -25.04 -16.78 -2.31
CA TYR P 210 -25.81 -17.78 -3.04
C TYR P 210 -25.77 -17.46 -4.52
N ILE P 211 -25.37 -18.43 -5.33
CA ILE P 211 -25.23 -18.28 -6.78
C ILE P 211 -26.29 -19.12 -7.47
N CYS P 212 -26.92 -18.55 -8.50
CA CYS P 212 -28.01 -19.19 -9.22
C CYS P 212 -27.46 -19.86 -10.47
N ASN P 213 -27.42 -21.19 -10.47
CA ASN P 213 -26.92 -21.97 -11.61
C ASN P 213 -28.11 -22.49 -12.39
N VAL P 214 -28.54 -21.72 -13.38
CA VAL P 214 -29.69 -22.06 -14.22
C VAL P 214 -29.18 -22.66 -15.52
N ASN P 215 -29.67 -23.85 -15.86
CA ASN P 215 -29.26 -24.56 -17.05
C ASN P 215 -30.40 -24.62 -18.05
N HIS P 216 -30.07 -24.48 -19.33
CA HIS P 216 -31.03 -24.54 -20.42
C HIS P 216 -30.40 -25.34 -21.54
N LYS P 217 -30.99 -26.49 -21.87
CA LYS P 217 -30.38 -27.51 -22.71
C LYS P 217 -30.29 -27.11 -24.17
N PRO P 218 -31.44 -26.92 -24.82
CA PRO P 218 -31.44 -26.81 -26.29
C PRO P 218 -30.82 -25.54 -26.81
N SER P 219 -30.74 -24.48 -26.01
CA SER P 219 -30.06 -23.26 -26.43
C SER P 219 -28.59 -23.25 -26.02
N ASN P 220 -28.13 -24.28 -25.30
CA ASN P 220 -26.73 -24.39 -24.88
C ASN P 220 -26.29 -23.18 -24.08
N THR P 221 -27.19 -22.65 -23.25
CA THR P 221 -26.93 -21.48 -22.43
C THR P 221 -27.13 -21.84 -20.97
N LYS P 222 -26.08 -21.71 -20.18
CA LYS P 222 -26.10 -21.98 -18.74
C LYS P 222 -25.60 -20.73 -18.03
N VAL P 223 -26.54 -19.86 -17.66
CA VAL P 223 -26.22 -18.59 -17.02
C VAL P 223 -26.06 -18.81 -15.51
N ASP P 224 -25.17 -18.04 -14.91
CA ASP P 224 -24.89 -18.12 -13.47
C ASP P 224 -24.96 -16.71 -12.90
N LYS P 225 -25.96 -16.46 -12.05
CA LYS P 225 -26.17 -15.16 -11.43
C LYS P 225 -26.22 -15.32 -9.92
N LYS P 226 -26.48 -14.21 -9.22
CA LYS P 226 -26.55 -14.21 -7.76
C LYS P 226 -27.51 -13.11 -7.33
N VAL P 227 -27.63 -12.94 -6.02
CA VAL P 227 -28.52 -11.93 -5.45
C VAL P 227 -27.92 -11.40 -4.16
N GLU P 228 -27.69 -10.09 -4.10
CA GLU P 228 -27.11 -9.47 -2.91
C GLU P 228 -28.21 -9.13 -1.90
N PRO P 229 -27.89 -8.39 -0.83
CA PRO P 229 -28.86 -8.02 0.20
C PRO P 229 -29.81 -6.91 -0.26
N ILE Q 2 -69.84 -38.97 -27.31
CA ILE Q 2 -70.20 -39.15 -25.92
C ILE Q 2 -69.28 -38.34 -25.02
N GLN Q 3 -69.85 -37.75 -23.97
CA GLN Q 3 -69.09 -36.97 -23.01
C GLN Q 3 -69.40 -37.46 -21.60
N MET Q 4 -68.42 -37.34 -20.71
CA MET Q 4 -68.55 -37.85 -19.35
C MET Q 4 -68.04 -36.82 -18.36
N THR Q 5 -68.69 -36.76 -17.20
CA THR Q 5 -68.30 -35.88 -16.11
C THR Q 5 -67.87 -36.74 -14.92
N GLN Q 6 -66.73 -36.38 -14.33
CA GLN Q 6 -66.08 -37.20 -13.31
C GLN Q 6 -66.29 -36.66 -11.90
N SER Q 7 -67.31 -35.83 -11.70
CA SER Q 7 -67.71 -35.32 -10.39
C SER Q 7 -66.61 -34.48 -9.75
N PRO Q 8 -66.12 -34.87 -8.58
CA PRO Q 8 -65.22 -33.99 -7.82
C PRO Q 8 -63.92 -33.74 -8.55
N SER Q 9 -63.63 -32.47 -8.82
CA SER Q 9 -62.40 -32.07 -9.47
C SER Q 9 -61.21 -31.99 -8.52
N SER Q 10 -61.45 -32.13 -7.21
CA SER Q 10 -60.39 -32.14 -6.21
C SER Q 10 -60.98 -32.71 -4.93
N LEU Q 11 -60.11 -33.30 -4.11
CA LEU Q 11 -60.54 -33.93 -2.87
C LEU Q 11 -59.45 -33.84 -1.82
N SER Q 12 -59.87 -33.81 -0.56
CA SER Q 12 -58.97 -33.80 0.58
C SER Q 12 -59.07 -35.14 1.30
N ALA Q 13 -57.92 -35.77 1.55
CA ALA Q 13 -57.87 -37.11 2.10
C ALA Q 13 -57.27 -37.08 3.50
N SER Q 14 -57.82 -37.93 4.38
CA SER Q 14 -57.29 -38.02 5.74
C SER Q 14 -55.94 -38.71 5.76
N VAL Q 15 -55.69 -39.59 4.78
CA VAL Q 15 -54.53 -40.49 4.72
C VAL Q 15 -54.72 -41.63 5.69
N GLY Q 16 -55.97 -41.86 6.11
CA GLY Q 16 -56.31 -42.98 6.97
C GLY Q 16 -57.79 -43.30 6.95
N ASP Q 17 -58.49 -42.71 5.98
CA ASP Q 17 -59.92 -42.88 5.84
C ASP Q 17 -60.24 -43.24 4.39
N ARG Q 18 -61.50 -43.60 4.16
CA ARG Q 18 -61.96 -43.98 2.83
C ARG Q 18 -62.42 -42.74 2.05
N VAL Q 19 -62.42 -42.88 0.73
CA VAL Q 19 -62.84 -41.81 -0.17
C VAL Q 19 -63.74 -42.41 -1.25
N SER Q 20 -64.46 -41.53 -1.95
CA SER Q 20 -65.40 -41.97 -2.97
C SER Q 20 -65.61 -40.84 -3.97
N MET Q 21 -65.74 -41.23 -5.25
CA MET Q 21 -65.98 -40.29 -6.33
C MET Q 21 -66.98 -40.90 -7.30
N THR Q 22 -67.41 -40.10 -8.27
CA THR Q 22 -68.41 -40.51 -9.24
C THR Q 22 -67.91 -40.22 -10.65
N CYS Q 23 -68.64 -40.72 -11.64
CA CYS Q 23 -68.30 -40.49 -13.05
C CYS Q 23 -69.56 -40.74 -13.86
N ARG Q 24 -70.26 -39.67 -14.22
CA ARG Q 24 -71.51 -39.76 -14.94
C ARG Q 24 -71.27 -39.83 -16.44
N ALA Q 25 -72.23 -40.44 -17.15
CA ALA Q 25 -72.17 -40.59 -18.59
C ALA Q 25 -73.41 -39.97 -19.23
N SER Q 26 -73.25 -39.53 -20.48
CA SER Q 26 -74.34 -38.87 -21.19
C SER Q 26 -75.46 -39.84 -21.58
N GLN Q 27 -75.18 -41.14 -21.53
CA GLN Q 27 -76.19 -42.15 -21.87
C GLN Q 27 -75.87 -43.43 -21.12
N ILE Q 28 -76.80 -44.37 -21.19
CA ILE Q 28 -76.59 -45.68 -20.59
C ILE Q 28 -75.47 -46.38 -21.34
N ILE Q 29 -74.40 -46.74 -20.61
CA ILE Q 29 -73.22 -47.34 -21.20
C ILE Q 29 -72.95 -48.74 -20.62
N SER Q 30 -73.97 -49.35 -20.01
CA SER Q 30 -73.89 -50.70 -19.43
C SER Q 30 -72.76 -50.67 -18.39
N SER Q 31 -71.82 -51.61 -18.40
CA SER Q 31 -70.73 -51.62 -17.45
C SER Q 31 -69.39 -51.38 -18.13
N SER Q 32 -69.40 -50.68 -19.27
CA SER Q 32 -68.20 -50.52 -20.10
C SER Q 32 -67.49 -49.21 -19.78
N LEU Q 33 -67.07 -49.09 -18.51
CA LEU Q 33 -66.28 -47.97 -18.03
C LEU Q 33 -65.03 -48.50 -17.36
N ASN Q 34 -63.97 -47.69 -17.36
CA ASN Q 34 -62.69 -48.08 -16.79
C ASN Q 34 -62.05 -46.89 -16.10
N TRP Q 35 -61.22 -47.19 -15.10
CA TRP Q 35 -60.55 -46.18 -14.30
C TRP Q 35 -59.03 -46.33 -14.45
N TYR Q 36 -58.34 -45.19 -14.46
CA TYR Q 36 -56.90 -45.16 -14.62
C TYR Q 36 -56.27 -44.30 -13.53
N GLN Q 37 -55.03 -44.63 -13.18
CA GLN Q 37 -54.27 -43.90 -12.17
C GLN Q 37 -53.00 -43.38 -12.82
N GLN Q 38 -52.82 -42.05 -12.81
CA GLN Q 38 -51.64 -41.41 -13.39
C GLN Q 38 -50.91 -40.65 -12.30
N LYS Q 39 -49.70 -41.10 -11.98
CA LYS Q 39 -48.84 -40.34 -11.09
C LYS Q 39 -48.29 -39.12 -11.84
N PRO Q 40 -48.03 -38.02 -11.13
CA PRO Q 40 -47.51 -36.81 -11.80
C PRO Q 40 -46.18 -37.08 -12.46
N GLY Q 41 -46.17 -37.00 -13.79
CA GLY Q 41 -44.96 -37.17 -14.57
C GLY Q 41 -44.65 -38.59 -14.98
N LYS Q 42 -45.64 -39.48 -14.97
CA LYS Q 42 -45.44 -40.87 -15.37
C LYS Q 42 -46.64 -41.34 -16.19
N ALA Q 43 -46.52 -42.55 -16.73
CA ALA Q 43 -47.55 -43.11 -17.59
C ALA Q 43 -48.72 -43.63 -16.77
N PRO Q 44 -49.94 -43.51 -17.29
CA PRO Q 44 -51.11 -44.02 -16.57
C PRO Q 44 -51.14 -45.54 -16.56
N LYS Q 45 -51.83 -46.09 -15.56
CA LYS Q 45 -51.98 -47.52 -15.39
C LYS Q 45 -53.46 -47.83 -15.14
N LEU Q 46 -53.98 -48.83 -15.87
CA LEU Q 46 -55.37 -49.24 -15.68
C LEU Q 46 -55.53 -49.96 -14.35
N LEU Q 47 -56.46 -49.49 -13.54
CA LEU Q 47 -56.73 -50.06 -12.22
C LEU Q 47 -58.06 -50.81 -12.14
N ILE Q 48 -59.10 -50.29 -12.78
CA ILE Q 48 -60.42 -50.91 -12.75
C ILE Q 48 -60.82 -51.24 -14.19
N TYR Q 49 -61.23 -52.50 -14.40
CA TYR Q 49 -61.68 -52.98 -15.70
C TYR Q 49 -63.15 -53.34 -15.60
N ALA Q 50 -63.93 -52.93 -16.61
CA ALA Q 50 -65.36 -53.21 -16.71
C ALA Q 50 -66.04 -52.68 -15.45
N ALA Q 51 -66.68 -53.52 -14.62
CA ALA Q 51 -67.38 -53.06 -13.43
C ALA Q 51 -66.92 -53.91 -12.24
N SER Q 52 -66.18 -53.31 -11.32
CA SER Q 52 -65.74 -53.96 -10.09
C SER Q 52 -64.92 -55.22 -10.39
N ASN Q 53 -64.11 -55.16 -11.46
CA ASN Q 53 -63.21 -56.24 -11.83
C ASN Q 53 -61.79 -55.68 -11.76
N LEU Q 54 -61.19 -55.75 -10.59
CA LEU Q 54 -59.85 -55.20 -10.38
C LEU Q 54 -58.83 -55.97 -11.19
N GLN Q 55 -58.02 -55.25 -11.96
CA GLN Q 55 -56.96 -55.88 -12.72
C GLN Q 55 -55.86 -56.39 -11.79
N SER Q 56 -54.97 -57.21 -12.34
CA SER Q 56 -53.90 -57.79 -11.56
C SER Q 56 -52.90 -56.71 -11.14
N GLY Q 57 -52.48 -56.75 -9.88
CA GLY Q 57 -51.53 -55.81 -9.33
C GLY Q 57 -52.15 -54.76 -8.42
N VAL Q 58 -53.47 -54.57 -8.48
CA VAL Q 58 -54.14 -53.58 -7.65
C VAL Q 58 -54.43 -54.19 -6.27
N PRO Q 59 -54.19 -53.46 -5.18
CA PRO Q 59 -54.50 -53.99 -3.86
C PRO Q 59 -55.99 -54.18 -3.66
N SER Q 60 -56.33 -54.91 -2.60
CA SER Q 60 -57.73 -55.23 -2.31
C SER Q 60 -58.51 -54.04 -1.76
N ARG Q 61 -57.88 -52.89 -1.56
CA ARG Q 61 -58.59 -51.73 -1.04
C ARG Q 61 -59.55 -51.15 -2.07
N PHE Q 62 -59.13 -51.13 -3.34
CA PHE Q 62 -59.96 -50.55 -4.39
C PHE Q 62 -61.20 -51.41 -4.64
N SER Q 63 -62.23 -50.76 -5.17
CA SER Q 63 -63.49 -51.43 -5.50
C SER Q 63 -64.13 -50.69 -6.68
N GLY Q 64 -65.35 -51.08 -7.01
CA GLY Q 64 -66.05 -50.45 -8.11
C GLY Q 64 -67.54 -50.73 -8.04
N SER Q 65 -68.32 -49.82 -8.62
CA SER Q 65 -69.76 -49.96 -8.67
C SER Q 65 -70.29 -49.15 -9.84
N GLY Q 66 -71.36 -49.64 -10.46
CA GLY Q 66 -71.94 -48.96 -11.59
C GLY Q 66 -73.12 -49.74 -12.14
N SER Q 67 -73.88 -49.07 -13.02
CA SER Q 67 -75.03 -49.72 -13.64
C SER Q 67 -75.43 -49.10 -14.96
N GLY Q 68 -74.57 -48.32 -15.61
CA GLY Q 68 -74.91 -47.69 -16.86
C GLY Q 68 -75.03 -46.19 -16.75
N THR Q 69 -75.85 -45.72 -15.80
CA THR Q 69 -76.05 -44.29 -15.63
C THR Q 69 -74.82 -43.62 -15.05
N ASP Q 70 -74.42 -44.03 -13.85
CA ASP Q 70 -73.26 -43.44 -13.18
C ASP Q 70 -72.49 -44.54 -12.46
N PHE Q 71 -71.19 -44.34 -12.34
CA PHE Q 71 -70.32 -45.31 -11.70
C PHE Q 71 -69.55 -44.65 -10.56
N THR Q 72 -69.00 -45.49 -9.69
CA THR Q 72 -68.23 -45.02 -8.55
C THR Q 72 -66.96 -45.85 -8.44
N LEU Q 73 -66.00 -45.34 -7.67
CA LEU Q 73 -64.76 -46.04 -7.41
C LEU Q 73 -64.19 -45.70 -6.04
N THR Q 74 -64.67 -46.34 -4.99
CA THR Q 74 -64.25 -46.01 -3.64
C THR Q 74 -63.05 -46.85 -3.21
N ILE Q 75 -62.17 -46.25 -2.41
CA ILE Q 75 -61.02 -46.93 -1.84
C ILE Q 75 -61.31 -47.25 -0.38
N SER Q 76 -60.92 -48.45 0.05
CA SER Q 76 -61.22 -48.88 1.42
C SER Q 76 -60.45 -48.02 2.43
N SER Q 77 -59.15 -47.90 2.26
CA SER Q 77 -58.33 -47.10 3.16
C SER Q 77 -57.19 -46.50 2.35
N LEU Q 78 -57.15 -45.17 2.27
CA LEU Q 78 -56.15 -44.50 1.46
C LEU Q 78 -54.75 -44.70 2.02
N GLN Q 79 -53.82 -45.08 1.16
CA GLN Q 79 -52.42 -45.25 1.50
C GLN Q 79 -51.59 -44.11 0.94
N PRO Q 80 -50.38 -43.88 1.47
CA PRO Q 80 -49.53 -42.81 0.91
C PRO Q 80 -49.20 -42.99 -0.56
N GLU Q 81 -49.22 -44.22 -1.08
CA GLU Q 81 -48.94 -44.46 -2.49
C GLU Q 81 -50.18 -44.35 -3.36
N ASP Q 82 -51.26 -43.74 -2.86
CA ASP Q 82 -52.50 -43.60 -3.61
C ASP Q 82 -52.74 -42.17 -4.08
N PHE Q 83 -51.78 -41.28 -3.89
CA PHE Q 83 -51.92 -39.89 -4.29
C PHE Q 83 -51.59 -39.77 -5.78
N ALA Q 84 -52.61 -39.66 -6.61
CA ALA Q 84 -52.43 -39.54 -8.06
C ALA Q 84 -53.71 -39.01 -8.67
N THR Q 85 -53.57 -38.49 -9.90
CA THR Q 85 -54.72 -37.99 -10.65
C THR Q 85 -55.42 -39.16 -11.34
N TYR Q 86 -56.67 -39.41 -10.95
CA TYR Q 86 -57.44 -40.53 -11.47
C TYR Q 86 -58.35 -40.07 -12.61
N TYR Q 87 -58.57 -40.96 -13.57
CA TYR Q 87 -59.41 -40.70 -14.72
C TYR Q 87 -60.35 -41.87 -14.95
N CYS Q 88 -61.60 -41.58 -15.32
CA CYS Q 88 -62.56 -42.60 -15.68
C CYS Q 88 -62.80 -42.56 -17.18
N GLN Q 89 -62.69 -43.72 -17.81
CA GLN Q 89 -62.90 -43.85 -19.24
C GLN Q 89 -64.13 -44.70 -19.52
N GLN Q 90 -64.63 -44.61 -20.75
CA GLN Q 90 -65.79 -45.38 -21.17
C GLN Q 90 -65.56 -45.86 -22.59
N SER Q 91 -65.74 -47.16 -22.81
CA SER Q 91 -65.59 -47.74 -24.14
C SER Q 91 -66.80 -47.43 -24.99
N TYR Q 92 -67.52 -48.48 -25.41
CA TYR Q 92 -68.76 -48.34 -26.19
C TYR Q 92 -68.52 -47.53 -27.47
N SER Q 93 -67.42 -47.82 -28.14
CA SER Q 93 -67.06 -47.11 -29.37
C SER Q 93 -66.07 -47.92 -30.21
N PHE Q 100 -65.11 -41.29 -23.02
CA PHE Q 100 -63.68 -41.13 -22.80
C PHE Q 100 -63.36 -39.81 -22.10
N GLY Q 101 -62.27 -39.82 -21.34
CA GLY Q 101 -61.84 -38.63 -20.62
C GLY Q 101 -62.56 -38.45 -19.30
N GLY Q 102 -61.96 -37.62 -18.46
CA GLY Q 102 -62.56 -37.31 -17.17
C GLY Q 102 -61.58 -36.57 -16.28
N GLY Q 103 -61.78 -36.71 -14.98
CA GLY Q 103 -60.97 -36.02 -14.01
C GLY Q 103 -61.04 -36.69 -12.66
N THR Q 104 -60.79 -35.89 -11.61
CA THR Q 104 -60.74 -36.23 -10.18
C THR Q 104 -59.30 -36.47 -9.73
N LYS Q 105 -58.89 -35.73 -8.70
CA LYS Q 105 -57.51 -35.75 -8.20
C LYS Q 105 -57.54 -35.62 -6.68
N VAL Q 106 -56.75 -36.46 -6.01
CA VAL Q 106 -56.76 -36.59 -4.56
C VAL Q 106 -55.47 -36.01 -4.00
N GLU Q 107 -55.62 -35.04 -3.11
CA GLU Q 107 -54.49 -34.44 -2.39
C GLU Q 107 -54.55 -34.80 -0.91
N ILE Q 108 -53.49 -34.44 -0.19
CA ILE Q 108 -53.40 -34.71 1.23
C ILE Q 108 -54.11 -33.59 1.99
N LYS Q 109 -54.13 -33.69 3.32
CA LYS Q 109 -54.78 -32.72 4.17
C LYS Q 109 -53.80 -32.19 5.20
N ARG Q 110 -53.78 -30.88 5.40
CA ARG Q 110 -52.91 -30.26 6.38
C ARG Q 110 -53.73 -29.55 7.45
N THR Q 111 -53.11 -28.64 8.19
CA THR Q 111 -53.76 -27.92 9.28
C THR Q 111 -54.29 -26.56 8.83
N VAL Q 112 -54.48 -26.36 7.53
CA VAL Q 112 -54.97 -25.10 6.97
C VAL Q 112 -54.06 -23.96 7.42
N ALA Q 113 -52.80 -24.02 7.01
CA ALA Q 113 -51.82 -23.02 7.42
C ALA Q 113 -52.03 -21.71 6.67
N ALA Q 114 -51.66 -20.62 7.33
CA ALA Q 114 -51.78 -19.29 6.73
C ALA Q 114 -50.55 -18.99 5.86
N PRO Q 115 -50.74 -18.36 4.71
CA PRO Q 115 -49.60 -18.09 3.82
C PRO Q 115 -48.69 -17.00 4.38
N SER Q 116 -47.42 -17.09 4.00
CA SER Q 116 -46.42 -16.08 4.34
C SER Q 116 -46.10 -15.33 3.03
N VAL Q 117 -46.79 -14.22 2.82
CA VAL Q 117 -46.69 -13.49 1.56
C VAL Q 117 -45.42 -12.65 1.55
N PHE Q 118 -44.72 -12.69 0.42
CA PHE Q 118 -43.53 -11.88 0.20
C PHE Q 118 -43.67 -11.14 -1.11
N ILE Q 119 -42.87 -10.08 -1.26
CA ILE Q 119 -42.89 -9.25 -2.46
C ILE Q 119 -41.49 -9.16 -3.03
N PHE Q 120 -41.41 -9.01 -4.36
CA PHE Q 120 -40.12 -8.94 -5.05
C PHE Q 120 -40.18 -7.88 -6.15
N PRO Q 121 -39.40 -6.82 -6.05
CA PRO Q 121 -39.40 -5.79 -7.10
C PRO Q 121 -38.52 -6.20 -8.27
N PRO Q 122 -38.66 -5.54 -9.42
CA PRO Q 122 -37.78 -5.85 -10.55
C PRO Q 122 -36.34 -5.43 -10.26
N SER Q 123 -35.42 -6.05 -11.00
CA SER Q 123 -34.00 -5.84 -10.79
C SER Q 123 -33.49 -4.72 -11.69
N ASP Q 124 -32.17 -4.46 -11.61
CA ASP Q 124 -31.59 -3.40 -12.41
C ASP Q 124 -31.42 -3.82 -13.87
N GLU Q 125 -31.20 -5.10 -14.12
CA GLU Q 125 -31.06 -5.58 -15.49
C GLU Q 125 -32.37 -5.51 -16.25
N GLN Q 126 -33.49 -5.73 -15.56
CA GLN Q 126 -34.79 -5.66 -16.22
C GLN Q 126 -35.19 -4.21 -16.51
N LEU Q 127 -34.77 -3.27 -15.66
CA LEU Q 127 -35.11 -1.87 -15.87
C LEU Q 127 -34.35 -1.29 -17.05
N LYS Q 128 -33.11 -1.73 -17.26
CA LYS Q 128 -32.33 -1.23 -18.39
C LYS Q 128 -32.84 -1.78 -19.72
N SER Q 129 -33.40 -2.99 -19.71
CA SER Q 129 -33.95 -3.57 -20.93
C SER Q 129 -35.30 -2.98 -21.32
N GLY Q 130 -36.04 -2.43 -20.37
CA GLY Q 130 -37.33 -1.85 -20.64
C GLY Q 130 -38.52 -2.71 -20.28
N THR Q 131 -38.32 -3.81 -19.55
CA THR Q 131 -39.39 -4.71 -19.16
C THR Q 131 -39.60 -4.64 -17.65
N ALA Q 132 -40.86 -4.69 -17.24
CA ALA Q 132 -41.23 -4.65 -15.83
C ALA Q 132 -41.51 -6.06 -15.33
N SER Q 133 -40.90 -6.41 -14.20
CA SER Q 133 -41.05 -7.74 -13.59
C SER Q 133 -41.34 -7.56 -12.11
N VAL Q 134 -42.61 -7.31 -11.79
CA VAL Q 134 -43.07 -7.15 -10.42
C VAL Q 134 -43.94 -8.35 -10.08
N VAL Q 135 -43.60 -9.04 -8.99
CA VAL Q 135 -44.30 -10.27 -8.61
C VAL Q 135 -44.20 -10.44 -7.10
N CYS Q 136 -45.35 -10.64 -6.45
CA CYS Q 136 -45.39 -11.00 -5.05
C CYS Q 136 -45.61 -12.50 -4.92
N LEU Q 137 -44.87 -13.13 -4.01
CA LEU Q 137 -44.81 -14.58 -3.92
C LEU Q 137 -45.28 -15.05 -2.57
N LEU Q 138 -46.01 -16.17 -2.56
CA LEU Q 138 -46.40 -16.88 -1.36
C LEU Q 138 -45.44 -18.04 -1.12
N ASN Q 139 -45.56 -18.67 0.05
CA ASN Q 139 -44.65 -19.76 0.40
C ASN Q 139 -45.29 -20.62 1.49
N ASN Q 140 -45.39 -21.92 1.22
CA ASN Q 140 -45.85 -22.91 2.18
C ASN Q 140 -47.21 -22.56 2.78
N PHE Q 141 -48.27 -22.80 2.03
CA PHE Q 141 -49.63 -22.51 2.48
C PHE Q 141 -50.55 -23.65 2.10
N TYR Q 142 -51.74 -23.64 2.70
CA TYR Q 142 -52.74 -24.69 2.47
C TYR Q 142 -54.09 -24.15 2.91
N PRO Q 143 -55.16 -24.37 2.13
CA PRO Q 143 -55.15 -25.09 0.85
C PRO Q 143 -54.80 -24.19 -0.34
N ARG Q 144 -54.82 -24.78 -1.54
CA ARG Q 144 -54.46 -24.03 -2.74
C ARG Q 144 -55.45 -22.90 -3.03
N GLU Q 145 -56.74 -23.14 -2.79
CA GLU Q 145 -57.80 -22.21 -3.13
C GLU Q 145 -57.56 -20.82 -2.55
N ALA Q 146 -56.93 -19.95 -3.32
CA ALA Q 146 -56.63 -18.59 -2.89
C ALA Q 146 -56.88 -17.63 -4.06
N LYS Q 147 -57.14 -16.37 -3.70
CA LYS Q 147 -57.39 -15.31 -4.68
C LYS Q 147 -56.47 -14.15 -4.37
N VAL Q 148 -55.59 -13.82 -5.31
CA VAL Q 148 -54.62 -12.74 -5.17
C VAL Q 148 -55.06 -11.59 -6.05
N GLN Q 149 -55.28 -10.42 -5.44
CA GLN Q 149 -55.68 -9.22 -6.15
C GLN Q 149 -54.46 -8.36 -6.40
N TRP Q 150 -54.31 -7.89 -7.64
CA TRP Q 150 -53.17 -7.08 -8.05
C TRP Q 150 -53.58 -5.61 -8.05
N LYS Q 151 -52.84 -4.78 -7.30
CA LYS Q 151 -53.14 -3.36 -7.18
C LYS Q 151 -51.89 -2.55 -7.48
N VAL Q 152 -52.05 -1.49 -8.27
CA VAL Q 152 -50.97 -0.58 -8.64
C VAL Q 152 -51.41 0.83 -8.27
N ASP Q 153 -50.82 1.38 -7.22
CA ASP Q 153 -51.19 2.71 -6.71
C ASP Q 153 -52.68 2.76 -6.35
N ASN Q 154 -53.11 1.80 -5.54
CA ASN Q 154 -54.50 1.70 -5.09
C ASN Q 154 -55.46 1.58 -6.28
N ALA Q 155 -55.05 0.85 -7.30
CA ALA Q 155 -55.88 0.61 -8.48
C ALA Q 155 -55.77 -0.84 -8.88
N LEU Q 156 -56.90 -1.55 -8.84
CA LEU Q 156 -56.90 -2.98 -9.14
C LEU Q 156 -56.73 -3.21 -10.63
N GLN Q 157 -55.61 -3.85 -11.01
CA GLN Q 157 -55.34 -4.18 -12.40
C GLN Q 157 -55.80 -5.60 -12.69
N SER Q 158 -56.34 -5.82 -13.88
CA SER Q 158 -56.86 -7.11 -14.29
C SER Q 158 -56.23 -7.52 -15.61
N GLY Q 159 -55.96 -8.82 -15.75
CA GLY Q 159 -55.39 -9.35 -16.97
C GLY Q 159 -53.95 -8.97 -17.24
N ASN Q 160 -53.25 -8.43 -16.25
CA ASN Q 160 -51.86 -8.02 -16.41
C ASN Q 160 -50.89 -8.92 -15.66
N SER Q 161 -51.36 -10.03 -15.10
CA SER Q 161 -50.50 -10.92 -14.34
C SER Q 161 -50.94 -12.36 -14.55
N GLN Q 162 -50.00 -13.28 -14.34
CA GLN Q 162 -50.25 -14.71 -14.44
C GLN Q 162 -49.69 -15.41 -13.21
N GLU Q 163 -50.45 -16.36 -12.68
CA GLU Q 163 -50.09 -17.06 -11.46
C GLU Q 163 -49.70 -18.50 -11.76
N SER Q 164 -48.87 -19.06 -10.88
CA SER Q 164 -48.43 -20.44 -11.00
C SER Q 164 -48.26 -21.02 -9.60
N VAL Q 165 -48.96 -22.12 -9.32
CA VAL Q 165 -48.94 -22.77 -8.01
C VAL Q 165 -48.19 -24.09 -8.13
N THR Q 166 -47.34 -24.36 -7.14
CA THR Q 166 -46.59 -25.59 -7.09
C THR Q 166 -47.41 -26.70 -6.42
N GLU Q 167 -47.02 -27.94 -6.69
CA GLU Q 167 -47.72 -29.08 -6.11
C GLU Q 167 -47.46 -29.15 -4.59
N GLN Q 168 -48.28 -29.95 -3.93
CA GLN Q 168 -48.15 -30.12 -2.48
C GLN Q 168 -46.80 -30.73 -2.14
N ASP Q 169 -46.18 -30.22 -1.07
CA ASP Q 169 -44.86 -30.68 -0.67
C ASP Q 169 -44.91 -32.15 -0.27
N SER Q 170 -43.76 -32.83 -0.43
CA SER Q 170 -43.68 -34.25 -0.11
C SER Q 170 -43.74 -34.51 1.40
N LYS Q 171 -43.48 -33.50 2.22
CA LYS Q 171 -43.49 -33.69 3.68
C LYS Q 171 -44.27 -32.58 4.37
N ASP Q 172 -44.19 -31.36 3.83
CA ASP Q 172 -44.87 -30.23 4.46
C ASP Q 172 -46.36 -30.19 4.15
N SER Q 173 -46.79 -30.80 3.05
CA SER Q 173 -48.20 -30.79 2.64
C SER Q 173 -48.72 -29.37 2.48
N THR Q 174 -47.87 -28.48 1.97
CA THR Q 174 -48.22 -27.08 1.77
C THR Q 174 -47.80 -26.66 0.38
N TYR Q 175 -48.69 -25.94 -0.31
CA TYR Q 175 -48.44 -25.50 -1.67
C TYR Q 175 -47.74 -24.14 -1.66
N SER Q 176 -47.45 -23.63 -2.86
CA SER Q 176 -46.79 -22.33 -3.00
C SER Q 176 -47.21 -21.73 -4.34
N LEU Q 177 -47.76 -20.53 -4.31
CA LEU Q 177 -48.22 -19.84 -5.51
C LEU Q 177 -47.40 -18.58 -5.74
N SER Q 178 -47.42 -18.11 -6.98
CA SER Q 178 -46.65 -16.92 -7.36
C SER Q 178 -47.30 -16.29 -8.58
N SER Q 179 -47.74 -15.04 -8.44
CA SER Q 179 -48.36 -14.29 -9.53
C SER Q 179 -47.38 -13.24 -10.02
N THR Q 180 -47.05 -13.29 -11.31
CA THR Q 180 -46.08 -12.38 -11.92
C THR Q 180 -46.79 -11.48 -12.92
N LEU Q 181 -46.57 -10.17 -12.76
CA LEU Q 181 -47.18 -9.17 -13.63
C LEU Q 181 -46.15 -8.60 -14.59
N THR Q 182 -46.64 -7.99 -15.67
CA THR Q 182 -45.80 -7.39 -16.69
C THR Q 182 -46.42 -6.09 -17.16
N LEU Q 183 -45.59 -5.06 -17.28
CA LEU Q 183 -46.03 -3.75 -17.72
C LEU Q 183 -44.95 -3.14 -18.62
N SER Q 184 -45.23 -1.93 -19.11
CA SER Q 184 -44.30 -1.24 -20.00
C SER Q 184 -43.14 -0.66 -19.20
N LYS Q 185 -42.18 -0.07 -19.92
CA LYS Q 185 -41.03 0.54 -19.26
C LYS Q 185 -41.42 1.78 -18.47
N ALA Q 186 -42.06 2.74 -19.14
CA ALA Q 186 -42.52 3.94 -18.46
C ALA Q 186 -43.69 3.64 -17.53
N ASP Q 187 -44.49 2.62 -17.86
CA ASP Q 187 -45.63 2.28 -17.01
C ASP Q 187 -45.19 1.74 -15.66
N TYR Q 188 -43.98 1.16 -15.59
CA TYR Q 188 -43.49 0.66 -14.31
C TYR Q 188 -43.17 1.81 -13.36
N GLU Q 189 -42.76 2.96 -13.88
CA GLU Q 189 -42.48 4.14 -13.07
C GLU Q 189 -43.58 5.17 -13.14
N LYS Q 190 -44.68 4.88 -13.85
CA LYS Q 190 -45.79 5.82 -13.96
C LYS Q 190 -46.72 5.81 -12.76
N HIS Q 191 -46.53 4.89 -11.82
CA HIS Q 191 -47.37 4.81 -10.64
C HIS Q 191 -46.53 4.43 -9.44
N LYS Q 192 -47.08 4.66 -8.25
CA LYS Q 192 -46.39 4.34 -7.00
C LYS Q 192 -47.20 3.36 -6.16
N TYR Q 194 -47.22 0.12 -5.36
CA TYR Q 194 -47.49 -1.25 -5.75
C TYR Q 194 -47.67 -2.15 -4.55
N ALA Q 195 -48.76 -2.91 -4.53
CA ALA Q 195 -49.05 -3.83 -3.43
C ALA Q 195 -50.06 -4.87 -3.91
N CYS Q 196 -49.89 -6.09 -3.42
CA CYS Q 196 -50.80 -7.19 -3.74
C CYS Q 196 -51.43 -7.70 -2.45
N GLU Q 197 -52.71 -8.07 -2.54
CA GLU Q 197 -53.45 -8.60 -1.41
C GLU Q 197 -54.03 -9.95 -1.77
N VAL Q 198 -54.10 -10.84 -0.77
CA VAL Q 198 -54.58 -12.21 -0.96
C VAL Q 198 -55.63 -12.51 0.10
N THR Q 199 -56.80 -12.96 -0.34
CA THR Q 199 -57.88 -13.36 0.56
C THR Q 199 -57.83 -14.88 0.71
N HIS Q 200 -57.43 -15.34 1.89
CA HIS Q 200 -57.27 -16.76 2.16
C HIS Q 200 -57.93 -17.11 3.49
N GLN Q 201 -58.30 -18.39 3.63
CA GLN Q 201 -58.95 -18.84 4.86
C GLN Q 201 -57.99 -18.80 6.05
N GLY Q 202 -56.69 -19.02 5.80
CA GLY Q 202 -55.73 -19.03 6.89
C GLY Q 202 -55.56 -17.68 7.55
N LEU Q 203 -55.82 -16.61 6.83
CA LEU Q 203 -55.70 -15.25 7.35
C LEU Q 203 -57.09 -14.76 7.76
N SER Q 204 -57.17 -14.18 8.97
CA SER Q 204 -58.44 -13.65 9.44
C SER Q 204 -58.91 -12.47 8.60
N SER Q 205 -57.97 -11.59 8.23
CA SER Q 205 -58.25 -10.46 7.37
C SER Q 205 -57.35 -10.48 6.15
N PRO Q 206 -57.82 -9.99 5.00
CA PRO Q 206 -56.98 -9.96 3.80
C PRO Q 206 -55.71 -9.14 4.00
N VAL Q 207 -54.56 -9.80 4.05
CA VAL Q 207 -53.30 -9.11 4.28
C VAL Q 207 -52.80 -8.50 2.97
N THR Q 208 -51.86 -7.57 3.10
CA THR Q 208 -51.26 -6.91 1.95
C THR Q 208 -49.82 -6.53 2.28
N LYS Q 209 -49.06 -6.22 1.25
CA LYS Q 209 -47.66 -5.85 1.41
C LYS Q 209 -47.22 -5.02 0.22
N SER Q 210 -46.47 -3.96 0.48
CA SER Q 210 -45.99 -3.06 -0.56
C SER Q 210 -44.46 -3.04 -0.59
N PRO R 1 -94.88 -65.11 -15.66
CA PRO R 1 -95.23 -64.62 -14.33
C PRO R 1 -94.20 -65.02 -13.27
N LEU R 2 -93.01 -65.43 -13.72
CA LEU R 2 -91.92 -65.79 -12.84
C LEU R 2 -90.71 -64.93 -13.16
N ILE R 3 -89.87 -64.72 -12.15
CA ILE R 3 -88.69 -63.87 -12.27
C ILE R 3 -87.50 -64.56 -11.64
N LEU R 4 -86.38 -64.61 -12.37
CA LEU R 4 -85.15 -65.17 -11.82
C LEU R 4 -84.73 -64.35 -10.61
N ARG R 5 -84.54 -65.04 -9.48
CA ARG R 5 -84.10 -64.38 -8.26
C ARG R 5 -82.66 -63.92 -8.39
N ASP R 6 -82.44 -62.88 -9.20
CA ASP R 6 -81.20 -62.13 -9.38
C ASP R 6 -80.21 -62.81 -10.31
N CYS R 7 -80.47 -64.03 -10.77
CA CYS R 7 -79.52 -64.68 -11.66
C CYS R 7 -79.65 -64.13 -13.07
N SER R 8 -78.58 -64.29 -13.84
CA SER R 8 -78.47 -63.66 -15.16
C SER R 8 -79.63 -64.07 -16.07
N VAL R 9 -80.09 -63.11 -16.87
CA VAL R 9 -81.12 -63.41 -17.88
C VAL R 9 -80.68 -64.54 -18.79
N ALA R 10 -79.37 -64.71 -18.99
CA ALA R 10 -78.84 -65.83 -19.76
C ALA R 10 -77.85 -66.66 -18.92
N GLY R 11 -78.07 -66.73 -17.62
CA GLY R 11 -77.17 -67.44 -16.73
C GLY R 11 -77.85 -68.58 -15.99
N TRP R 12 -79.15 -68.42 -15.70
CA TRP R 12 -79.90 -69.49 -15.06
C TRP R 12 -79.97 -70.74 -15.92
N LEU R 13 -79.78 -70.60 -17.24
CA LEU R 13 -79.79 -71.77 -18.12
C LEU R 13 -78.55 -72.63 -17.90
N LEU R 14 -77.37 -72.00 -17.84
CA LEU R 14 -76.13 -72.74 -17.66
C LEU R 14 -76.03 -73.40 -16.29
N GLY R 15 -76.76 -72.90 -15.30
CA GLY R 15 -76.69 -73.47 -13.96
C GLY R 15 -75.57 -72.91 -13.14
N ASN R 16 -75.56 -71.59 -12.96
CA ASN R 16 -74.57 -70.95 -12.11
C ASN R 16 -74.70 -71.48 -10.69
N PRO R 17 -73.62 -71.92 -10.06
CA PRO R 17 -73.74 -72.49 -8.69
C PRO R 17 -74.34 -71.53 -7.68
N MET R 18 -74.30 -70.21 -7.93
CA MET R 18 -74.96 -69.27 -7.03
C MET R 18 -76.48 -69.34 -7.16
N CYS R 19 -76.99 -69.86 -8.27
CA CYS R 19 -78.43 -69.98 -8.45
C CYS R 19 -78.95 -71.28 -7.83
N ASP R 20 -80.26 -71.33 -7.66
CA ASP R 20 -80.93 -72.50 -7.11
C ASP R 20 -81.57 -73.32 -8.23
N VAL R 32 -89.95 -61.89 -17.94
CA VAL R 32 -89.11 -62.76 -17.12
C VAL R 32 -88.52 -61.95 -15.95
N GLU R 33 -88.62 -60.63 -16.06
CA GLU R 33 -88.25 -59.69 -14.99
C GLU R 33 -86.86 -60.01 -14.43
N LYS R 34 -85.88 -59.77 -15.29
CA LYS R 34 -84.46 -59.87 -14.98
C LYS R 34 -83.95 -58.44 -14.81
N ALA R 35 -83.90 -57.98 -13.56
CA ALA R 35 -83.57 -56.59 -13.23
C ALA R 35 -82.20 -56.18 -13.76
N ASN R 36 -81.14 -56.72 -13.18
CA ASN R 36 -79.80 -56.31 -13.58
C ASN R 36 -78.86 -57.49 -13.35
N PRO R 37 -77.60 -57.36 -13.73
CA PRO R 37 -76.68 -58.49 -13.61
C PRO R 37 -76.21 -58.70 -12.18
N VAL R 38 -76.94 -59.49 -11.39
CA VAL R 38 -76.58 -59.68 -9.99
C VAL R 38 -75.70 -60.92 -9.78
N ASN R 39 -75.76 -61.89 -10.70
CA ASN R 39 -74.90 -63.07 -10.62
C ASN R 39 -74.85 -63.77 -11.96
N ASP R 40 -74.07 -63.21 -12.89
CA ASP R 40 -74.10 -63.66 -14.27
C ASP R 40 -73.09 -64.77 -14.54
N LEU R 41 -72.23 -64.55 -15.53
CA LEU R 41 -71.31 -65.57 -15.99
C LEU R 41 -70.09 -65.61 -15.08
N CYS R 42 -69.86 -66.76 -14.45
CA CYS R 42 -68.69 -66.95 -13.60
C CYS R 42 -67.41 -66.63 -14.36
N TYR R 43 -67.21 -67.28 -15.48
CA TYR R 43 -66.15 -66.97 -16.44
C TYR R 43 -66.60 -65.87 -17.39
N PRO R 44 -65.76 -64.86 -17.66
CA PRO R 44 -66.19 -63.80 -18.58
C PRO R 44 -66.31 -64.32 -20.00
N GLY R 45 -67.36 -63.86 -20.69
CA GLY R 45 -67.62 -64.31 -22.04
C GLY R 45 -69.00 -63.92 -22.57
N ASP R 46 -69.15 -63.88 -23.89
CA ASP R 46 -70.40 -63.46 -24.50
C ASP R 46 -71.38 -64.63 -24.57
N PHE R 47 -72.46 -64.45 -25.33
CA PHE R 47 -73.47 -65.48 -25.49
C PHE R 47 -74.14 -65.19 -26.83
N ASN R 48 -73.71 -65.89 -27.87
CA ASN R 48 -74.13 -65.56 -29.24
C ASN R 48 -75.64 -65.71 -29.38
N ASP R 49 -76.25 -64.71 -30.04
CA ASP R 49 -77.69 -64.67 -30.26
C ASP R 49 -78.46 -64.72 -28.95
N TYR R 50 -78.01 -63.91 -27.98
CA TYR R 50 -78.69 -63.85 -26.69
C TYR R 50 -80.00 -63.08 -26.78
N GLU R 51 -80.11 -62.17 -27.75
CA GLU R 51 -81.36 -61.41 -27.89
C GLU R 51 -82.49 -62.30 -28.39
N GLU R 52 -82.21 -63.18 -29.34
CA GLU R 52 -83.23 -64.11 -29.81
C GLU R 52 -83.59 -65.14 -28.75
N LEU R 53 -82.62 -65.52 -27.92
CA LEU R 53 -82.89 -66.50 -26.86
C LEU R 53 -83.90 -65.97 -25.86
N LYS R 54 -83.89 -64.66 -25.58
CA LYS R 54 -84.87 -64.08 -24.68
C LYS R 54 -86.26 -64.06 -25.31
N HIS R 55 -86.33 -63.76 -26.61
CA HIS R 55 -87.62 -63.75 -27.30
C HIS R 55 -88.18 -65.16 -27.45
N LEU R 56 -87.31 -66.16 -27.59
CA LEU R 56 -87.77 -67.54 -27.71
C LEU R 56 -88.18 -68.12 -26.37
N LEU R 57 -87.59 -67.64 -25.27
CA LEU R 57 -87.91 -68.13 -23.94
C LEU R 57 -89.14 -67.44 -23.34
N SER R 58 -89.84 -66.62 -24.10
CA SER R 58 -91.03 -65.94 -23.61
C SER R 58 -92.26 -66.83 -23.72
N HIS R 62 -93.70 -75.59 -21.62
CA HIS R 62 -93.18 -76.56 -20.67
C HIS R 62 -91.66 -76.63 -20.74
N PHE R 63 -91.01 -76.66 -19.57
CA PHE R 63 -89.56 -76.73 -19.48
C PHE R 63 -89.18 -77.85 -18.51
N GLU R 64 -88.24 -78.69 -18.93
CA GLU R 64 -87.80 -79.82 -18.12
C GLU R 64 -86.34 -80.11 -18.41
N LYS R 65 -85.64 -80.63 -17.41
CA LYS R 65 -84.25 -80.99 -17.54
C LYS R 65 -84.11 -82.44 -17.99
N ILE R 66 -83.08 -82.70 -18.80
CA ILE R 66 -82.77 -84.04 -19.30
C ILE R 66 -81.27 -84.12 -19.55
N GLN R 67 -80.77 -85.33 -19.73
CA GLN R 67 -79.35 -85.58 -19.97
C GLN R 67 -79.11 -85.69 -21.47
N ILE R 68 -78.47 -84.65 -22.03
CA ILE R 68 -78.07 -84.72 -23.44
C ILE R 68 -76.93 -85.71 -23.60
N ILE R 69 -75.82 -85.46 -22.92
CA ILE R 69 -74.69 -86.37 -22.87
C ILE R 69 -74.42 -86.69 -21.40
N PRO R 70 -74.27 -87.95 -21.02
CA PRO R 70 -74.06 -88.28 -19.61
C PRO R 70 -72.75 -87.73 -19.08
N LYS R 71 -72.76 -87.37 -17.79
CA LYS R 71 -71.57 -86.81 -17.17
C LYS R 71 -70.45 -87.85 -17.06
N SER R 72 -70.81 -89.12 -16.94
CA SER R 72 -69.84 -90.20 -16.86
C SER R 72 -69.50 -90.80 -18.21
N SER R 73 -69.94 -90.17 -19.30
CA SER R 73 -69.68 -90.67 -20.65
C SER R 73 -68.32 -90.24 -21.19
N TRP R 74 -67.52 -89.54 -20.40
CA TRP R 74 -66.20 -89.08 -20.84
C TRP R 74 -65.12 -89.96 -20.22
N SER R 75 -65.07 -91.21 -20.69
CA SER R 75 -64.11 -92.17 -20.16
C SER R 75 -62.69 -91.88 -20.63
N SER R 76 -62.54 -91.33 -21.83
CA SER R 76 -61.22 -91.01 -22.37
C SER R 76 -60.76 -89.60 -22.04
N HIS R 77 -61.62 -88.77 -21.45
CA HIS R 77 -61.28 -87.40 -21.08
C HIS R 77 -61.41 -87.24 -19.57
N GLU R 78 -61.12 -86.02 -19.10
CA GLU R 78 -61.20 -85.67 -17.70
C GLU R 78 -62.20 -84.54 -17.51
N ALA R 79 -63.19 -84.75 -16.64
CA ALA R 79 -64.22 -83.76 -16.39
C ALA R 79 -64.32 -83.32 -14.94
N SER R 80 -63.85 -84.12 -13.99
CA SER R 80 -63.94 -83.75 -12.58
C SER R 80 -62.95 -82.67 -12.18
N LEU R 81 -61.90 -82.46 -12.97
CA LEU R 81 -60.86 -81.49 -12.65
C LEU R 81 -61.05 -80.17 -13.41
N GLY R 82 -62.31 -79.80 -13.68
CA GLY R 82 -62.58 -78.58 -14.41
C GLY R 82 -63.29 -77.51 -13.61
N VAL R 83 -62.52 -76.66 -12.93
CA VAL R 83 -63.07 -75.56 -12.15
C VAL R 83 -62.11 -74.39 -12.23
N SER R 84 -62.63 -73.20 -11.93
CA SER R 84 -61.84 -71.97 -12.02
C SER R 84 -62.06 -71.12 -10.79
N SER R 85 -60.99 -70.48 -10.32
CA SER R 85 -61.06 -69.68 -9.11
C SER R 85 -61.93 -68.45 -9.29
N ALA R 86 -62.09 -67.98 -10.53
CA ALA R 86 -62.95 -66.83 -10.79
C ALA R 86 -64.38 -67.11 -10.34
N CYS R 87 -64.94 -68.25 -10.75
CA CYS R 87 -66.24 -68.66 -10.27
C CYS R 87 -66.14 -69.07 -8.80
N PRO R 88 -67.27 -69.18 -8.11
CA PRO R 88 -67.21 -69.52 -6.68
C PRO R 88 -68.45 -70.24 -6.18
N TYR R 89 -68.25 -71.16 -5.24
CA TYR R 89 -69.32 -71.71 -4.41
C TYR R 89 -68.68 -72.07 -3.08
N GLN R 90 -68.93 -71.25 -2.06
CA GLN R 90 -68.49 -71.51 -0.69
C GLN R 90 -66.99 -71.83 -0.63
N GLY R 91 -66.20 -70.94 -1.22
CA GLY R 91 -64.76 -71.08 -1.20
C GLY R 91 -64.21 -71.97 -2.30
N LYS R 92 -64.62 -73.23 -2.29
CA LYS R 92 -64.14 -74.17 -3.30
C LYS R 92 -64.62 -73.78 -4.69
N SER R 93 -63.69 -73.74 -5.64
CA SER R 93 -64.02 -73.37 -7.00
C SER R 93 -64.88 -74.43 -7.67
N SER R 94 -65.72 -73.98 -8.61
CA SER R 94 -66.62 -74.88 -9.31
C SER R 94 -67.09 -74.22 -10.60
N PHE R 95 -67.57 -75.05 -11.51
CA PHE R 95 -68.11 -74.61 -12.78
C PHE R 95 -69.64 -74.70 -12.75
N PHE R 96 -70.27 -74.45 -13.90
CA PHE R 96 -71.73 -74.56 -13.99
C PHE R 96 -72.16 -76.02 -13.84
N ARG R 97 -73.39 -76.20 -13.36
CA ARG R 97 -73.90 -77.55 -13.12
C ARG R 97 -74.41 -78.22 -14.39
N ASN R 98 -74.93 -77.43 -15.33
CA ASN R 98 -75.50 -77.98 -16.55
C ASN R 98 -74.48 -78.13 -17.68
N VAL R 99 -73.26 -77.62 -17.50
CA VAL R 99 -72.20 -77.77 -18.49
C VAL R 99 -71.00 -78.43 -17.83
N VAL R 100 -70.19 -79.09 -18.65
CA VAL R 100 -69.01 -79.81 -18.17
C VAL R 100 -67.79 -79.26 -18.89
N TRP R 101 -66.68 -79.14 -18.16
CA TRP R 101 -65.42 -78.68 -18.71
C TRP R 101 -64.48 -79.87 -18.87
N LEU R 102 -63.94 -80.04 -20.08
CA LEU R 102 -63.08 -81.17 -20.40
C LEU R 102 -61.63 -80.72 -20.37
N ILE R 103 -60.82 -81.40 -19.56
CA ILE R 103 -59.39 -81.16 -19.51
C ILE R 103 -58.66 -82.40 -20.03
N LYS R 104 -57.40 -82.22 -20.37
CA LYS R 104 -56.61 -83.31 -20.95
C LYS R 104 -56.31 -84.37 -19.90
N LYS R 105 -56.58 -85.63 -20.25
CA LYS R 105 -56.26 -86.76 -19.38
C LYS R 105 -54.83 -87.20 -19.63
N ASN R 106 -54.08 -87.39 -18.54
CA ASN R 106 -52.67 -87.74 -18.59
C ASN R 106 -51.89 -86.71 -19.41
N SER R 107 -51.61 -87.02 -20.68
CA SER R 107 -50.90 -86.10 -21.54
C SER R 107 -51.38 -86.16 -22.99
N THR R 108 -52.60 -86.64 -23.22
CA THR R 108 -53.16 -86.74 -24.56
C THR R 108 -54.64 -86.40 -24.51
N TYR R 109 -55.08 -85.61 -25.49
CA TYR R 109 -56.48 -85.18 -25.60
C TYR R 109 -57.04 -85.75 -26.91
N PRO R 110 -57.69 -86.91 -26.87
CA PRO R 110 -58.25 -87.48 -28.09
C PRO R 110 -59.46 -86.68 -28.58
N THR R 111 -59.61 -86.66 -29.90
CA THR R 111 -60.71 -85.91 -30.51
C THR R 111 -62.04 -86.57 -30.14
N ILE R 112 -62.90 -85.81 -29.47
CA ILE R 112 -64.20 -86.31 -29.05
C ILE R 112 -65.17 -86.19 -30.23
N LYS R 113 -65.73 -87.32 -30.65
CA LYS R 113 -66.69 -87.37 -31.76
C LYS R 113 -67.97 -88.00 -31.23
N ARG R 114 -68.82 -87.19 -30.61
CA ARG R 114 -70.05 -87.63 -30.00
C ARG R 114 -71.25 -87.06 -30.76
N SER R 115 -72.36 -87.79 -30.73
CA SER R 115 -73.57 -87.38 -31.43
C SER R 115 -74.78 -87.88 -30.65
N TYR R 116 -75.83 -87.07 -30.62
CA TYR R 116 -77.05 -87.39 -29.88
C TYR R 116 -78.27 -87.32 -30.80
N ASN R 117 -79.13 -88.31 -30.70
CA ASN R 117 -80.37 -88.38 -31.47
C ASN R 117 -81.54 -88.04 -30.55
N ASN R 118 -82.34 -87.05 -30.96
CA ASN R 118 -83.47 -86.58 -30.16
C ASN R 118 -84.58 -87.62 -30.23
N THR R 119 -84.64 -88.49 -29.23
CA THR R 119 -85.67 -89.53 -29.18
C THR R 119 -86.97 -89.03 -28.54
N ASN R 120 -87.02 -87.79 -28.09
CA ASN R 120 -88.21 -87.24 -27.47
C ASN R 120 -89.12 -86.61 -28.52
N GLN R 121 -90.40 -86.49 -28.17
CA GLN R 121 -91.40 -85.88 -29.04
C GLN R 121 -91.45 -84.36 -28.91
N GLU R 122 -90.81 -83.80 -27.89
CA GLU R 122 -90.80 -82.36 -27.68
C GLU R 122 -89.51 -81.76 -28.23
N ASP R 123 -89.53 -80.43 -28.37
CA ASP R 123 -88.36 -79.71 -28.87
C ASP R 123 -87.31 -79.57 -27.78
N LEU R 124 -86.05 -79.63 -28.19
CA LEU R 124 -84.92 -79.51 -27.27
C LEU R 124 -84.08 -78.29 -27.63
N LEU R 125 -83.37 -77.78 -26.63
CA LEU R 125 -82.49 -76.63 -26.77
C LEU R 125 -81.15 -76.97 -26.13
N VAL R 126 -80.16 -77.28 -26.95
CA VAL R 126 -78.83 -77.65 -26.48
C VAL R 126 -77.93 -76.42 -26.56
N LEU R 127 -77.00 -76.32 -25.62
CA LEU R 127 -76.05 -75.23 -25.57
C LEU R 127 -74.64 -75.78 -25.38
N TRP R 128 -73.65 -75.01 -25.83
CA TRP R 128 -72.26 -75.40 -25.70
C TRP R 128 -71.39 -74.15 -25.77
N GLY R 129 -70.10 -74.33 -25.55
CA GLY R 129 -69.17 -73.21 -25.57
C GLY R 129 -67.77 -73.66 -25.84
N ILE R 130 -66.96 -72.72 -26.33
CA ILE R 130 -65.54 -72.94 -26.61
C ILE R 130 -64.75 -71.92 -25.80
N HIS R 131 -63.77 -72.41 -25.03
CA HIS R 131 -62.99 -71.57 -24.14
C HIS R 131 -61.76 -71.05 -24.86
N HIS R 132 -61.50 -69.75 -24.70
CA HIS R 132 -60.29 -69.13 -25.23
C HIS R 132 -59.22 -69.13 -24.15
N PRO R 133 -58.05 -69.73 -24.41
CA PRO R 133 -57.01 -69.80 -23.38
C PRO R 133 -56.39 -68.43 -23.11
N ASN R 134 -55.66 -68.38 -22.00
CA ASN R 134 -54.99 -67.13 -21.60
C ASN R 134 -53.76 -66.87 -22.45
N ASP R 135 -52.85 -67.84 -22.52
CA ASP R 135 -51.63 -67.72 -23.31
C ASP R 135 -51.40 -69.03 -24.05
N ALA R 136 -50.31 -69.08 -24.81
CA ALA R 136 -49.97 -70.28 -25.56
C ALA R 136 -49.56 -71.42 -24.63
N ALA R 137 -48.96 -71.09 -23.49
CA ALA R 137 -48.56 -72.13 -22.53
C ALA R 137 -49.78 -72.79 -21.89
N GLU R 138 -50.83 -72.01 -21.61
CA GLU R 138 -52.05 -72.56 -21.06
C GLU R 138 -52.79 -73.44 -22.06
N GLN R 139 -52.58 -73.25 -23.36
CA GLN R 139 -53.19 -74.11 -24.36
C GLN R 139 -52.65 -75.53 -24.28
N THR R 140 -51.34 -75.67 -24.14
CA THR R 140 -50.72 -76.99 -24.03
C THR R 140 -50.77 -77.54 -22.61
N LYS R 141 -50.89 -76.67 -21.59
CA LYS R 141 -50.92 -77.16 -20.22
C LYS R 141 -52.28 -77.77 -19.88
N LEU R 142 -53.35 -77.32 -20.54
CA LEU R 142 -54.69 -77.81 -20.26
C LEU R 142 -55.26 -78.71 -21.34
N TYR R 143 -54.90 -78.49 -22.61
CA TYR R 143 -55.45 -79.25 -23.72
C TYR R 143 -54.39 -79.93 -24.58
N GLN R 144 -53.10 -79.76 -24.25
CA GLN R 144 -52.00 -80.43 -24.94
C GLN R 144 -51.90 -80.04 -26.41
N ASN R 145 -52.98 -80.21 -27.16
CA ASN R 145 -52.97 -79.94 -28.60
C ASN R 145 -52.83 -78.45 -28.86
N PRO R 146 -51.80 -78.01 -29.61
CA PRO R 146 -51.69 -76.58 -29.93
C PRO R 146 -52.81 -76.10 -30.82
N THR R 147 -53.02 -76.76 -31.95
CA THR R 147 -54.07 -76.40 -32.90
C THR R 147 -55.34 -77.13 -32.49
N THR R 148 -56.26 -76.42 -31.84
CA THR R 148 -57.51 -76.97 -31.37
C THR R 148 -58.68 -76.32 -32.10
N TYR R 149 -59.81 -77.04 -32.13
CA TYR R 149 -61.02 -76.55 -32.76
C TYR R 149 -62.21 -77.28 -32.16
N ILE R 150 -63.40 -76.69 -32.36
CA ILE R 150 -64.64 -77.27 -31.85
C ILE R 150 -65.68 -77.10 -32.96
N SER R 151 -66.11 -78.20 -33.55
CA SER R 151 -67.07 -78.20 -34.65
C SER R 151 -68.36 -78.86 -34.18
N VAL R 152 -69.45 -78.09 -34.16
CA VAL R 152 -70.76 -78.59 -33.80
C VAL R 152 -71.64 -78.53 -35.04
N GLY R 153 -72.22 -79.68 -35.41
CA GLY R 153 -73.03 -79.78 -36.62
C GLY R 153 -74.42 -80.29 -36.31
N THR R 154 -75.41 -79.77 -37.04
CA THR R 154 -76.78 -80.19 -36.91
C THR R 154 -77.41 -80.23 -38.29
N SER R 155 -78.68 -80.65 -38.35
CA SER R 155 -79.37 -80.74 -39.64
C SER R 155 -79.70 -79.35 -40.18
N THR R 156 -79.84 -78.36 -39.31
CA THR R 156 -80.16 -77.00 -39.72
C THR R 156 -79.04 -76.00 -39.45
N LEU R 157 -78.01 -76.39 -38.71
CA LEU R 157 -76.91 -75.49 -38.38
C LEU R 157 -75.59 -76.25 -38.46
N ASN R 158 -74.55 -75.56 -38.93
CA ASN R 158 -73.21 -76.13 -39.03
C ASN R 158 -72.22 -75.04 -38.64
N GLN R 159 -71.64 -75.16 -37.46
CA GLN R 159 -70.73 -74.16 -36.91
C GLN R 159 -69.33 -74.76 -36.74
N ARG R 160 -68.33 -73.89 -36.79
CA ARG R 160 -66.93 -74.27 -36.57
C ARG R 160 -66.24 -73.13 -35.87
N LEU R 161 -65.99 -73.29 -34.58
CA LEU R 161 -65.37 -72.26 -33.75
C LEU R 161 -63.90 -72.59 -33.52
N VAL R 162 -63.03 -71.61 -33.72
CA VAL R 162 -61.60 -71.74 -33.52
C VAL R 162 -61.19 -70.84 -32.35
N PRO R 163 -60.57 -71.36 -31.30
CA PRO R 163 -60.20 -70.51 -30.17
C PRO R 163 -59.06 -69.57 -30.53
N ARG R 164 -59.12 -68.36 -29.97
CA ARG R 164 -58.11 -67.34 -30.18
C ARG R 164 -57.34 -67.11 -28.88
N ILE R 165 -56.01 -67.08 -28.98
CA ILE R 165 -55.14 -66.89 -27.82
C ILE R 165 -54.45 -65.54 -27.95
N ALA R 166 -54.69 -64.66 -26.99
CA ALA R 166 -54.09 -63.34 -26.98
C ALA R 166 -54.06 -62.82 -25.55
N THR R 167 -53.30 -61.75 -25.34
CA THR R 167 -53.18 -61.13 -24.02
C THR R 167 -54.50 -60.46 -23.66
N ARG R 168 -55.19 -61.02 -22.68
CA ARG R 168 -56.49 -60.53 -22.25
C ARG R 168 -56.40 -59.98 -20.83
N SER R 169 -57.14 -58.92 -20.57
CA SER R 169 -57.17 -58.32 -19.24
C SER R 169 -58.05 -59.13 -18.30
N LYS R 170 -57.62 -59.25 -17.05
CA LYS R 170 -58.35 -60.03 -16.06
C LYS R 170 -59.68 -59.35 -15.73
N VAL R 171 -60.77 -60.09 -15.90
CA VAL R 171 -62.11 -59.59 -15.62
C VAL R 171 -62.86 -60.64 -14.81
N ASN R 172 -63.39 -60.23 -13.66
CA ASN R 172 -64.16 -61.10 -12.78
C ASN R 172 -63.36 -62.32 -12.31
N GLY R 173 -62.03 -62.17 -12.24
CA GLY R 173 -61.18 -63.25 -11.77
C GLY R 173 -60.13 -63.69 -12.75
N GLN R 174 -60.48 -64.64 -13.61
CA GLN R 174 -59.53 -65.18 -14.58
C GLN R 174 -59.37 -64.23 -15.75
N SER R 175 -58.45 -64.59 -16.65
CA SER R 175 -58.12 -63.77 -17.80
C SER R 175 -58.69 -64.31 -19.11
N GLY R 176 -59.05 -65.58 -19.16
CA GLY R 176 -59.56 -66.17 -20.39
C GLY R 176 -60.97 -65.69 -20.71
N ARG R 177 -61.54 -66.30 -21.75
CA ARG R 177 -62.89 -66.00 -22.19
C ARG R 177 -63.52 -67.25 -22.74
N MET R 178 -64.85 -67.27 -22.75
CA MET R 178 -65.62 -68.40 -23.23
C MET R 178 -66.82 -67.91 -24.02
N GLU R 179 -66.88 -68.29 -25.30
CA GLU R 179 -67.97 -67.91 -26.19
C GLU R 179 -68.96 -69.05 -26.28
N PHE R 180 -70.17 -68.83 -25.78
CA PHE R 180 -71.19 -69.87 -25.73
C PHE R 180 -72.09 -69.82 -26.96
N PHE R 181 -72.68 -70.96 -27.30
CA PHE R 181 -73.58 -71.08 -28.44
C PHE R 181 -74.76 -71.94 -28.05
N TRP R 182 -75.76 -71.98 -28.94
CA TRP R 182 -76.96 -72.76 -28.70
C TRP R 182 -77.66 -73.01 -30.03
N THR R 183 -78.56 -74.00 -30.02
CA THR R 183 -79.32 -74.36 -31.21
C THR R 183 -80.52 -75.19 -30.78
N ILE R 184 -81.63 -75.01 -31.46
CA ILE R 184 -82.86 -75.75 -31.17
C ILE R 184 -82.86 -77.04 -31.97
N LEU R 185 -82.88 -78.17 -31.27
CA LEU R 185 -82.85 -79.49 -31.89
C LEU R 185 -84.27 -80.00 -32.02
N LYS R 186 -84.73 -80.17 -33.26
CA LYS R 186 -86.06 -80.68 -33.52
C LYS R 186 -86.15 -82.16 -33.14
N PRO R 187 -87.36 -82.69 -32.96
CA PRO R 187 -87.50 -84.13 -32.71
C PRO R 187 -86.95 -84.94 -33.88
N ASN R 188 -86.42 -86.12 -33.56
CA ASN R 188 -85.80 -87.05 -34.49
C ASN R 188 -84.58 -86.46 -35.20
N ASP R 189 -84.09 -85.30 -34.76
CA ASP R 189 -82.91 -84.70 -35.33
C ASP R 189 -81.68 -85.08 -34.48
N ALA R 190 -80.51 -84.64 -34.92
CA ALA R 190 -79.27 -84.97 -34.24
C ALA R 190 -78.35 -83.76 -34.22
N ILE R 191 -77.47 -83.74 -33.21
CA ILE R 191 -76.47 -82.70 -33.06
C ILE R 191 -75.11 -83.39 -32.94
N ASN R 192 -74.26 -83.21 -33.96
CA ASN R 192 -72.96 -83.85 -34.01
C ASN R 192 -71.90 -82.91 -33.46
N PHE R 193 -71.14 -83.37 -32.47
CA PHE R 193 -70.07 -82.60 -31.86
C PHE R 193 -68.73 -83.24 -32.20
N GLU R 194 -67.76 -82.39 -32.54
CA GLU R 194 -66.42 -82.86 -32.86
C GLU R 194 -65.44 -81.75 -32.48
N SER R 195 -64.63 -82.00 -31.45
CA SER R 195 -63.71 -81.00 -30.94
C SER R 195 -62.39 -81.65 -30.57
N ASN R 196 -61.28 -80.96 -30.85
CA ASN R 196 -59.94 -81.45 -30.56
C ASN R 196 -59.28 -80.70 -29.40
N GLY R 197 -60.01 -79.83 -28.73
CA GLY R 197 -59.49 -79.10 -27.59
C GLY R 197 -60.24 -77.81 -27.39
N ASN R 198 -60.19 -77.31 -26.15
CA ASN R 198 -60.85 -76.07 -25.75
C ASN R 198 -62.35 -76.12 -26.06
N PHE R 199 -63.02 -77.11 -25.47
CA PHE R 199 -64.43 -77.36 -25.73
C PHE R 199 -65.15 -77.56 -24.41
N ILE R 200 -66.11 -76.68 -24.12
CA ILE R 200 -66.96 -76.80 -22.94
C ILE R 200 -68.19 -77.59 -23.35
N ALA R 201 -68.15 -78.90 -23.11
CA ALA R 201 -69.22 -79.79 -23.54
C ALA R 201 -70.43 -79.66 -22.62
N PRO R 202 -71.63 -79.87 -23.15
CA PRO R 202 -72.83 -79.83 -22.31
C PRO R 202 -73.08 -81.14 -21.59
N GLU R 203 -73.69 -81.04 -20.42
CA GLU R 203 -74.12 -82.19 -19.64
C GLU R 203 -75.63 -82.36 -19.60
N TYR R 204 -76.37 -81.26 -19.49
CA TYR R 204 -77.82 -81.28 -19.45
C TYR R 204 -78.38 -80.52 -20.65
N ALA R 205 -79.66 -80.79 -20.92
CA ALA R 205 -80.39 -80.12 -22.00
C ALA R 205 -81.76 -79.69 -21.48
N TYR R 206 -82.40 -78.79 -22.22
CA TYR R 206 -83.69 -78.24 -21.85
C TYR R 206 -84.73 -78.59 -22.91
N LYS R 207 -85.90 -79.01 -22.46
CA LYS R 207 -87.00 -79.38 -23.35
C LYS R 207 -87.99 -78.23 -23.44
N ILE R 208 -88.37 -77.87 -24.66
CA ILE R 208 -89.31 -76.78 -24.88
C ILE R 208 -90.63 -77.34 -25.39
N GLU S 1 -21.63 -13.83 31.72
CA GLU S 1 -20.76 -14.92 32.14
C GLU S 1 -21.20 -15.51 33.48
N VAL S 2 -22.51 -15.47 33.72
CA VAL S 2 -23.07 -16.02 34.96
C VAL S 2 -23.57 -17.43 34.69
N GLN S 3 -22.67 -18.41 34.78
CA GLN S 3 -23.01 -19.79 34.50
C GLN S 3 -22.69 -20.65 35.72
N LEU S 4 -23.37 -21.79 35.80
CA LEU S 4 -23.18 -22.77 36.86
C LEU S 4 -22.61 -24.04 36.29
N VAL S 5 -21.70 -24.66 37.04
CA VAL S 5 -21.03 -25.89 36.62
C VAL S 5 -21.20 -26.90 37.74
N GLU S 6 -22.12 -27.84 37.57
CA GLU S 6 -22.34 -28.91 38.52
C GLU S 6 -21.38 -30.07 38.24
N SER S 7 -20.62 -30.47 39.25
CA SER S 7 -19.62 -31.51 39.12
C SER S 7 -19.71 -32.44 40.33
N GLY S 8 -19.06 -33.60 40.20
CA GLY S 8 -19.03 -34.58 41.26
C GLY S 8 -19.87 -35.82 41.03
N GLY S 9 -20.36 -36.04 39.82
CA GLY S 9 -21.17 -37.20 39.54
C GLY S 9 -20.36 -38.40 39.08
N GLY S 10 -20.95 -39.57 39.23
CA GLY S 10 -20.28 -40.80 38.84
C GLY S 10 -21.11 -42.01 39.20
N LEU S 11 -20.51 -43.18 39.03
CA LEU S 11 -21.16 -44.45 39.33
C LEU S 11 -20.84 -44.86 40.77
N VAL S 12 -21.82 -45.47 41.42
CA VAL S 12 -21.68 -45.92 42.81
C VAL S 12 -22.62 -47.08 43.05
N GLN S 13 -22.18 -48.03 43.85
CA GLN S 13 -23.01 -49.17 44.21
C GLN S 13 -24.14 -48.73 45.13
N PRO S 14 -25.24 -49.48 45.16
CA PRO S 14 -26.36 -49.12 46.06
C PRO S 14 -25.93 -49.16 47.51
N GLY S 15 -26.37 -48.16 48.27
CA GLY S 15 -25.99 -48.01 49.66
C GLY S 15 -24.77 -47.15 49.89
N GLY S 16 -24.03 -46.82 48.84
CA GLY S 16 -22.85 -45.99 48.97
C GLY S 16 -23.18 -44.54 49.18
N SER S 17 -22.13 -43.71 49.18
CA SER S 17 -22.25 -42.28 49.40
C SER S 17 -21.52 -41.51 48.33
N LEU S 18 -22.09 -40.39 47.91
CA LEU S 18 -21.50 -39.51 46.91
C LEU S 18 -21.57 -38.07 47.42
N ARG S 19 -20.77 -37.22 46.78
CA ARG S 19 -20.71 -35.80 47.14
C ARG S 19 -20.70 -34.98 45.85
N LEU S 20 -21.79 -34.26 45.60
CA LEU S 20 -21.90 -33.41 44.43
C LEU S 20 -21.43 -32.00 44.76
N SER S 21 -21.08 -31.25 43.71
CA SER S 21 -20.59 -29.89 43.86
C SER S 21 -21.13 -29.02 42.74
N CYS S 22 -21.58 -27.82 43.09
CA CYS S 22 -22.09 -26.85 42.13
C CYS S 22 -21.22 -25.60 42.18
N ALA S 23 -20.70 -25.20 41.03
CA ALA S 23 -19.78 -24.06 40.94
C ALA S 23 -20.55 -22.81 40.54
N ALA S 24 -20.27 -21.70 41.21
CA ALA S 24 -20.85 -20.41 40.89
C ALA S 24 -19.80 -19.55 40.21
N SER S 25 -20.28 -18.59 39.41
CA SER S 25 -19.37 -17.72 38.66
C SER S 25 -20.11 -16.46 38.27
N GLY S 26 -19.63 -15.31 38.74
CA GLY S 26 -20.16 -14.03 38.31
C GLY S 26 -21.12 -13.36 39.28
N PHE S 27 -22.35 -13.85 39.32
CA PHE S 27 -23.40 -13.20 40.09
C PHE S 27 -23.13 -13.29 41.59
N THR S 28 -23.77 -12.39 42.34
CA THR S 28 -23.67 -12.39 43.80
C THR S 28 -24.28 -13.66 44.37
N PHE S 29 -23.44 -14.52 44.94
CA PHE S 29 -23.89 -15.85 45.36
C PHE S 29 -24.77 -15.76 46.62
N SER S 30 -24.40 -14.90 47.57
CA SER S 30 -25.10 -14.85 48.85
C SER S 30 -26.46 -14.18 48.77
N THR S 31 -26.84 -13.62 47.62
CA THR S 31 -28.10 -12.90 47.52
C THR S 31 -29.26 -13.75 47.04
N TYR S 32 -29.00 -14.94 46.50
CA TYR S 32 -30.04 -15.78 45.92
C TYR S 32 -30.12 -17.11 46.66
N TRP S 33 -31.23 -17.82 46.44
CA TRP S 33 -31.41 -19.17 46.95
C TRP S 33 -30.66 -20.16 46.07
N MET S 34 -30.71 -21.43 46.45
CA MET S 34 -30.12 -22.50 45.66
C MET S 34 -30.97 -23.76 45.82
N THR S 35 -31.36 -24.35 44.70
CA THR S 35 -32.24 -25.52 44.71
C THR S 35 -31.70 -26.56 43.74
N TRP S 36 -31.83 -27.83 44.13
CA TRP S 36 -31.40 -28.96 43.32
C TRP S 36 -32.61 -29.58 42.62
N VAL S 37 -32.41 -30.04 41.39
CA VAL S 37 -33.45 -30.69 40.61
C VAL S 37 -32.82 -31.85 39.85
N ARG S 38 -33.45 -33.02 39.92
CA ARG S 38 -32.96 -34.21 39.25
C ARG S 38 -33.93 -34.63 38.14
N GLN S 39 -33.42 -35.43 37.21
CA GLN S 39 -34.21 -35.92 36.10
C GLN S 39 -33.85 -37.37 35.82
N ALA S 40 -34.83 -38.25 35.90
CA ALA S 40 -34.60 -39.65 35.59
C ALA S 40 -34.32 -39.82 34.09
N PRO S 41 -33.52 -40.82 33.72
CA PRO S 41 -33.22 -41.03 32.30
C PRO S 41 -34.46 -41.36 31.48
N GLY S 42 -34.87 -40.44 30.61
CA GLY S 42 -36.05 -40.62 29.79
C GLY S 42 -37.35 -40.14 30.41
N LYS S 43 -37.34 -39.79 31.69
CA LYS S 43 -38.53 -39.31 32.39
C LYS S 43 -38.44 -37.80 32.60
N GLY S 44 -39.44 -37.28 33.31
CA GLY S 44 -39.49 -35.85 33.57
C GLY S 44 -38.61 -35.43 34.73
N LEU S 45 -38.53 -34.12 34.93
CA LEU S 45 -37.71 -33.56 35.99
C LEU S 45 -38.39 -33.74 37.35
N GLU S 46 -37.58 -33.69 38.41
CA GLU S 46 -38.06 -33.85 39.76
C GLU S 46 -37.18 -33.04 40.70
N TRP S 47 -37.81 -32.37 41.67
CA TRP S 47 -37.08 -31.54 42.61
C TRP S 47 -36.35 -32.42 43.63
N VAL S 48 -35.20 -31.93 44.10
CA VAL S 48 -34.37 -32.67 45.03
C VAL S 48 -34.30 -31.96 46.38
N ALA S 49 -33.70 -30.76 46.40
CA ALA S 49 -33.46 -30.08 47.66
C ALA S 49 -33.40 -28.57 47.44
N ASN S 50 -33.58 -27.83 48.53
CA ASN S 50 -33.47 -26.37 48.51
C ASN S 50 -32.45 -25.94 49.56
N ILE S 51 -31.96 -24.71 49.42
CA ILE S 51 -30.98 -24.14 50.34
C ILE S 51 -31.19 -22.64 50.40
N ASN S 52 -31.28 -22.11 51.62
CA ASN S 52 -31.49 -20.68 51.82
C ASN S 52 -30.17 -19.93 51.68
N GLN S 53 -30.25 -18.59 51.76
CA GLN S 53 -29.05 -17.78 51.65
C GLN S 53 -28.14 -17.98 52.85
N ASP S 54 -28.69 -17.85 54.07
CA ASP S 54 -27.88 -18.04 55.26
C ASP S 54 -27.46 -19.50 55.44
N GLY S 55 -28.25 -20.44 54.92
CA GLY S 55 -27.95 -21.85 55.01
C GLY S 55 -28.67 -22.57 56.13
N GLY S 56 -29.22 -21.83 57.10
CA GLY S 56 -29.92 -22.49 58.19
C GLY S 56 -31.26 -23.06 57.80
N GLU S 57 -31.90 -22.48 56.78
CA GLU S 57 -33.20 -22.93 56.30
C GLU S 57 -33.01 -23.86 55.11
N LYS S 58 -33.66 -25.02 55.15
CA LYS S 58 -33.53 -26.00 54.10
C LYS S 58 -34.82 -26.81 53.99
N TYR S 59 -34.88 -27.66 52.97
CA TYR S 59 -36.05 -28.51 52.74
C TYR S 59 -35.66 -29.65 51.81
N PHE S 60 -36.30 -30.79 52.02
CA PHE S 60 -36.08 -31.99 51.23
C PHE S 60 -37.43 -32.54 50.76
N VAL S 61 -37.35 -33.58 49.93
CA VAL S 61 -38.56 -34.27 49.49
C VAL S 61 -38.98 -35.27 50.56
N ASP S 62 -40.29 -35.55 50.62
CA ASP S 62 -40.79 -36.53 51.58
C ASP S 62 -40.23 -37.93 51.34
N SER S 63 -39.74 -38.20 50.12
CA SER S 63 -39.17 -39.50 49.78
C SER S 63 -37.65 -39.52 49.84
N VAL S 64 -37.00 -38.38 50.04
CA VAL S 64 -35.56 -38.29 50.07
C VAL S 64 -35.03 -37.73 51.39
N LYS S 65 -35.91 -37.52 52.37
CA LYS S 65 -35.47 -36.98 53.65
C LYS S 65 -34.71 -38.03 54.45
N GLY S 66 -33.65 -37.60 55.12
CA GLY S 66 -32.84 -38.47 55.94
C GLY S 66 -31.63 -39.06 55.26
N ARG S 67 -31.61 -39.10 53.92
CA ARG S 67 -30.50 -39.67 53.17
C ARG S 67 -29.69 -38.61 52.43
N PHE S 68 -30.07 -37.35 52.51
CA PHE S 68 -29.37 -36.27 51.82
C PHE S 68 -29.11 -35.12 52.79
N THR S 69 -28.14 -34.28 52.44
CA THR S 69 -27.78 -33.13 53.26
C THR S 69 -27.24 -32.04 52.35
N ILE S 70 -27.97 -30.94 52.24
CA ILE S 70 -27.61 -29.83 51.38
C ILE S 70 -26.84 -28.80 52.22
N SER S 71 -25.61 -28.51 51.82
CA SER S 71 -24.78 -27.53 52.49
C SER S 71 -24.14 -26.61 51.46
N ARG S 72 -23.83 -25.39 51.88
CA ARG S 72 -23.25 -24.39 50.99
C ARG S 72 -22.20 -23.59 51.75
N ASP S 73 -21.23 -23.07 50.99
CA ASP S 73 -20.17 -22.21 51.51
C ASP S 73 -20.20 -20.93 50.68
N ASN S 74 -20.73 -19.86 51.28
CA ASN S 74 -20.84 -18.59 50.56
C ASN S 74 -19.48 -17.98 50.24
N ALA S 75 -18.44 -18.33 50.99
CA ALA S 75 -17.12 -17.75 50.72
C ALA S 75 -16.47 -18.37 49.50
N LYS S 76 -16.63 -19.68 49.32
CA LYS S 76 -16.01 -20.40 48.20
C LYS S 76 -16.83 -20.34 46.93
N ASN S 77 -18.02 -19.74 46.97
CA ASN S 77 -18.90 -19.66 45.79
C ASN S 77 -19.21 -21.05 45.24
N SER S 78 -19.66 -21.95 46.12
CA SER S 78 -19.91 -23.32 45.73
C SER S 78 -21.08 -23.87 46.56
N LEU S 79 -21.73 -24.88 46.00
CA LEU S 79 -22.87 -25.54 46.64
C LEU S 79 -22.65 -27.05 46.58
N PHE S 80 -22.89 -27.72 47.70
CA PHE S 80 -22.69 -29.17 47.80
C PHE S 80 -23.99 -29.85 48.19
N LEU S 81 -24.14 -31.09 47.73
CA LEU S 81 -25.29 -31.93 48.07
C LEU S 81 -24.76 -33.31 48.44
N GLN S 82 -24.68 -33.59 49.74
CA GLN S 82 -24.16 -34.86 50.22
C GLN S 82 -25.26 -35.93 50.16
N MET S 83 -24.93 -37.08 49.58
CA MET S 83 -25.84 -38.20 49.47
C MET S 83 -25.28 -39.37 50.25
N ASN S 84 -26.10 -39.96 51.12
CA ASN S 84 -25.70 -41.09 51.94
C ASN S 84 -26.75 -42.18 51.86
N THR S 85 -26.31 -43.43 51.85
CA THR S 85 -27.18 -44.60 51.73
C THR S 85 -28.08 -44.47 50.51
N LEU S 86 -27.47 -44.16 49.37
CA LEU S 86 -28.21 -43.94 48.14
C LEU S 86 -28.88 -45.23 47.68
N ARG S 87 -30.15 -45.13 47.30
CA ARG S 87 -30.90 -46.26 46.79
C ARG S 87 -30.82 -46.30 45.27
N ALA S 88 -31.32 -47.40 44.70
CA ALA S 88 -31.30 -47.55 43.25
C ALA S 88 -32.28 -46.61 42.55
N GLU S 89 -33.33 -46.16 43.25
CA GLU S 89 -34.29 -45.24 42.65
C GLU S 89 -33.70 -43.84 42.47
N ASP S 90 -32.59 -43.53 43.13
CA ASP S 90 -31.97 -42.22 43.02
C ASP S 90 -31.08 -42.08 41.79
N THR S 91 -30.94 -43.14 41.00
CA THR S 91 -30.08 -43.11 39.82
C THR S 91 -30.67 -42.18 38.78
N ALA S 92 -30.14 -40.97 38.69
CA ALA S 92 -30.63 -39.98 37.75
C ALA S 92 -29.58 -38.89 37.59
N VAL S 93 -29.83 -38.00 36.63
CA VAL S 93 -28.96 -36.85 36.38
C VAL S 93 -29.45 -35.69 37.24
N TYR S 94 -28.53 -35.06 37.96
CA TYR S 94 -28.85 -34.01 38.91
C TYR S 94 -28.42 -32.66 38.36
N TYR S 95 -29.33 -31.70 38.37
CA TYR S 95 -29.07 -30.34 37.91
C TYR S 95 -28.91 -29.40 39.10
N CYS S 96 -28.21 -28.29 38.85
CA CYS S 96 -28.05 -27.23 39.84
C CYS S 96 -28.51 -25.92 39.23
N ALA S 97 -29.42 -25.24 39.91
CA ALA S 97 -29.99 -23.99 39.43
C ALA S 97 -30.23 -23.04 40.59
N ARG S 98 -30.17 -21.75 40.30
CA ARG S 98 -30.42 -20.70 41.28
C ARG S 98 -31.81 -20.12 41.08
N GLY S 99 -32.34 -19.54 42.16
CA GLY S 99 -33.65 -18.91 42.12
C GLY S 99 -33.75 -17.84 43.19
N PHE S 100 -34.77 -17.00 43.04
CA PHE S 100 -35.03 -15.89 43.95
C PHE S 100 -36.36 -16.13 44.64
N LEU S 101 -36.32 -16.50 45.91
CA LEU S 101 -37.54 -16.62 46.71
C LEU S 101 -38.18 -15.24 46.84
N GLU S 102 -39.44 -15.14 46.42
CA GLU S 102 -40.07 -13.84 46.24
C GLU S 102 -41.53 -13.90 46.70
N ARG S 103 -42.00 -12.79 47.24
CA ARG S 103 -43.38 -12.63 47.68
C ARG S 103 -44.01 -11.49 46.89
N LEU S 104 -45.02 -11.81 46.09
CA LEU S 104 -45.69 -10.84 45.23
C LEU S 104 -47.20 -10.99 45.38
N LEU S 105 -47.93 -9.98 44.88
CA LEU S 105 -49.37 -10.00 44.89
C LEU S 105 -49.91 -10.55 43.57
N LEU S 106 -50.27 -9.65 42.65
CA LEU S 106 -50.76 -10.01 41.32
C LEU S 106 -51.94 -10.98 41.41
N GLY S 107 -52.98 -10.54 42.12
CA GLY S 107 -54.16 -11.34 42.31
C GLY S 107 -54.95 -10.86 43.51
N ARG S 108 -55.83 -11.74 43.99
CA ARG S 108 -56.67 -11.39 45.14
C ARG S 108 -55.85 -11.30 46.41
N GLN S 109 -55.04 -12.32 46.69
CA GLN S 109 -54.22 -12.37 47.89
C GLN S 109 -52.77 -12.62 47.51
N GLY S 110 -51.88 -12.32 48.46
CA GLY S 110 -50.47 -12.52 48.25
C GLY S 110 -50.10 -14.00 48.19
N ALA S 111 -48.88 -14.26 47.73
CA ALA S 111 -48.40 -15.63 47.56
C ALA S 111 -46.89 -15.65 47.76
N TYR S 112 -46.24 -16.70 47.26
CA TYR S 112 -44.81 -16.95 47.46
C TYR S 112 -44.25 -17.51 46.16
N TYR S 113 -44.16 -16.67 45.13
CA TYR S 113 -43.72 -17.13 43.82
C TYR S 113 -42.23 -17.46 43.82
N TYR S 114 -41.87 -18.46 43.03
CA TYR S 114 -40.49 -18.92 42.95
C TYR S 114 -40.19 -19.34 41.51
N GLY S 115 -39.01 -18.97 41.02
CA GLY S 115 -38.61 -19.32 39.68
C GLY S 115 -37.10 -19.43 39.50
N MET S 116 -36.64 -20.52 38.91
CA MET S 116 -35.22 -20.75 38.66
C MET S 116 -34.92 -20.51 37.19
N ASP S 117 -33.85 -19.77 36.91
CA ASP S 117 -33.53 -19.34 35.56
C ASP S 117 -32.17 -19.81 35.07
N VAL S 118 -31.14 -19.76 35.92
CA VAL S 118 -29.78 -20.12 35.53
C VAL S 118 -29.53 -21.56 35.95
N TRP S 119 -29.44 -22.46 34.97
CA TRP S 119 -29.21 -23.87 35.21
C TRP S 119 -27.80 -24.26 34.80
N GLY S 120 -27.28 -25.33 35.41
CA GLY S 120 -26.01 -25.89 35.05
C GLY S 120 -26.17 -27.11 34.16
N GLN S 121 -25.05 -27.55 33.58
CA GLN S 121 -25.08 -28.72 32.72
C GLN S 121 -25.41 -29.99 33.50
N GLY S 122 -25.08 -30.02 34.78
CA GLY S 122 -25.42 -31.15 35.63
C GLY S 122 -24.48 -32.33 35.52
N THR S 123 -24.34 -33.07 36.61
CA THR S 123 -23.48 -34.25 36.65
C THR S 123 -24.34 -35.50 36.64
N THR S 124 -23.88 -36.53 35.91
CA THR S 124 -24.61 -37.78 35.77
C THR S 124 -24.20 -38.74 36.88
N VAL S 125 -25.18 -39.15 37.69
CA VAL S 125 -24.96 -40.09 38.79
C VAL S 125 -25.75 -41.35 38.48
N THR S 126 -25.09 -42.50 38.61
CA THR S 126 -25.71 -43.80 38.33
C THR S 126 -25.58 -44.69 39.56
N VAL S 127 -26.70 -45.28 39.98
CA VAL S 127 -26.71 -46.17 41.13
C VAL S 127 -26.97 -47.60 40.69
N ALA S 130 -24.55 -52.40 37.97
CA ALA S 130 -23.82 -52.44 39.23
C ALA S 130 -22.52 -53.22 39.09
N SER S 131 -22.01 -53.28 37.86
CA SER S 131 -20.76 -54.00 37.59
C SER S 131 -20.22 -53.54 36.25
N THR S 132 -19.04 -52.91 36.26
CA THR S 132 -18.44 -52.43 35.02
C THR S 132 -17.98 -53.60 34.17
N LYS S 133 -18.35 -53.57 32.88
CA LYS S 133 -18.00 -54.65 31.97
C LYS S 133 -17.92 -54.10 30.56
N GLY S 134 -17.04 -54.71 29.75
CA GLY S 134 -16.85 -54.31 28.38
C GLY S 134 -17.96 -54.83 27.48
N PRO S 135 -18.21 -54.13 26.38
CA PRO S 135 -19.28 -54.54 25.47
C PRO S 135 -18.83 -55.60 24.49
N SER S 136 -19.79 -56.38 24.01
CA SER S 136 -19.57 -57.40 22.99
C SER S 136 -20.12 -56.90 21.67
N VAL S 137 -19.25 -56.73 20.68
CA VAL S 137 -19.63 -56.19 19.39
C VAL S 137 -19.84 -57.35 18.42
N PHE S 138 -21.10 -57.56 18.02
CA PHE S 138 -21.45 -58.59 17.06
C PHE S 138 -22.02 -57.94 15.80
N PRO S 139 -21.59 -58.39 14.62
CA PRO S 139 -22.12 -57.84 13.38
C PRO S 139 -23.50 -58.39 13.06
N LEU S 140 -24.17 -57.72 12.12
CA LEU S 140 -25.48 -58.15 11.62
C LEU S 140 -25.38 -58.22 10.09
N ALA S 141 -25.22 -59.42 9.57
CA ALA S 141 -25.05 -59.59 8.13
C ALA S 141 -26.33 -59.20 7.40
N PRO S 142 -26.20 -58.67 6.18
CA PRO S 142 -27.40 -58.29 5.41
C PRO S 142 -28.20 -59.52 5.00
N SER S 143 -29.36 -59.26 4.42
CA SER S 143 -30.25 -60.33 4.00
C SER S 143 -29.60 -61.18 2.92
N SER S 144 -29.97 -62.47 2.89
CA SER S 144 -29.42 -63.38 1.90
C SER S 144 -29.83 -62.97 0.49
N LYS S 145 -31.01 -62.38 0.33
CA LYS S 145 -31.44 -61.88 -0.97
C LYS S 145 -30.68 -60.61 -1.31
N SER S 146 -30.01 -60.61 -2.46
CA SER S 146 -29.22 -59.44 -2.86
C SER S 146 -30.12 -58.23 -3.10
N THR S 147 -31.27 -58.42 -3.74
CA THR S 147 -32.22 -57.35 -3.99
C THR S 147 -33.23 -57.32 -2.85
N SER S 148 -33.04 -56.38 -1.92
CA SER S 148 -33.94 -56.26 -0.78
C SER S 148 -34.61 -54.89 -0.76
N GLY S 149 -35.20 -54.51 -1.90
CA GLY S 149 -35.88 -53.24 -2.02
C GLY S 149 -35.08 -52.14 -2.68
N GLY S 150 -33.98 -52.45 -3.34
CA GLY S 150 -33.15 -51.46 -3.99
C GLY S 150 -32.04 -50.89 -3.13
N THR S 151 -32.03 -51.18 -1.83
CA THR S 151 -31.00 -50.68 -0.93
C THR S 151 -30.73 -51.73 0.14
N ALA S 152 -29.46 -51.87 0.50
CA ALA S 152 -29.06 -52.86 1.50
C ALA S 152 -28.98 -52.22 2.88
N ALA S 153 -29.47 -52.94 3.88
CA ALA S 153 -29.46 -52.48 5.26
C ALA S 153 -28.62 -53.43 6.11
N LEU S 154 -27.62 -52.87 6.80
CA LEU S 154 -26.74 -53.66 7.65
C LEU S 154 -26.18 -52.76 8.73
N GLY S 155 -25.80 -53.37 9.85
CA GLY S 155 -25.27 -52.61 10.96
C GLY S 155 -24.59 -53.52 11.97
N CYS S 156 -24.03 -52.88 13.00
CA CYS S 156 -23.36 -53.57 14.08
C CYS S 156 -24.24 -53.61 15.33
N LEU S 157 -23.95 -54.57 16.20
CA LEU S 157 -24.68 -54.73 17.46
C LEU S 157 -23.70 -54.65 18.61
N VAL S 158 -23.92 -53.70 19.51
CA VAL S 158 -23.09 -53.51 20.69
C VAL S 158 -23.96 -53.86 21.90
N LYS S 159 -23.81 -55.09 22.39
CA LYS S 159 -24.62 -55.59 23.49
C LYS S 159 -23.79 -55.73 24.75
N ASP S 160 -24.46 -55.63 25.90
CA ASP S 160 -23.86 -55.81 27.22
C ASP S 160 -22.74 -54.80 27.45
N TYR S 161 -23.10 -53.52 27.42
CA TYR S 161 -22.18 -52.42 27.65
C TYR S 161 -22.49 -51.78 28.99
N PHE S 162 -21.43 -51.45 29.74
CA PHE S 162 -21.59 -50.82 31.05
C PHE S 162 -20.31 -50.08 31.43
N PRO S 163 -20.39 -48.80 31.78
CA PRO S 163 -21.63 -48.02 31.76
C PRO S 163 -21.83 -47.25 30.46
N GLU S 164 -22.95 -46.55 30.35
CA GLU S 164 -23.22 -45.73 29.17
C GLU S 164 -22.29 -44.52 29.16
N PRO S 165 -21.97 -43.98 27.96
CA PRO S 165 -22.40 -44.45 26.65
C PRO S 165 -21.31 -45.19 25.88
N VAL S 166 -21.57 -45.46 24.60
CA VAL S 166 -20.62 -46.12 23.71
C VAL S 166 -20.61 -45.38 22.39
N THR S 167 -19.41 -45.04 21.91
CA THR S 167 -19.26 -44.30 20.66
C THR S 167 -19.12 -45.28 19.51
N VAL S 168 -20.00 -45.14 18.51
CA VAL S 168 -20.02 -46.01 17.34
C VAL S 168 -19.79 -45.14 16.11
N SER S 169 -18.70 -45.43 15.39
CA SER S 169 -18.35 -44.71 14.17
C SER S 169 -18.19 -45.71 13.03
N TRP S 170 -18.67 -45.32 11.85
CA TRP S 170 -18.67 -46.18 10.68
C TRP S 170 -17.53 -45.77 9.75
N ASN S 171 -16.62 -46.71 9.49
CA ASN S 171 -15.50 -46.51 8.56
C ASN S 171 -14.66 -45.31 8.97
N SER S 172 -14.48 -45.14 10.28
CA SER S 172 -13.68 -44.04 10.84
C SER S 172 -14.22 -42.68 10.39
N GLY S 173 -15.53 -42.58 10.26
CA GLY S 173 -16.16 -41.33 9.87
C GLY S 173 -16.35 -41.13 8.38
N ALA S 174 -16.25 -42.19 7.58
CA ALA S 174 -16.44 -42.04 6.15
C ALA S 174 -17.92 -42.05 5.77
N LEU S 175 -18.70 -42.92 6.39
CA LEU S 175 -20.14 -43.02 6.12
C LEU S 175 -20.86 -42.07 7.07
N THR S 176 -21.15 -40.86 6.59
CA THR S 176 -21.83 -39.85 7.41
C THR S 176 -23.35 -39.97 7.30
N SER S 177 -23.88 -40.13 6.10
CA SER S 177 -25.31 -40.21 5.89
C SER S 177 -25.79 -41.65 5.99
N GLY S 178 -26.98 -41.83 6.58
CA GLY S 178 -27.58 -43.14 6.71
C GLY S 178 -27.30 -43.85 8.01
N VAL S 179 -26.27 -43.44 8.76
CA VAL S 179 -25.94 -44.11 10.00
C VAL S 179 -26.99 -43.81 11.06
N HIS S 180 -27.49 -44.86 11.70
CA HIS S 180 -28.51 -44.75 12.74
C HIS S 180 -28.02 -45.49 13.98
N THR S 181 -27.51 -44.74 14.95
CA THR S 181 -27.08 -45.30 16.23
C THR S 181 -28.25 -45.23 17.20
N PHE S 182 -28.82 -46.38 17.53
CA PHE S 182 -29.99 -46.40 18.39
C PHE S 182 -29.60 -46.09 19.84
N PRO S 183 -30.49 -45.47 20.59
CA PRO S 183 -30.21 -45.19 22.01
C PRO S 183 -30.06 -46.48 22.80
N ALA S 184 -29.30 -46.40 23.89
CA ALA S 184 -29.04 -47.57 24.72
C ALA S 184 -30.31 -48.01 25.43
N VAL S 185 -30.42 -49.32 25.67
CA VAL S 185 -31.55 -49.91 26.36
C VAL S 185 -31.00 -50.84 27.44
N LEU S 186 -31.41 -50.60 28.68
CA LEU S 186 -30.94 -51.41 29.81
C LEU S 186 -31.63 -52.77 29.79
N GLN S 187 -30.84 -53.83 29.61
CA GLN S 187 -31.40 -55.17 29.59
C GLN S 187 -31.78 -55.61 31.00
N SER S 188 -32.41 -56.79 31.09
CA SER S 188 -32.82 -57.31 32.38
C SER S 188 -31.63 -57.68 33.26
N SER S 189 -30.51 -58.06 32.64
CA SER S 189 -29.32 -58.41 33.41
C SER S 189 -28.66 -57.20 34.05
N GLY S 190 -28.88 -56.00 33.50
CA GLY S 190 -28.29 -54.79 34.02
C GLY S 190 -27.28 -54.13 33.12
N LEU S 191 -27.01 -54.68 31.94
CA LEU S 191 -26.05 -54.12 31.00
C LEU S 191 -26.78 -53.57 29.78
N TYR S 192 -26.34 -52.41 29.31
CA TYR S 192 -26.97 -51.76 28.18
C TYR S 192 -26.63 -52.47 26.87
N SER S 193 -27.56 -52.43 25.92
CA SER S 193 -27.39 -53.06 24.63
C SER S 193 -27.99 -52.16 23.56
N LEU S 194 -27.17 -51.74 22.60
CA LEU S 194 -27.62 -50.88 21.51
C LEU S 194 -27.23 -51.52 20.18
N SER S 195 -27.94 -51.11 19.13
CA SER S 195 -27.73 -51.64 17.78
C SER S 195 -27.68 -50.49 16.80
N SER S 196 -26.54 -50.32 16.13
CA SER S 196 -26.39 -49.32 15.09
C SER S 196 -26.68 -49.93 13.73
N VAL S 197 -27.14 -49.09 12.80
CA VAL S 197 -27.52 -49.53 11.47
C VAL S 197 -27.16 -48.42 10.47
N VAL S 198 -27.18 -48.78 9.19
CA VAL S 198 -26.86 -47.85 8.12
C VAL S 198 -27.47 -48.38 6.82
N THR S 199 -28.05 -47.48 6.04
CA THR S 199 -28.66 -47.84 4.76
C THR S 199 -27.63 -47.63 3.66
N VAL S 200 -27.38 -48.68 2.88
CA VAL S 200 -26.37 -48.63 1.82
C VAL S 200 -26.99 -49.14 0.53
N PRO S 201 -26.48 -48.74 -0.64
CA PRO S 201 -27.00 -49.28 -1.89
C PRO S 201 -26.68 -50.76 -2.02
N SER S 202 -27.66 -51.52 -2.51
CA SER S 202 -27.49 -52.97 -2.63
C SER S 202 -26.46 -53.34 -3.68
N SER S 203 -26.28 -52.49 -4.70
CA SER S 203 -25.30 -52.78 -5.75
C SER S 203 -23.88 -52.57 -5.26
N SER S 204 -23.65 -51.50 -4.49
CA SER S 204 -22.32 -51.17 -3.96
C SER S 204 -22.05 -51.85 -2.63
N LEU S 205 -22.70 -52.97 -2.33
CA LEU S 205 -22.47 -53.65 -1.07
C LEU S 205 -21.12 -54.37 -1.04
N GLY S 206 -20.66 -54.84 -2.21
CA GLY S 206 -19.39 -55.54 -2.27
C GLY S 206 -18.29 -54.73 -2.90
N THR S 207 -18.62 -53.52 -3.36
CA THR S 207 -17.61 -52.66 -3.97
C THR S 207 -16.84 -51.86 -2.94
N GLN S 208 -17.43 -51.59 -1.78
CA GLN S 208 -16.79 -50.85 -0.72
C GLN S 208 -16.91 -51.62 0.60
N THR S 209 -15.87 -51.54 1.41
CA THR S 209 -15.84 -52.24 2.69
C THR S 209 -16.46 -51.36 3.77
N TYR S 210 -17.19 -52.00 4.69
CA TYR S 210 -17.85 -51.32 5.79
C TYR S 210 -17.31 -51.86 7.10
N ILE S 211 -16.93 -50.97 8.01
CA ILE S 211 -16.38 -51.33 9.30
C ILE S 211 -16.88 -50.34 10.34
N CYS S 212 -17.39 -50.85 11.45
CA CYS S 212 -17.87 -50.02 12.55
C CYS S 212 -16.82 -49.97 13.66
N ASN S 213 -16.66 -48.78 14.25
CA ASN S 213 -15.68 -48.56 15.31
C ASN S 213 -16.43 -48.30 16.60
N VAL S 214 -16.45 -49.30 17.48
CA VAL S 214 -17.12 -49.20 18.78
C VAL S 214 -16.05 -48.91 19.83
N ASN S 215 -16.19 -47.77 20.49
CA ASN S 215 -15.23 -47.33 21.50
C ASN S 215 -15.92 -47.25 22.85
N HIS S 216 -15.32 -47.86 23.87
CA HIS S 216 -15.83 -47.84 25.23
C HIS S 216 -14.71 -47.29 26.12
N LYS S 217 -14.84 -46.02 26.52
CA LYS S 217 -13.77 -45.40 27.30
C LYS S 217 -13.68 -45.95 28.72
N PRO S 218 -14.77 -46.09 29.49
CA PRO S 218 -14.61 -46.65 30.85
C PRO S 218 -14.04 -48.05 30.87
N SER S 219 -14.43 -48.91 29.91
CA SER S 219 -13.89 -50.26 29.85
C SER S 219 -12.55 -50.32 29.13
N ASN S 220 -12.09 -49.21 28.56
CA ASN S 220 -10.81 -49.16 27.83
C ASN S 220 -10.79 -50.18 26.69
N THR S 221 -11.95 -50.40 26.07
CA THR S 221 -12.09 -51.36 24.98
C THR S 221 -12.60 -50.62 23.75
N LYS S 222 -11.81 -50.66 22.68
CA LYS S 222 -12.15 -50.02 21.41
C LYS S 222 -12.13 -51.10 20.33
N VAL S 223 -13.25 -51.77 20.14
CA VAL S 223 -13.37 -52.85 19.17
C VAL S 223 -13.87 -52.27 17.85
N ASP S 224 -13.18 -52.63 16.76
CA ASP S 224 -13.52 -52.17 15.41
C ASP S 224 -13.72 -53.41 14.55
N LYS S 225 -14.94 -53.93 14.54
CA LYS S 225 -15.27 -55.12 13.77
C LYS S 225 -15.74 -54.74 12.37
N LYS S 226 -15.79 -55.75 11.50
CA LYS S 226 -16.21 -55.55 10.12
C LYS S 226 -17.61 -56.12 9.88
N ILE T 2 -48.21 -30.65 47.43
CA ILE T 2 -49.10 -30.47 46.28
C ILE T 2 -48.57 -31.27 45.08
N GLN T 3 -49.48 -31.77 44.27
CA GLN T 3 -49.14 -32.54 43.08
C GLN T 3 -49.76 -31.90 41.86
N MET T 4 -48.96 -31.79 40.79
CA MET T 4 -49.40 -31.21 39.53
C MET T 4 -49.41 -32.27 38.44
N THR T 5 -50.42 -32.21 37.57
CA THR T 5 -50.59 -33.18 36.49
C THR T 5 -50.78 -32.43 35.18
N GLN T 6 -49.78 -32.49 34.30
CA GLN T 6 -49.87 -31.86 33.00
C GLN T 6 -50.58 -32.77 32.00
N SER T 7 -51.04 -32.17 30.91
CA SER T 7 -51.78 -32.92 29.90
C SER T 7 -51.79 -32.12 28.60
N PRO T 8 -51.65 -32.77 27.44
CA PRO T 8 -51.40 -34.21 27.32
C PRO T 8 -49.91 -34.55 27.39
N SER T 9 -49.58 -35.85 27.38
CA SER T 9 -48.19 -36.25 27.44
C SER T 9 -47.51 -36.16 26.08
N SER T 10 -48.23 -36.53 25.01
CA SER T 10 -47.69 -36.52 23.65
C SER T 10 -48.55 -35.62 22.77
N LEU T 11 -47.90 -34.73 22.02
CA LEU T 11 -48.58 -33.82 21.11
C LEU T 11 -47.74 -33.66 19.86
N SER T 12 -48.41 -33.54 18.72
CA SER T 12 -47.73 -33.40 17.44
C SER T 12 -48.55 -32.51 16.52
N ALA T 13 -47.89 -31.56 15.87
CA ALA T 13 -48.56 -30.63 14.97
C ALA T 13 -47.58 -30.20 13.88
N SER T 14 -48.12 -29.61 12.83
CA SER T 14 -47.31 -29.15 11.72
C SER T 14 -46.68 -27.80 12.04
N VAL T 15 -45.64 -27.46 11.28
CA VAL T 15 -44.92 -26.21 11.48
C VAL T 15 -45.82 -25.07 11.02
N GLY T 16 -46.26 -24.25 11.96
CA GLY T 16 -47.16 -23.14 11.68
C GLY T 16 -48.56 -23.29 12.23
N ASP T 17 -48.84 -24.33 13.00
CA ASP T 17 -50.15 -24.54 13.60
C ASP T 17 -50.17 -23.99 15.02
N ARG T 18 -51.32 -24.13 15.67
CA ARG T 18 -51.53 -23.66 17.03
C ARG T 18 -51.59 -24.87 17.97
N VAL T 19 -50.73 -24.87 18.99
CA VAL T 19 -50.66 -25.94 19.97
C VAL T 19 -50.97 -25.38 21.34
N SER T 20 -51.66 -26.17 22.17
CA SER T 20 -52.02 -25.76 23.52
C SER T 20 -51.87 -26.95 24.45
N MET T 21 -51.40 -26.68 25.67
CA MET T 21 -51.17 -27.72 26.66
C MET T 21 -51.68 -27.24 28.02
N THR T 22 -52.22 -28.17 28.81
CA THR T 22 -52.77 -27.86 30.10
C THR T 22 -51.92 -28.48 31.21
N CYS T 23 -52.07 -27.93 32.41
CA CYS T 23 -51.34 -28.43 33.57
C CYS T 23 -52.16 -28.09 34.81
N ARG T 24 -52.82 -29.10 35.38
CA ARG T 24 -53.68 -28.90 36.53
C ARG T 24 -52.89 -29.08 37.83
N ALA T 25 -53.47 -28.58 38.91
CA ALA T 25 -52.88 -28.67 40.24
C ALA T 25 -53.91 -29.24 41.21
N SER T 26 -53.44 -30.05 42.16
CA SER T 26 -54.31 -30.67 43.14
C SER T 26 -54.84 -29.68 44.17
N GLN T 27 -54.46 -28.41 44.09
CA GLN T 27 -54.92 -27.39 45.03
C GLN T 27 -54.86 -26.04 44.35
N ILE T 28 -55.72 -25.13 44.80
CA ILE T 28 -55.78 -23.78 44.25
C ILE T 28 -54.44 -23.08 44.45
N ILE T 29 -53.67 -22.96 43.38
CA ILE T 29 -52.33 -22.39 43.45
C ILE T 29 -52.31 -20.90 43.10
N SER T 30 -53.47 -20.26 43.07
CA SER T 30 -53.60 -18.83 42.72
C SER T 30 -53.01 -18.64 41.32
N SER T 31 -52.32 -17.55 41.05
CA SER T 31 -51.65 -17.31 39.76
C SER T 31 -50.17 -17.63 39.86
N SER T 32 -49.82 -18.69 40.60
CA SER T 32 -48.44 -18.99 40.94
C SER T 32 -48.05 -20.31 40.27
N LEU T 33 -47.36 -20.19 39.13
CA LEU T 33 -46.85 -21.33 38.39
C LEU T 33 -45.86 -20.83 37.35
N ASN T 34 -45.03 -21.76 36.85
CA ASN T 34 -44.04 -21.44 35.84
C ASN T 34 -44.05 -22.51 34.76
N TRP T 35 -43.44 -22.17 33.63
CA TRP T 35 -43.30 -23.09 32.50
C TRP T 35 -41.84 -23.14 32.06
N TYR T 36 -41.37 -24.35 31.73
CA TYR T 36 -39.99 -24.56 31.32
C TYR T 36 -39.95 -25.23 29.95
N GLN T 37 -38.82 -25.03 29.26
CA GLN T 37 -38.57 -25.64 27.95
C GLN T 37 -37.24 -26.36 28.01
N GLN T 38 -37.25 -27.67 27.83
CA GLN T 38 -36.06 -28.50 27.94
C GLN T 38 -35.73 -29.09 26.57
N LYS T 39 -34.62 -28.65 25.98
CA LYS T 39 -34.14 -29.26 24.76
C LYS T 39 -33.53 -30.63 25.06
N PRO T 40 -33.63 -31.58 24.13
CA PRO T 40 -33.09 -32.92 24.37
C PRO T 40 -31.60 -32.89 24.62
N GLY T 41 -31.18 -33.40 25.78
CA GLY T 41 -29.79 -33.45 26.14
C GLY T 41 -29.20 -32.19 26.73
N LYS T 42 -30.01 -31.15 26.92
CA LYS T 42 -29.54 -29.88 27.45
C LYS T 42 -30.38 -29.50 28.68
N ALA T 43 -29.91 -28.47 29.37
CA ALA T 43 -30.61 -27.99 30.57
C ALA T 43 -31.81 -27.14 30.18
N PRO T 44 -32.90 -27.22 30.95
CA PRO T 44 -34.08 -26.41 30.64
C PRO T 44 -33.91 -24.96 31.08
N LYS T 45 -34.71 -24.09 30.46
CA LYS T 45 -34.72 -22.67 30.76
C LYS T 45 -36.15 -22.21 31.00
N LEU T 46 -36.29 -21.17 31.82
CA LEU T 46 -37.60 -20.63 32.15
C LEU T 46 -38.14 -19.84 30.98
N LEU T 47 -39.34 -20.21 30.51
CA LEU T 47 -40.00 -19.54 29.40
C LEU T 47 -41.12 -18.60 29.87
N ILE T 48 -41.92 -19.03 30.84
CA ILE T 48 -43.00 -18.22 31.39
C ILE T 48 -42.88 -18.21 32.90
N TYR T 49 -43.02 -17.04 33.51
CA TYR T 49 -42.91 -16.85 34.94
C TYR T 49 -44.17 -16.21 35.47
N ALA T 50 -44.72 -16.78 36.55
CA ALA T 50 -45.94 -16.29 37.20
C ALA T 50 -47.09 -16.22 36.19
N ALA T 51 -47.54 -17.41 35.79
CA ALA T 51 -48.69 -17.59 34.89
C ALA T 51 -48.38 -16.91 33.56
N SER T 52 -49.20 -15.95 33.11
CA SER T 52 -49.03 -15.34 31.79
C SER T 52 -48.14 -14.11 31.92
N ASN T 53 -46.84 -14.34 31.87
CA ASN T 53 -45.87 -13.23 31.87
C ASN T 53 -44.59 -13.75 31.23
N LEU T 54 -44.43 -13.47 29.94
CA LEU T 54 -43.28 -13.96 29.20
C LEU T 54 -41.98 -13.38 29.76
N GLN T 55 -40.93 -14.19 29.69
CA GLN T 55 -39.62 -13.78 30.19
C GLN T 55 -38.79 -13.16 29.07
N SER T 56 -37.78 -12.39 29.47
CA SER T 56 -36.91 -11.73 28.50
C SER T 56 -36.14 -12.76 27.68
N GLY T 57 -36.22 -12.63 26.35
CA GLY T 57 -35.59 -13.54 25.43
C GLY T 57 -36.54 -14.52 24.77
N VAL T 58 -37.76 -14.66 25.30
CA VAL T 58 -38.75 -15.57 24.74
C VAL T 58 -39.46 -14.87 23.59
N PRO T 59 -39.80 -15.58 22.52
CA PRO T 59 -40.49 -14.95 21.40
C PRO T 59 -41.94 -14.62 21.75
N SER T 60 -42.51 -13.69 20.98
CA SER T 60 -43.88 -13.23 21.22
C SER T 60 -44.92 -14.28 20.85
N ARG T 61 -44.53 -15.35 20.16
CA ARG T 61 -45.50 -16.37 19.78
C ARG T 61 -45.99 -17.16 20.98
N PHE T 62 -45.18 -17.25 22.04
CA PHE T 62 -45.60 -17.95 23.25
C PHE T 62 -46.65 -17.14 24.00
N SER T 63 -47.53 -17.86 24.70
CA SER T 63 -48.59 -17.24 25.46
C SER T 63 -49.07 -18.19 26.54
N GLY T 64 -49.51 -17.62 27.66
CA GLY T 64 -50.01 -18.41 28.77
C GLY T 64 -51.31 -17.84 29.30
N SER T 65 -51.91 -18.58 30.22
CA SER T 65 -53.17 -18.19 30.85
C SER T 65 -53.41 -19.11 32.03
N GLY T 66 -54.44 -18.77 32.82
CA GLY T 66 -54.82 -19.59 33.95
C GLY T 66 -54.73 -18.87 35.28
N SER T 67 -55.52 -19.33 36.26
CA SER T 67 -55.53 -18.73 37.59
C SER T 67 -56.21 -19.69 38.54
N GLY T 68 -55.46 -20.21 39.51
CA GLY T 68 -56.03 -21.07 40.52
C GLY T 68 -55.88 -22.56 40.24
N THR T 69 -56.86 -23.14 39.55
CA THR T 69 -56.87 -24.57 39.30
C THR T 69 -56.08 -24.95 38.06
N ASP T 70 -56.74 -24.97 36.90
CA ASP T 70 -56.10 -25.40 35.66
C ASP T 70 -55.53 -24.20 34.92
N PHE T 71 -54.39 -24.42 34.25
CA PHE T 71 -53.73 -23.39 33.47
C PHE T 71 -53.45 -23.94 32.07
N THR T 72 -53.19 -23.01 31.14
CA THR T 72 -52.94 -23.38 29.76
C THR T 72 -51.86 -22.48 29.18
N LEU T 73 -50.94 -23.09 28.43
CA LEU T 73 -49.85 -22.37 27.76
C LEU T 73 -49.94 -22.71 26.27
N THR T 74 -50.49 -21.79 25.49
CA THR T 74 -50.72 -22.02 24.06
C THR T 74 -49.69 -21.24 23.24
N ILE T 75 -49.15 -21.91 22.23
CA ILE T 75 -48.20 -21.31 21.29
C ILE T 75 -48.95 -20.93 20.03
N SER T 76 -48.71 -19.70 19.55
CA SER T 76 -49.40 -19.20 18.37
C SER T 76 -49.02 -19.99 17.13
N SER T 77 -47.85 -19.73 16.57
CA SER T 77 -47.33 -20.44 15.40
C SER T 77 -46.05 -21.16 15.82
N LEU T 78 -46.12 -22.49 15.86
CA LEU T 78 -44.98 -23.29 16.28
C LEU T 78 -43.84 -23.17 15.27
N GLN T 79 -42.64 -22.96 15.77
CA GLN T 79 -41.42 -22.85 14.99
C GLN T 79 -40.58 -24.12 15.11
N PRO T 80 -39.56 -24.27 14.27
CA PRO T 80 -38.74 -25.48 14.34
C PRO T 80 -37.89 -25.57 15.60
N GLU T 81 -37.55 -24.44 16.22
CA GLU T 81 -36.75 -24.43 17.43
C GLU T 81 -37.58 -24.62 18.69
N ASP T 82 -38.86 -24.93 18.56
CA ASP T 82 -39.76 -25.11 19.71
C ASP T 82 -40.08 -26.56 19.99
N PHE T 83 -39.59 -27.50 19.19
CA PHE T 83 -39.85 -28.93 19.40
C PHE T 83 -39.05 -29.41 20.59
N ALA T 84 -39.72 -29.57 21.73
CA ALA T 84 -39.08 -30.01 22.96
C ALA T 84 -40.17 -30.46 23.93
N THR T 85 -39.78 -30.76 25.16
CA THR T 85 -40.70 -31.14 26.22
C THR T 85 -40.89 -29.97 27.17
N TYR T 86 -42.15 -29.62 27.42
CA TYR T 86 -42.50 -28.45 28.23
C TYR T 86 -43.08 -28.91 29.56
N TYR T 87 -42.42 -28.57 30.65
CA TYR T 87 -42.90 -28.87 32.00
C TYR T 87 -43.47 -27.62 32.64
N CYS T 88 -44.31 -27.84 33.65
CA CYS T 88 -44.92 -26.74 34.41
C CYS T 88 -44.38 -26.78 35.83
N GLN T 89 -43.78 -25.68 36.26
CA GLN T 89 -43.20 -25.61 37.61
C GLN T 89 -44.29 -25.26 38.62
N GLN T 90 -43.90 -25.20 39.89
CA GLN T 90 -44.84 -25.03 40.98
C GLN T 90 -44.38 -23.89 41.88
N SER T 91 -45.29 -22.95 42.13
CA SER T 91 -45.08 -21.93 43.14
C SER T 91 -46.13 -22.11 44.23
N TYR T 92 -46.20 -21.14 45.14
CA TYR T 92 -47.12 -21.12 46.28
C TYR T 92 -46.88 -22.32 47.22
N SER T 93 -45.85 -23.13 46.96
CA SER T 93 -45.45 -24.19 47.87
C SER T 93 -44.44 -23.72 48.90
N THR T 94 -44.17 -22.40 48.97
CA THR T 94 -43.24 -21.78 49.90
C THR T 94 -41.84 -22.33 49.72
N PRO T 95 -41.10 -22.54 50.80
CA PRO T 95 -39.77 -23.14 50.68
C PRO T 95 -39.82 -24.62 51.03
N PRO T 96 -40.90 -25.30 50.65
CA PRO T 96 -41.04 -26.72 51.03
C PRO T 96 -41.31 -27.61 49.83
N GLU T 97 -42.53 -27.60 49.32
CA GLU T 97 -42.90 -28.47 48.22
C GLU T 97 -42.47 -27.88 46.88
N LEU T 98 -42.53 -28.72 45.85
CA LEU T 98 -42.20 -28.34 44.48
C LEU T 98 -42.67 -29.43 43.52
N THR T 99 -43.57 -29.10 42.60
CA THR T 99 -44.20 -30.07 41.72
C THR T 99 -43.72 -29.88 40.29
N PHE T 100 -43.48 -30.98 39.60
CA PHE T 100 -43.06 -30.99 38.20
C PHE T 100 -43.90 -32.01 37.45
N GLY T 101 -44.77 -31.52 36.56
CA GLY T 101 -45.58 -32.40 35.75
C GLY T 101 -44.95 -32.71 34.41
N GLY T 102 -44.08 -33.71 34.39
CA GLY T 102 -43.37 -34.09 33.18
C GLY T 102 -44.28 -34.56 32.07
N GLY T 103 -44.31 -33.82 30.97
CA GLY T 103 -45.14 -34.19 29.85
C GLY T 103 -45.10 -33.13 28.77
N THR T 104 -46.08 -33.19 27.87
CA THR T 104 -46.24 -32.24 26.78
C THR T 104 -44.98 -32.18 25.90
N LYS T 105 -44.52 -33.36 25.49
CA LYS T 105 -43.38 -33.47 24.58
C LYS T 105 -43.87 -33.16 23.17
N VAL T 106 -43.55 -31.96 22.68
CA VAL T 106 -44.01 -31.50 21.37
C VAL T 106 -43.05 -31.99 20.30
N GLU T 107 -43.58 -32.61 19.25
CA GLU T 107 -42.81 -33.08 18.12
C GLU T 107 -43.47 -32.63 16.82
N ILE T 108 -42.68 -32.54 15.77
CA ILE T 108 -43.18 -32.09 14.48
C ILE T 108 -43.93 -33.23 13.80
N LYS T 109 -44.88 -32.86 12.94
CA LYS T 109 -45.67 -33.81 12.19
C LYS T 109 -45.06 -34.02 10.80
N ARG T 110 -45.14 -35.25 10.31
CA ARG T 110 -44.57 -35.63 9.03
C ARG T 110 -45.70 -35.93 8.03
N THR T 111 -45.35 -36.58 6.93
CA THR T 111 -46.30 -36.90 5.86
C THR T 111 -46.86 -38.31 5.98
N VAL T 112 -46.72 -38.94 7.15
CA VAL T 112 -47.22 -40.29 7.40
C VAL T 112 -46.64 -41.26 6.37
N ALA T 113 -45.32 -41.41 6.38
CA ALA T 113 -44.65 -42.29 5.44
C ALA T 113 -44.69 -43.74 5.94
N ALA T 114 -44.30 -44.66 5.05
CA ALA T 114 -44.31 -46.09 5.33
C ALA T 114 -42.95 -46.54 5.86
N PRO T 115 -42.93 -47.47 6.81
CA PRO T 115 -41.66 -47.94 7.38
C PRO T 115 -40.96 -48.92 6.44
N SER T 116 -39.66 -48.71 6.25
CA SER T 116 -38.81 -49.63 5.50
C SER T 116 -38.28 -50.66 6.49
N VAL T 117 -38.87 -51.85 6.49
CA VAL T 117 -38.56 -52.87 7.48
C VAL T 117 -37.47 -53.79 6.96
N PHE T 118 -36.85 -54.52 7.88
CA PHE T 118 -35.80 -55.47 7.55
C PHE T 118 -35.59 -56.41 8.73
N ILE T 119 -35.35 -57.68 8.43
CA ILE T 119 -35.14 -58.71 9.45
C ILE T 119 -33.65 -59.04 9.50
N PHE T 120 -33.14 -59.30 10.70
CA PHE T 120 -31.72 -59.57 10.91
C PHE T 120 -31.57 -60.83 11.77
N PRO T 121 -30.85 -61.84 11.31
CA PRO T 121 -30.61 -63.02 12.13
C PRO T 121 -29.49 -62.75 13.13
N PRO T 122 -29.37 -63.58 14.18
CA PRO T 122 -28.28 -63.40 15.14
C PRO T 122 -26.93 -63.69 14.50
N SER T 123 -25.89 -63.09 15.10
CA SER T 123 -24.54 -63.25 14.58
C SER T 123 -24.00 -64.65 14.84
N ASP T 124 -23.15 -65.11 13.92
CA ASP T 124 -22.53 -66.42 14.10
C ASP T 124 -21.59 -66.42 15.30
N GLU T 125 -20.87 -65.32 15.51
CA GLU T 125 -20.01 -65.22 16.69
C GLU T 125 -20.83 -65.12 17.98
N GLN T 126 -22.03 -64.54 17.89
CA GLN T 126 -22.90 -64.46 19.06
C GLN T 126 -23.50 -65.81 19.42
N LEU T 127 -23.62 -66.73 18.47
CA LEU T 127 -24.15 -68.05 18.77
C LEU T 127 -23.18 -68.87 19.61
N LYS T 128 -21.88 -68.64 19.46
CA LYS T 128 -20.90 -69.36 20.26
C LYS T 128 -20.86 -68.87 21.70
N SER T 129 -21.36 -67.67 21.97
CA SER T 129 -21.38 -67.16 23.34
C SER T 129 -22.43 -67.87 24.19
N GLY T 130 -23.55 -68.26 23.58
CA GLY T 130 -24.60 -68.95 24.28
C GLY T 130 -25.90 -68.18 24.48
N THR T 131 -26.17 -67.17 23.67
CA THR T 131 -27.39 -66.38 23.80
C THR T 131 -27.80 -65.85 22.45
N ALA T 132 -29.07 -66.01 22.10
CA ALA T 132 -29.57 -65.52 20.82
C ALA T 132 -29.68 -64.00 20.84
N SER T 133 -29.60 -63.40 19.64
CA SER T 133 -29.63 -61.95 19.52
C SER T 133 -30.22 -61.61 18.13
N VAL T 134 -31.53 -61.76 18.01
CA VAL T 134 -32.26 -61.43 16.79
C VAL T 134 -33.02 -60.13 17.03
N VAL T 135 -32.92 -59.20 16.07
CA VAL T 135 -33.50 -57.87 16.20
C VAL T 135 -34.21 -57.54 14.89
N CYS T 136 -35.46 -57.07 15.01
CA CYS T 136 -36.23 -56.62 13.85
C CYS T 136 -36.10 -55.11 13.74
N LEU T 137 -35.81 -54.63 12.53
CA LEU T 137 -35.48 -53.23 12.29
C LEU T 137 -36.55 -52.57 11.46
N LEU T 138 -37.00 -51.40 11.90
CA LEU T 138 -37.93 -50.55 11.15
C LEU T 138 -37.33 -49.17 11.04
N ASN T 139 -37.08 -48.72 9.82
CA ASN T 139 -36.32 -47.50 9.56
C ASN T 139 -37.18 -46.47 8.86
N ASN T 140 -37.06 -45.22 9.31
CA ASN T 140 -37.68 -44.07 8.67
C ASN T 140 -39.20 -44.22 8.51
N PHE T 141 -39.94 -43.87 9.56
CA PHE T 141 -41.40 -43.93 9.49
C PHE T 141 -41.98 -42.86 10.40
N TYR T 142 -43.26 -42.56 10.16
CA TYR T 142 -44.01 -41.58 10.95
C TYR T 142 -45.49 -41.86 10.78
N PRO T 143 -46.31 -41.75 11.83
CA PRO T 143 -45.90 -41.34 13.19
C PRO T 143 -45.17 -42.45 13.96
N ARG T 144 -44.66 -42.11 15.15
CA ARG T 144 -43.88 -43.07 15.93
C ARG T 144 -44.74 -44.18 16.50
N GLU T 145 -46.06 -44.03 16.50
CA GLU T 145 -46.96 -45.04 17.04
C GLU T 145 -46.93 -46.27 16.12
N ALA T 146 -46.32 -47.35 16.60
CA ALA T 146 -46.21 -48.59 15.83
C ALA T 146 -46.31 -49.77 16.77
N LYS T 147 -46.57 -50.94 16.20
CA LYS T 147 -46.73 -52.18 16.95
C LYS T 147 -45.94 -53.28 16.25
N VAL T 148 -44.81 -53.66 16.83
CA VAL T 148 -43.98 -54.75 16.32
C VAL T 148 -44.19 -55.96 17.21
N GLN T 149 -44.64 -57.06 16.61
CA GLN T 149 -44.95 -58.28 17.34
C GLN T 149 -44.08 -59.42 16.82
N TRP T 150 -43.46 -60.14 17.74
CA TRP T 150 -42.60 -61.27 17.39
C TRP T 150 -43.41 -62.56 17.30
N LYS T 151 -43.10 -63.37 16.31
CA LYS T 151 -43.78 -64.64 16.08
C LYS T 151 -42.73 -65.72 15.86
N VAL T 152 -42.64 -66.66 16.80
CA VAL T 152 -41.70 -67.77 16.72
C VAL T 152 -42.47 -68.99 16.26
N ASP T 153 -42.28 -69.39 15.00
CA ASP T 153 -42.99 -70.52 14.40
C ASP T 153 -44.50 -70.30 14.48
N ASN T 154 -44.95 -69.14 14.01
CA ASN T 154 -46.36 -68.76 14.01
C ASN T 154 -46.95 -68.78 15.42
N ALA T 155 -46.14 -68.37 16.39
CA ALA T 155 -46.58 -68.30 17.78
C ALA T 155 -46.09 -67.00 18.39
N LEU T 156 -47.02 -66.21 18.93
CA LEU T 156 -46.69 -64.88 19.47
C LEU T 156 -46.01 -65.04 20.81
N GLN T 157 -44.73 -64.66 20.88
CA GLN T 157 -43.99 -64.66 22.13
C GLN T 157 -44.20 -63.35 22.87
N SER T 158 -44.03 -63.39 24.19
CA SER T 158 -44.24 -62.23 25.05
C SER T 158 -43.10 -62.08 26.02
N GLY T 159 -42.70 -60.84 26.26
CA GLY T 159 -41.65 -60.56 27.22
C GLY T 159 -40.27 -61.04 26.84
N ASN T 160 -40.02 -61.26 25.55
CA ASN T 160 -38.73 -61.75 25.08
C ASN T 160 -37.97 -60.73 24.25
N SER T 161 -38.50 -59.51 24.09
CA SER T 161 -37.85 -58.50 23.28
C SER T 161 -38.03 -57.13 23.92
N GLN T 162 -37.12 -56.22 23.59
CA GLN T 162 -37.16 -54.85 24.05
C GLN T 162 -36.96 -53.93 22.86
N GLU T 163 -37.79 -52.90 22.76
CA GLU T 163 -37.78 -51.99 21.63
C GLU T 163 -37.20 -50.64 22.03
N SER T 164 -36.53 -50.01 21.08
CA SER T 164 -35.97 -48.67 21.24
C SER T 164 -36.21 -47.88 19.97
N VAL T 165 -36.53 -46.59 20.13
CA VAL T 165 -36.84 -45.72 19.01
C VAL T 165 -35.94 -44.49 19.08
N THR T 166 -35.36 -44.13 17.95
CA THR T 166 -34.51 -42.95 17.87
C THR T 166 -35.37 -41.69 17.77
N GLU T 167 -34.71 -40.54 17.90
CA GLU T 167 -35.40 -39.27 17.82
C GLU T 167 -35.73 -38.92 16.36
N GLN T 168 -36.58 -37.92 16.19
CA GLN T 168 -36.98 -37.49 14.86
C GLN T 168 -35.80 -36.87 14.11
N ASP T 169 -35.67 -37.22 12.84
CA ASP T 169 -34.58 -36.69 12.02
C ASP T 169 -34.77 -35.19 11.78
N SER T 170 -33.66 -34.52 11.48
CA SER T 170 -33.71 -33.08 11.27
C SER T 170 -34.39 -32.74 9.95
N LYS T 171 -34.01 -33.42 8.86
CA LYS T 171 -34.58 -33.16 7.54
C LYS T 171 -35.64 -34.18 7.15
N ASP T 172 -35.49 -35.44 7.54
CA ASP T 172 -36.45 -36.46 7.18
C ASP T 172 -37.68 -36.43 8.07
N SER T 173 -37.51 -36.06 9.35
CA SER T 173 -38.60 -36.02 10.33
C SER T 173 -39.31 -37.36 10.43
N THR T 174 -38.51 -38.44 10.44
CA THR T 174 -39.03 -39.80 10.52
C THR T 174 -38.32 -40.55 11.63
N TYR T 175 -39.09 -41.35 12.37
CA TYR T 175 -38.55 -42.13 13.47
C TYR T 175 -38.07 -43.50 12.98
N SER T 176 -37.36 -44.20 13.85
CA SER T 176 -36.86 -45.54 13.54
C SER T 176 -36.85 -46.36 14.83
N LEU T 177 -37.52 -47.49 14.83
CA LEU T 177 -37.63 -48.36 15.99
C LEU T 177 -36.94 -49.69 15.72
N SER T 178 -36.47 -50.32 16.79
CA SER T 178 -35.79 -51.62 16.68
C SER T 178 -36.07 -52.41 17.95
N SER T 179 -36.78 -53.53 17.78
CA SER T 179 -37.10 -54.42 18.90
C SER T 179 -36.19 -55.64 18.83
N THR T 180 -35.24 -55.71 19.77
CA THR T 180 -34.27 -56.80 19.81
C THR T 180 -34.75 -57.89 20.76
N LEU T 181 -34.80 -59.12 20.25
CA LEU T 181 -35.23 -60.27 21.02
C LEU T 181 -34.02 -61.14 21.36
N THR T 182 -33.94 -61.57 22.63
CA THR T 182 -32.83 -62.38 23.11
C THR T 182 -33.40 -63.59 23.83
N LEU T 183 -33.06 -64.78 23.34
CA LEU T 183 -33.49 -66.04 23.93
C LEU T 183 -32.28 -66.94 24.15
N SER T 184 -32.52 -68.11 24.71
CA SER T 184 -31.44 -69.05 24.99
C SER T 184 -30.96 -69.70 23.69
N LYS T 185 -29.65 -69.96 23.63
CA LYS T 185 -29.08 -70.59 22.44
C LYS T 185 -29.61 -72.01 22.26
N ALA T 186 -29.83 -72.73 23.37
CA ALA T 186 -30.42 -74.05 23.27
C ALA T 186 -31.87 -73.97 22.80
N ASP T 187 -32.61 -72.97 23.25
CA ASP T 187 -33.97 -72.76 22.80
C ASP T 187 -34.05 -72.18 21.40
N TYR T 188 -32.98 -71.51 20.94
CA TYR T 188 -32.99 -70.92 19.60
C TYR T 188 -32.86 -72.00 18.53
N GLU T 189 -32.05 -73.02 18.78
CA GLU T 189 -31.89 -74.10 17.81
C GLU T 189 -33.10 -75.02 17.74
N LYS T 190 -34.05 -74.87 18.66
CA LYS T 190 -35.23 -75.75 18.63
C LYS T 190 -36.15 -75.39 17.48
N HIS T 191 -36.25 -74.11 17.15
CA HIS T 191 -37.09 -73.63 16.06
C HIS T 191 -36.23 -73.21 14.87
N LYS T 192 -36.89 -73.03 13.73
CA LYS T 192 -36.18 -72.65 12.51
C LYS T 192 -36.95 -71.62 11.68
N VAL T 193 -37.99 -70.99 12.23
CA VAL T 193 -38.78 -70.02 11.49
C VAL T 193 -39.27 -68.92 12.42
N TYR T 194 -38.53 -67.82 12.47
CA TYR T 194 -38.90 -66.65 13.26
C TYR T 194 -39.28 -65.51 12.32
N ALA T 195 -40.19 -64.65 12.79
CA ALA T 195 -40.66 -63.54 11.98
C ALA T 195 -41.22 -62.45 12.88
N CYS T 196 -41.15 -61.21 12.40
CA CYS T 196 -41.70 -60.06 13.08
C CYS T 196 -42.75 -59.41 12.18
N GLU T 197 -43.99 -59.36 12.66
CA GLU T 197 -45.08 -58.75 11.93
C GLU T 197 -45.36 -57.37 12.49
N VAL T 198 -45.33 -56.36 11.63
CA VAL T 198 -45.52 -54.97 12.03
C VAL T 198 -46.87 -54.51 11.50
N THR T 199 -47.68 -53.91 12.38
CA THR T 199 -48.99 -53.36 12.04
C THR T 199 -48.89 -51.84 12.13
N HIS T 200 -48.76 -51.18 10.98
CA HIS T 200 -48.61 -49.74 10.92
C HIS T 200 -49.73 -49.13 10.08
N GLN T 201 -50.03 -47.85 10.34
CA GLN T 201 -51.09 -47.17 9.62
C GLN T 201 -50.73 -46.90 8.16
N GLY T 202 -49.45 -46.95 7.81
CA GLY T 202 -49.02 -46.71 6.45
C GLY T 202 -48.95 -47.96 5.60
N LEU T 203 -49.61 -49.03 6.06
CA LEU T 203 -49.63 -50.30 5.37
C LEU T 203 -51.06 -50.82 5.30
N SER T 204 -51.43 -51.35 4.13
CA SER T 204 -52.77 -51.91 3.96
C SER T 204 -52.94 -53.17 4.79
N SER T 205 -52.02 -54.12 4.65
CA SER T 205 -52.04 -55.35 5.42
C SER T 205 -50.77 -55.47 6.25
N PRO T 206 -50.87 -56.02 7.47
CA PRO T 206 -49.67 -56.16 8.31
C PRO T 206 -48.59 -57.04 7.68
N VAL T 207 -47.56 -56.40 7.13
CA VAL T 207 -46.49 -57.15 6.49
C VAL T 207 -45.62 -57.82 7.55
N THR T 208 -44.98 -58.92 7.16
CA THR T 208 -44.10 -59.68 8.04
C THR T 208 -42.83 -60.04 7.31
N LYS T 209 -41.76 -60.25 8.07
CA LYS T 209 -40.44 -60.57 7.53
C LYS T 209 -39.91 -61.81 8.24
N SER T 210 -39.82 -62.91 7.52
CA SER T 210 -39.35 -64.18 8.05
C SER T 210 -38.00 -64.54 7.44
N PHE T 211 -37.45 -65.67 7.88
CA PHE T 211 -36.17 -66.14 7.38
C PHE T 211 -36.03 -67.62 7.71
N ASN T 212 -35.07 -68.26 7.05
CA ASN T 212 -34.77 -69.67 7.25
C ASN T 212 -33.45 -69.81 8.00
N ARG T 213 -33.43 -70.72 8.98
CA ARG T 213 -32.21 -70.91 9.77
C ARG T 213 -31.11 -71.58 8.97
N GLY T 214 -31.47 -72.34 7.93
CA GLY T 214 -30.49 -73.02 7.11
C GLY T 214 -29.77 -72.08 6.15
N GLU T 215 -30.52 -71.48 5.23
CA GLU T 215 -29.94 -70.56 4.25
C GLU T 215 -29.48 -69.27 4.90
N ILE U 3 -68.78 -1.80 44.41
CA ILE U 3 -67.96 -2.86 43.85
C ILE U 3 -67.20 -2.34 42.62
N LEU U 4 -65.90 -2.59 42.61
CA LEU U 4 -65.06 -2.16 41.50
C LEU U 4 -65.02 -3.21 40.41
N ARG U 5 -64.94 -2.74 39.16
CA ARG U 5 -64.89 -3.61 37.99
C ARG U 5 -63.44 -3.73 37.52
N ASP U 6 -63.06 -4.96 37.13
CA ASP U 6 -61.74 -5.26 36.59
C ASP U 6 -60.62 -4.99 37.60
N CYS U 7 -60.54 -3.76 38.10
CA CYS U 7 -59.47 -3.39 39.01
C CYS U 7 -59.63 -4.11 40.35
N SER U 8 -58.51 -4.22 41.07
CA SER U 8 -58.49 -4.82 42.39
C SER U 8 -58.56 -3.74 43.46
N VAL U 9 -58.61 -4.17 44.72
CA VAL U 9 -58.69 -3.22 45.83
C VAL U 9 -57.36 -2.47 45.98
N ALA U 10 -56.25 -3.18 45.85
CA ALA U 10 -54.95 -2.53 45.99
C ALA U 10 -54.65 -1.61 44.80
N GLY U 11 -54.98 -2.07 43.59
CA GLY U 11 -54.73 -1.25 42.41
C GLY U 11 -55.61 -0.01 42.34
N TRP U 12 -56.78 -0.05 42.97
CA TRP U 12 -57.67 1.10 42.94
C TRP U 12 -57.26 2.16 43.97
N LEU U 13 -56.78 1.71 45.14
CA LEU U 13 -56.32 2.66 46.15
C LEU U 13 -55.09 3.42 45.68
N LEU U 14 -54.26 2.81 44.82
CA LEU U 14 -53.10 3.47 44.26
C LEU U 14 -53.39 4.11 42.91
N GLY U 15 -54.45 3.69 42.23
CA GLY U 15 -54.83 4.30 40.97
C GLY U 15 -54.07 3.79 39.77
N ASN U 16 -54.48 2.65 39.24
CA ASN U 16 -53.83 2.12 38.05
C ASN U 16 -54.27 2.94 36.83
N PRO U 17 -53.37 3.14 35.85
CA PRO U 17 -53.75 3.93 34.67
C PRO U 17 -54.88 3.31 33.88
N MET U 18 -54.77 2.02 33.53
CA MET U 18 -55.82 1.34 32.79
C MET U 18 -57.12 1.19 33.58
N CYS U 19 -57.12 1.55 34.85
CA CYS U 19 -58.31 1.47 35.68
C CYS U 19 -59.12 2.76 35.57
N ASP U 20 -60.44 2.62 35.68
CA ASP U 20 -61.35 3.76 35.60
C ASP U 20 -61.46 4.47 36.94
N VAL U 32 -67.26 -5.65 48.82
CA VAL U 32 -65.94 -5.66 48.20
C VAL U 32 -66.08 -5.46 46.69
N GLU U 33 -64.98 -5.70 45.97
CA GLU U 33 -64.97 -5.53 44.52
C GLU U 33 -65.17 -6.86 43.82
N LYS U 34 -64.39 -7.10 42.76
CA LYS U 34 -64.48 -8.34 42.01
C LYS U 34 -63.61 -9.42 42.65
N ALA U 35 -63.77 -10.65 42.16
CA ALA U 35 -63.02 -11.78 42.69
C ALA U 35 -61.67 -11.96 41.99
N ASN U 36 -61.64 -11.83 40.66
CA ASN U 36 -60.41 -11.95 39.88
C ASN U 36 -60.09 -10.62 39.23
N PRO U 37 -58.95 -10.01 39.52
CA PRO U 37 -58.61 -8.73 38.92
C PRO U 37 -57.93 -8.88 37.57
N VAL U 38 -58.09 -7.84 36.74
CA VAL U 38 -57.40 -7.79 35.46
C VAL U 38 -55.91 -7.59 35.67
N ASN U 39 -55.54 -6.55 36.43
CA ASN U 39 -54.15 -6.30 36.77
C ASN U 39 -54.14 -5.38 38.00
N ASP U 40 -53.98 -5.98 39.18
CA ASP U 40 -53.96 -5.22 40.43
C ASP U 40 -52.87 -4.16 40.39
N LEU U 41 -51.62 -4.58 40.53
CA LEU U 41 -50.47 -3.68 40.44
C LEU U 41 -49.75 -3.96 39.13
N CYS U 42 -49.73 -2.97 38.24
CA CYS U 42 -49.01 -3.11 36.98
C CYS U 42 -47.53 -3.39 37.23
N TYR U 43 -46.89 -2.53 38.01
CA TYR U 43 -45.52 -2.79 38.43
C TYR U 43 -45.52 -3.94 39.44
N PRO U 44 -44.63 -4.93 39.28
CA PRO U 44 -44.63 -6.05 40.23
C PRO U 44 -44.22 -5.61 41.62
N GLY U 45 -44.84 -6.21 42.63
CA GLY U 45 -44.54 -5.86 44.00
C GLY U 45 -45.59 -6.42 44.95
N ASP U 46 -45.44 -6.05 46.21
CA ASP U 46 -46.32 -6.51 47.27
C ASP U 46 -46.85 -5.32 48.06
N PHE U 47 -48.00 -5.52 48.70
CA PHE U 47 -48.64 -4.52 49.55
C PHE U 47 -48.55 -5.02 50.99
N ASN U 48 -47.67 -4.40 51.78
CA ASN U 48 -47.48 -4.82 53.16
C ASN U 48 -48.72 -4.56 53.99
N ASP U 49 -49.09 -5.53 54.81
CA ASP U 49 -50.30 -5.48 55.63
C ASP U 49 -51.55 -5.24 54.76
N TYR U 50 -51.63 -6.00 53.66
CA TYR U 50 -52.75 -5.86 52.75
C TYR U 50 -54.05 -6.33 53.40
N GLU U 51 -54.01 -7.43 54.14
CA GLU U 51 -55.21 -7.95 54.78
C GLU U 51 -55.74 -6.99 55.85
N GLU U 52 -54.84 -6.23 56.48
CA GLU U 52 -55.27 -5.28 57.51
C GLU U 52 -55.93 -4.06 56.90
N LEU U 53 -55.50 -3.65 55.70
CA LEU U 53 -56.10 -2.46 55.07
C LEU U 53 -57.51 -2.76 54.59
N LYS U 54 -57.72 -3.91 53.95
CA LYS U 54 -59.05 -4.26 53.45
C LYS U 54 -60.04 -4.49 54.59
N HIS U 55 -59.56 -4.84 55.78
CA HIS U 55 -60.45 -4.97 56.93
C HIS U 55 -60.86 -3.61 57.47
N LEU U 56 -59.93 -2.66 57.52
CA LEU U 56 -60.26 -1.32 57.96
C LEU U 56 -61.05 -0.56 56.89
N LEU U 57 -60.83 -0.89 55.62
CA LEU U 57 -61.57 -0.24 54.54
C LEU U 57 -63.00 -0.76 54.45
N SER U 58 -63.28 -1.95 54.96
CA SER U 58 -64.62 -2.53 54.86
C SER U 58 -65.65 -1.65 55.52
N ARG U 59 -65.43 -1.26 56.77
CA ARG U 59 -66.36 -0.39 57.50
C ARG U 59 -66.00 1.08 57.30
N ILE U 60 -65.87 1.50 56.06
CA ILE U 60 -65.50 2.88 55.72
C ILE U 60 -66.75 3.75 55.86
N ASN U 61 -66.76 4.61 56.87
CA ASN U 61 -67.87 5.56 57.02
C ASN U 61 -67.90 6.55 55.86
N HIS U 62 -66.76 7.17 55.57
CA HIS U 62 -66.63 8.11 54.46
C HIS U 62 -65.17 8.42 54.19
N PHE U 63 -64.73 8.31 52.95
CA PHE U 63 -63.36 8.63 52.59
C PHE U 63 -63.36 9.45 51.29
N GLU U 64 -62.42 10.38 51.21
CA GLU U 64 -62.36 11.34 50.12
C GLU U 64 -60.91 11.62 49.76
N LYS U 65 -60.63 11.71 48.47
CA LYS U 65 -59.28 11.95 47.98
C LYS U 65 -58.88 13.40 48.24
N ILE U 66 -57.90 13.60 49.10
CA ILE U 66 -57.39 14.93 49.43
C ILE U 66 -55.93 15.00 49.04
N GLN U 67 -55.57 16.03 48.27
CA GLN U 67 -54.20 16.18 47.81
C GLN U 67 -53.28 16.58 48.96
N ILE U 68 -52.20 15.83 49.14
CA ILE U 68 -51.25 16.08 50.21
C ILE U 68 -50.08 16.90 49.66
N ILE U 69 -49.10 16.22 49.07
CA ILE U 69 -47.92 16.86 48.50
C ILE U 69 -48.14 16.97 46.99
N PRO U 70 -48.26 18.18 46.44
CA PRO U 70 -48.51 18.30 45.00
C PRO U 70 -47.32 17.86 44.17
N LYS U 71 -47.61 17.47 42.93
CA LYS U 71 -46.55 17.07 42.00
C LYS U 71 -45.75 18.24 41.49
N SER U 72 -46.30 19.46 41.53
CA SER U 72 -45.61 20.65 41.08
C SER U 72 -44.68 21.24 42.14
N SER U 73 -44.53 20.56 43.28
CA SER U 73 -43.69 21.06 44.35
C SER U 73 -42.29 20.44 44.36
N TRP U 74 -42.05 19.42 43.52
CA TRP U 74 -40.74 18.78 43.45
C TRP U 74 -39.82 19.63 42.60
N SER U 75 -39.05 20.49 43.26
CA SER U 75 -38.24 21.48 42.56
C SER U 75 -36.89 20.92 42.12
N SER U 76 -36.32 19.98 42.87
CA SER U 76 -34.99 19.45 42.59
C SER U 76 -35.01 18.02 42.07
N HIS U 77 -36.19 17.50 41.71
CA HIS U 77 -36.30 16.13 41.22
C HIS U 77 -37.26 16.09 40.06
N GLU U 78 -36.97 15.23 39.08
CA GLU U 78 -37.83 15.05 37.92
C GLU U 78 -38.99 14.14 38.29
N ALA U 79 -40.22 14.66 38.18
CA ALA U 79 -41.41 13.91 38.55
C ALA U 79 -42.28 13.53 37.36
N SER U 80 -42.18 14.23 36.24
CA SER U 80 -42.98 13.93 35.06
C SER U 80 -42.31 12.95 34.11
N LEU U 81 -41.04 12.64 34.31
CA LEU U 81 -40.30 11.73 33.45
C LEU U 81 -40.15 10.34 34.05
N GLY U 82 -40.93 10.01 35.09
CA GLY U 82 -40.85 8.72 35.72
C GLY U 82 -42.05 7.84 35.44
N VAL U 83 -41.91 6.90 34.50
CA VAL U 83 -42.96 5.99 34.10
C VAL U 83 -42.37 4.59 33.97
N SER U 84 -43.23 3.63 33.59
CA SER U 84 -42.80 2.24 33.46
C SER U 84 -43.56 1.58 32.33
N SER U 85 -42.87 0.68 31.61
CA SER U 85 -43.50 -0.01 30.49
C SER U 85 -44.58 -0.97 30.95
N ALA U 86 -44.45 -1.52 32.16
CA ALA U 86 -45.46 -2.44 32.67
C ALA U 86 -46.83 -1.79 32.72
N CYS U 87 -46.93 -0.63 33.36
CA CYS U 87 -48.17 0.13 33.31
C CYS U 87 -48.44 0.58 31.87
N PRO U 88 -49.68 0.46 31.40
CA PRO U 88 -49.98 0.89 30.03
C PRO U 88 -51.19 1.80 29.97
N TYR U 89 -51.01 2.99 29.40
CA TYR U 89 -52.12 3.92 29.17
C TYR U 89 -51.98 4.52 27.77
N GLN U 90 -52.94 4.21 26.91
CA GLN U 90 -53.06 4.82 25.58
C GLN U 90 -51.75 4.74 24.81
N GLY U 91 -51.20 3.54 24.74
CA GLY U 91 -49.97 3.30 23.98
C GLY U 91 -48.66 3.61 24.69
N LYS U 92 -48.52 4.81 25.25
CA LYS U 92 -47.30 5.19 25.91
C LYS U 92 -47.24 4.62 27.32
N SER U 93 -46.02 4.37 27.79
CA SER U 93 -45.81 3.88 29.15
C SER U 93 -46.11 4.98 30.15
N SER U 94 -46.67 4.59 31.30
CA SER U 94 -47.11 5.54 32.30
C SER U 94 -46.89 4.93 33.69
N PHE U 95 -47.46 5.58 34.70
CA PHE U 95 -47.35 5.17 36.09
C PHE U 95 -48.67 5.45 36.79
N PHE U 96 -48.74 5.11 38.08
CA PHE U 96 -49.95 5.34 38.85
C PHE U 96 -50.25 6.84 38.95
N ARG U 97 -51.52 7.15 39.22
CA ARG U 97 -51.96 8.54 39.30
C ARG U 97 -51.90 9.10 40.72
N ASN U 98 -52.20 8.27 41.72
CA ASN U 98 -52.20 8.75 43.10
C ASN U 98 -50.80 8.83 43.70
N VAL U 99 -49.83 8.16 43.09
CA VAL U 99 -48.44 8.19 43.57
C VAL U 99 -47.56 8.81 42.49
N VAL U 100 -46.37 9.23 42.91
CA VAL U 100 -45.41 9.87 42.02
C VAL U 100 -44.09 9.12 42.09
N TRP U 101 -43.43 8.98 40.95
CA TRP U 101 -42.13 8.33 40.86
C TRP U 101 -41.07 9.42 40.66
N LEU U 102 -40.29 9.67 41.71
CA LEU U 102 -39.27 10.72 41.68
C LEU U 102 -37.96 10.14 41.18
N ILE U 103 -37.44 10.70 40.08
CA ILE U 103 -36.16 10.32 39.53
C ILE U 103 -35.17 11.47 39.74
N LYS U 104 -33.89 11.16 39.58
CA LYS U 104 -32.86 12.17 39.80
C LYS U 104 -32.87 13.21 38.69
N LYS U 105 -32.87 14.48 39.08
CA LYS U 105 -32.83 15.58 38.13
C LYS U 105 -31.38 15.96 37.83
N ASN U 106 -31.13 16.31 36.56
CA ASN U 106 -29.80 16.66 36.09
C ASN U 106 -28.80 15.55 36.42
N SER U 107 -28.10 15.71 37.53
CA SER U 107 -27.14 14.70 37.99
C SER U 107 -26.98 14.80 39.50
N THR U 108 -28.10 14.84 40.21
CA THR U 108 -28.09 14.90 41.67
C THR U 108 -29.47 14.54 42.19
N TYR U 109 -29.50 13.76 43.28
CA TYR U 109 -30.74 13.40 43.97
C TYR U 109 -30.62 13.88 45.41
N PRO U 110 -30.99 15.13 45.69
CA PRO U 110 -30.91 15.63 47.06
C PRO U 110 -31.89 14.93 47.98
N THR U 111 -31.50 14.82 49.24
CA THR U 111 -32.34 14.17 50.26
C THR U 111 -33.55 15.04 50.53
N ILE U 112 -34.73 14.56 50.13
CA ILE U 112 -35.97 15.28 50.36
C ILE U 112 -36.45 15.02 51.79
N LYS U 113 -36.86 16.09 52.48
CA LYS U 113 -37.34 16.02 53.86
C LYS U 113 -38.63 16.83 53.96
N ARG U 114 -39.74 16.19 53.62
CA ARG U 114 -41.05 16.83 53.64
C ARG U 114 -41.86 16.34 54.84
N SER U 115 -42.93 17.07 55.14
CA SER U 115 -43.79 16.73 56.27
C SER U 115 -45.15 17.37 56.05
N TYR U 116 -46.21 16.65 56.44
CA TYR U 116 -47.59 17.09 56.23
C TYR U 116 -48.38 16.94 57.52
N ASN U 117 -48.98 18.04 57.96
CA ASN U 117 -49.83 18.04 59.15
C ASN U 117 -51.28 17.81 58.75
N ASN U 118 -51.92 16.82 59.37
CA ASN U 118 -53.29 16.45 59.04
C ASN U 118 -54.24 17.50 59.59
N THR U 119 -54.35 18.61 58.88
CA THR U 119 -55.21 19.72 59.30
C THR U 119 -56.69 19.44 59.07
N ASN U 120 -57.04 18.34 58.39
CA ASN U 120 -58.43 18.02 58.16
C ASN U 120 -59.05 17.38 59.40
N GLN U 121 -60.37 17.40 59.45
CA GLN U 121 -61.10 16.87 60.60
C GLN U 121 -61.24 15.36 60.58
N GLU U 122 -61.08 14.73 59.43
CA GLU U 122 -61.21 13.29 59.29
C GLU U 122 -59.86 12.60 59.33
N ASP U 123 -59.89 11.29 59.50
CA ASP U 123 -58.66 10.49 59.54
C ASP U 123 -58.08 10.39 58.14
N LEU U 124 -56.83 10.84 57.99
CA LEU U 124 -56.15 10.81 56.69
C LEU U 124 -55.44 9.49 56.49
N LEU U 125 -55.54 8.96 55.28
CA LEU U 125 -54.88 7.71 54.90
C LEU U 125 -53.88 8.03 53.79
N VAL U 126 -52.59 7.85 54.08
CA VAL U 126 -51.51 8.14 53.13
C VAL U 126 -50.77 6.84 52.84
N LEU U 127 -50.42 6.63 51.56
CA LEU U 127 -49.66 5.48 51.13
C LEU U 127 -48.36 5.93 50.50
N TRP U 128 -47.40 5.01 50.43
CA TRP U 128 -46.10 5.27 49.82
C TRP U 128 -45.43 3.94 49.54
N GLY U 129 -44.31 4.00 48.83
CA GLY U 129 -43.60 2.79 48.47
C GLY U 129 -42.14 3.06 48.16
N ILE U 130 -41.33 2.01 48.31
CA ILE U 130 -39.91 2.05 48.00
C ILE U 130 -39.67 1.10 46.82
N HIS U 131 -38.88 1.57 45.85
CA HIS U 131 -38.62 0.81 44.63
C HIS U 131 -37.31 0.06 44.77
N HIS U 132 -37.35 -1.24 44.46
CA HIS U 132 -36.15 -2.07 44.48
C HIS U 132 -35.59 -2.16 43.08
N PRO U 133 -34.35 -1.75 42.84
CA PRO U 133 -33.78 -1.80 41.49
C PRO U 133 -33.49 -3.23 41.06
N ASN U 134 -33.17 -3.37 39.77
CA ASN U 134 -32.86 -4.68 39.19
C ASN U 134 -31.39 -5.05 39.33
N ASP U 135 -30.49 -4.07 39.29
CA ASP U 135 -29.07 -4.32 39.44
C ASP U 135 -28.42 -3.13 40.10
N ALA U 136 -27.15 -3.30 40.50
CA ALA U 136 -26.44 -2.22 41.17
C ALA U 136 -26.16 -1.06 40.22
N ALA U 137 -25.94 -1.34 38.94
CA ALA U 137 -25.67 -0.27 37.98
C ALA U 137 -26.93 0.52 37.64
N GLU U 138 -28.11 -0.12 37.74
CA GLU U 138 -29.35 0.58 37.44
C GLU U 138 -29.65 1.67 38.48
N GLN U 139 -29.15 1.50 39.70
CA GLN U 139 -29.38 2.49 40.75
C GLN U 139 -28.81 3.85 40.35
N THR U 140 -27.54 3.90 39.95
CA THR U 140 -26.91 5.17 39.61
C THR U 140 -27.56 5.81 38.40
N LYS U 141 -28.01 4.98 37.43
CA LYS U 141 -28.66 5.51 36.24
C LYS U 141 -29.91 6.29 36.61
N LEU U 142 -30.73 5.72 37.50
CA LEU U 142 -32.00 6.35 37.87
C LEU U 142 -31.82 7.30 39.04
N TYR U 143 -31.52 6.76 40.22
CA TYR U 143 -31.56 7.51 41.48
C TYR U 143 -30.20 8.11 41.85
N GLN U 144 -29.11 7.51 41.35
CA GLN U 144 -27.78 8.12 41.31
C GLN U 144 -27.07 8.11 42.66
N ASN U 145 -27.73 8.53 43.72
CA ASN U 145 -27.11 8.47 45.03
C ASN U 145 -26.75 7.01 45.36
N PRO U 146 -25.52 6.73 45.77
CA PRO U 146 -25.05 5.34 45.82
C PRO U 146 -25.79 4.46 46.82
N THR U 147 -25.89 4.93 48.07
CA THR U 147 -26.52 4.18 49.15
C THR U 147 -27.69 4.99 49.66
N THR U 148 -28.90 4.56 49.34
CA THR U 148 -30.12 5.30 49.65
C THR U 148 -30.96 4.53 50.67
N TYR U 149 -32.06 5.16 51.07
CA TYR U 149 -32.97 4.65 52.09
C TYR U 149 -34.25 5.47 52.03
N ILE U 150 -35.30 4.94 52.68
CA ILE U 150 -36.60 5.59 52.75
C ILE U 150 -37.06 5.56 54.19
N SER U 151 -37.31 6.74 54.76
CA SER U 151 -37.70 6.87 56.16
C SER U 151 -39.01 7.65 56.25
N VAL U 152 -40.03 7.03 56.83
CA VAL U 152 -41.33 7.66 57.04
C VAL U 152 -41.64 7.55 58.53
N GLY U 153 -41.64 8.69 59.21
CA GLY U 153 -41.84 8.74 60.66
C GLY U 153 -43.16 9.41 61.00
N THR U 154 -43.89 8.80 61.94
CA THR U 154 -45.15 9.34 62.43
C THR U 154 -45.24 9.09 63.92
N SER U 155 -46.28 9.64 64.55
CA SER U 155 -46.46 9.46 65.98
C SER U 155 -46.92 8.04 66.32
N THR U 156 -47.57 7.37 65.38
CA THR U 156 -48.06 6.01 65.62
C THR U 156 -47.10 4.93 65.15
N LEU U 157 -46.18 5.25 64.23
CA LEU U 157 -45.24 4.26 63.73
C LEU U 157 -44.03 4.96 63.15
N ASN U 158 -42.88 4.31 63.26
CA ASN U 158 -41.62 4.83 62.73
C ASN U 158 -40.90 3.68 62.03
N GLN U 159 -40.90 3.71 60.70
CA GLN U 159 -40.30 2.66 59.89
C GLN U 159 -39.16 3.24 59.05
N ARG U 160 -38.17 2.40 58.77
CA ARG U 160 -37.02 2.76 57.95
C ARG U 160 -36.77 1.64 56.96
N LEU U 161 -37.08 1.87 55.69
CA LEU U 161 -36.94 0.87 54.65
C LEU U 161 -35.68 1.13 53.83
N VAL U 162 -34.93 0.07 53.56
CA VAL U 162 -33.72 0.11 52.76
C VAL U 162 -33.94 -0.74 51.53
N PRO U 163 -33.69 -0.24 50.33
CA PRO U 163 -33.95 -1.03 49.12
C PRO U 163 -32.93 -2.15 48.94
N ARG U 164 -33.39 -3.24 48.31
CA ARG U 164 -32.57 -4.40 48.04
C ARG U 164 -32.42 -4.56 46.54
N ILE U 165 -31.19 -4.82 46.09
CA ILE U 165 -30.88 -4.96 44.67
C ILE U 165 -30.54 -6.41 44.37
N ALA U 166 -31.19 -6.97 43.37
CA ALA U 166 -30.96 -8.34 42.94
C ALA U 166 -31.62 -8.55 41.58
N THR U 167 -31.02 -9.42 40.77
CA THR U 167 -31.55 -9.73 39.45
C THR U 167 -32.84 -10.53 39.62
N ARG U 168 -33.97 -9.90 39.31
CA ARG U 168 -35.28 -10.50 39.50
C ARG U 168 -35.87 -10.93 38.15
N SER U 169 -36.73 -11.94 38.19
CA SER U 169 -37.39 -12.40 36.99
C SER U 169 -38.43 -11.39 36.54
N LYS U 170 -38.48 -11.14 35.23
CA LYS U 170 -39.40 -10.16 34.67
C LYS U 170 -40.83 -10.67 34.78
N VAL U 171 -41.70 -9.88 35.41
CA VAL U 171 -43.11 -10.21 35.55
C VAL U 171 -43.92 -9.00 35.13
N ASN U 172 -44.85 -9.22 34.19
CA ASN U 172 -45.74 -8.18 33.68
C ASN U 172 -44.99 -7.01 33.05
N GLY U 173 -43.72 -7.19 32.71
CA GLY U 173 -42.96 -6.14 32.08
C GLY U 173 -41.48 -6.13 32.43
N GLN U 174 -41.12 -5.42 33.50
CA GLN U 174 -39.73 -5.22 33.88
C GLN U 174 -39.34 -6.17 35.01
N SER U 175 -38.11 -6.01 35.50
CA SER U 175 -37.56 -6.85 36.55
C SER U 175 -37.61 -6.20 37.92
N GLY U 176 -37.50 -4.88 38.00
CA GLY U 176 -37.56 -4.19 39.28
C GLY U 176 -38.92 -4.33 39.94
N ARG U 177 -38.95 -4.00 41.23
CA ARG U 177 -40.16 -4.18 42.02
C ARG U 177 -40.24 -3.09 43.08
N MET U 178 -41.46 -2.91 43.60
CA MET U 178 -41.76 -1.85 44.56
C MET U 178 -42.64 -2.41 45.67
N GLU U 179 -42.29 -2.13 46.92
CA GLU U 179 -43.05 -2.58 48.08
C GLU U 179 -43.78 -1.37 48.66
N PHE U 180 -45.10 -1.43 48.70
CA PHE U 180 -45.93 -0.31 49.12
C PHE U 180 -46.31 -0.42 50.59
N PHE U 181 -46.40 0.72 51.25
CA PHE U 181 -46.77 0.82 52.65
C PHE U 181 -47.99 1.72 52.80
N TRP U 182 -48.50 1.79 54.03
CA TRP U 182 -49.65 2.64 54.32
C TRP U 182 -49.70 2.92 55.81
N THR U 183 -50.34 4.04 56.17
CA THR U 183 -50.48 4.42 57.55
C THR U 183 -51.69 5.34 57.69
N ILE U 184 -52.42 5.18 58.80
CA ILE U 184 -53.58 6.01 59.09
C ILE U 184 -53.11 7.22 59.89
N LEU U 185 -53.30 8.41 59.33
CA LEU U 185 -52.87 9.64 59.98
C LEU U 185 -54.01 10.20 60.83
N LYS U 186 -53.73 10.41 62.11
CA LYS U 186 -54.71 10.99 63.02
C LYS U 186 -54.77 12.50 62.85
N PRO U 187 -55.89 13.12 63.23
CA PRO U 187 -55.99 14.59 63.15
C PRO U 187 -54.94 15.25 64.04
N ASN U 188 -54.51 16.44 63.60
CA ASN U 188 -53.52 17.25 64.31
C ASN U 188 -52.15 16.57 64.39
N ASP U 189 -52.03 15.41 63.76
CA ASP U 189 -50.76 14.69 63.68
C ASP U 189 -50.12 14.92 62.32
N ALA U 190 -48.80 14.71 62.27
CA ALA U 190 -48.04 14.94 61.05
C ALA U 190 -47.09 13.78 60.80
N ILE U 191 -46.81 13.55 59.52
CA ILE U 191 -45.91 12.49 59.08
C ILE U 191 -44.62 13.13 58.58
N ASN U 192 -43.49 12.48 58.83
CA ASN U 192 -42.18 12.99 58.43
C ASN U 192 -41.57 12.03 57.40
N PHE U 193 -41.23 12.57 56.24
CA PHE U 193 -40.60 11.81 55.17
C PHE U 193 -39.13 12.21 55.05
N GLU U 194 -38.31 11.22 54.65
CA GLU U 194 -36.89 11.46 54.40
C GLU U 194 -36.36 10.32 53.56
N SER U 195 -35.76 10.63 52.41
CA SER U 195 -35.25 9.61 51.51
C SER U 195 -34.10 10.17 50.69
N ASN U 196 -33.07 9.35 50.51
CA ASN U 196 -31.95 9.66 49.62
C ASN U 196 -32.08 8.97 48.28
N GLY U 197 -33.20 8.34 48.01
CA GLY U 197 -33.42 7.58 46.80
C GLY U 197 -34.31 6.39 47.06
N ASN U 198 -34.80 5.80 45.98
CA ASN U 198 -35.70 4.65 46.03
C ASN U 198 -36.98 5.00 46.80
N PHE U 199 -37.64 6.07 46.36
CA PHE U 199 -38.83 6.59 47.03
C PHE U 199 -39.90 6.89 46.00
N ILE U 200 -41.02 6.16 46.07
CA ILE U 200 -42.21 6.45 45.26
C ILE U 200 -43.07 7.37 46.13
N ALA U 201 -42.89 8.67 45.96
CA ALA U 201 -43.56 9.64 46.81
C ALA U 201 -45.03 9.74 46.45
N PRO U 202 -45.90 9.99 47.43
CA PRO U 202 -47.33 10.16 47.15
C PRO U 202 -47.68 11.59 46.80
N GLU U 203 -48.73 11.73 45.99
CA GLU U 203 -49.32 13.02 45.69
C GLU U 203 -50.73 13.18 46.23
N TYR U 204 -51.50 12.10 46.32
CA TYR U 204 -52.87 12.13 46.81
C TYR U 204 -53.00 11.28 48.06
N ALA U 205 -54.02 11.57 48.85
CA ALA U 205 -54.33 10.80 50.05
C ALA U 205 -55.83 10.77 50.24
N TYR U 206 -56.29 9.84 51.06
CA TYR U 206 -57.72 9.64 51.32
C TYR U 206 -58.03 9.94 52.77
N LYS U 207 -59.12 10.67 53.00
CA LYS U 207 -59.52 11.09 54.34
C LYS U 207 -60.66 10.19 54.80
N ILE U 208 -60.28 9.04 55.39
CA ILE U 208 -61.28 8.08 55.84
C ILE U 208 -61.95 8.57 57.12
N VAL U 209 -63.15 8.05 57.38
CA VAL U 209 -63.89 8.41 58.58
C VAL U 209 -64.30 7.14 59.34
N GLU V 1 -31.04 -60.40 -35.59
CA GLU V 1 -31.21 -59.03 -35.13
C GLU V 1 -30.31 -58.73 -33.93
N VAL V 2 -29.04 -59.08 -34.06
CA VAL V 2 -28.05 -58.83 -32.98
C VAL V 2 -27.45 -57.46 -33.28
N GLN V 3 -28.18 -56.42 -32.91
CA GLN V 3 -27.77 -55.05 -33.19
C GLN V 3 -27.58 -54.28 -31.88
N LEU V 4 -26.89 -53.14 -31.98
CA LEU V 4 -26.65 -52.27 -30.85
C LEU V 4 -26.97 -50.84 -31.25
N VAL V 5 -27.74 -50.15 -30.40
CA VAL V 5 -28.19 -48.79 -30.67
C VAL V 5 -27.49 -47.84 -29.69
N GLU V 6 -26.91 -46.77 -30.22
CA GLU V 6 -26.22 -45.78 -29.42
C GLU V 6 -27.15 -44.60 -29.14
N SER V 7 -27.17 -44.14 -27.90
CA SER V 7 -28.02 -43.03 -27.50
C SER V 7 -27.30 -42.19 -26.46
N GLY V 8 -27.82 -40.99 -26.22
CA GLY V 8 -27.25 -40.08 -25.25
C GLY V 8 -26.46 -38.92 -25.83
N GLY V 9 -26.46 -38.75 -27.15
CA GLY V 9 -25.71 -37.67 -27.75
C GLY V 9 -26.45 -36.34 -27.70
N GLY V 10 -25.68 -35.27 -27.83
CA GLY V 10 -26.25 -33.94 -27.80
C GLY V 10 -25.16 -32.89 -27.76
N LEU V 11 -25.61 -31.64 -27.64
CA LEU V 11 -24.69 -30.51 -27.57
C LEU V 11 -24.32 -30.21 -26.13
N VAL V 12 -23.05 -29.93 -25.90
CA VAL V 12 -22.54 -29.65 -24.57
C VAL V 12 -21.54 -28.50 -24.65
N GLN V 13 -21.53 -27.64 -23.63
CA GLN V 13 -20.59 -26.54 -23.59
C GLN V 13 -19.17 -27.07 -23.36
N PRO V 14 -18.15 -26.35 -23.83
CA PRO V 14 -16.77 -26.82 -23.63
C PRO V 14 -16.40 -26.83 -22.16
N GLY V 15 -15.66 -27.86 -21.76
CA GLY V 15 -15.25 -28.03 -20.38
C GLY V 15 -16.25 -28.76 -19.50
N GLY V 16 -17.46 -29.02 -19.99
CA GLY V 16 -18.47 -29.71 -19.23
C GLY V 16 -18.24 -31.21 -19.17
N SER V 17 -19.33 -31.93 -18.93
CA SER V 17 -19.26 -33.38 -18.82
C SER V 17 -20.57 -33.98 -19.31
N LEU V 18 -20.48 -35.11 -20.01
CA LEU V 18 -21.66 -35.81 -20.51
C LEU V 18 -21.26 -37.24 -20.84
N ARG V 19 -22.12 -38.19 -20.46
CA ARG V 19 -21.87 -39.60 -20.69
C ARG V 19 -22.86 -40.16 -21.71
N LEU V 20 -22.39 -41.13 -22.48
CA LEU V 20 -23.20 -41.79 -23.50
C LEU V 20 -23.42 -43.25 -23.13
N SER V 21 -24.60 -43.77 -23.48
CA SER V 21 -24.99 -45.13 -23.14
C SER V 21 -25.45 -45.84 -24.40
N CYS V 22 -24.83 -46.98 -24.69
CA CYS V 22 -25.22 -47.83 -25.81
C CYS V 22 -25.75 -49.14 -25.28
N ALA V 23 -26.84 -49.62 -25.89
CA ALA V 23 -27.51 -50.84 -25.47
C ALA V 23 -27.47 -51.87 -26.58
N ALA V 24 -27.03 -53.08 -26.26
CA ALA V 24 -26.98 -54.19 -27.19
C ALA V 24 -28.23 -55.05 -27.04
N SER V 25 -28.55 -55.78 -28.11
CA SER V 25 -29.73 -56.63 -28.12
C SER V 25 -29.56 -57.71 -29.18
N GLY V 26 -29.78 -58.96 -28.81
CA GLY V 26 -29.68 -60.06 -29.76
C GLY V 26 -28.71 -61.15 -29.34
N PHE V 27 -27.47 -60.78 -29.10
CA PHE V 27 -26.42 -61.73 -28.75
C PHE V 27 -26.14 -61.70 -27.24
N THR V 28 -25.38 -62.68 -26.78
CA THR V 28 -25.01 -62.78 -25.37
C THR V 28 -24.00 -61.69 -25.05
N PHE V 29 -24.35 -60.81 -24.11
CA PHE V 29 -23.48 -59.68 -23.79
C PHE V 29 -22.23 -60.13 -23.03
N SER V 30 -22.40 -61.05 -22.08
CA SER V 30 -21.37 -61.31 -21.09
C SER V 30 -20.19 -62.10 -21.64
N THR V 31 -20.13 -62.24 -22.96
CA THR V 31 -19.10 -63.03 -23.61
C THR V 31 -18.12 -62.23 -24.44
N TYR V 32 -18.46 -61.01 -24.85
CA TYR V 32 -17.64 -60.22 -25.75
C TYR V 32 -17.20 -58.92 -25.08
N TRP V 33 -16.33 -58.20 -25.78
CA TRP V 33 -15.79 -56.95 -25.30
C TRP V 33 -16.65 -55.78 -25.81
N MET V 34 -16.18 -54.56 -25.59
CA MET V 34 -16.88 -53.37 -26.05
C MET V 34 -15.88 -52.23 -26.19
N THR V 35 -15.70 -51.74 -27.42
CA THR V 35 -14.75 -50.68 -27.70
C THR V 35 -15.46 -49.48 -28.31
N TRP V 36 -14.99 -48.29 -27.95
CA TRP V 36 -15.54 -47.04 -28.45
C TRP V 36 -14.66 -46.48 -29.55
N VAL V 37 -15.28 -46.03 -30.63
CA VAL V 37 -14.57 -45.46 -31.77
C VAL V 37 -15.10 -44.04 -32.00
N ARG V 38 -14.18 -43.11 -32.26
CA ARG V 38 -14.52 -41.71 -32.48
C ARG V 38 -14.12 -41.33 -33.91
N GLN V 39 -14.95 -40.49 -34.54
CA GLN V 39 -14.69 -40.02 -35.89
C GLN V 39 -15.05 -38.55 -35.99
N ALA V 40 -14.07 -37.72 -36.30
CA ALA V 40 -14.32 -36.30 -36.46
C ALA V 40 -15.08 -36.05 -37.76
N PRO V 41 -15.85 -34.96 -37.84
CA PRO V 41 -16.59 -34.67 -39.07
C PRO V 41 -15.68 -34.44 -40.26
N GLY V 42 -15.69 -35.39 -41.20
CA GLY V 42 -14.83 -35.33 -42.36
C GLY V 42 -13.48 -35.98 -42.21
N LYS V 43 -13.12 -36.39 -41.00
CA LYS V 43 -11.83 -37.03 -40.73
C LYS V 43 -12.02 -38.54 -40.59
N GLY V 44 -10.95 -39.23 -40.19
CA GLY V 44 -11.00 -40.68 -40.05
C GLY V 44 -11.40 -41.12 -38.66
N LEU V 45 -11.60 -42.43 -38.53
CA LEU V 45 -11.99 -43.03 -37.27
C LEU V 45 -10.81 -43.13 -36.32
N GLU V 46 -11.06 -42.89 -35.04
CA GLU V 46 -10.04 -42.94 -34.00
C GLU V 46 -10.56 -43.73 -32.82
N TRP V 47 -9.69 -44.55 -32.23
CA TRP V 47 -10.05 -45.36 -31.08
C TRP V 47 -10.12 -44.51 -29.82
N VAL V 48 -11.20 -44.65 -29.07
CA VAL V 48 -11.42 -43.87 -27.85
C VAL V 48 -11.03 -44.69 -26.64
N ALA V 49 -11.77 -45.76 -26.38
CA ALA V 49 -11.52 -46.61 -25.21
C ALA V 49 -11.96 -48.04 -25.53
N ASN V 50 -11.64 -48.93 -24.60
CA ASN V 50 -12.00 -50.35 -24.75
C ASN V 50 -12.20 -50.94 -23.37
N ILE V 51 -13.28 -51.71 -23.21
CA ILE V 51 -13.62 -52.35 -21.95
C ILE V 51 -13.47 -53.86 -22.10
N ASN V 52 -12.97 -54.50 -21.05
CA ASN V 52 -12.74 -55.94 -21.08
C ASN V 52 -14.04 -56.69 -20.77
N GLN V 53 -13.94 -58.01 -20.60
CA GLN V 53 -15.12 -58.80 -20.26
C GLN V 53 -15.67 -58.41 -18.90
N ASP V 54 -14.82 -58.41 -17.88
CA ASP V 54 -15.18 -57.92 -16.56
C ASP V 54 -14.87 -56.43 -16.47
N GLY V 55 -15.76 -55.69 -15.81
CA GLY V 55 -15.61 -54.25 -15.69
C GLY V 55 -14.51 -53.83 -14.75
N GLY V 56 -13.31 -54.40 -14.90
CA GLY V 56 -12.19 -54.06 -14.06
C GLY V 56 -10.95 -53.70 -14.86
N GLU V 57 -10.90 -54.15 -16.11
CA GLU V 57 -9.80 -53.85 -17.02
C GLU V 57 -10.32 -52.97 -18.15
N LYS V 58 -9.65 -51.84 -18.37
CA LYS V 58 -10.07 -50.91 -19.40
C LYS V 58 -8.85 -50.18 -19.96
N TYR V 59 -8.96 -49.75 -21.21
CA TYR V 59 -7.92 -49.02 -21.89
C TYR V 59 -8.42 -47.65 -22.32
N PHE V 60 -7.49 -46.72 -22.49
CA PHE V 60 -7.83 -45.37 -22.92
C PHE V 60 -6.71 -44.82 -23.79
N VAL V 61 -7.08 -43.95 -24.73
CA VAL V 61 -6.08 -43.33 -25.59
C VAL V 61 -5.27 -42.30 -24.81
N ASP V 62 -4.06 -42.05 -25.29
CA ASP V 62 -3.18 -41.10 -24.61
C ASP V 62 -3.68 -39.66 -24.71
N SER V 63 -4.56 -39.37 -25.67
CA SER V 63 -5.06 -38.01 -25.81
C SER V 63 -6.17 -37.71 -24.82
N VAL V 64 -7.01 -38.69 -24.51
CA VAL V 64 -8.11 -38.53 -23.57
C VAL V 64 -7.87 -39.31 -22.29
N LYS V 65 -6.62 -39.63 -21.97
CA LYS V 65 -6.30 -40.37 -20.76
C LYS V 65 -6.57 -39.53 -19.52
N GLY V 66 -7.24 -40.12 -18.54
CA GLY V 66 -7.57 -39.42 -17.32
C GLY V 66 -8.73 -38.46 -17.43
N ARG V 67 -9.27 -38.24 -18.64
CA ARG V 67 -10.39 -37.34 -18.83
C ARG V 67 -11.71 -38.05 -19.10
N PHE V 68 -11.68 -39.32 -19.49
CA PHE V 68 -12.88 -40.08 -19.79
C PHE V 68 -12.87 -41.38 -19.00
N THR V 69 -14.06 -41.97 -18.89
CA THR V 69 -14.23 -43.23 -18.17
C THR V 69 -15.17 -44.12 -18.98
N ILE V 70 -15.08 -45.43 -18.74
CA ILE V 70 -15.90 -46.41 -19.44
C ILE V 70 -16.32 -47.47 -18.44
N SER V 71 -17.63 -47.63 -18.26
CA SER V 71 -18.20 -48.62 -17.35
C SER V 71 -19.18 -49.50 -18.11
N ARG V 72 -19.50 -50.65 -17.50
CA ARG V 72 -20.40 -51.61 -18.13
C ARG V 72 -21.22 -52.32 -17.06
N ASP V 73 -22.52 -52.44 -17.32
CA ASP V 73 -23.43 -53.21 -16.49
C ASP V 73 -23.86 -54.43 -17.31
N ASN V 74 -23.18 -55.56 -17.08
CA ASN V 74 -23.44 -56.76 -17.89
C ASN V 74 -24.85 -57.29 -17.68
N ALA V 75 -25.44 -57.05 -16.51
CA ALA V 75 -26.79 -57.54 -16.25
C ALA V 75 -27.82 -56.74 -17.04
N LYS V 76 -27.63 -55.43 -17.15
CA LYS V 76 -28.56 -54.58 -17.87
C LYS V 76 -28.35 -54.59 -19.38
N ASN V 77 -27.32 -55.28 -19.86
CA ASN V 77 -27.00 -55.35 -21.29
C ASN V 77 -26.82 -53.95 -21.89
N SER V 78 -25.84 -53.23 -21.34
CA SER V 78 -25.56 -51.87 -21.79
C SER V 78 -24.12 -51.52 -21.44
N LEU V 79 -23.56 -50.60 -22.21
CA LEU V 79 -22.20 -50.11 -21.99
C LEU V 79 -22.23 -48.58 -21.91
N PHE V 80 -21.47 -48.04 -20.96
CA PHE V 80 -21.45 -46.61 -20.69
C PHE V 80 -20.05 -46.06 -20.94
N LEU V 81 -19.99 -44.75 -21.21
CA LEU V 81 -18.72 -44.07 -21.43
C LEU V 81 -18.86 -42.64 -20.88
N GLN V 82 -18.32 -42.41 -19.69
CA GLN V 82 -18.41 -41.12 -19.03
C GLN V 82 -17.19 -40.27 -19.39
N MET V 83 -17.44 -39.02 -19.76
CA MET V 83 -16.38 -38.08 -20.12
C MET V 83 -16.50 -36.83 -19.28
N ASN V 84 -15.36 -36.36 -18.76
CA ASN V 84 -15.30 -35.15 -17.96
C ASN V 84 -14.27 -34.19 -18.56
N THR V 85 -14.56 -32.90 -18.43
CA THR V 85 -13.72 -31.83 -18.96
C THR V 85 -13.47 -32.03 -20.47
N LEU V 86 -14.58 -32.10 -21.20
CA LEU V 86 -14.50 -32.32 -22.64
C LEU V 86 -13.93 -31.10 -23.34
N ARG V 87 -12.90 -31.31 -24.15
CA ARG V 87 -12.27 -30.23 -24.90
C ARG V 87 -12.99 -30.00 -26.22
N ALA V 88 -12.67 -28.89 -26.87
CA ALA V 88 -13.28 -28.56 -28.15
C ALA V 88 -12.84 -29.52 -29.25
N GLU V 89 -11.66 -30.11 -29.12
CA GLU V 89 -11.18 -31.05 -30.11
C GLU V 89 -11.94 -32.38 -30.07
N ASP V 90 -12.58 -32.70 -28.95
CA ASP V 90 -13.34 -33.93 -28.81
C ASP V 90 -14.71 -33.85 -29.47
N THR V 91 -15.07 -32.70 -30.06
CA THR V 91 -16.36 -32.53 -30.72
C THR V 91 -16.38 -33.41 -31.97
N ALA V 92 -17.03 -34.56 -31.88
CA ALA V 92 -17.08 -35.51 -32.98
C ALA V 92 -18.23 -36.49 -32.74
N VAL V 93 -18.54 -37.26 -33.78
CA VAL V 93 -19.53 -38.32 -33.67
C VAL V 93 -18.85 -39.56 -33.12
N TYR V 94 -19.50 -40.23 -32.17
CA TYR V 94 -18.92 -41.36 -31.48
C TYR V 94 -19.63 -42.65 -31.86
N TYR V 95 -18.84 -43.69 -32.12
CA TYR V 95 -19.34 -45.02 -32.44
C TYR V 95 -19.05 -45.98 -31.29
N CYS V 96 -19.85 -47.03 -31.22
CA CYS V 96 -19.62 -48.13 -30.29
C CYS V 96 -19.55 -49.43 -31.07
N ALA V 97 -18.67 -50.34 -30.64
CA ALA V 97 -18.48 -51.59 -31.35
C ALA V 97 -18.04 -52.67 -30.38
N ARG V 98 -18.56 -53.87 -30.58
CA ARG V 98 -18.20 -55.04 -29.78
C ARG V 98 -17.37 -56.00 -30.59
N GLY V 99 -16.49 -56.73 -29.91
CA GLY V 99 -15.63 -57.69 -30.57
C GLY V 99 -14.84 -58.54 -29.61
N PHE V 100 -14.76 -59.83 -29.89
CA PHE V 100 -14.02 -60.77 -29.05
C PHE V 100 -12.65 -61.02 -29.66
N LEU V 101 -11.61 -60.94 -28.83
CA LEU V 101 -10.24 -61.18 -29.27
C LEU V 101 -9.77 -62.55 -28.80
N GLU V 102 -8.85 -63.14 -29.57
CA GLU V 102 -8.29 -64.44 -29.22
C GLU V 102 -6.97 -64.58 -29.96
N ARG V 103 -5.86 -64.57 -29.21
CA ARG V 103 -4.53 -64.65 -29.81
C ARG V 103 -4.34 -65.96 -30.55
N LEU V 104 -4.46 -65.91 -31.88
CA LEU V 104 -4.28 -67.09 -32.71
C LEU V 104 -2.80 -67.29 -33.00
N LEU V 105 -2.49 -68.16 -33.97
CA LEU V 105 -1.11 -68.45 -34.36
C LEU V 105 -1.03 -68.44 -35.88
N LEU V 106 -1.20 -67.26 -36.48
CA LEU V 106 -1.15 -67.10 -37.92
C LEU V 106 0.27 -66.83 -38.42
N GLY V 107 1.00 -65.95 -37.73
CA GLY V 107 2.35 -65.60 -38.12
C GLY V 107 3.36 -66.65 -37.72
N ARG V 108 4.60 -66.21 -37.48
CA ARG V 108 5.66 -67.14 -37.09
C ARG V 108 5.48 -67.59 -35.64
N GLN V 109 5.26 -66.65 -34.73
CA GLN V 109 5.07 -66.96 -33.32
C GLN V 109 4.47 -65.76 -32.61
N GLY V 110 3.69 -66.02 -31.58
CA GLY V 110 3.11 -64.96 -30.78
C GLY V 110 2.13 -64.10 -31.54
N ALA V 111 1.30 -64.70 -32.39
CA ALA V 111 0.33 -63.94 -33.17
C ALA V 111 -0.84 -63.51 -32.31
N TYR V 112 -1.47 -62.41 -32.72
CA TYR V 112 -2.65 -61.86 -32.05
C TYR V 112 -3.72 -61.57 -33.08
N TYR V 113 -4.87 -61.08 -32.61
CA TYR V 113 -5.99 -60.75 -33.47
C TYR V 113 -7.06 -60.03 -32.65
N TYR V 114 -7.79 -59.14 -33.32
CA TYR V 114 -8.92 -58.45 -32.70
C TYR V 114 -9.77 -57.85 -33.81
N GLY V 115 -11.04 -58.18 -33.84
CA GLY V 115 -11.94 -57.70 -34.87
C GLY V 115 -13.25 -57.17 -34.31
N MET V 116 -13.71 -56.07 -34.88
CA MET V 116 -14.99 -55.47 -34.51
C MET V 116 -16.00 -55.74 -35.62
N ASP V 117 -17.06 -56.47 -35.28
CA ASP V 117 -18.05 -56.90 -36.26
C ASP V 117 -19.40 -56.19 -36.12
N VAL V 118 -19.83 -55.88 -34.91
CA VAL V 118 -21.11 -55.23 -34.66
C VAL V 118 -20.86 -53.77 -34.34
N TRP V 119 -21.46 -52.87 -35.10
CA TRP V 119 -21.30 -51.44 -34.91
C TRP V 119 -22.68 -50.78 -34.76
N GLY V 120 -22.71 -49.65 -34.06
CA GLY V 120 -23.93 -48.93 -33.80
C GLY V 120 -24.20 -47.83 -34.80
N GLN V 121 -25.33 -47.14 -34.59
CA GLN V 121 -25.73 -46.06 -35.48
C GLN V 121 -24.86 -44.84 -35.29
N GLY V 122 -24.59 -44.46 -34.05
CA GLY V 122 -23.73 -43.33 -33.76
C GLY V 122 -24.53 -42.13 -33.29
N THR V 123 -23.97 -41.40 -32.33
CA THR V 123 -24.58 -40.20 -31.78
C THR V 123 -23.69 -39.00 -32.09
N THR V 124 -24.29 -37.94 -32.59
CA THR V 124 -23.55 -36.73 -32.95
C THR V 124 -23.32 -35.90 -31.68
N VAL V 125 -22.07 -35.83 -31.24
CA VAL V 125 -21.69 -35.09 -30.03
C VAL V 125 -20.95 -33.83 -30.47
N THR V 126 -21.31 -32.70 -29.87
CA THR V 126 -20.69 -31.42 -30.17
C THR V 126 -20.22 -30.79 -28.87
N VAL V 127 -18.97 -30.32 -28.88
CA VAL V 127 -18.39 -29.70 -27.69
C VAL V 127 -18.30 -28.18 -27.88
N SER V 131 -24.19 -22.11 -27.41
CA SER V 131 -24.50 -20.82 -28.02
C SER V 131 -25.28 -20.99 -29.32
N THR V 132 -26.49 -21.52 -29.23
CA THR V 132 -27.31 -21.74 -30.40
C THR V 132 -27.71 -20.42 -31.05
N LYS V 133 -27.81 -20.43 -32.37
CA LYS V 133 -28.17 -19.25 -33.13
C LYS V 133 -28.93 -19.65 -34.38
N GLY V 134 -29.70 -18.70 -34.92
CA GLY V 134 -30.49 -18.94 -36.11
C GLY V 134 -29.71 -18.63 -37.38
N PRO V 135 -30.15 -19.22 -38.49
CA PRO V 135 -29.46 -18.99 -39.76
C PRO V 135 -29.83 -17.64 -40.38
N SER V 136 -28.92 -17.15 -41.22
CA SER V 136 -29.11 -15.91 -41.97
C SER V 136 -29.14 -16.25 -43.44
N VAL V 137 -30.31 -16.10 -44.07
CA VAL V 137 -30.50 -16.47 -45.47
C VAL V 137 -30.40 -15.21 -46.33
N PHE V 138 -29.54 -15.26 -47.35
CA PHE V 138 -29.39 -14.16 -48.29
C PHE V 138 -29.45 -14.73 -49.70
N PRO V 139 -30.26 -14.13 -50.60
CA PRO V 139 -30.38 -14.59 -51.99
C PRO V 139 -29.07 -14.49 -52.76
N ALA V 153 -28.75 -19.69 -62.53
CA ALA V 153 -27.45 -20.08 -61.99
C ALA V 153 -27.17 -19.36 -60.68
N LEU V 154 -28.20 -19.18 -59.88
CA LEU V 154 -28.10 -18.52 -58.58
C LEU V 154 -28.61 -19.46 -57.49
N GLY V 155 -28.33 -19.10 -56.25
CA GLY V 155 -28.75 -19.93 -55.13
C GLY V 155 -28.82 -19.12 -53.85
N CYS V 156 -29.26 -19.80 -52.79
CA CYS V 156 -29.42 -19.20 -51.47
C CYS V 156 -28.19 -19.50 -50.62
N LEU V 157 -27.89 -18.59 -49.70
CA LEU V 157 -26.72 -18.69 -48.82
C LEU V 157 -27.18 -18.60 -47.38
N VAL V 158 -26.85 -19.62 -46.59
CA VAL V 158 -27.19 -19.67 -45.17
C VAL V 158 -25.87 -19.56 -44.41
N LYS V 159 -25.62 -18.40 -43.82
CA LYS V 159 -24.37 -18.13 -43.11
C LYS V 159 -24.66 -17.89 -41.63
N ASP V 160 -23.68 -18.26 -40.80
CA ASP V 160 -23.73 -18.06 -39.34
C ASP V 160 -24.96 -18.75 -38.73
N TYR V 161 -24.86 -20.09 -38.67
CA TYR V 161 -25.91 -20.90 -38.08
C TYR V 161 -25.27 -22.04 -37.30
N PHE V 162 -25.93 -22.42 -36.20
CA PHE V 162 -25.40 -23.40 -35.25
C PHE V 162 -26.52 -23.86 -34.36
N PRO V 163 -26.66 -25.17 -34.09
CA PRO V 163 -25.79 -26.23 -34.62
C PRO V 163 -26.33 -26.88 -35.90
N GLU V 164 -25.69 -27.98 -36.31
CA GLU V 164 -26.11 -28.71 -37.48
C GLU V 164 -27.39 -29.49 -37.19
N PRO V 165 -28.17 -29.82 -38.23
CA PRO V 165 -27.98 -29.47 -39.64
C PRO V 165 -28.95 -28.40 -40.14
N VAL V 166 -29.04 -28.25 -41.46
CA VAL V 166 -29.95 -27.28 -42.07
C VAL V 166 -30.50 -27.91 -43.35
N THR V 167 -31.83 -28.07 -43.40
CA THR V 167 -32.49 -28.64 -44.57
C THR V 167 -32.93 -27.52 -45.51
N VAL V 168 -32.57 -27.64 -46.78
CA VAL V 168 -32.87 -26.63 -47.78
C VAL V 168 -33.67 -27.29 -48.89
N SER V 169 -34.91 -26.84 -49.07
CA SER V 169 -35.80 -27.33 -50.11
C SER V 169 -36.19 -26.17 -51.03
N TRP V 170 -36.21 -26.44 -52.33
CA TRP V 170 -36.50 -25.42 -53.34
C TRP V 170 -37.97 -25.51 -53.73
N ASN V 171 -38.76 -24.54 -53.26
CA ASN V 171 -40.20 -24.47 -53.57
C ASN V 171 -40.91 -25.77 -53.19
N SER V 172 -40.61 -26.29 -52.01
CA SER V 172 -41.21 -27.52 -51.50
C SER V 172 -40.97 -28.70 -52.45
N GLY V 173 -39.76 -28.76 -53.02
CA GLY V 173 -39.42 -29.86 -53.89
C GLY V 173 -39.83 -29.71 -55.33
N ALA V 174 -40.01 -28.48 -55.81
CA ALA V 174 -40.38 -28.27 -57.20
C ALA V 174 -39.19 -28.48 -58.13
N LEU V 175 -38.04 -27.92 -57.77
CA LEU V 175 -36.82 -28.05 -58.55
C LEU V 175 -35.99 -29.17 -57.94
N THR V 176 -36.15 -30.37 -58.48
CA THR V 176 -35.44 -31.55 -57.98
C THR V 176 -34.09 -31.75 -58.67
N SER V 177 -34.05 -31.63 -59.99
CA SER V 177 -32.82 -31.83 -60.73
C SER V 177 -31.97 -30.56 -60.72
N GLY V 178 -30.68 -30.73 -60.45
CA GLY V 178 -29.75 -29.61 -60.44
C GLY V 178 -29.56 -28.95 -59.09
N VAL V 179 -30.20 -29.45 -58.04
CA VAL V 179 -30.07 -28.85 -56.72
C VAL V 179 -28.73 -29.26 -56.12
N HIS V 180 -28.02 -28.27 -55.57
CA HIS V 180 -26.71 -28.49 -54.95
C HIS V 180 -26.73 -27.88 -53.56
N THR V 181 -26.62 -28.73 -52.54
CA THR V 181 -26.58 -28.30 -51.14
C THR V 181 -25.14 -28.50 -50.64
N PHE V 182 -24.36 -27.42 -50.68
CA PHE V 182 -22.97 -27.50 -50.28
C PHE V 182 -22.85 -27.73 -48.78
N PRO V 183 -21.81 -28.43 -48.34
CA PRO V 183 -21.63 -28.66 -46.90
C PRO V 183 -21.23 -27.37 -46.18
N ALA V 184 -21.51 -27.34 -44.88
CA ALA V 184 -21.21 -26.18 -44.07
C ALA V 184 -19.72 -26.11 -43.75
N VAL V 185 -19.26 -24.91 -43.43
CA VAL V 185 -17.88 -24.66 -43.08
C VAL V 185 -17.85 -23.92 -41.74
N LEU V 186 -17.07 -24.44 -40.79
CA LEU V 186 -16.98 -23.85 -39.47
C LEU V 186 -16.11 -22.60 -39.54
N GLN V 187 -16.72 -21.44 -39.32
CA GLN V 187 -16.00 -20.17 -39.36
C GLN V 187 -15.20 -19.98 -38.07
N SER V 188 -14.36 -18.94 -38.07
CA SER V 188 -13.56 -18.64 -36.89
C SER V 188 -14.43 -18.11 -35.75
N SER V 189 -15.58 -17.51 -36.06
CA SER V 189 -16.45 -17.01 -35.01
C SER V 189 -17.11 -18.14 -34.24
N GLY V 190 -17.32 -19.29 -34.88
CA GLY V 190 -17.94 -20.44 -34.23
C GLY V 190 -19.25 -20.90 -34.83
N LEU V 191 -19.74 -20.26 -35.89
CA LEU V 191 -21.00 -20.62 -36.52
C LEU V 191 -20.75 -21.10 -37.94
N TYR V 192 -21.43 -22.18 -38.33
CA TYR V 192 -21.25 -22.75 -39.65
C TYR V 192 -21.90 -21.87 -40.71
N SER V 193 -21.56 -22.15 -41.97
CA SER V 193 -22.08 -21.40 -43.10
C SER V 193 -22.08 -22.28 -44.33
N LEU V 194 -23.20 -22.31 -45.04
CA LEU V 194 -23.33 -23.12 -46.24
C LEU V 194 -24.24 -22.41 -47.24
N SER V 195 -23.87 -22.49 -48.51
CA SER V 195 -24.63 -21.87 -49.59
C SER V 195 -25.13 -22.95 -50.54
N SER V 196 -26.44 -22.97 -50.77
CA SER V 196 -27.08 -23.94 -51.64
C SER V 196 -27.45 -23.27 -52.95
N VAL V 197 -26.98 -23.82 -54.07
CA VAL V 197 -27.22 -23.27 -55.39
C VAL V 197 -27.95 -24.30 -56.24
N VAL V 198 -28.50 -23.83 -57.36
CA VAL V 198 -29.22 -24.68 -58.29
C VAL V 198 -29.23 -24.02 -59.67
N THR V 199 -28.85 -24.77 -60.69
CA THR V 199 -28.81 -24.25 -62.06
C THR V 199 -30.14 -24.52 -62.75
N VAL V 200 -30.81 -23.44 -63.17
CA VAL V 200 -32.10 -23.56 -63.85
C VAL V 200 -31.95 -23.00 -65.26
N PRO V 201 -32.93 -23.23 -66.14
CA PRO V 201 -32.82 -22.69 -67.50
C PRO V 201 -33.00 -21.18 -67.52
N SER V 202 -32.30 -20.54 -68.46
CA SER V 202 -32.37 -19.09 -68.57
C SER V 202 -33.71 -18.60 -69.10
N SER V 203 -34.49 -19.47 -69.74
CA SER V 203 -35.78 -19.05 -70.27
C SER V 203 -36.81 -18.90 -69.18
N SER V 204 -36.76 -19.74 -68.14
CA SER V 204 -37.70 -19.69 -67.03
C SER V 204 -37.30 -18.68 -65.96
N LEU V 205 -36.44 -17.70 -66.30
CA LEU V 205 -36.05 -16.69 -65.32
C LEU V 205 -37.21 -15.77 -64.97
N GLY V 206 -38.00 -15.38 -65.98
CA GLY V 206 -39.17 -14.57 -65.76
C GLY V 206 -40.48 -15.31 -65.79
N THR V 207 -40.46 -16.61 -66.08
CA THR V 207 -41.67 -17.42 -66.14
C THR V 207 -41.96 -18.11 -64.80
N GLN V 208 -41.06 -19.00 -64.37
CA GLN V 208 -41.25 -19.73 -63.12
C GLN V 208 -40.56 -18.99 -61.98
N THR V 209 -41.20 -19.02 -60.81
CA THR V 209 -40.68 -18.38 -59.61
C THR V 209 -39.83 -19.37 -58.81
N TYR V 210 -38.80 -18.84 -58.16
CA TYR V 210 -37.88 -19.64 -57.36
C TYR V 210 -37.91 -19.16 -55.92
N ILE V 211 -37.99 -20.10 -54.98
CA ILE V 211 -38.01 -19.77 -53.57
C ILE V 211 -37.45 -20.95 -52.76
N CYS V 212 -36.34 -20.72 -52.08
CA CYS V 212 -35.71 -21.75 -51.27
C CYS V 212 -36.34 -21.77 -49.88
N ASN V 213 -36.71 -22.96 -49.41
CA ASN V 213 -37.33 -23.15 -48.10
C ASN V 213 -36.30 -23.79 -47.18
N VAL V 214 -35.74 -22.99 -46.27
CA VAL V 214 -34.73 -23.46 -45.33
C VAL V 214 -35.42 -23.85 -44.03
N ASN V 215 -35.05 -25.00 -43.48
CA ASN V 215 -35.64 -25.51 -42.24
C ASN V 215 -34.51 -25.85 -41.27
N HIS V 216 -34.49 -25.17 -40.13
CA HIS V 216 -33.50 -25.41 -39.08
C HIS V 216 -34.25 -25.89 -37.84
N LYS V 217 -34.00 -27.15 -37.44
CA LYS V 217 -34.75 -27.73 -36.33
C LYS V 217 -34.39 -27.11 -34.98
N PRO V 218 -33.10 -26.93 -34.62
CA PRO V 218 -32.81 -26.39 -33.28
C PRO V 218 -33.40 -25.01 -33.02
N SER V 219 -33.48 -24.14 -34.03
CA SER V 219 -34.03 -22.81 -33.84
C SER V 219 -35.53 -22.74 -34.04
N ASN V 220 -36.14 -23.81 -34.58
CA ASN V 220 -37.58 -23.84 -34.85
C ASN V 220 -38.03 -22.69 -35.74
N THR V 221 -37.16 -22.28 -36.66
CA THR V 221 -37.44 -21.18 -37.58
C THR V 221 -37.28 -21.69 -39.01
N LYS V 222 -38.36 -21.67 -39.77
CA LYS V 222 -38.37 -22.12 -41.16
C LYS V 222 -38.52 -20.88 -42.04
N VAL V 223 -37.40 -20.29 -42.42
CA VAL V 223 -37.40 -19.09 -43.26
C VAL V 223 -37.36 -19.51 -44.73
N ASP V 224 -38.17 -18.85 -45.54
CA ASP V 224 -38.25 -19.15 -46.97
C ASP V 224 -37.99 -17.90 -47.81
N ASP W 1 1.93 -44.76 -28.40
CA ASP W 1 1.67 -46.10 -28.91
C ASP W 1 2.16 -46.24 -30.35
N ILE W 2 1.75 -47.32 -31.01
CA ILE W 2 2.15 -47.58 -32.39
C ILE W 2 1.38 -46.66 -33.32
N GLN W 3 2.03 -46.20 -34.38
CA GLN W 3 1.42 -45.32 -35.37
C GLN W 3 1.36 -46.04 -36.71
N MET W 4 0.18 -46.02 -37.34
CA MET W 4 -0.05 -46.65 -38.62
C MET W 4 -0.40 -45.58 -39.65
N THR W 5 0.24 -45.65 -40.82
CA THR W 5 0.00 -44.69 -41.90
C THR W 5 -0.41 -45.46 -43.15
N GLN W 6 -1.55 -45.10 -43.71
CA GLN W 6 -2.08 -45.73 -44.91
C GLN W 6 -2.02 -44.75 -46.07
N SER W 7 -1.49 -45.20 -47.20
CA SER W 7 -1.32 -44.37 -48.39
C SER W 7 -1.76 -45.16 -49.61
N PRO W 8 -2.34 -44.50 -50.62
CA PRO W 8 -2.61 -43.06 -50.66
C PRO W 8 -3.93 -42.69 -49.99
N SER W 9 -4.14 -41.39 -49.76
CA SER W 9 -5.37 -40.93 -49.14
C SER W 9 -6.54 -40.88 -50.12
N SER W 10 -6.26 -40.78 -51.42
CA SER W 10 -7.32 -40.73 -52.43
C SER W 10 -6.82 -41.45 -53.68
N LEU W 11 -7.58 -42.44 -54.14
CA LEU W 11 -7.25 -43.21 -55.33
C LEU W 11 -8.47 -43.26 -56.23
N SER W 12 -8.32 -42.81 -57.47
CA SER W 12 -9.40 -42.77 -58.43
C SER W 12 -9.10 -43.73 -59.59
N ALA W 13 -10.11 -44.49 -59.99
CA ALA W 13 -9.96 -45.44 -61.09
C ALA W 13 -11.34 -45.73 -61.68
N SER W 14 -11.32 -46.24 -62.90
CA SER W 14 -12.56 -46.57 -63.59
C SER W 14 -13.17 -47.85 -63.01
N VAL W 15 -14.45 -48.05 -63.31
CA VAL W 15 -15.17 -49.22 -62.82
C VAL W 15 -14.67 -50.45 -63.58
N GLY W 16 -14.11 -51.41 -62.85
CA GLY W 16 -13.57 -52.62 -63.43
C GLY W 16 -12.06 -52.71 -63.40
N ASP W 17 -11.37 -51.64 -63.02
CA ASP W 17 -9.92 -51.65 -62.96
C ASP W 17 -9.44 -52.35 -61.68
N ARG W 18 -8.12 -52.39 -61.50
CA ARG W 18 -7.50 -53.04 -60.35
C ARG W 18 -6.90 -51.97 -59.46
N VAL W 19 -7.50 -51.75 -58.29
CA VAL W 19 -7.04 -50.76 -57.32
C VAL W 19 -6.45 -51.50 -56.13
N SER W 20 -5.39 -50.92 -55.56
CA SER W 20 -4.71 -51.51 -54.41
C SER W 20 -4.21 -50.41 -53.50
N MET W 21 -4.25 -50.68 -52.20
CA MET W 21 -3.84 -49.71 -51.19
C MET W 21 -2.73 -50.30 -50.32
N THR W 22 -1.87 -49.43 -49.82
CA THR W 22 -0.75 -49.83 -48.97
C THR W 22 -0.91 -49.24 -47.59
N CYS W 23 -0.35 -49.93 -46.60
CA CYS W 23 -0.41 -49.48 -45.21
C CYS W 23 0.84 -49.96 -44.49
N ARG W 24 1.65 -49.01 -44.03
CA ARG W 24 2.88 -49.30 -43.30
C ARG W 24 2.68 -49.00 -41.82
N ALA W 25 3.30 -49.80 -40.96
CA ALA W 25 3.20 -49.65 -39.52
C ALA W 25 4.54 -49.21 -38.95
N SER W 26 4.48 -48.65 -37.74
CA SER W 26 5.69 -48.17 -37.09
C SER W 26 6.60 -49.30 -36.63
N GLN W 27 6.06 -50.51 -36.48
CA GLN W 27 6.84 -51.65 -36.04
C GLN W 27 6.20 -52.92 -36.59
N ILE W 28 6.86 -54.05 -36.34
CA ILE W 28 6.38 -55.34 -36.83
C ILE W 28 5.10 -55.70 -36.06
N ILE W 29 3.95 -55.64 -36.74
CA ILE W 29 2.68 -55.97 -36.13
C ILE W 29 2.25 -57.39 -36.49
N SER W 30 3.20 -58.25 -36.85
CA SER W 30 2.94 -59.64 -37.24
C SER W 30 1.96 -59.64 -38.42
N SER W 31 1.12 -60.66 -38.52
CA SER W 31 0.08 -60.74 -39.55
C SER W 31 -1.30 -60.39 -39.02
N SER W 32 -1.35 -59.49 -38.04
CA SER W 32 -2.60 -59.13 -37.36
C SER W 32 -2.96 -57.70 -37.75
N LEU W 33 -3.82 -57.55 -38.75
CA LEU W 33 -4.28 -56.24 -39.20
C LEU W 33 -5.58 -56.42 -39.95
N ASN W 34 -6.59 -55.64 -39.58
CA ASN W 34 -7.92 -55.72 -40.18
C ASN W 34 -8.20 -54.49 -41.03
N TRP W 35 -9.05 -54.67 -42.04
CA TRP W 35 -9.46 -53.60 -42.93
C TRP W 35 -10.95 -53.34 -42.76
N TYR W 36 -11.32 -52.08 -42.65
CA TYR W 36 -12.73 -51.68 -42.54
C TYR W 36 -13.08 -50.78 -43.71
N GLN W 37 -14.32 -50.93 -44.20
CA GLN W 37 -14.88 -50.02 -45.20
C GLN W 37 -16.06 -49.28 -44.57
N GLN W 38 -16.22 -48.02 -44.95
CA GLN W 38 -17.24 -47.16 -44.37
C GLN W 38 -17.85 -46.30 -45.48
N LYS W 39 -19.09 -46.63 -45.85
CA LYS W 39 -19.81 -45.81 -46.81
C LYS W 39 -20.23 -44.50 -46.15
N PRO W 40 -20.35 -43.42 -46.94
CA PRO W 40 -20.67 -42.12 -46.35
C PRO W 40 -22.01 -42.14 -45.63
N GLY W 41 -22.01 -41.63 -44.39
CA GLY W 41 -23.22 -41.57 -43.59
C GLY W 41 -23.65 -42.88 -42.99
N LYS W 42 -22.76 -43.87 -42.94
CA LYS W 42 -23.08 -45.19 -42.39
C LYS W 42 -21.95 -45.65 -41.50
N ALA W 43 -22.21 -46.73 -40.77
CA ALA W 43 -21.22 -47.30 -39.87
C ALA W 43 -20.25 -48.21 -40.63
N PRO W 44 -18.99 -48.27 -40.20
CA PRO W 44 -18.03 -49.14 -40.87
C PRO W 44 -18.39 -50.61 -40.73
N LYS W 45 -17.78 -51.42 -41.60
CA LYS W 45 -18.00 -52.87 -41.59
C LYS W 45 -16.67 -53.57 -41.77
N LEU W 46 -16.49 -54.69 -41.07
CA LEU W 46 -15.27 -55.46 -41.14
C LEU W 46 -15.20 -56.18 -42.48
N LEU W 47 -14.24 -55.79 -43.32
CA LEU W 47 -14.06 -56.40 -44.63
C LEU W 47 -12.93 -57.40 -44.69
N ILE W 48 -11.88 -57.21 -43.90
CA ILE W 48 -10.74 -58.12 -43.86
C ILE W 48 -10.35 -58.36 -42.41
N TYR W 49 -9.86 -59.57 -42.14
CA TYR W 49 -9.44 -59.97 -40.80
C TYR W 49 -8.08 -60.63 -40.90
N ALA W 50 -7.08 -60.01 -40.26
CA ALA W 50 -5.70 -60.48 -40.29
C ALA W 50 -5.19 -60.63 -41.73
N ALA W 51 -5.52 -59.63 -42.56
CA ALA W 51 -5.08 -59.56 -43.95
C ALA W 51 -5.57 -60.73 -44.78
N SER W 52 -5.12 -61.94 -44.46
CA SER W 52 -5.45 -63.10 -45.28
C SER W 52 -6.93 -63.43 -45.22
N ASN W 53 -7.48 -63.57 -44.01
CA ASN W 53 -8.86 -64.00 -43.87
C ASN W 53 -9.82 -62.85 -44.22
N LEU W 54 -10.92 -63.20 -44.90
CA LEU W 54 -11.96 -62.27 -45.25
C LEU W 54 -13.26 -62.69 -44.59
N GLN W 55 -13.88 -61.76 -43.86
CA GLN W 55 -15.11 -62.07 -43.14
C GLN W 55 -16.23 -62.43 -44.10
N SER W 56 -17.22 -63.15 -43.58
CA SER W 56 -18.34 -63.58 -44.40
C SER W 56 -19.18 -62.39 -44.84
N GLY W 57 -19.58 -62.38 -46.10
CA GLY W 57 -20.34 -61.29 -46.68
C GLY W 57 -19.55 -60.42 -47.63
N VAL W 58 -18.24 -60.58 -47.69
CA VAL W 58 -17.39 -59.80 -48.60
C VAL W 58 -17.28 -60.55 -49.92
N PRO W 59 -17.35 -59.87 -51.06
CA PRO W 59 -17.24 -60.56 -52.34
C PRO W 59 -15.85 -61.14 -52.55
N SER W 60 -15.77 -62.07 -53.51
CA SER W 60 -14.50 -62.73 -53.83
C SER W 60 -13.52 -61.81 -54.54
N ARG W 61 -13.96 -60.63 -54.98
CA ARG W 61 -13.06 -59.72 -55.66
C ARG W 61 -12.06 -59.06 -54.71
N PHE W 62 -12.41 -58.96 -53.43
CA PHE W 62 -11.52 -58.35 -52.46
C PHE W 62 -10.44 -59.33 -52.03
N SER W 63 -9.26 -58.80 -51.72
CA SER W 63 -8.13 -59.61 -51.28
C SER W 63 -7.19 -58.74 -50.48
N GLY W 64 -6.41 -59.40 -49.63
CA GLY W 64 -5.45 -58.70 -48.80
C GLY W 64 -4.24 -59.56 -48.54
N SER W 65 -3.07 -58.92 -48.45
CA SER W 65 -1.83 -59.63 -48.21
C SER W 65 -0.88 -58.72 -47.44
N GLY W 66 0.09 -59.33 -46.79
CA GLY W 66 1.09 -58.63 -46.00
C GLY W 66 1.40 -59.36 -44.71
N SER W 67 2.61 -59.15 -44.20
CA SER W 67 3.03 -59.80 -42.96
C SER W 67 4.21 -59.01 -42.39
N GLY W 68 4.00 -58.40 -41.22
CA GLY W 68 5.07 -57.70 -40.54
C GLY W 68 5.06 -56.21 -40.73
N THR W 69 5.82 -55.72 -41.70
CA THR W 69 5.97 -54.29 -41.93
C THR W 69 4.75 -53.69 -42.63
N ASP W 70 4.71 -53.77 -43.95
CA ASP W 70 3.65 -53.18 -44.74
C ASP W 70 2.77 -54.26 -45.35
N PHE W 71 1.48 -53.96 -45.46
CA PHE W 71 0.50 -54.86 -46.05
C PHE W 71 -0.15 -54.19 -47.26
N THR W 72 -0.93 -54.98 -48.00
CA THR W 72 -1.58 -54.50 -49.21
C THR W 72 -2.98 -55.10 -49.31
N LEU W 73 -3.97 -54.27 -49.57
CA LEU W 73 -5.35 -54.68 -49.76
C LEU W 73 -5.76 -54.31 -51.17
N THR W 74 -5.81 -55.30 -52.06
CA THR W 74 -6.10 -55.08 -53.47
C THR W 74 -7.47 -55.63 -53.82
N ILE W 75 -8.13 -54.98 -54.77
CA ILE W 75 -9.42 -55.40 -55.31
C ILE W 75 -9.20 -55.88 -56.73
N SER W 76 -9.76 -57.06 -57.05
CA SER W 76 -9.57 -57.65 -58.37
C SER W 76 -10.22 -56.81 -59.46
N SER W 77 -11.56 -56.77 -59.48
CA SER W 77 -12.32 -55.97 -60.43
C SER W 77 -13.29 -55.09 -59.66
N LEU W 78 -13.06 -53.79 -59.68
CA LEU W 78 -13.87 -52.87 -58.88
C LEU W 78 -15.31 -52.87 -59.34
N GLN W 79 -16.22 -52.82 -58.36
CA GLN W 79 -17.66 -52.78 -58.59
C GLN W 79 -18.22 -51.46 -58.06
N PRO W 80 -19.37 -51.02 -58.57
CA PRO W 80 -19.95 -49.75 -58.09
C PRO W 80 -20.24 -49.73 -56.59
N GLU W 81 -20.41 -50.89 -55.96
CA GLU W 81 -20.67 -50.95 -54.54
C GLU W 81 -19.40 -50.87 -53.70
N ASP W 82 -18.23 -50.66 -54.32
CA ASP W 82 -16.96 -50.61 -53.61
C ASP W 82 -16.41 -49.20 -53.49
N PHE W 83 -17.16 -48.18 -53.91
CA PHE W 83 -16.70 -46.80 -53.87
C PHE W 83 -17.04 -46.22 -52.50
N ALA W 84 -16.06 -46.22 -51.60
CA ALA W 84 -16.24 -45.67 -50.26
C ALA W 84 -14.86 -45.40 -49.67
N THR W 85 -14.85 -44.89 -48.44
CA THR W 85 -13.61 -44.61 -47.72
C THR W 85 -13.26 -45.81 -46.84
N TYR W 86 -12.07 -46.35 -47.02
CA TYR W 86 -11.62 -47.52 -46.29
C TYR W 86 -10.72 -47.13 -45.13
N TYR W 87 -10.52 -48.07 -44.21
CA TYR W 87 -9.67 -47.85 -43.05
C TYR W 87 -8.99 -49.17 -42.68
N CYS W 88 -8.01 -49.07 -41.79
CA CYS W 88 -7.23 -50.21 -41.34
C CYS W 88 -6.97 -50.07 -39.85
N GLN W 89 -6.87 -51.20 -39.16
CA GLN W 89 -6.74 -51.23 -37.71
C GLN W 89 -5.52 -52.04 -37.29
N GLN W 90 -4.99 -51.71 -36.12
CA GLN W 90 -3.86 -52.43 -35.53
C GLN W 90 -4.39 -53.61 -34.72
N SER W 91 -3.50 -54.30 -34.00
CA SER W 91 -3.92 -55.47 -33.23
C SER W 91 -2.94 -55.80 -32.11
N TYR W 92 -1.71 -55.26 -32.18
CA TYR W 92 -0.74 -55.53 -31.12
C TYR W 92 -1.19 -54.97 -29.78
N SER W 93 -1.93 -53.87 -29.79
CA SER W 93 -2.44 -53.29 -28.55
C SER W 93 -3.68 -54.03 -28.08
N THR W 99 -5.18 -48.64 -32.37
CA THR W 99 -5.13 -47.46 -33.21
C THR W 99 -5.34 -47.80 -34.68
N PHE W 100 -6.20 -47.02 -35.34
CA PHE W 100 -6.60 -47.27 -36.72
C PHE W 100 -6.21 -46.08 -37.57
N GLY W 101 -5.15 -46.24 -38.36
CA GLY W 101 -4.68 -45.20 -39.27
C GLY W 101 -5.69 -44.88 -40.35
N GLY W 102 -6.15 -43.63 -40.39
CA GLY W 102 -7.18 -43.21 -41.30
C GLY W 102 -6.65 -42.95 -42.71
N GLY W 103 -7.53 -42.42 -43.54
CA GLY W 103 -7.19 -42.10 -44.91
C GLY W 103 -7.61 -43.20 -45.88
N THR W 104 -7.23 -42.97 -47.14
CA THR W 104 -7.49 -43.90 -48.25
C THR W 104 -8.98 -43.98 -48.57
N LYS W 105 -9.39 -43.38 -49.68
CA LYS W 105 -10.77 -43.40 -50.12
C LYS W 105 -10.82 -43.44 -51.64
N VAL W 106 -11.53 -44.42 -52.20
CA VAL W 106 -11.62 -44.56 -53.64
C VAL W 106 -12.65 -43.59 -54.21
N GLU W 107 -12.56 -43.36 -55.52
CA GLU W 107 -13.46 -42.46 -56.21
C GLU W 107 -13.51 -42.83 -57.68
N ILE W 108 -14.59 -42.40 -58.33
CA ILE W 108 -14.83 -42.73 -59.73
C ILE W 108 -13.90 -41.92 -60.63
N LYS W 109 -13.83 -42.28 -61.90
CA LYS W 109 -12.98 -41.62 -62.88
C LYS W 109 -13.82 -41.08 -64.02
N ARG W 110 -13.66 -39.79 -64.32
CA ARG W 110 -14.40 -39.14 -65.39
C ARG W 110 -13.49 -38.76 -66.55
N THR W 111 -13.72 -37.59 -67.13
CA THR W 111 -12.91 -37.11 -68.24
C THR W 111 -12.95 -35.59 -68.33
N VAL W 117 -18.19 -21.76 -63.94
CA VAL W 117 -17.84 -21.02 -62.73
C VAL W 117 -18.68 -19.75 -62.63
N PHE W 118 -19.07 -19.41 -61.39
CA PHE W 118 -19.87 -18.22 -61.14
C PHE W 118 -19.43 -17.59 -59.82
N ILE W 119 -19.90 -16.36 -59.59
CA ILE W 119 -19.57 -15.62 -58.38
C ILE W 119 -20.83 -14.94 -57.86
N PHE W 120 -20.98 -14.88 -56.54
CA PHE W 120 -22.15 -14.28 -55.91
C PHE W 120 -21.68 -13.29 -54.86
N PRO W 121 -21.99 -12.00 -55.00
CA PRO W 121 -21.57 -11.03 -54.00
C PRO W 121 -22.49 -11.07 -52.79
N PRO W 122 -22.08 -10.46 -51.67
CA PRO W 122 -22.97 -10.41 -50.50
C PRO W 122 -24.21 -9.57 -50.80
N SER W 123 -25.35 -10.05 -50.30
CA SER W 123 -26.62 -9.38 -50.54
C SER W 123 -26.67 -8.04 -49.80
N ASP W 124 -27.68 -7.24 -50.15
CA ASP W 124 -27.86 -5.94 -49.51
C ASP W 124 -28.23 -6.09 -48.05
N GLU W 125 -28.92 -7.16 -47.68
CA GLU W 125 -29.27 -7.38 -46.28
C GLU W 125 -28.05 -7.79 -45.47
N GLN W 126 -27.05 -8.41 -46.11
CA GLN W 126 -25.84 -8.81 -45.41
C GLN W 126 -24.87 -7.65 -45.20
N LEU W 127 -25.00 -6.57 -45.97
CA LEU W 127 -24.10 -5.44 -45.80
C LEU W 127 -24.43 -4.63 -44.54
N LYS W 128 -25.71 -4.54 -44.19
CA LYS W 128 -26.10 -3.81 -43.00
C LYS W 128 -25.73 -4.53 -41.71
N SER W 129 -25.43 -5.83 -41.78
CA SER W 129 -25.06 -6.57 -40.59
C SER W 129 -23.63 -6.25 -40.14
N GLY W 130 -22.78 -5.82 -41.07
CA GLY W 130 -21.41 -5.47 -40.77
C GLY W 130 -20.37 -6.45 -41.28
N THR W 131 -20.78 -7.51 -41.98
CA THR W 131 -19.87 -8.50 -42.51
C THR W 131 -19.97 -8.53 -44.03
N ALA W 132 -18.83 -8.71 -44.69
CA ALA W 132 -18.74 -8.80 -46.14
C ALA W 132 -18.28 -10.20 -46.52
N SER W 133 -19.15 -10.95 -47.20
CA SER W 133 -18.87 -12.33 -47.57
C SER W 133 -19.23 -12.53 -49.04
N VAL W 134 -18.21 -12.72 -49.88
CA VAL W 134 -18.38 -13.01 -51.29
C VAL W 134 -17.90 -14.43 -51.55
N VAL W 135 -18.68 -15.17 -52.34
CA VAL W 135 -18.42 -16.58 -52.60
C VAL W 135 -18.35 -16.82 -54.10
N CYS W 136 -17.34 -17.56 -54.53
CA CYS W 136 -17.22 -18.01 -55.92
C CYS W 136 -17.64 -19.47 -56.02
N LEU W 137 -18.41 -19.79 -57.05
CA LEU W 137 -19.00 -21.11 -57.21
C LEU W 137 -18.55 -21.72 -58.53
N LEU W 138 -17.97 -22.92 -58.47
CA LEU W 138 -17.62 -23.70 -59.64
C LEU W 138 -18.46 -24.97 -59.62
N ASN W 139 -19.24 -25.19 -60.68
CA ASN W 139 -20.21 -26.27 -60.73
C ASN W 139 -19.79 -27.31 -61.77
N ASN W 140 -19.93 -28.59 -61.40
CA ASN W 140 -19.72 -29.71 -62.28
C ASN W 140 -18.30 -29.72 -62.87
N PHE W 141 -17.36 -30.35 -62.16
CA PHE W 141 -15.99 -30.43 -62.65
C PHE W 141 -15.34 -31.69 -62.10
N TYR W 142 -14.30 -32.15 -62.79
CA TYR W 142 -13.54 -33.33 -62.41
C TYR W 142 -12.20 -33.28 -63.11
N PRO W 143 -11.10 -33.68 -62.46
CA PRO W 143 -11.02 -34.21 -61.09
C PRO W 143 -11.14 -33.15 -60.00
N ARG W 144 -10.86 -33.53 -58.75
CA ARG W 144 -11.10 -32.65 -57.61
C ARG W 144 -9.99 -31.65 -57.39
N GLU W 145 -8.75 -31.99 -57.75
CA GLU W 145 -7.61 -31.14 -57.45
C GLU W 145 -7.70 -29.84 -58.25
N ALA W 146 -7.76 -28.72 -57.54
CA ALA W 146 -7.81 -27.40 -58.17
C ALA W 146 -7.38 -26.36 -57.15
N LYS W 147 -6.87 -25.24 -57.66
CA LYS W 147 -6.41 -24.13 -56.82
C LYS W 147 -7.22 -22.89 -57.18
N VAL W 148 -7.95 -22.37 -56.20
CA VAL W 148 -8.81 -21.20 -56.39
C VAL W 148 -8.34 -20.12 -55.42
N GLN W 149 -7.92 -18.98 -55.97
CA GLN W 149 -7.47 -17.84 -55.18
C GLN W 149 -8.29 -16.62 -55.56
N TRP W 150 -8.72 -15.87 -54.54
CA TRP W 150 -9.54 -14.69 -54.74
C TRP W 150 -8.66 -13.45 -54.75
N LYS W 151 -8.85 -12.61 -55.78
CA LYS W 151 -8.08 -11.38 -55.93
C LYS W 151 -9.05 -10.24 -56.22
N VAL W 152 -9.10 -9.26 -55.33
CA VAL W 152 -9.99 -8.11 -55.45
C VAL W 152 -9.14 -6.88 -55.74
N ASP W 153 -9.41 -6.24 -56.89
CA ASP W 153 -8.70 -5.04 -57.32
C ASP W 153 -7.20 -5.28 -57.41
N ASN W 154 -6.83 -6.38 -58.07
CA ASN W 154 -5.43 -6.76 -58.28
C ASN W 154 -4.67 -6.87 -56.97
N ALA W 155 -5.31 -7.48 -55.97
CA ALA W 155 -4.71 -7.68 -54.65
C ALA W 155 -4.97 -9.12 -54.22
N LEU W 156 -3.90 -9.90 -54.08
CA LEU W 156 -4.03 -11.30 -53.70
C LEU W 156 -4.36 -11.40 -52.21
N GLN W 157 -5.54 -11.92 -51.91
CA GLN W 157 -5.98 -12.11 -50.53
C GLN W 157 -5.56 -13.48 -50.02
N SER W 158 -5.10 -13.53 -48.78
CA SER W 158 -4.64 -14.76 -48.16
C SER W 158 -5.20 -14.88 -46.75
N GLY W 159 -5.71 -16.07 -46.41
CA GLY W 159 -6.24 -16.31 -45.10
C GLY W 159 -7.57 -15.63 -44.82
N ASN W 160 -8.27 -15.18 -45.85
CA ASN W 160 -9.55 -14.50 -45.69
C ASN W 160 -10.68 -15.23 -46.39
N SER W 161 -10.48 -16.50 -46.76
CA SER W 161 -11.49 -17.26 -47.46
C SER W 161 -11.49 -18.70 -46.95
N GLN W 162 -12.62 -19.38 -47.17
CA GLN W 162 -12.77 -20.78 -46.80
C GLN W 162 -13.45 -21.52 -47.94
N GLU W 163 -13.02 -22.76 -48.16
CA GLU W 163 -13.52 -23.58 -49.26
C GLU W 163 -14.37 -24.72 -48.74
N SER W 164 -15.29 -25.19 -49.59
CA SER W 164 -16.16 -26.30 -49.25
C SER W 164 -16.56 -27.00 -50.55
N VAL W 165 -16.25 -28.28 -50.65
CA VAL W 165 -16.51 -29.06 -51.85
C VAL W 165 -17.60 -30.09 -51.56
N THR W 166 -18.39 -30.39 -52.59
CA THR W 166 -19.46 -31.37 -52.50
C THR W 166 -18.98 -32.73 -52.99
N GLU W 167 -19.75 -33.75 -52.64
CA GLU W 167 -19.42 -35.12 -53.03
C GLU W 167 -19.75 -35.33 -54.51
N GLN W 168 -19.48 -36.53 -55.00
CA GLN W 168 -19.73 -36.86 -56.39
C GLN W 168 -21.23 -36.90 -56.68
N ASP W 169 -21.62 -36.45 -57.86
CA ASP W 169 -23.02 -36.43 -58.25
C ASP W 169 -23.53 -37.85 -58.48
N SER W 170 -24.85 -38.00 -58.34
CA SER W 170 -25.46 -39.31 -58.50
C SER W 170 -25.38 -39.80 -59.94
N LYS W 171 -25.66 -38.92 -60.90
CA LYS W 171 -25.63 -39.27 -62.31
C LYS W 171 -24.55 -38.56 -63.11
N ASP W 172 -24.15 -37.36 -62.70
CA ASP W 172 -23.09 -36.61 -63.38
C ASP W 172 -21.70 -37.01 -62.94
N SER W 173 -21.54 -37.51 -61.72
CA SER W 173 -20.24 -37.90 -61.18
C SER W 173 -19.25 -36.74 -61.24
N THR W 174 -19.73 -35.55 -60.91
CA THR W 174 -18.91 -34.33 -60.94
C THR W 174 -18.97 -33.64 -59.59
N TYR W 175 -17.90 -32.92 -59.27
CA TYR W 175 -17.76 -32.21 -58.01
C TYR W 175 -18.19 -30.75 -58.17
N SER W 176 -18.22 -30.05 -57.05
CA SER W 176 -18.59 -28.63 -57.03
C SER W 176 -17.98 -27.98 -55.80
N LEU W 177 -17.28 -26.87 -56.01
CA LEU W 177 -16.60 -26.15 -54.94
C LEU W 177 -17.32 -24.84 -54.64
N SER W 178 -17.01 -24.27 -53.48
CA SER W 178 -17.62 -23.02 -53.04
C SER W 178 -16.64 -22.34 -52.10
N SER W 179 -15.83 -21.44 -52.65
CA SER W 179 -14.85 -20.67 -51.88
C SER W 179 -15.45 -19.31 -51.56
N THR W 180 -15.68 -19.06 -50.27
CA THR W 180 -16.29 -17.83 -49.80
C THR W 180 -15.27 -17.00 -49.04
N LEU W 181 -15.02 -15.78 -49.51
CA LEU W 181 -14.10 -14.87 -48.87
C LEU W 181 -14.84 -13.95 -47.92
N THR W 182 -14.41 -13.92 -46.66
CA THR W 182 -15.05 -13.14 -45.61
C THR W 182 -14.12 -12.02 -45.16
N LEU W 183 -14.69 -10.84 -44.94
CA LEU W 183 -13.94 -9.68 -44.48
C LEU W 183 -14.91 -8.73 -43.77
N SER W 184 -14.39 -7.57 -43.39
CA SER W 184 -15.18 -6.58 -42.68
C SER W 184 -15.93 -5.69 -43.66
N LYS W 185 -16.93 -4.97 -43.14
CA LYS W 185 -17.72 -4.09 -43.98
C LYS W 185 -16.93 -2.84 -44.37
N ALA W 186 -16.17 -2.27 -43.42
CA ALA W 186 -15.36 -1.11 -43.73
C ALA W 186 -14.19 -1.45 -44.64
N ASP W 187 -13.67 -2.68 -44.55
CA ASP W 187 -12.59 -3.10 -45.43
C ASP W 187 -13.06 -3.38 -46.85
N TYR W 188 -14.37 -3.53 -47.05
CA TYR W 188 -14.89 -3.75 -48.40
C TYR W 188 -14.80 -2.49 -49.25
N GLU W 189 -14.92 -1.31 -48.64
CA GLU W 189 -14.84 -0.06 -49.39
C GLU W 189 -13.43 0.21 -49.92
N LYS W 190 -12.42 -0.46 -49.38
CA LYS W 190 -11.06 -0.25 -49.85
C LYS W 190 -10.82 -0.88 -51.21
N HIS W 191 -11.60 -1.90 -51.59
CA HIS W 191 -11.46 -2.56 -52.88
C HIS W 191 -12.26 -1.82 -53.94
N LYS W 192 -11.95 -2.13 -55.20
CA LYS W 192 -12.63 -1.52 -56.34
C LYS W 192 -13.40 -2.55 -57.15
N VAL W 193 -12.75 -3.60 -57.64
CA VAL W 193 -13.39 -4.65 -58.42
C VAL W 193 -13.03 -5.99 -57.80
N TYR W 194 -14.02 -6.85 -57.64
CA TYR W 194 -13.82 -8.17 -57.04
C TYR W 194 -13.78 -9.23 -58.13
N ALA W 195 -12.92 -10.22 -57.95
CA ALA W 195 -12.78 -11.31 -58.91
C ALA W 195 -12.19 -12.52 -58.19
N CYS W 196 -12.25 -13.66 -58.87
CA CYS W 196 -11.72 -14.91 -58.32
C CYS W 196 -11.21 -15.76 -59.47
N GLU W 197 -9.91 -16.01 -59.49
CA GLU W 197 -9.27 -16.80 -60.54
C GLU W 197 -9.07 -18.22 -60.05
N VAL W 198 -9.53 -19.19 -60.86
CA VAL W 198 -9.44 -20.61 -60.53
C VAL W 198 -8.56 -21.29 -61.57
N THR W 199 -7.56 -22.03 -61.11
CA THR W 199 -6.64 -22.76 -61.98
C THR W 199 -6.96 -24.24 -61.89
N HIS W 200 -7.60 -24.78 -62.91
CA HIS W 200 -7.96 -26.19 -62.98
C HIS W 200 -7.38 -26.82 -64.24
N GLN W 201 -7.41 -28.15 -64.28
CA GLN W 201 -6.88 -28.88 -65.43
C GLN W 201 -7.80 -28.80 -66.64
N GLY W 202 -9.07 -28.46 -66.44
CA GLY W 202 -10.00 -28.38 -67.55
C GLY W 202 -9.79 -27.19 -68.47
N LEU W 203 -9.13 -26.14 -67.97
CA LEU W 203 -8.88 -24.94 -68.73
C LEU W 203 -7.39 -24.79 -68.99
N SER W 204 -7.04 -24.38 -70.21
CA SER W 204 -5.64 -24.17 -70.55
C SER W 204 -5.06 -22.98 -69.78
N SER W 205 -5.77 -21.85 -69.80
CA SER W 205 -5.37 -20.67 -69.05
C SER W 205 -6.29 -20.47 -67.85
N PRO W 206 -5.77 -19.93 -66.75
CA PRO W 206 -6.61 -19.72 -65.56
C PRO W 206 -7.63 -18.61 -65.79
N VAL W 207 -8.90 -18.97 -65.71
CA VAL W 207 -9.99 -18.01 -65.92
C VAL W 207 -10.35 -17.38 -64.58
N THR W 208 -10.93 -16.18 -64.65
CA THR W 208 -11.32 -15.46 -63.44
C THR W 208 -12.74 -14.90 -63.58
N LEU X 4 13.58 -77.54 -42.54
CA LEU X 4 12.45 -77.86 -43.40
C LEU X 4 12.27 -76.79 -44.48
N ARG X 5 11.05 -76.68 -45.00
CA ARG X 5 10.76 -75.71 -46.05
C ARG X 5 9.26 -75.43 -46.06
N ASP X 6 8.91 -74.16 -46.29
CA ASP X 6 7.53 -73.72 -46.42
C ASP X 6 6.71 -73.96 -45.15
N CYS X 7 6.56 -75.22 -44.76
CA CYS X 7 5.74 -75.56 -43.61
C CYS X 7 6.31 -74.96 -42.33
N SER X 8 5.43 -74.61 -41.40
CA SER X 8 5.83 -74.11 -40.10
C SER X 8 6.02 -75.27 -39.12
N VAL X 9 6.72 -74.99 -38.02
CA VAL X 9 6.99 -76.02 -37.04
C VAL X 9 5.70 -76.53 -36.40
N ALA X 10 4.70 -75.66 -36.25
CA ALA X 10 3.42 -76.09 -35.71
C ALA X 10 2.62 -76.88 -36.73
N GLY X 11 2.61 -76.42 -37.99
CA GLY X 11 1.87 -77.13 -39.02
C GLY X 11 2.50 -78.45 -39.41
N TRP X 12 3.83 -78.55 -39.27
CA TRP X 12 4.51 -79.80 -39.61
C TRP X 12 4.37 -80.83 -38.50
N LEU X 13 4.37 -80.38 -37.24
CA LEU X 13 4.19 -81.30 -36.12
C LEU X 13 2.80 -81.93 -36.15
N LEU X 14 1.76 -81.09 -36.20
CA LEU X 14 0.40 -81.60 -36.31
C LEU X 14 0.12 -82.25 -37.66
N GLY X 15 0.98 -81.99 -38.66
CA GLY X 15 0.82 -82.60 -39.96
C GLY X 15 -0.24 -81.94 -40.82
N ASN X 16 0.08 -80.79 -41.38
CA ASN X 16 -0.87 -80.11 -42.25
C ASN X 16 -1.01 -80.88 -43.56
N PRO X 17 -2.22 -80.99 -44.09
CA PRO X 17 -2.41 -81.73 -45.36
C PRO X 17 -1.67 -81.13 -46.53
N MET X 18 -1.56 -79.79 -46.58
CA MET X 18 -0.84 -79.15 -47.68
C MET X 18 0.67 -79.34 -47.56
N CYS X 19 1.17 -79.73 -46.40
CA CYS X 19 2.59 -79.93 -46.21
C CYS X 19 3.05 -81.30 -46.69
N SER X 29 19.67 -81.89 -36.71
CA SER X 29 19.75 -80.51 -37.19
C SER X 29 19.35 -79.52 -36.11
N TYR X 30 20.32 -78.72 -35.67
CA TYR X 30 20.05 -77.72 -34.63
C TYR X 30 19.26 -76.53 -35.18
N ILE X 31 19.66 -76.03 -36.34
CA ILE X 31 18.98 -74.88 -36.95
C ILE X 31 17.68 -75.35 -37.59
N VAL X 32 16.64 -74.53 -37.48
CA VAL X 32 15.34 -74.87 -38.05
C VAL X 32 15.24 -74.45 -39.51
N GLU X 33 15.61 -73.20 -39.81
CA GLU X 33 15.59 -72.66 -41.16
C GLU X 33 14.17 -72.70 -41.76
N LYS X 34 13.26 -72.04 -41.06
CA LYS X 34 11.87 -71.90 -41.50
C LYS X 34 11.65 -70.46 -41.97
N ALA X 35 11.16 -70.32 -43.20
CA ALA X 35 11.04 -69.00 -43.81
C ALA X 35 9.81 -68.24 -43.31
N ASN X 36 8.70 -68.36 -44.02
CA ASN X 36 7.49 -67.60 -43.78
C ASN X 36 6.31 -68.53 -43.61
N PRO X 37 5.21 -68.05 -43.01
CA PRO X 37 4.02 -68.90 -42.87
C PRO X 37 3.38 -69.26 -44.19
N VAL X 38 3.97 -70.22 -44.91
CA VAL X 38 3.36 -70.70 -46.15
C VAL X 38 2.16 -71.58 -45.83
N ASN X 39 2.35 -72.55 -44.95
CA ASN X 39 1.27 -73.41 -44.45
C ASN X 39 1.28 -73.32 -42.93
N ASP X 40 0.94 -72.15 -42.41
CA ASP X 40 0.95 -71.88 -40.98
C ASP X 40 0.05 -72.85 -40.23
N LEU X 41 -1.26 -72.71 -40.39
CA LEU X 41 -2.23 -73.61 -39.79
C LEU X 41 -3.48 -73.58 -40.65
N CYS X 42 -3.93 -74.76 -41.08
CA CYS X 42 -5.11 -74.82 -41.95
C CYS X 42 -6.32 -74.25 -41.22
N TYR X 43 -6.56 -74.71 -40.00
CA TYR X 43 -7.61 -74.25 -39.11
C TYR X 43 -7.07 -73.20 -38.15
N PRO X 44 -7.83 -72.15 -37.88
CA PRO X 44 -7.31 -71.07 -37.02
C PRO X 44 -7.22 -71.51 -35.57
N GLY X 45 -6.13 -71.15 -34.91
CA GLY X 45 -5.95 -71.50 -33.52
C GLY X 45 -4.62 -71.01 -33.00
N ASP X 46 -4.29 -71.46 -31.79
CA ASP X 46 -3.06 -71.07 -31.12
C ASP X 46 -2.37 -72.32 -30.58
N PHE X 47 -1.11 -72.15 -30.17
CA PHE X 47 -0.30 -73.22 -29.63
C PHE X 47 0.24 -72.79 -28.28
N ASN X 48 -0.15 -73.52 -27.23
CA ASN X 48 0.30 -73.18 -25.87
C ASN X 48 1.78 -73.50 -25.70
N ASP X 49 2.55 -72.52 -25.26
CA ASP X 49 3.99 -72.66 -25.04
C ASP X 49 4.70 -73.08 -26.33
N TYR X 50 4.45 -72.34 -27.40
CA TYR X 50 5.10 -72.62 -28.68
C TYR X 50 6.58 -72.27 -28.60
N GLU X 51 6.91 -71.10 -28.05
CA GLU X 51 8.31 -70.68 -27.98
C GLU X 51 9.13 -71.62 -27.12
N GLU X 52 8.51 -72.28 -26.13
CA GLU X 52 9.24 -73.23 -25.30
C GLU X 52 9.53 -74.52 -26.06
N LEU X 53 8.55 -75.00 -26.84
CA LEU X 53 8.76 -76.22 -27.60
C LEU X 53 9.76 -76.03 -28.73
N LYS X 54 9.87 -74.81 -29.27
CA LYS X 54 10.83 -74.55 -30.33
C LYS X 54 12.26 -74.62 -29.80
N HIS X 55 12.51 -74.00 -28.64
CA HIS X 55 13.84 -74.07 -28.04
C HIS X 55 14.11 -75.45 -27.45
N LEU X 56 13.07 -76.17 -27.05
CA LEU X 56 13.27 -77.52 -26.52
C LEU X 56 13.63 -78.49 -27.63
N LEU X 57 13.04 -78.33 -28.81
CA LEU X 57 13.30 -79.19 -29.95
C LEU X 57 14.49 -78.73 -30.78
N SER X 58 15.27 -77.77 -30.27
CA SER X 58 16.45 -77.31 -31.02
C SER X 58 17.48 -78.42 -31.13
N ARG X 59 17.81 -79.06 -30.00
CA ARG X 59 18.73 -80.21 -30.00
C ARG X 59 17.90 -81.48 -30.11
N ILE X 60 17.92 -82.10 -31.30
CA ILE X 60 17.12 -83.27 -31.58
C ILE X 60 18.03 -84.49 -31.53
N ASN X 61 17.88 -85.29 -30.48
CA ASN X 61 18.62 -86.55 -30.39
C ASN X 61 18.03 -87.61 -31.29
N HIS X 62 16.70 -87.62 -31.45
CA HIS X 62 16.03 -88.57 -32.33
C HIS X 62 14.66 -88.02 -32.67
N PHE X 63 14.16 -88.39 -33.84
CA PHE X 63 12.86 -87.93 -34.33
C PHE X 63 12.20 -89.07 -35.09
N GLU X 64 11.23 -89.72 -34.45
CA GLU X 64 10.49 -90.81 -35.06
C GLU X 64 9.02 -90.70 -34.68
N LYS X 65 8.16 -91.25 -35.54
CA LYS X 65 6.72 -91.22 -35.35
C LYS X 65 6.17 -92.64 -35.33
N ILE X 66 5.56 -93.03 -34.22
CA ILE X 66 4.95 -94.33 -34.07
C ILE X 66 3.50 -94.13 -33.62
N GLN X 67 2.60 -94.96 -34.17
CA GLN X 67 1.18 -94.84 -33.86
C GLN X 67 0.94 -95.10 -32.38
N ILE X 68 0.35 -94.12 -31.70
CA ILE X 68 0.03 -94.25 -30.28
C ILE X 68 -1.36 -94.84 -30.15
N ILE X 69 -2.38 -93.98 -30.22
CA ILE X 69 -3.76 -94.44 -30.26
C ILE X 69 -4.06 -94.90 -31.68
N PRO X 70 -4.91 -95.90 -31.86
CA PRO X 70 -5.18 -96.40 -33.22
C PRO X 70 -6.17 -95.53 -33.97
N LYS X 71 -6.00 -95.49 -35.29
CA LYS X 71 -6.87 -94.67 -36.12
C LYS X 71 -8.29 -95.21 -36.16
N SER X 72 -8.45 -96.54 -36.02
CA SER X 72 -9.75 -97.18 -35.98
C SER X 72 -10.15 -97.61 -34.58
N SER X 73 -9.45 -97.11 -33.55
CA SER X 73 -9.72 -97.54 -32.18
C SER X 73 -11.12 -97.15 -31.74
N TRP X 74 -11.55 -95.92 -32.07
CA TRP X 74 -12.83 -95.39 -31.61
C TRP X 74 -13.97 -96.06 -32.38
N SER X 75 -14.26 -97.30 -31.99
CA SER X 75 -15.38 -98.01 -32.58
C SER X 75 -16.71 -97.43 -32.12
N SER X 76 -16.77 -96.93 -30.89
CA SER X 76 -17.99 -96.30 -30.38
C SER X 76 -18.15 -94.87 -30.87
N HIS X 77 -17.09 -94.26 -31.41
CA HIS X 77 -17.13 -92.91 -31.94
C HIS X 77 -17.03 -92.95 -33.47
N GLU X 78 -16.92 -91.76 -34.06
CA GLU X 78 -16.82 -91.63 -35.51
C GLU X 78 -15.70 -90.64 -35.84
N ALA X 79 -14.68 -91.12 -36.54
CA ALA X 79 -13.56 -90.29 -36.93
C ALA X 79 -13.43 -90.13 -38.44
N SER X 80 -14.28 -90.79 -39.23
CA SER X 80 -14.21 -90.65 -40.68
C SER X 80 -14.65 -89.27 -41.12
N LEU X 81 -15.79 -88.80 -40.62
CA LEU X 81 -16.32 -87.48 -40.97
C LEU X 81 -15.77 -86.43 -40.01
N GLY X 82 -14.46 -86.21 -40.11
CA GLY X 82 -13.80 -85.23 -39.27
C GLY X 82 -12.85 -84.34 -40.06
N VAL X 83 -13.40 -83.62 -41.05
CA VAL X 83 -12.61 -82.76 -41.91
C VAL X 83 -13.04 -81.32 -41.70
N SER X 84 -12.25 -80.40 -42.27
CA SER X 84 -12.51 -78.98 -42.16
C SER X 84 -12.31 -78.33 -43.52
N SER X 85 -13.23 -77.44 -43.90
CA SER X 85 -13.12 -76.74 -45.17
C SER X 85 -11.88 -75.84 -45.20
N ALA X 86 -11.45 -75.35 -44.04
CA ALA X 86 -10.24 -74.55 -43.98
C ALA X 86 -9.02 -75.39 -44.36
N CYS X 87 -8.94 -76.62 -43.86
CA CYS X 87 -7.90 -77.54 -44.32
C CYS X 87 -8.11 -77.84 -45.80
N PRO X 88 -7.06 -77.83 -46.61
CA PRO X 88 -7.24 -78.06 -48.05
C PRO X 88 -6.24 -79.05 -48.60
N TYR X 89 -6.74 -80.06 -49.34
CA TYR X 89 -5.86 -81.04 -49.98
C TYR X 89 -6.60 -81.62 -51.18
N GLN X 90 -6.18 -81.21 -52.38
CA GLN X 90 -6.73 -81.75 -53.63
C GLN X 90 -8.25 -81.55 -53.70
N GLY X 91 -8.69 -80.33 -53.40
CA GLY X 91 -10.09 -80.00 -53.49
C GLY X 91 -10.90 -80.47 -52.29
N LYS X 92 -10.88 -81.77 -52.01
CA LYS X 92 -11.64 -82.32 -50.91
C LYS X 92 -11.10 -81.82 -49.58
N SER X 93 -11.99 -81.32 -48.72
CA SER X 93 -11.59 -80.84 -47.42
C SER X 93 -11.12 -81.99 -46.55
N SER X 94 -10.00 -81.80 -45.86
CA SER X 94 -9.44 -82.85 -45.02
C SER X 94 -9.13 -82.33 -43.62
N PHE X 95 -8.11 -82.90 -42.98
CA PHE X 95 -7.70 -82.48 -41.65
C PHE X 95 -6.29 -83.01 -41.41
N PHE X 96 -5.74 -82.68 -40.24
CA PHE X 96 -4.39 -83.14 -39.91
C PHE X 96 -4.34 -84.66 -39.85
N ARG X 97 -3.24 -85.23 -40.33
CA ARG X 97 -3.02 -86.66 -40.29
C ARG X 97 -2.46 -87.15 -38.96
N ASN X 98 -1.62 -86.35 -38.32
CA ASN X 98 -1.06 -86.75 -37.03
C ASN X 98 -2.13 -86.70 -35.94
N VAL X 99 -2.97 -85.67 -35.95
CA VAL X 99 -4.06 -85.56 -34.99
C VAL X 99 -5.32 -86.18 -35.59
N VAL X 100 -6.34 -86.40 -34.76
CA VAL X 100 -7.59 -87.01 -35.20
C VAL X 100 -8.75 -86.28 -34.55
N TRP X 101 -9.77 -85.96 -35.33
CA TRP X 101 -10.95 -85.29 -34.83
C TRP X 101 -11.97 -86.31 -34.35
N LEU X 102 -12.92 -85.84 -33.53
CA LEU X 102 -13.94 -86.69 -32.94
C LEU X 102 -15.30 -86.05 -33.18
N ILE X 103 -16.18 -86.78 -33.87
CA ILE X 103 -17.55 -86.33 -34.11
C ILE X 103 -18.51 -87.29 -33.43
N LYS X 104 -19.72 -86.80 -33.19
CA LYS X 104 -20.73 -87.60 -32.50
C LYS X 104 -21.15 -88.77 -33.37
N LYS X 105 -21.19 -89.96 -32.77
CA LYS X 105 -21.62 -91.16 -33.47
C LYS X 105 -23.13 -91.33 -33.30
N ASN X 106 -23.85 -91.40 -34.42
CA ASN X 106 -25.30 -91.53 -34.43
C ASN X 106 -25.95 -90.40 -33.64
N SER X 107 -26.35 -90.68 -32.41
CA SER X 107 -26.99 -89.68 -31.55
C SER X 107 -26.53 -89.87 -30.11
N THR X 108 -25.25 -90.13 -29.91
CA THR X 108 -24.70 -90.34 -28.58
C THR X 108 -23.20 -90.05 -28.61
N TYR X 109 -22.69 -89.57 -27.48
CA TYR X 109 -21.27 -89.28 -27.32
C TYR X 109 -20.80 -89.81 -25.98
N PRO X 110 -20.41 -91.09 -25.92
CA PRO X 110 -19.87 -91.62 -24.67
C PRO X 110 -18.55 -90.98 -24.31
N THR X 111 -18.28 -90.90 -23.01
CA THR X 111 -17.05 -90.31 -22.52
C THR X 111 -15.88 -91.25 -22.79
N ILE X 112 -14.87 -90.76 -23.50
CA ILE X 112 -13.68 -91.54 -23.82
C ILE X 112 -12.69 -91.40 -22.67
N LYS X 113 -11.93 -92.47 -22.41
CA LYS X 113 -10.98 -92.47 -21.31
C LYS X 113 -9.85 -93.45 -21.58
N ARG X 114 -9.41 -93.52 -22.83
CA ARG X 114 -8.29 -94.37 -23.18
C ARG X 114 -6.97 -93.78 -22.69
N SER X 115 -6.04 -94.66 -22.31
CA SER X 115 -4.76 -94.24 -21.77
C SER X 115 -3.66 -95.09 -22.39
N TYR X 116 -2.41 -94.78 -22.05
CA TYR X 116 -1.24 -95.43 -22.62
C TYR X 116 -0.01 -94.99 -21.84
N ASN X 117 0.86 -95.96 -21.52
CA ASN X 117 2.13 -95.65 -20.88
C ASN X 117 3.29 -95.99 -21.82
N ASN X 118 4.35 -95.20 -21.73
CA ASN X 118 5.42 -95.25 -22.72
C ASN X 118 6.28 -96.49 -22.51
N THR X 119 6.37 -97.32 -23.55
CA THR X 119 7.22 -98.51 -23.54
C THR X 119 8.43 -98.36 -24.43
N ASN X 120 8.70 -97.15 -24.93
CA ASN X 120 9.86 -96.91 -25.77
C ASN X 120 11.04 -96.40 -24.93
N GLN X 121 12.24 -96.58 -25.47
CA GLN X 121 13.45 -96.21 -24.73
C GLN X 121 13.57 -94.69 -24.61
N GLU X 122 13.49 -93.99 -25.74
CA GLU X 122 13.67 -92.54 -25.72
C GLU X 122 12.42 -91.86 -25.15
N ASP X 123 12.56 -90.57 -24.86
CA ASP X 123 11.43 -89.80 -24.35
C ASP X 123 10.42 -89.55 -25.46
N LEU X 124 9.14 -89.72 -25.12
CA LEU X 124 8.05 -89.55 -26.06
C LEU X 124 7.29 -88.26 -25.76
N LEU X 125 6.81 -87.60 -26.82
CA LEU X 125 6.04 -86.37 -26.70
C LEU X 125 4.69 -86.57 -27.36
N VAL X 126 3.64 -86.13 -26.69
CA VAL X 126 2.27 -86.27 -27.17
C VAL X 126 1.68 -84.89 -27.42
N LEU X 127 0.92 -84.76 -28.50
CA LEU X 127 0.28 -83.50 -28.87
C LEU X 127 -1.18 -83.75 -29.16
N TRP X 128 -2.05 -82.98 -28.50
CA TRP X 128 -3.50 -83.11 -28.66
C TRP X 128 -4.12 -81.73 -28.68
N GLY X 129 -5.41 -81.67 -28.96
CA GLY X 129 -6.09 -80.39 -29.09
C GLY X 129 -7.54 -80.47 -28.64
N ILE X 130 -8.11 -79.28 -28.41
CA ILE X 130 -9.50 -79.12 -28.02
C ILE X 130 -10.12 -78.06 -28.92
N HIS X 131 -11.30 -78.37 -29.47
CA HIS X 131 -11.97 -77.50 -30.43
C HIS X 131 -12.98 -76.62 -29.72
N HIS X 132 -12.98 -75.32 -30.07
CA HIS X 132 -13.94 -74.38 -29.53
C HIS X 132 -15.02 -74.13 -30.57
N PRO X 133 -16.27 -74.51 -30.32
CA PRO X 133 -17.32 -74.34 -31.34
C PRO X 133 -17.68 -72.87 -31.55
N ASN X 134 -18.33 -72.61 -32.68
CA ASN X 134 -18.73 -71.24 -33.00
C ASN X 134 -19.99 -70.84 -32.24
N ASP X 135 -20.96 -71.74 -32.13
CA ASP X 135 -22.21 -71.46 -31.44
C ASP X 135 -22.65 -72.69 -30.67
N ALA X 136 -23.70 -72.53 -29.86
CA ALA X 136 -24.20 -73.65 -29.07
C ALA X 136 -24.85 -74.70 -29.95
N ALA X 137 -25.54 -74.27 -31.01
CA ALA X 137 -26.15 -75.24 -31.92
C ALA X 137 -25.09 -76.06 -32.65
N GLU X 138 -23.94 -75.46 -32.94
CA GLU X 138 -22.83 -76.22 -33.54
C GLU X 138 -22.28 -77.24 -32.56
N GLN X 139 -22.27 -76.94 -31.27
CA GLN X 139 -21.77 -77.89 -30.28
C GLN X 139 -22.77 -79.01 -30.04
N THR X 140 -24.05 -78.68 -29.94
CA THR X 140 -25.06 -79.71 -29.71
C THR X 140 -25.25 -80.61 -30.92
N LYS X 141 -24.92 -80.12 -32.12
CA LYS X 141 -25.10 -80.95 -33.31
C LYS X 141 -23.88 -81.82 -33.57
N LEU X 142 -22.68 -81.29 -33.29
CA LEU X 142 -21.45 -82.03 -33.55
C LEU X 142 -20.99 -82.87 -32.35
N TYR X 143 -21.28 -82.42 -31.13
CA TYR X 143 -20.84 -83.13 -29.93
C TYR X 143 -21.96 -83.80 -29.16
N GLN X 144 -23.21 -83.40 -29.37
CA GLN X 144 -24.38 -83.95 -28.68
C GLN X 144 -24.37 -83.63 -27.19
N ASN X 145 -23.19 -83.58 -26.56
CA ASN X 145 -23.08 -83.24 -25.16
C ASN X 145 -23.00 -81.72 -25.01
N PRO X 146 -23.95 -81.09 -24.31
CA PRO X 146 -23.89 -79.63 -24.17
C PRO X 146 -22.72 -79.16 -23.32
N THR X 147 -22.72 -79.57 -22.05
CA THR X 147 -21.61 -79.26 -21.14
C THR X 147 -20.50 -80.28 -21.36
N THR X 148 -19.36 -79.82 -21.87
CA THR X 148 -18.26 -80.70 -22.22
C THR X 148 -16.98 -80.21 -21.56
N TYR X 149 -15.95 -81.05 -21.61
CA TYR X 149 -14.64 -80.75 -21.04
C TYR X 149 -13.63 -81.75 -21.58
N ILE X 150 -12.36 -81.38 -21.51
CA ILE X 150 -11.27 -82.24 -21.94
C ILE X 150 -10.23 -82.28 -20.82
N SER X 151 -9.87 -83.49 -20.39
CA SER X 151 -8.95 -83.68 -19.28
C SER X 151 -7.83 -84.61 -19.73
N VAL X 152 -6.59 -84.13 -19.58
CA VAL X 152 -5.39 -84.92 -19.89
C VAL X 152 -4.54 -84.99 -18.62
N GLY X 153 -4.02 -86.17 -18.34
CA GLY X 153 -3.23 -86.36 -17.12
C GLY X 153 -2.04 -87.27 -17.29
N THR X 154 -0.93 -86.90 -16.65
CA THR X 154 0.28 -87.70 -16.66
C THR X 154 0.85 -87.72 -15.24
N SER X 155 2.08 -88.21 -15.10
CA SER X 155 2.71 -88.24 -13.78
C SER X 155 3.09 -86.83 -13.33
N THR X 156 3.66 -86.03 -14.25
CA THR X 156 4.05 -84.67 -13.95
C THR X 156 3.23 -83.63 -14.70
N LEU X 157 2.31 -84.06 -15.57
CA LEU X 157 1.48 -83.15 -16.37
C LEU X 157 0.03 -83.41 -16.01
N ASN X 158 -0.61 -82.44 -15.37
CA ASN X 158 -2.02 -82.54 -14.98
C ASN X 158 -2.70 -81.23 -15.34
N GLN X 159 -3.71 -81.29 -16.19
CA GLN X 159 -4.42 -80.09 -16.62
C GLN X 159 -5.87 -80.46 -16.94
N ARG X 160 -6.68 -79.43 -17.16
CA ARG X 160 -8.09 -79.62 -17.48
C ARG X 160 -8.54 -78.45 -18.33
N LEU X 161 -9.08 -78.73 -19.51
CA LEU X 161 -9.49 -77.71 -20.45
C LEU X 161 -10.99 -77.80 -20.70
N VAL X 162 -11.60 -76.63 -20.91
CA VAL X 162 -13.03 -76.53 -21.20
C VAL X 162 -13.22 -75.62 -22.42
N PRO X 163 -14.08 -75.98 -23.36
CA PRO X 163 -14.23 -75.16 -24.56
C PRO X 163 -15.00 -73.87 -24.27
N ARG X 164 -14.79 -72.89 -25.15
CA ARG X 164 -15.47 -71.60 -25.08
C ARG X 164 -16.31 -71.40 -26.33
N ILE X 165 -17.51 -70.88 -26.14
CA ILE X 165 -18.46 -70.68 -27.24
C ILE X 165 -18.80 -69.20 -27.31
N ALA X 166 -18.59 -68.61 -28.49
CA ALA X 166 -18.88 -67.21 -28.74
C ALA X 166 -18.76 -66.95 -30.23
N THR X 167 -19.47 -65.93 -30.69
CA THR X 167 -19.39 -65.53 -32.10
C THR X 167 -18.00 -64.96 -32.38
N ARG X 168 -17.35 -65.49 -33.42
CA ARG X 168 -15.97 -65.14 -33.74
C ARG X 168 -15.84 -64.85 -35.22
N SER X 169 -15.01 -63.86 -35.55
CA SER X 169 -14.77 -63.54 -36.95
C SER X 169 -14.05 -64.70 -37.64
N LYS X 170 -14.48 -65.01 -38.86
CA LYS X 170 -13.93 -66.13 -39.59
C LYS X 170 -12.46 -65.88 -39.92
N VAL X 171 -11.63 -66.89 -39.70
CA VAL X 171 -10.20 -66.82 -39.95
C VAL X 171 -9.80 -68.03 -40.78
N ASN X 172 -9.34 -67.78 -42.01
CA ASN X 172 -8.85 -68.80 -42.93
C ASN X 172 -9.92 -69.81 -43.34
N GLY X 173 -11.19 -69.51 -43.09
CA GLY X 173 -12.26 -70.41 -43.51
C GLY X 173 -13.42 -70.50 -42.55
N GLN X 174 -13.41 -71.53 -41.70
CA GLN X 174 -14.50 -71.74 -40.75
C GLN X 174 -14.47 -70.68 -39.67
N SER X 175 -15.66 -70.41 -39.10
CA SER X 175 -15.76 -69.38 -38.07
C SER X 175 -15.11 -69.82 -36.78
N GLY X 176 -15.30 -71.09 -36.40
CA GLY X 176 -14.76 -71.58 -35.15
C GLY X 176 -13.25 -71.69 -35.15
N ARG X 177 -12.70 -71.89 -33.95
CA ARG X 177 -11.27 -72.06 -33.75
C ARG X 177 -11.03 -73.27 -32.85
N MET X 178 -9.81 -73.80 -32.92
CA MET X 178 -9.42 -74.92 -32.06
C MET X 178 -8.00 -74.69 -31.56
N GLU X 179 -7.71 -75.21 -30.38
CA GLU X 179 -6.45 -74.96 -29.69
C GLU X 179 -5.76 -76.28 -29.34
N PHE X 180 -4.45 -76.30 -29.49
CA PHE X 180 -3.64 -77.48 -29.19
C PHE X 180 -2.63 -77.16 -28.09
N PHE X 181 -2.19 -78.22 -27.41
CA PHE X 181 -1.05 -78.13 -26.49
C PHE X 181 -0.50 -79.53 -26.28
N TRP X 182 0.73 -79.57 -25.73
CA TRP X 182 1.49 -80.81 -25.65
C TRP X 182 2.00 -81.03 -24.23
N THR X 183 2.61 -82.19 -24.02
CA THR X 183 3.23 -82.55 -22.76
C THR X 183 4.20 -83.69 -23.00
N ILE X 184 5.36 -83.62 -22.35
CA ILE X 184 6.41 -84.63 -22.52
C ILE X 184 6.14 -85.79 -21.59
N LEU X 185 6.29 -87.01 -22.10
CA LEU X 185 6.05 -88.23 -21.34
C LEU X 185 7.35 -89.03 -21.27
N LYS X 186 7.86 -89.21 -20.05
CA LYS X 186 9.06 -89.99 -19.82
C LYS X 186 8.77 -91.48 -19.96
N PRO X 187 9.81 -92.30 -20.10
CA PRO X 187 9.60 -93.76 -20.11
C PRO X 187 8.94 -94.23 -18.83
N ASN X 188 8.12 -95.28 -18.96
CA ASN X 188 7.37 -95.86 -17.86
C ASN X 188 6.43 -94.84 -17.21
N ASP X 189 5.97 -93.86 -17.99
CA ASP X 189 4.99 -92.89 -17.54
C ASP X 189 3.75 -92.99 -18.39
N ALA X 190 2.59 -92.80 -17.77
CA ALA X 190 1.30 -92.94 -18.43
C ALA X 190 0.71 -91.59 -18.77
N ILE X 191 -0.11 -91.56 -19.82
CA ILE X 191 -0.85 -90.38 -20.24
C ILE X 191 -2.32 -90.73 -20.20
N ASN X 192 -3.05 -90.14 -19.25
CA ASN X 192 -4.46 -90.45 -19.04
C ASN X 192 -5.31 -89.34 -19.65
N PHE X 193 -6.10 -89.70 -20.66
CA PHE X 193 -7.02 -88.77 -21.30
C PHE X 193 -8.45 -89.07 -20.88
N GLU X 194 -9.28 -88.03 -20.86
CA GLU X 194 -10.68 -88.18 -20.50
C GLU X 194 -11.43 -86.96 -21.01
N SER X 195 -12.35 -87.16 -21.94
CA SER X 195 -13.07 -86.04 -22.55
C SER X 195 -14.40 -86.54 -23.10
N ASN X 196 -15.48 -85.80 -22.80
CA ASN X 196 -16.79 -86.05 -23.37
C ASN X 196 -17.17 -84.99 -24.40
N GLY X 197 -16.19 -84.25 -24.90
CA GLY X 197 -16.44 -83.20 -25.88
C GLY X 197 -15.24 -82.28 -26.05
N ASN X 198 -15.10 -81.69 -27.24
CA ASN X 198 -13.99 -80.81 -27.58
C ASN X 198 -12.65 -81.51 -27.36
N PHE X 199 -12.41 -82.50 -28.22
CA PHE X 199 -11.22 -83.34 -28.13
C PHE X 199 -10.72 -83.64 -29.54
N ILE X 200 -9.58 -83.04 -29.89
CA ILE X 200 -8.83 -83.43 -31.08
C ILE X 200 -7.81 -84.50 -30.69
N ALA X 201 -8.24 -85.75 -30.61
CA ALA X 201 -7.38 -86.80 -30.07
C ALA X 201 -6.18 -87.07 -30.99
N PRO X 202 -5.04 -87.41 -30.43
CA PRO X 202 -3.86 -87.71 -31.25
C PRO X 202 -3.91 -89.14 -31.80
N GLU X 203 -3.33 -89.30 -32.99
CA GLU X 203 -3.15 -90.61 -33.60
C GLU X 203 -1.69 -91.02 -33.72
N TYR X 204 -0.78 -90.07 -33.88
CA TYR X 204 0.65 -90.31 -33.92
C TYR X 204 1.33 -89.50 -32.83
N ALA X 205 2.59 -89.85 -32.56
CA ALA X 205 3.38 -89.16 -31.55
C ALA X 205 4.84 -89.09 -32.01
N TYR X 206 5.56 -88.12 -31.48
CA TYR X 206 6.95 -87.89 -31.83
C TYR X 206 7.83 -88.17 -30.62
N LYS X 207 8.86 -88.99 -30.81
CA LYS X 207 9.78 -89.37 -29.75
C LYS X 207 11.08 -88.60 -29.90
N ILE X 208 11.55 -88.00 -28.82
CA ILE X 208 12.78 -87.22 -28.83
C ILE X 208 13.99 -88.15 -28.72
#